data_8GK4
#
_entry.id   8GK4
#
_cell.length_a   1.00
_cell.length_b   1.00
_cell.length_c   1.00
_cell.angle_alpha   90.00
_cell.angle_beta   90.00
_cell.angle_gamma   90.00
#
_symmetry.space_group_name_H-M   'P 1'
#
loop_
_entity.id
_entity.type
_entity.pdbx_description
1 polymer 'Efflux pump membrane transporter'
2 non-polymer CHLORAMPHENICOL
#
_entity_poly.entity_id   1
_entity_poly.type   'polypeptide(L)'
_entity_poly.pdbx_seq_one_letter_code
;MFSKFFIERPIFASVVAIIISIAGIIGLANLPVEQYPSLTPPTVQVSATYTGADAQTIASTVATPIEDAINGVDNMIYMD
STSSPGQMKLTVYFNIGTDPDQAAIDVNNRISAATAKLPEAVKKLGVTVRKSSSTILEVVSVYSEDSSMNDIDIYNYVSL
NILDELKRIPGVGDASAIGNKNYSMRIWLEPDLLNKFGVTANDVINAVNDQNAQYATGKIGEEPVVNKSPQVISITMQGR
LQTPQEFENIILRVNEDKSFLRIKDVAKVEIGAEQYNSTGRLNTSAAVPIIINLQSGANAVNTAKLINEKMQELSKNFPQ
GLKYQIPYDTTIFVKASIKEVIKTFVEALALVLVVMYLFLKNFKSTIIPMIAVPVSLLGTFAVLYVLGFSINLLTLFALV
LAIGIVVDDAIIVVENIDRILHEDSNISVKDAAIKAMNEVSSPVISIVLVLCAVFIPVSFISGFVGEIQRQFALTLAISV
AISGFVALTLTPSLSALFLTRNESKPFYFIQKFNDFFDWSTSVFSSGVAYILKRTIRFVLVFCIMIGFIAYLFKIVPSSL
VPSEDQGVIMSIINLPSGSSIHRTIEEVDTINKNATQMKEISSSVSLIGFDLFTSSLKENAAAVFFILKDWSQREASSDQ
IIAQLFGQYAADRNALSYFLNLPPIPGLSLTGGFEMYAQNKSGKDYDAIQQDVNKMLELARTRKELANVRTTLDTSFPQY
KLIIDRDKMKYYNLNMQDVFNTISATIGTYYVNDFPMLGKNFQVNIRALGDFRNTQDALKNIYIRSSDNKMIPLNSFLTL
VRSAGPDDVKRFNLFPAALIQGDPAPGYTSGQAIDAIAEVAKQSLGDEYSIAWSGSAYQEVSSKGAGAYAFVLGMIFVFL
ILAAQYERWLMPLAVITAVPFAVFGSILLVALRGFDNDIYFQTGLLLLIGLSAKNAILIIEFAMEERLKKGKSIFEAAIN
AAKLRFRPIIMTSLAFTFGVLPMIFATGAGSASRHSLGTGLIGGMIAASTLAIFFVPLFFYLLENFNEWLDKKRGKVHE
;
_entity_poly.pdbx_strand_id   B,A,C
#
# COMPACT_ATOMS: atom_id res chain seq x y z
N MET A 1 16.02 -13.85 -43.27
CA MET A 1 17.43 -13.79 -42.90
C MET A 1 17.59 -13.85 -41.38
N PHE A 2 16.50 -13.64 -40.66
CA PHE A 2 16.57 -13.66 -39.20
C PHE A 2 16.98 -15.02 -38.67
N SER A 3 16.44 -16.07 -39.25
CA SER A 3 16.74 -17.38 -38.72
C SER A 3 18.06 -17.85 -39.28
N LYS A 4 18.45 -17.32 -40.42
CA LYS A 4 19.74 -17.67 -40.99
C LYS A 4 20.93 -17.30 -40.10
N PHE A 5 20.86 -16.16 -39.43
CA PHE A 5 21.91 -15.78 -38.50
C PHE A 5 22.13 -16.96 -37.59
N PHE A 6 21.06 -17.45 -36.99
CA PHE A 6 21.16 -18.58 -36.09
C PHE A 6 21.61 -19.87 -36.75
N ILE A 7 21.13 -20.15 -37.95
CA ILE A 7 21.50 -21.38 -38.62
C ILE A 7 23.00 -21.35 -38.83
N GLU A 8 23.53 -20.20 -39.21
CA GLU A 8 24.97 -20.07 -39.42
C GLU A 8 25.76 -20.29 -38.13
N ARG A 9 25.27 -19.74 -37.03
CA ARG A 9 25.96 -19.85 -35.75
C ARG A 9 25.30 -20.83 -34.80
N PRO A 10 25.77 -22.08 -34.80
CA PRO A 10 25.16 -23.11 -33.97
C PRO A 10 25.26 -22.85 -32.48
N ILE A 11 26.34 -22.23 -32.02
CA ILE A 11 26.52 -22.08 -30.59
C ILE A 11 25.67 -20.93 -30.09
N PHE A 12 25.58 -19.86 -30.84
CA PHE A 12 24.71 -18.76 -30.45
C PHE A 12 23.30 -19.27 -30.28
N ALA A 13 22.88 -20.16 -31.17
CA ALA A 13 21.52 -20.67 -31.11
C ALA A 13 21.25 -21.42 -29.82
N SER A 14 22.23 -22.17 -29.35
CA SER A 14 22.02 -22.97 -28.16
C SER A 14 22.19 -22.08 -26.95
N VAL A 15 23.10 -21.12 -27.02
CA VAL A 15 23.28 -20.17 -25.92
C VAL A 15 21.93 -19.62 -25.53
N VAL A 16 21.22 -19.09 -26.51
CA VAL A 16 19.92 -18.46 -26.24
C VAL A 16 18.94 -19.44 -25.64
N ALA A 17 18.99 -20.69 -26.06
CA ALA A 17 18.00 -21.64 -25.58
C ALA A 17 18.41 -22.14 -24.22
N ILE A 18 19.70 -22.07 -23.89
CA ILE A 18 20.09 -22.43 -22.54
C ILE A 18 19.74 -21.31 -21.58
N ILE A 19 19.99 -20.07 -21.97
CA ILE A 19 19.61 -18.93 -21.13
C ILE A 19 18.12 -18.97 -20.88
N ILE A 20 17.34 -19.17 -21.94
CA ILE A 20 15.89 -19.18 -21.79
C ILE A 20 15.47 -20.27 -20.82
N SER A 21 16.14 -21.41 -20.85
CA SER A 21 15.70 -22.50 -20.01
C SER A 21 16.22 -22.34 -18.59
N ILE A 22 17.40 -21.75 -18.42
CA ILE A 22 17.88 -21.49 -17.07
C ILE A 22 16.98 -20.49 -16.41
N ALA A 23 16.58 -19.46 -17.14
CA ALA A 23 15.66 -18.47 -16.59
C ALA A 23 14.36 -19.16 -16.22
N GLY A 24 13.96 -20.13 -17.04
CA GLY A 24 12.73 -20.85 -16.77
C GLY A 24 12.76 -21.63 -15.48
N ILE A 25 13.88 -22.28 -15.20
CA ILE A 25 14.00 -23.06 -13.98
C ILE A 25 13.90 -22.11 -12.79
N ILE A 26 14.54 -20.96 -12.89
CA ILE A 26 14.48 -19.99 -11.81
C ILE A 26 13.04 -19.58 -11.62
N GLY A 27 12.35 -19.33 -12.73
CA GLY A 27 10.96 -18.92 -12.66
C GLY A 27 10.06 -19.89 -11.94
N LEU A 28 10.12 -21.16 -12.30
CA LEU A 28 9.21 -22.13 -11.71
C LEU A 28 9.40 -22.29 -10.21
N ALA A 29 10.64 -22.30 -9.74
CA ALA A 29 10.91 -22.45 -8.32
C ALA A 29 10.32 -21.28 -7.57
N ASN A 30 10.49 -20.08 -8.10
CA ASN A 30 9.92 -18.89 -7.49
C ASN A 30 8.40 -18.89 -7.49
N LEU A 31 7.79 -19.38 -8.56
CA LEU A 31 6.33 -19.32 -8.69
C LEU A 31 5.53 -20.01 -7.62
N PRO A 32 4.44 -19.38 -7.16
CA PRO A 32 3.56 -20.01 -6.17
C PRO A 32 2.76 -21.14 -6.77
N VAL A 33 2.35 -22.11 -5.96
CA VAL A 33 1.50 -23.20 -6.46
C VAL A 33 0.12 -23.18 -5.79
N GLU A 34 -0.93 -23.16 -6.60
CA GLU A 34 -2.29 -23.17 -6.08
C GLU A 34 -3.07 -24.24 -6.81
N GLN A 35 -4.33 -24.42 -6.45
CA GLN A 35 -5.15 -25.42 -7.12
C GLN A 35 -5.88 -24.81 -8.30
N TYR A 36 -6.64 -23.75 -8.05
CA TYR A 36 -7.34 -23.07 -9.12
C TYR A 36 -7.01 -21.59 -9.12
N PRO A 37 -6.85 -21.00 -10.31
CA PRO A 37 -6.44 -19.60 -10.38
C PRO A 37 -7.51 -18.73 -9.74
N SER A 38 -8.62 -19.34 -9.33
CA SER A 38 -9.73 -18.58 -8.77
C SER A 38 -9.40 -17.92 -7.45
N LEU A 39 -9.95 -16.74 -7.21
CA LEU A 39 -9.64 -16.02 -5.99
C LEU A 39 -10.86 -15.81 -5.09
N THR A 40 -10.74 -16.18 -3.82
CA THR A 40 -11.83 -16.00 -2.87
C THR A 40 -11.94 -14.55 -2.45
N PRO A 41 -13.16 -14.10 -2.10
CA PRO A 41 -13.25 -12.74 -1.59
C PRO A 41 -12.44 -12.60 -0.32
N PRO A 42 -11.76 -11.46 -0.14
CA PRO A 42 -10.91 -11.25 1.04
C PRO A 42 -11.73 -11.10 2.30
N THR A 43 -11.43 -11.89 3.33
CA THR A 43 -12.26 -11.88 4.52
C THR A 43 -11.53 -11.32 5.73
N VAL A 44 -12.14 -10.39 6.43
CA VAL A 44 -11.55 -9.86 7.66
C VAL A 44 -12.49 -10.21 8.79
N GLN A 45 -12.00 -10.89 9.83
CA GLN A 45 -12.89 -11.34 10.89
C GLN A 45 -12.72 -10.62 12.21
N VAL A 46 -13.79 -9.99 12.69
CA VAL A 46 -13.74 -9.31 13.98
C VAL A 46 -14.35 -10.21 15.05
N SER A 47 -13.59 -10.52 16.09
CA SER A 47 -14.09 -11.41 17.12
C SER A 47 -14.11 -10.75 18.48
N ALA A 48 -15.22 -10.85 19.19
CA ALA A 48 -15.32 -10.27 20.52
C ALA A 48 -15.93 -11.30 21.46
N THR A 49 -15.56 -11.26 22.73
CA THR A 49 -16.06 -12.25 23.67
C THR A 49 -16.70 -11.61 24.90
N TYR A 50 -17.92 -12.03 25.24
CA TYR A 50 -18.61 -11.51 26.42
C TYR A 50 -18.96 -12.72 27.27
N THR A 51 -18.13 -13.04 28.26
CA THR A 51 -18.37 -14.23 29.07
C THR A 51 -19.65 -14.20 29.88
N GLY A 52 -20.35 -15.32 29.92
CA GLY A 52 -21.57 -15.41 30.70
C GLY A 52 -22.66 -14.57 30.10
N ALA A 53 -22.88 -14.59 28.79
CA ALA A 53 -23.93 -13.73 28.28
C ALA A 53 -24.80 -14.45 27.27
N ASP A 54 -26.09 -14.13 27.26
CA ASP A 54 -26.99 -14.75 26.30
C ASP A 54 -26.78 -14.24 24.89
N ALA A 55 -27.13 -15.04 23.90
CA ALA A 55 -26.90 -14.65 22.51
C ALA A 55 -27.47 -13.28 22.18
N GLN A 56 -28.77 -13.10 22.43
CA GLN A 56 -29.40 -11.84 22.08
C GLN A 56 -28.65 -10.68 22.69
N THR A 57 -28.32 -10.77 23.97
CA THR A 57 -27.54 -9.72 24.60
C THR A 57 -26.31 -9.45 23.77
N ILE A 58 -25.62 -10.52 23.37
CA ILE A 58 -24.40 -10.35 22.59
C ILE A 58 -24.69 -9.74 21.22
N ALA A 59 -25.92 -9.86 20.75
CA ALA A 59 -26.27 -9.35 19.43
C ALA A 59 -26.53 -7.88 19.55
N SER A 60 -27.20 -7.50 20.64
CA SER A 60 -27.53 -6.10 20.88
C SER A 60 -26.35 -5.30 21.36
N THR A 61 -25.90 -5.59 22.58
CA THR A 61 -24.82 -4.82 23.16
C THR A 61 -23.46 -4.93 22.47
N VAL A 62 -23.08 -6.13 22.06
CA VAL A 62 -21.75 -6.31 21.48
C VAL A 62 -21.65 -6.29 19.97
N ALA A 63 -22.58 -6.94 19.28
CA ALA A 63 -22.50 -7.05 17.83
C ALA A 63 -22.93 -5.82 17.06
N THR A 64 -24.10 -5.27 17.36
CA THR A 64 -24.59 -4.15 16.56
C THR A 64 -23.71 -2.90 16.58
N PRO A 65 -23.14 -2.53 17.74
CA PRO A 65 -22.30 -1.33 17.63
C PRO A 65 -21.13 -1.56 16.69
N ILE A 66 -20.44 -2.69 16.80
CA ILE A 66 -19.36 -3.02 15.88
C ILE A 66 -19.88 -3.08 14.46
N GLU A 67 -20.97 -3.78 14.23
CA GLU A 67 -21.48 -3.94 12.87
C GLU A 67 -21.82 -2.61 12.20
N ASP A 68 -22.31 -1.63 12.96
CA ASP A 68 -22.71 -0.36 12.36
C ASP A 68 -21.51 0.53 12.12
N ALA A 69 -20.41 0.27 12.82
CA ALA A 69 -19.20 1.03 12.66
C ALA A 69 -18.53 0.67 11.35
N ILE A 70 -18.64 -0.59 10.96
CA ILE A 70 -17.97 -1.05 9.74
C ILE A 70 -18.95 -1.23 8.61
N ASN A 71 -20.01 -0.45 8.62
CA ASN A 71 -21.05 -0.62 7.62
C ASN A 71 -20.63 0.12 6.38
N GLY A 72 -19.78 1.12 6.56
CA GLY A 72 -19.36 1.89 5.40
C GLY A 72 -17.94 1.67 4.93
N VAL A 73 -17.32 0.55 5.34
CA VAL A 73 -15.92 0.31 4.99
C VAL A 73 -15.80 0.18 3.49
N ASP A 74 -14.72 0.72 2.92
CA ASP A 74 -14.55 0.70 1.47
C ASP A 74 -14.46 -0.69 0.90
N ASN A 75 -15.09 -0.89 -0.25
CA ASN A 75 -15.08 -2.19 -0.92
C ASN A 75 -15.64 -3.34 -0.09
N MET A 76 -16.68 -3.10 0.70
CA MET A 76 -17.28 -4.18 1.46
C MET A 76 -18.44 -4.77 0.70
N ILE A 77 -18.29 -5.98 0.21
CA ILE A 77 -19.38 -6.64 -0.49
C ILE A 77 -20.52 -7.00 0.48
N TYR A 78 -20.26 -7.81 1.50
CA TYR A 78 -21.28 -8.13 2.50
C TYR A 78 -20.69 -8.48 3.86
N MET A 79 -21.45 -8.28 4.94
CA MET A 79 -20.97 -8.72 6.25
C MET A 79 -21.94 -9.68 6.95
N ASP A 80 -21.41 -10.62 7.73
CA ASP A 80 -22.26 -11.55 8.47
C ASP A 80 -21.80 -11.71 9.92
N SER A 81 -22.72 -11.55 10.86
CA SER A 81 -22.37 -11.66 12.28
C SER A 81 -23.07 -12.82 12.97
N THR A 82 -22.35 -13.59 13.75
CA THR A 82 -22.93 -14.75 14.41
C THR A 82 -22.72 -14.64 15.91
N SER A 83 -23.79 -14.38 16.65
CA SER A 83 -23.64 -14.18 18.08
C SER A 83 -24.07 -15.44 18.78
N SER A 84 -23.25 -15.94 19.68
CA SER A 84 -23.54 -17.19 20.35
C SER A 84 -23.36 -16.93 21.84
N PRO A 85 -23.85 -17.84 22.69
CA PRO A 85 -23.77 -17.57 24.12
C PRO A 85 -22.31 -17.50 24.52
N GLY A 86 -21.80 -16.29 24.76
CA GLY A 86 -20.40 -16.13 25.08
C GLY A 86 -19.54 -15.50 24.00
N GLN A 87 -19.85 -15.72 22.73
CA GLN A 87 -18.97 -15.21 21.68
C GLN A 87 -19.63 -14.52 20.49
N MET A 88 -18.96 -13.53 19.92
CA MET A 88 -19.48 -12.85 18.73
C MET A 88 -18.45 -12.95 17.61
N LYS A 89 -18.83 -13.43 16.44
CA LYS A 89 -17.90 -13.43 15.31
C LYS A 89 -18.51 -12.70 14.13
N LEU A 90 -17.79 -11.71 13.59
CA LEU A 90 -18.32 -10.92 12.48
C LEU A 90 -17.33 -10.88 11.34
N THR A 91 -17.64 -11.58 10.25
CA THR A 91 -16.74 -11.62 9.12
C THR A 91 -17.15 -10.62 8.07
N VAL A 92 -16.28 -9.66 7.78
CA VAL A 92 -16.57 -8.67 6.75
C VAL A 92 -15.93 -9.10 5.45
N TYR A 93 -16.72 -9.27 4.40
CA TYR A 93 -16.20 -9.73 3.13
C TYR A 93 -15.95 -8.56 2.22
N PHE A 94 -14.97 -8.69 1.35
CA PHE A 94 -14.59 -7.56 0.51
C PHE A 94 -14.65 -7.89 -0.97
N ASN A 95 -14.72 -6.85 -1.80
CA ASN A 95 -14.80 -7.05 -3.24
C ASN A 95 -13.52 -7.73 -3.67
N ILE A 96 -13.63 -8.61 -4.65
CA ILE A 96 -12.45 -9.32 -5.12
C ILE A 96 -11.38 -8.33 -5.56
N GLY A 97 -10.14 -8.57 -5.17
CA GLY A 97 -9.06 -7.68 -5.53
C GLY A 97 -8.79 -6.57 -4.54
N THR A 98 -9.60 -6.46 -3.49
CA THR A 98 -9.32 -5.48 -2.45
C THR A 98 -8.11 -5.98 -1.70
N ASP A 99 -7.13 -5.12 -1.47
CA ASP A 99 -5.91 -5.55 -0.81
C ASP A 99 -6.31 -6.01 0.58
N PRO A 100 -5.88 -7.22 0.98
CA PRO A 100 -6.32 -7.72 2.27
C PRO A 100 -5.81 -6.85 3.41
N ASP A 101 -4.57 -6.40 3.31
CA ASP A 101 -4.00 -5.61 4.38
C ASP A 101 -4.73 -4.29 4.54
N GLN A 102 -5.05 -3.65 3.43
CA GLN A 102 -5.76 -2.38 3.48
C GLN A 102 -7.14 -2.57 4.08
N ALA A 103 -7.77 -3.68 3.73
CA ALA A 103 -9.10 -3.97 4.23
C ALA A 103 -9.10 -4.03 5.74
N ALA A 104 -8.14 -4.74 6.30
CA ALA A 104 -8.07 -4.88 7.74
C ALA A 104 -7.84 -3.53 8.39
N ILE A 105 -7.00 -2.71 7.77
CA ILE A 105 -6.69 -1.42 8.34
C ILE A 105 -7.96 -0.58 8.42
N ASP A 106 -8.78 -0.63 7.38
CA ASP A 106 -10.06 0.07 7.42
C ASP A 106 -10.90 -0.38 8.58
N VAL A 107 -11.11 -1.69 8.68
CA VAL A 107 -11.98 -2.22 9.71
C VAL A 107 -11.46 -1.84 11.09
N ASN A 108 -10.14 -1.92 11.28
CA ASN A 108 -9.58 -1.58 12.57
C ASN A 108 -9.86 -0.14 12.91
N ASN A 109 -9.71 0.75 11.94
CA ASN A 109 -9.95 2.15 12.18
C ASN A 109 -11.42 2.37 12.54
N ARG A 110 -12.32 1.67 11.87
CA ARG A 110 -13.74 1.86 12.11
C ARG A 110 -14.19 1.30 13.46
N ILE A 111 -13.68 0.13 13.85
CA ILE A 111 -14.10 -0.48 15.11
C ILE A 111 -13.64 0.30 16.33
N SER A 112 -12.64 1.16 16.17
CA SER A 112 -12.11 1.87 17.32
C SER A 112 -13.17 2.73 18.00
N ALA A 113 -14.00 3.40 17.21
CA ALA A 113 -15.09 4.19 17.80
C ALA A 113 -16.06 3.31 18.54
N ALA A 114 -16.38 2.15 17.97
CA ALA A 114 -17.32 1.23 18.59
C ALA A 114 -16.82 0.63 19.88
N THR A 115 -15.50 0.59 20.07
CA THR A 115 -14.95 -0.07 21.24
C THR A 115 -15.46 0.53 22.55
N ALA A 116 -15.56 1.85 22.60
CA ALA A 116 -16.04 2.52 23.82
C ALA A 116 -17.46 2.09 24.14
N LYS A 117 -18.34 2.13 23.15
CA LYS A 117 -19.74 1.77 23.37
C LYS A 117 -19.88 0.35 23.88
N LEU A 118 -18.95 -0.54 23.55
CA LEU A 118 -18.95 -1.88 24.13
C LEU A 118 -18.99 -1.98 25.65
N PRO A 119 -19.62 -3.05 26.17
CA PRO A 119 -19.65 -3.26 27.61
C PRO A 119 -18.25 -3.48 28.15
N GLU A 120 -18.02 -3.12 29.41
CA GLU A 120 -16.68 -3.21 29.99
C GLU A 120 -16.04 -4.59 29.87
N ALA A 121 -16.81 -5.64 30.14
CA ALA A 121 -16.25 -6.97 30.09
C ALA A 121 -15.77 -7.31 28.69
N VAL A 122 -16.56 -6.93 27.70
CA VAL A 122 -16.18 -7.17 26.32
C VAL A 122 -14.91 -6.42 26.00
N LYS A 123 -14.77 -5.20 26.53
CA LYS A 123 -13.58 -4.40 26.25
C LYS A 123 -12.35 -4.99 26.90
N LYS A 124 -12.50 -5.54 28.11
CA LYS A 124 -11.36 -6.11 28.81
C LYS A 124 -10.82 -7.25 28.00
N LEU A 125 -11.72 -8.07 27.46
CA LEU A 125 -11.29 -9.16 26.60
C LEU A 125 -10.94 -8.59 25.23
N GLY A 126 -10.24 -9.37 24.42
CA GLY A 126 -9.78 -8.86 23.13
C GLY A 126 -10.72 -8.77 21.94
N VAL A 127 -11.09 -7.56 21.54
CA VAL A 127 -11.87 -7.39 20.33
C VAL A 127 -10.75 -7.44 19.34
N THR A 128 -10.75 -8.45 18.48
CA THR A 128 -9.62 -8.62 17.57
C THR A 128 -9.99 -8.61 16.13
N VAL A 129 -9.27 -7.84 15.33
CA VAL A 129 -9.51 -7.83 13.90
C VAL A 129 -8.36 -8.55 13.24
N ARG A 130 -8.59 -9.77 12.78
CA ARG A 130 -7.55 -10.55 12.11
C ARG A 130 -8.01 -10.80 10.70
N LYS A 131 -7.12 -10.70 9.71
CA LYS A 131 -7.53 -11.04 8.36
C LYS A 131 -7.39 -12.51 8.09
N SER A 132 -8.27 -13.29 8.71
CA SER A 132 -8.25 -14.72 8.48
C SER A 132 -9.65 -15.22 8.18
N SER A 133 -9.78 -16.06 7.17
CA SER A 133 -11.07 -16.64 6.86
C SER A 133 -11.42 -17.69 7.89
N SER A 134 -12.72 -17.94 8.09
CA SER A 134 -13.12 -18.98 9.03
C SER A 134 -12.78 -20.37 8.51
N THR A 135 -12.26 -20.46 7.30
CA THR A 135 -11.89 -21.75 6.73
C THR A 135 -10.67 -22.30 7.44
N ILE A 136 -10.59 -23.62 7.56
CA ILE A 136 -9.47 -24.25 8.26
C ILE A 136 -8.52 -24.93 7.29
N LEU A 137 -7.39 -24.31 7.01
CA LEU A 137 -6.42 -24.93 6.12
C LEU A 137 -6.05 -26.31 6.64
N GLU A 138 -5.63 -26.38 7.89
CA GLU A 138 -5.19 -27.65 8.45
C GLU A 138 -5.37 -27.76 9.96
N VAL A 139 -5.61 -28.96 10.44
CA VAL A 139 -5.72 -29.17 11.87
C VAL A 139 -4.57 -30.02 12.33
N VAL A 140 -3.76 -29.52 13.26
CA VAL A 140 -2.69 -30.34 13.80
C VAL A 140 -3.12 -30.84 15.17
N SER A 141 -2.82 -32.08 15.50
CA SER A 141 -3.16 -32.59 16.82
C SER A 141 -1.94 -33.04 17.60
N VAL A 142 -1.82 -32.57 18.84
CA VAL A 142 -0.70 -33.01 19.66
C VAL A 142 -1.26 -33.96 20.70
N TYR A 143 -0.76 -35.19 20.74
CA TYR A 143 -1.32 -36.19 21.64
C TYR A 143 -0.29 -36.87 22.53
N SER A 144 -0.60 -37.01 23.81
CA SER A 144 0.28 -37.70 24.73
C SER A 144 0.37 -39.22 24.55
N GLU A 145 1.49 -39.73 24.05
CA GLU A 145 1.64 -41.18 23.98
C GLU A 145 1.80 -41.87 25.33
N ASP A 146 2.63 -41.31 26.22
CA ASP A 146 2.74 -41.94 27.52
C ASP A 146 1.38 -41.83 28.17
N SER A 147 0.58 -40.85 27.74
CA SER A 147 -0.72 -40.62 28.38
C SER A 147 -0.53 -40.23 29.83
N SER A 148 0.71 -39.97 30.22
CA SER A 148 0.97 -39.51 31.58
C SER A 148 0.35 -38.16 31.83
N MET A 149 0.45 -37.25 30.86
CA MET A 149 -0.06 -35.90 31.04
C MET A 149 -1.57 -35.79 31.04
N ASN A 150 -2.09 -34.78 31.73
CA ASN A 150 -3.53 -34.56 31.77
C ASN A 150 -3.84 -33.60 30.64
N ASP A 151 -5.05 -33.66 30.11
CA ASP A 151 -5.37 -32.81 28.97
C ASP A 151 -5.20 -31.32 29.23
N ILE A 152 -5.49 -30.85 30.44
CA ILE A 152 -5.26 -29.46 30.72
C ILE A 152 -3.78 -29.15 30.55
N ASP A 153 -2.91 -30.03 31.02
CA ASP A 153 -1.48 -29.83 30.87
C ASP A 153 -1.07 -29.82 29.41
N ILE A 154 -1.62 -30.74 28.63
CA ILE A 154 -1.26 -30.82 27.22
C ILE A 154 -1.69 -29.56 26.50
N TYR A 155 -2.89 -29.04 26.78
CA TYR A 155 -3.33 -27.79 26.18
C TYR A 155 -2.43 -26.66 26.59
N ASN A 156 -2.03 -26.66 27.85
CA ASN A 156 -1.20 -25.57 28.37
C ASN A 156 0.22 -25.58 27.85
N TYR A 157 0.60 -26.67 27.20
CA TYR A 157 1.93 -26.75 26.64
C TYR A 157 1.83 -26.25 25.22
N VAL A 158 0.75 -26.62 24.55
CA VAL A 158 0.63 -26.25 23.16
C VAL A 158 0.35 -24.77 23.07
N SER A 159 -0.56 -24.29 23.90
CA SER A 159 -0.88 -22.88 23.85
C SER A 159 0.35 -22.04 24.11
N LEU A 160 1.06 -22.31 25.20
CA LEU A 160 2.22 -21.50 25.52
C LEU A 160 3.37 -21.59 24.53
N ASN A 161 3.70 -22.79 24.07
CA ASN A 161 4.85 -22.93 23.18
C ASN A 161 4.51 -23.18 21.73
N ILE A 162 3.84 -24.29 21.45
CA ILE A 162 3.53 -24.68 20.08
C ILE A 162 2.69 -23.70 19.29
N LEU A 163 1.70 -23.08 19.94
CA LEU A 163 0.80 -22.14 19.27
C LEU A 163 1.46 -20.81 18.89
N ASP A 164 2.18 -20.20 19.82
CA ASP A 164 2.77 -18.88 19.56
C ASP A 164 3.77 -18.88 18.42
N GLU A 165 4.38 -20.01 18.12
CA GLU A 165 5.37 -20.10 17.06
C GLU A 165 4.61 -20.33 15.79
N LEU A 166 3.38 -20.80 15.90
CA LEU A 166 2.54 -20.96 14.73
C LEU A 166 1.94 -19.66 14.21
N LYS A 167 1.58 -18.73 15.09
CA LYS A 167 0.94 -17.53 14.59
C LYS A 167 2.04 -16.70 14.01
N ARG A 168 3.26 -16.86 14.51
CA ARG A 168 4.38 -16.16 13.90
C ARG A 168 4.64 -16.61 12.48
N ILE A 169 4.44 -17.90 12.18
CA ILE A 169 4.75 -18.42 10.86
C ILE A 169 4.01 -17.61 9.80
N PRO A 170 4.74 -17.15 8.74
CA PRO A 170 3.98 -16.29 7.81
C PRO A 170 2.89 -17.00 7.04
N GLY A 171 1.74 -16.35 6.91
CA GLY A 171 0.62 -16.94 6.21
C GLY A 171 -0.41 -17.60 7.10
N VAL A 172 -0.14 -17.70 8.39
CA VAL A 172 -1.15 -18.23 9.30
C VAL A 172 -1.84 -17.03 9.90
N GLY A 173 -3.03 -16.71 9.40
CA GLY A 173 -3.77 -15.57 9.93
C GLY A 173 -4.21 -15.79 11.35
N ASP A 174 -4.72 -16.98 11.63
CA ASP A 174 -5.17 -17.29 12.98
C ASP A 174 -4.81 -18.72 13.32
N ALA A 175 -4.38 -18.95 14.56
CA ALA A 175 -4.08 -20.30 14.99
C ALA A 175 -4.78 -20.50 16.32
N SER A 176 -5.87 -21.25 16.31
CA SER A 176 -6.64 -21.44 17.53
C SER A 176 -6.69 -22.87 18.02
N ALA A 177 -6.39 -23.09 19.29
CA ALA A 177 -6.51 -24.42 19.85
C ALA A 177 -7.94 -24.65 20.30
N ILE A 178 -8.39 -25.89 20.33
CA ILE A 178 -9.79 -26.15 20.66
C ILE A 178 -9.98 -26.64 22.08
N GLY A 179 -10.87 -25.98 22.83
CA GLY A 179 -11.16 -26.40 24.19
C GLY A 179 -10.92 -25.35 25.24
N ASN A 180 -10.10 -24.34 24.92
CA ASN A 180 -9.83 -23.25 25.85
C ASN A 180 -9.46 -23.75 27.23
N LYS A 181 -8.42 -24.58 27.32
CA LYS A 181 -8.06 -25.19 28.59
C LYS A 181 -6.88 -24.51 29.28
N ASN A 182 -6.81 -23.20 29.25
CA ASN A 182 -5.66 -22.53 29.83
C ASN A 182 -5.72 -22.57 31.35
N TYR A 183 -4.57 -22.57 32.00
CA TYR A 183 -4.53 -22.63 33.45
C TYR A 183 -5.27 -21.45 34.01
N SER A 184 -6.18 -21.71 34.92
CA SER A 184 -6.89 -20.64 35.57
C SER A 184 -7.03 -21.01 37.02
N MET A 185 -6.95 -20.02 37.89
CA MET A 185 -7.20 -20.31 39.28
C MET A 185 -8.70 -20.40 39.29
N ARG A 186 -9.25 -21.42 39.89
CA ARG A 186 -10.69 -21.50 39.98
C ARG A 186 -11.09 -21.45 41.43
N ILE A 187 -11.97 -20.52 41.77
CA ILE A 187 -12.42 -20.42 43.15
C ILE A 187 -13.82 -20.94 43.12
N TRP A 188 -13.99 -22.21 43.48
CA TRP A 188 -15.30 -22.81 43.37
C TRP A 188 -16.12 -22.48 44.58
N LEU A 189 -16.99 -21.48 44.45
CA LEU A 189 -17.82 -21.05 45.57
C LEU A 189 -18.87 -22.06 45.93
N GLU A 190 -19.13 -22.22 47.21
CA GLU A 190 -20.23 -23.08 47.61
C GLU A 190 -21.17 -22.09 48.21
N PRO A 191 -22.42 -22.03 47.73
CA PRO A 191 -23.29 -20.96 48.23
C PRO A 191 -23.86 -21.29 49.58
N ASP A 192 -23.85 -22.55 49.99
CA ASP A 192 -24.26 -22.88 51.35
C ASP A 192 -23.26 -22.38 52.39
N LEU A 193 -21.98 -22.34 52.06
CA LEU A 193 -21.01 -21.93 53.04
C LEU A 193 -21.03 -20.41 53.08
N LEU A 194 -21.28 -19.79 51.94
CA LEU A 194 -21.34 -18.34 51.88
C LEU A 194 -22.48 -17.84 52.75
N ASN A 195 -23.63 -18.49 52.66
CA ASN A 195 -24.77 -18.08 53.45
C ASN A 195 -24.53 -18.25 54.94
N LYS A 196 -23.91 -19.36 55.32
CA LYS A 196 -23.68 -19.63 56.73
C LYS A 196 -22.77 -18.57 57.33
N PHE A 197 -21.73 -18.19 56.60
CA PHE A 197 -20.78 -17.21 57.10
C PHE A 197 -21.20 -15.80 56.76
N GLY A 198 -22.40 -15.65 56.20
CA GLY A 198 -22.91 -14.33 55.87
C GLY A 198 -22.07 -13.50 54.91
N VAL A 199 -21.48 -14.13 53.91
CA VAL A 199 -20.68 -13.40 52.94
C VAL A 199 -21.21 -13.56 51.51
N THR A 200 -21.41 -12.45 50.81
CA THR A 200 -21.91 -12.51 49.44
C THR A 200 -20.83 -12.86 48.44
N ALA A 201 -21.23 -13.31 47.25
CA ALA A 201 -20.27 -13.63 46.20
C ALA A 201 -19.49 -12.38 45.81
N ASN A 202 -20.16 -11.24 45.80
CA ASN A 202 -19.50 -9.99 45.42
C ASN A 202 -18.37 -9.68 46.37
N ASP A 203 -18.54 -9.98 47.65
CA ASP A 203 -17.48 -9.74 48.62
C ASP A 203 -16.24 -10.54 48.26
N VAL A 204 -16.44 -11.79 47.84
CA VAL A 204 -15.31 -12.62 47.46
C VAL A 204 -14.60 -12.00 46.25
N ILE A 205 -15.37 -11.51 45.30
CA ILE A 205 -14.78 -10.92 44.11
C ILE A 205 -13.95 -9.70 44.49
N ASN A 206 -14.54 -8.78 45.22
CA ASN A 206 -13.85 -7.56 45.58
C ASN A 206 -12.55 -7.88 46.29
N ALA A 207 -12.59 -8.88 47.16
CA ALA A 207 -11.40 -9.25 47.91
C ALA A 207 -10.29 -9.75 46.99
N VAL A 208 -10.62 -10.63 46.06
CA VAL A 208 -9.62 -11.18 45.17
C VAL A 208 -9.03 -10.04 44.37
N ASN A 209 -9.87 -9.15 43.89
CA ASN A 209 -9.37 -8.08 43.05
C ASN A 209 -8.40 -7.20 43.81
N ASP A 210 -8.76 -6.83 45.03
CA ASP A 210 -7.89 -6.00 45.83
C ASP A 210 -6.61 -6.71 46.26
N GLN A 211 -6.73 -7.92 46.78
CA GLN A 211 -5.56 -8.66 47.23
C GLN A 211 -4.62 -9.20 46.15
N ASN A 212 -5.17 -9.79 45.10
CA ASN A 212 -4.34 -10.37 44.04
C ASN A 212 -4.01 -9.35 42.97
N ALA A 213 -3.29 -8.29 43.32
CA ALA A 213 -2.89 -7.33 42.32
C ALA A 213 -1.53 -6.75 42.67
N GLN A 214 -0.74 -6.44 41.65
CA GLN A 214 0.55 -5.85 41.92
C GLN A 214 0.41 -4.37 41.71
N TYR A 215 0.55 -3.60 42.79
CA TYR A 215 0.40 -2.17 42.70
C TYR A 215 1.71 -1.45 42.49
N ALA A 216 1.70 -0.13 42.53
CA ALA A 216 2.91 0.63 42.27
C ALA A 216 3.53 1.22 43.51
N THR A 217 4.81 0.92 43.74
CA THR A 217 5.53 1.48 44.88
C THR A 217 6.76 2.18 44.36
N GLY A 218 7.04 3.40 44.82
CA GLY A 218 8.17 4.12 44.25
C GLY A 218 9.54 3.91 44.85
N LYS A 219 10.53 4.67 44.39
CA LYS A 219 11.91 4.52 44.84
C LYS A 219 12.28 5.27 46.11
N ILE A 220 13.32 4.81 46.80
CA ILE A 220 13.74 5.46 48.04
C ILE A 220 15.05 6.20 47.81
N GLY A 221 15.19 7.40 48.35
CA GLY A 221 16.38 8.20 48.11
C GLY A 221 16.58 8.73 46.71
N GLU A 222 15.52 9.22 46.10
CA GLU A 222 15.62 9.77 44.75
C GLU A 222 15.70 11.29 44.83
N GLU A 223 15.91 11.97 43.70
CA GLU A 223 15.89 13.43 43.72
C GLU A 223 14.46 13.94 43.54
N PRO A 224 14.14 15.10 44.14
CA PRO A 224 15.04 16.06 44.77
C PRO A 224 15.08 15.98 46.28
N VAL A 225 16.27 15.74 46.83
CA VAL A 225 16.43 15.68 48.27
C VAL A 225 17.57 16.57 48.75
N VAL A 226 17.34 17.35 49.82
CA VAL A 226 18.39 18.25 50.30
C VAL A 226 19.53 17.48 50.96
N ASN A 227 19.23 16.45 51.74
CA ASN A 227 20.28 15.62 52.31
C ASN A 227 20.41 14.43 51.38
N LYS A 228 21.52 14.34 50.67
CA LYS A 228 21.65 13.30 49.65
C LYS A 228 22.14 11.94 50.10
N SER A 229 21.33 10.91 49.85
CA SER A 229 21.71 9.54 50.20
C SER A 229 22.78 9.03 49.26
N PRO A 230 23.59 8.08 49.73
CA PRO A 230 24.60 7.47 48.84
C PRO A 230 24.01 6.74 47.65
N GLN A 231 22.90 6.02 47.83
CA GLN A 231 22.36 5.23 46.72
C GLN A 231 20.84 5.24 46.61
N VAL A 232 20.34 5.02 45.40
CA VAL A 232 18.89 5.02 45.18
C VAL A 232 18.44 3.59 45.16
N ILE A 233 17.48 3.24 46.01
CA ILE A 233 17.03 1.87 46.10
C ILE A 233 15.57 1.73 45.71
N SER A 234 15.28 0.89 44.72
CA SER A 234 13.90 0.71 44.27
C SER A 234 13.10 -0.28 45.10
N ILE A 235 11.91 0.12 45.52
CA ILE A 235 11.07 -0.79 46.28
C ILE A 235 10.40 -1.78 45.35
N THR A 236 10.50 -3.06 45.66
CA THR A 236 9.86 -4.10 44.85
C THR A 236 8.85 -4.81 45.71
N MET A 237 7.61 -4.88 45.26
CA MET A 237 6.56 -5.53 46.03
C MET A 237 5.85 -6.62 45.24
N GLN A 238 5.77 -7.82 45.80
CA GLN A 238 5.00 -8.86 45.13
C GLN A 238 3.59 -8.86 45.69
N GLY A 239 2.62 -8.50 44.87
CA GLY A 239 1.24 -8.45 45.33
C GLY A 239 0.30 -9.40 44.63
N ARG A 240 0.85 -10.32 43.85
CA ARG A 240 0.02 -11.29 43.18
C ARG A 240 0.30 -12.65 43.75
N LEU A 241 -0.74 -13.38 44.09
CA LEU A 241 -0.54 -14.66 44.74
C LEU A 241 -0.34 -15.77 43.73
N GLN A 242 0.87 -16.29 43.68
CA GLN A 242 1.18 -17.36 42.76
C GLN A 242 0.53 -18.71 43.02
N THR A 243 0.43 -19.11 44.28
CA THR A 243 -0.06 -20.46 44.56
C THR A 243 -1.54 -20.62 45.01
N PRO A 244 -2.20 -21.79 44.72
CA PRO A 244 -3.61 -21.90 45.09
C PRO A 244 -3.82 -21.69 46.58
N GLN A 245 -2.90 -22.15 47.40
CA GLN A 245 -3.05 -22.03 48.84
C GLN A 245 -3.13 -20.57 49.25
N GLU A 246 -2.38 -19.70 48.56
CA GLU A 246 -2.35 -18.31 48.97
C GLU A 246 -3.65 -17.66 48.60
N PHE A 247 -4.35 -18.24 47.63
CA PHE A 247 -5.66 -17.73 47.26
C PHE A 247 -6.68 -18.05 48.33
N GLU A 248 -6.48 -19.17 49.01
CA GLU A 248 -7.46 -19.59 49.98
C GLU A 248 -7.24 -18.79 51.23
N ASN A 249 -6.04 -18.26 51.39
CA ASN A 249 -5.78 -17.40 52.54
C ASN A 249 -6.35 -15.99 52.47
N ILE A 250 -6.83 -15.56 51.31
CA ILE A 250 -7.32 -14.20 51.16
C ILE A 250 -8.40 -13.94 52.19
N ILE A 251 -8.32 -12.83 52.91
CA ILE A 251 -9.28 -12.59 53.98
C ILE A 251 -10.40 -11.67 53.58
N LEU A 252 -11.56 -12.26 53.34
CA LEU A 252 -12.73 -11.47 52.97
C LEU A 252 -13.22 -10.56 54.07
N ARG A 253 -13.27 -11.07 55.29
CA ARG A 253 -13.79 -10.29 56.40
C ARG A 253 -13.03 -10.59 57.67
N VAL A 254 -12.91 -9.60 58.55
CA VAL A 254 -12.28 -9.85 59.84
C VAL A 254 -13.42 -9.82 60.82
N ASN A 255 -13.60 -10.93 61.55
CA ASN A 255 -14.72 -11.04 62.47
C ASN A 255 -14.57 -10.10 63.66
N GLU A 256 -15.55 -10.10 64.55
CA GLU A 256 -15.44 -9.30 65.76
C GLU A 256 -14.34 -9.91 66.60
N ASP A 257 -14.30 -11.24 66.71
CA ASP A 257 -13.18 -11.85 67.40
C ASP A 257 -12.09 -11.79 66.37
N LYS A 258 -10.83 -11.93 66.77
CA LYS A 258 -9.76 -11.77 65.79
C LYS A 258 -9.61 -13.05 65.01
N SER A 259 -10.60 -13.36 64.18
CA SER A 259 -10.54 -14.54 63.36
C SER A 259 -10.81 -14.01 61.99
N PHE A 260 -10.08 -14.50 61.00
CA PHE A 260 -10.24 -13.97 59.67
C PHE A 260 -11.03 -14.93 58.82
N LEU A 261 -12.13 -14.46 58.24
CA LEU A 261 -12.87 -15.30 57.34
C LEU A 261 -12.05 -15.38 56.09
N ARG A 262 -11.81 -16.57 55.59
CA ARG A 262 -10.96 -16.73 54.44
C ARG A 262 -11.66 -17.46 53.30
N ILE A 263 -11.13 -17.35 52.10
CA ILE A 263 -11.71 -18.03 50.96
C ILE A 263 -11.75 -19.52 51.25
N LYS A 264 -10.76 -20.03 51.96
CA LYS A 264 -10.71 -21.48 52.16
C LYS A 264 -11.94 -22.02 52.86
N ASP A 265 -12.48 -21.32 53.86
CA ASP A 265 -13.70 -21.80 54.48
C ASP A 265 -14.91 -21.77 53.54
N VAL A 266 -15.20 -20.61 52.94
CA VAL A 266 -16.31 -20.56 51.99
C VAL A 266 -16.16 -21.38 50.70
N ALA A 267 -14.98 -21.36 50.09
CA ALA A 267 -14.80 -22.06 48.81
C ALA A 267 -13.63 -23.02 48.70
N LYS A 268 -13.55 -23.77 47.60
CA LYS A 268 -12.38 -24.62 47.34
C LYS A 268 -11.64 -24.06 46.15
N VAL A 269 -10.34 -23.81 46.30
CA VAL A 269 -9.57 -23.20 45.21
C VAL A 269 -8.62 -24.19 44.56
N GLU A 270 -8.63 -24.28 43.23
CA GLU A 270 -7.70 -25.16 42.52
C GLU A 270 -7.37 -24.64 41.12
N ILE A 271 -6.27 -25.11 40.54
CA ILE A 271 -5.88 -24.61 39.22
C ILE A 271 -6.42 -25.50 38.15
N GLY A 272 -7.43 -25.03 37.43
CA GLY A 272 -7.95 -25.81 36.32
C GLY A 272 -8.03 -25.10 35.00
N ALA A 273 -8.91 -25.60 34.13
CA ALA A 273 -9.13 -25.03 32.80
C ALA A 273 -10.05 -23.83 32.85
N GLU A 274 -9.77 -22.78 32.10
CA GLU A 274 -10.71 -21.67 32.05
C GLU A 274 -12.05 -22.13 31.51
N GLN A 275 -12.06 -22.98 30.49
CA GLN A 275 -13.33 -23.53 29.99
C GLN A 275 -13.30 -25.05 29.93
N TYR A 276 -14.37 -25.70 30.40
CA TYR A 276 -14.44 -27.15 30.35
C TYR A 276 -15.35 -27.60 29.22
N ASN A 277 -15.80 -26.68 28.38
CA ASN A 277 -16.79 -27.06 27.36
C ASN A 277 -16.37 -27.73 26.04
N SER A 278 -15.08 -27.84 25.73
CA SER A 278 -14.71 -28.54 24.50
C SER A 278 -13.50 -29.45 24.61
N THR A 279 -13.57 -30.64 24.02
CA THR A 279 -12.40 -31.52 23.99
C THR A 279 -12.01 -31.94 22.58
N GLY A 280 -10.88 -32.64 22.42
CA GLY A 280 -10.51 -33.16 21.12
C GLY A 280 -10.11 -34.62 21.14
N ARG A 281 -10.54 -35.40 20.16
CA ARG A 281 -10.14 -36.79 20.08
C ARG A 281 -9.48 -37.14 18.76
N LEU A 282 -8.29 -37.73 18.80
CA LEU A 282 -7.65 -38.18 17.57
C LEU A 282 -7.60 -39.68 17.66
N ASN A 283 -8.35 -40.37 16.80
CA ASN A 283 -8.36 -41.83 16.80
C ASN A 283 -8.75 -42.37 18.16
N THR A 284 -9.70 -41.71 18.84
CA THR A 284 -10.15 -42.15 20.18
C THR A 284 -9.21 -41.62 21.25
N SER A 285 -7.92 -41.54 20.93
CA SER A 285 -6.98 -40.98 21.89
C SER A 285 -7.25 -39.50 22.06
N ALA A 286 -7.25 -39.04 23.30
CA ALA A 286 -7.48 -37.62 23.57
C ALA A 286 -6.36 -36.80 22.99
N ALA A 287 -6.69 -35.63 22.45
CA ALA A 287 -5.68 -34.76 21.87
C ALA A 287 -6.16 -33.33 21.76
N VAL A 288 -5.22 -32.39 21.68
CA VAL A 288 -5.58 -31.00 21.53
C VAL A 288 -5.43 -30.59 20.08
N PRO A 289 -6.54 -30.25 19.44
CA PRO A 289 -6.49 -29.91 18.01
C PRO A 289 -6.32 -28.41 17.79
N ILE A 290 -5.35 -28.03 16.97
CA ILE A 290 -5.15 -26.62 16.66
C ILE A 290 -5.55 -26.35 15.22
N ILE A 291 -6.44 -25.40 15.01
CA ILE A 291 -6.93 -25.16 13.67
C ILE A 291 -6.18 -23.96 13.11
N ILE A 292 -5.71 -24.10 11.87
CA ILE A 292 -4.95 -23.04 11.25
C ILE A 292 -5.85 -22.37 10.22
N ASN A 293 -6.02 -21.06 10.33
CA ASN A 293 -6.82 -20.35 9.34
C ASN A 293 -5.90 -19.54 8.46
N LEU A 294 -6.00 -19.74 7.15
CA LEU A 294 -5.13 -19.03 6.22
C LEU A 294 -5.32 -17.53 6.29
N GLN A 295 -4.23 -16.78 6.19
CA GLN A 295 -4.35 -15.34 6.14
C GLN A 295 -4.89 -15.08 4.75
N SER A 296 -5.77 -14.11 4.61
CA SER A 296 -6.34 -13.85 3.32
C SER A 296 -5.23 -13.42 2.38
N GLY A 297 -5.25 -13.94 1.15
CA GLY A 297 -4.21 -13.60 0.19
C GLY A 297 -2.92 -14.38 0.33
N ALA A 298 -2.92 -15.47 1.10
CA ALA A 298 -1.72 -16.26 1.29
C ALA A 298 -1.81 -17.61 0.59
N ASN A 299 -0.71 -18.04 -0.01
CA ASN A 299 -0.72 -19.31 -0.74
C ASN A 299 -0.85 -20.46 0.24
N ALA A 300 -1.80 -21.34 -0.02
CA ALA A 300 -2.03 -22.47 0.88
C ALA A 300 -0.85 -23.41 0.93
N VAL A 301 -0.31 -23.75 -0.24
CA VAL A 301 0.77 -24.73 -0.27
C VAL A 301 1.99 -24.24 0.49
N ASN A 302 2.36 -22.99 0.28
CA ASN A 302 3.53 -22.46 0.95
C ASN A 302 3.32 -22.44 2.44
N THR A 303 2.13 -22.01 2.88
CA THR A 303 1.88 -21.89 4.31
C THR A 303 1.97 -23.25 4.97
N ALA A 304 1.33 -24.25 4.37
CA ALA A 304 1.32 -25.58 4.96
C ALA A 304 2.73 -26.11 5.11
N LYS A 305 3.55 -25.88 4.09
CA LYS A 305 4.91 -26.39 4.14
C LYS A 305 5.64 -25.75 5.30
N LEU A 306 5.46 -24.45 5.48
CA LEU A 306 6.14 -23.76 6.56
C LEU A 306 5.71 -24.29 7.92
N ILE A 307 4.41 -24.58 8.06
CA ILE A 307 3.91 -25.08 9.34
C ILE A 307 4.52 -26.43 9.65
N ASN A 308 4.59 -27.29 8.64
CA ASN A 308 5.12 -28.62 8.87
C ASN A 308 6.56 -28.54 9.32
N GLU A 309 7.33 -27.67 8.69
CA GLU A 309 8.73 -27.51 9.06
C GLU A 309 8.86 -27.01 10.49
N LYS A 310 8.05 -26.02 10.87
CA LYS A 310 8.11 -25.54 12.24
C LYS A 310 7.68 -26.61 13.23
N MET A 311 6.79 -27.50 12.80
CA MET A 311 6.36 -28.57 13.67
C MET A 311 7.51 -29.52 13.95
N GLN A 312 8.31 -29.81 12.93
CA GLN A 312 9.45 -30.69 13.11
C GLN A 312 10.45 -30.10 14.08
N GLU A 313 10.71 -28.80 13.96
CA GLU A 313 11.65 -28.16 14.86
C GLU A 313 11.13 -28.24 16.28
N LEU A 314 9.83 -27.99 16.45
CA LEU A 314 9.23 -28.09 17.78
C LEU A 314 9.29 -29.51 18.29
N SER A 315 9.10 -30.49 17.41
CA SER A 315 9.07 -31.89 17.83
C SER A 315 10.37 -32.32 18.48
N LYS A 316 11.48 -31.79 18.01
CA LYS A 316 12.77 -32.14 18.58
C LYS A 316 12.80 -31.76 20.05
N ASN A 317 12.17 -30.64 20.38
CA ASN A 317 12.18 -30.17 21.78
C ASN A 317 10.94 -30.58 22.54
N PHE A 318 10.16 -31.51 21.99
CA PHE A 318 8.95 -31.97 22.68
C PHE A 318 9.28 -32.73 23.94
N PRO A 319 8.43 -32.60 24.96
CA PRO A 319 8.65 -33.38 26.18
C PRO A 319 8.38 -34.83 25.86
N GLN A 320 9.00 -35.75 26.59
CA GLN A 320 8.86 -37.15 26.26
C GLN A 320 7.41 -37.56 26.34
N GLY A 321 6.97 -38.37 25.38
CA GLY A 321 5.58 -38.78 25.36
C GLY A 321 4.65 -37.83 24.65
N LEU A 322 5.19 -36.79 24.01
CA LEU A 322 4.33 -35.92 23.21
C LEU A 322 4.69 -36.02 21.74
N LYS A 323 3.70 -36.32 20.92
CA LYS A 323 3.94 -36.46 19.49
C LYS A 323 2.92 -35.66 18.71
N TYR A 324 3.29 -35.22 17.53
CA TYR A 324 2.38 -34.41 16.73
C TYR A 324 2.05 -35.11 15.44
N GLN A 325 0.82 -34.95 14.99
CA GLN A 325 0.39 -35.55 13.73
C GLN A 325 -0.46 -34.49 13.08
N ILE A 326 -0.40 -34.34 11.76
CA ILE A 326 -1.29 -33.40 11.09
C ILE A 326 -2.37 -34.19 10.37
N PRO A 327 -3.47 -34.50 11.06
CA PRO A 327 -4.50 -35.35 10.45
C PRO A 327 -5.17 -34.74 9.23
N TYR A 328 -5.69 -33.52 9.32
CA TYR A 328 -6.41 -32.94 8.21
C TYR A 328 -5.67 -31.78 7.59
N ASP A 329 -5.31 -31.90 6.32
CA ASP A 329 -4.63 -30.81 5.64
C ASP A 329 -5.11 -30.74 4.21
N THR A 330 -5.89 -29.72 3.89
CA THR A 330 -6.43 -29.62 2.55
C THR A 330 -5.33 -29.65 1.51
N THR A 331 -4.23 -28.97 1.79
CA THR A 331 -3.13 -28.92 0.84
C THR A 331 -2.82 -30.27 0.19
N ILE A 332 -2.89 -31.35 0.96
CA ILE A 332 -2.56 -32.67 0.43
C ILE A 332 -3.26 -32.97 -0.88
N PHE A 333 -4.56 -32.71 -0.96
CA PHE A 333 -5.33 -32.96 -2.18
C PHE A 333 -4.84 -32.10 -3.33
N VAL A 334 -4.23 -30.97 -3.01
CA VAL A 334 -3.81 -30.06 -4.06
C VAL A 334 -2.48 -30.54 -4.57
N LYS A 335 -1.58 -30.88 -3.64
CA LYS A 335 -0.26 -31.34 -4.01
C LYS A 335 -0.37 -32.55 -4.90
N ALA A 336 -1.17 -33.52 -4.47
CA ALA A 336 -1.35 -34.74 -5.25
C ALA A 336 -1.89 -34.43 -6.64
N SER A 337 -2.95 -33.62 -6.72
CA SER A 337 -3.54 -33.32 -8.01
C SER A 337 -2.54 -32.61 -8.91
N ILE A 338 -1.78 -31.67 -8.36
CA ILE A 338 -0.78 -30.96 -9.13
C ILE A 338 0.27 -31.94 -9.61
N LYS A 339 0.67 -32.86 -8.74
CA LYS A 339 1.65 -33.87 -9.10
C LYS A 339 1.13 -34.75 -10.22
N GLU A 340 -0.16 -35.08 -10.17
CA GLU A 340 -0.72 -35.96 -11.18
C GLU A 340 -0.60 -35.31 -12.55
N VAL A 341 -0.84 -34.01 -12.63
CA VAL A 341 -0.71 -33.30 -13.89
C VAL A 341 0.75 -33.35 -14.35
N ILE A 342 1.68 -33.18 -13.42
CA ILE A 342 3.09 -33.22 -13.78
C ILE A 342 3.44 -34.58 -14.35
N LYS A 343 2.90 -35.65 -13.76
CA LYS A 343 3.14 -36.98 -14.27
C LYS A 343 2.58 -37.12 -15.67
N THR A 344 1.41 -36.55 -15.90
CA THR A 344 0.80 -36.61 -17.22
C THR A 344 1.71 -35.95 -18.22
N PHE A 345 2.31 -34.84 -17.84
CA PHE A 345 3.18 -34.11 -18.76
C PHE A 345 4.37 -34.97 -19.18
N VAL A 346 4.97 -35.67 -18.23
CA VAL A 346 6.09 -36.52 -18.56
C VAL A 346 5.64 -37.63 -19.49
N GLU A 347 4.50 -38.24 -19.18
CA GLU A 347 3.98 -39.32 -20.00
C GLU A 347 3.63 -38.81 -21.39
N ALA A 348 3.04 -37.62 -21.46
CA ALA A 348 2.65 -37.07 -22.74
C ALA A 348 3.86 -36.84 -23.60
N LEU A 349 4.92 -36.31 -23.01
CA LEU A 349 6.12 -36.01 -23.78
C LEU A 349 6.70 -37.31 -24.32
N ALA A 350 6.72 -38.34 -23.49
CA ALA A 350 7.28 -39.61 -23.92
C ALA A 350 6.50 -40.19 -25.08
N LEU A 351 5.18 -40.14 -24.99
CA LEU A 351 4.35 -40.65 -26.07
C LEU A 351 4.52 -39.87 -27.36
N VAL A 352 4.65 -38.55 -27.24
CA VAL A 352 4.87 -37.73 -28.42
C VAL A 352 6.20 -38.11 -29.07
N LEU A 353 7.21 -38.35 -28.24
CA LEU A 353 8.52 -38.69 -28.76
C LEU A 353 8.42 -39.96 -29.60
N VAL A 354 7.64 -40.92 -29.12
CA VAL A 354 7.49 -42.18 -29.85
C VAL A 354 6.81 -41.97 -31.21
N VAL A 355 5.77 -41.15 -31.24
CA VAL A 355 5.09 -40.88 -32.51
C VAL A 355 6.04 -40.19 -33.46
N MET A 356 6.82 -39.26 -32.95
CA MET A 356 7.80 -38.58 -33.78
C MET A 356 8.85 -39.54 -34.30
N TYR A 357 9.31 -40.45 -33.46
CA TYR A 357 10.36 -41.38 -33.86
C TYR A 357 9.80 -42.34 -34.88
N LEU A 358 8.49 -42.48 -34.93
CA LEU A 358 7.89 -43.33 -35.95
C LEU A 358 7.92 -42.58 -37.27
N PHE A 359 7.44 -41.34 -37.28
CA PHE A 359 7.42 -40.52 -38.49
C PHE A 359 8.78 -40.14 -39.06
N LEU A 360 9.77 -39.88 -38.21
CA LEU A 360 11.08 -39.41 -38.66
C LEU A 360 11.94 -40.61 -39.00
N LYS A 361 11.83 -41.66 -38.20
CA LYS A 361 12.49 -42.95 -38.51
C LYS A 361 13.99 -42.91 -38.33
N ASN A 362 14.52 -41.78 -37.87
CA ASN A 362 15.95 -41.65 -37.64
C ASN A 362 16.11 -41.15 -36.23
N PHE A 363 17.04 -41.72 -35.48
CA PHE A 363 17.16 -41.35 -34.07
C PHE A 363 17.37 -39.86 -33.89
N LYS A 364 18.43 -39.32 -34.47
CA LYS A 364 18.73 -37.90 -34.27
C LYS A 364 17.57 -37.02 -34.66
N SER A 365 16.99 -37.27 -35.82
CA SER A 365 15.88 -36.46 -36.28
C SER A 365 14.87 -36.27 -35.16
N THR A 366 14.50 -37.35 -34.49
CA THR A 366 13.52 -37.27 -33.41
C THR A 366 13.98 -36.35 -32.31
N ILE A 367 15.28 -36.27 -32.08
CA ILE A 367 15.82 -35.45 -31.01
C ILE A 367 15.60 -33.96 -31.26
N ILE A 368 15.74 -33.53 -32.50
CA ILE A 368 15.64 -32.11 -32.80
C ILE A 368 14.39 -31.46 -32.22
N PRO A 369 13.21 -32.07 -32.45
CA PRO A 369 12.01 -31.51 -31.83
C PRO A 369 12.01 -31.75 -30.33
N MET A 370 12.55 -32.88 -29.90
CA MET A 370 12.58 -33.22 -28.49
C MET A 370 13.20 -32.10 -27.66
N ILE A 371 14.39 -31.65 -28.05
CA ILE A 371 15.07 -30.60 -27.29
C ILE A 371 14.24 -29.33 -27.21
N ALA A 372 13.44 -29.08 -28.24
CA ALA A 372 12.64 -27.86 -28.31
C ALA A 372 11.55 -27.82 -27.27
N VAL A 373 11.02 -28.99 -26.91
CA VAL A 373 9.89 -29.03 -26.00
C VAL A 373 10.14 -28.46 -24.62
N PRO A 374 11.30 -28.78 -24.01
CA PRO A 374 11.41 -28.19 -22.68
C PRO A 374 11.89 -26.76 -22.77
N VAL A 375 12.74 -26.37 -23.71
CA VAL A 375 13.12 -24.97 -23.76
C VAL A 375 11.89 -24.08 -23.81
N SER A 376 10.95 -24.40 -24.69
CA SER A 376 9.74 -23.60 -24.86
C SER A 376 8.89 -23.61 -23.61
N LEU A 377 8.59 -24.79 -23.10
CA LEU A 377 7.75 -24.92 -21.92
C LEU A 377 8.35 -24.26 -20.68
N LEU A 378 9.66 -24.32 -20.53
CA LEU A 378 10.24 -23.77 -19.32
C LEU A 378 10.36 -22.27 -19.47
N GLY A 379 10.50 -21.80 -20.70
CA GLY A 379 10.52 -20.37 -20.93
C GLY A 379 9.17 -19.82 -20.53
N THR A 380 8.13 -20.62 -20.71
CA THR A 380 6.77 -20.18 -20.37
C THR A 380 6.68 -19.92 -18.87
N PHE A 381 7.31 -20.77 -18.07
CA PHE A 381 7.29 -20.58 -16.63
C PHE A 381 7.92 -19.26 -16.27
N ALA A 382 9.02 -18.93 -16.93
CA ALA A 382 9.71 -17.68 -16.62
C ALA A 382 8.80 -16.51 -16.93
N VAL A 383 8.08 -16.60 -18.04
CA VAL A 383 7.15 -15.54 -18.39
C VAL A 383 6.02 -15.41 -17.40
N LEU A 384 5.53 -16.52 -16.86
CA LEU A 384 4.37 -16.40 -15.99
C LEU A 384 4.87 -15.88 -14.66
N TYR A 385 6.16 -16.00 -14.38
CA TYR A 385 6.65 -15.34 -13.18
C TYR A 385 6.68 -13.84 -13.35
N VAL A 386 7.07 -13.36 -14.54
CA VAL A 386 7.07 -11.93 -14.79
C VAL A 386 5.65 -11.38 -14.68
N LEU A 387 4.71 -12.04 -15.34
CA LEU A 387 3.31 -11.61 -15.28
C LEU A 387 2.86 -11.66 -13.83
N GLY A 388 3.36 -12.64 -13.09
CA GLY A 388 2.98 -12.79 -11.70
C GLY A 388 1.94 -13.87 -11.66
N PHE A 389 1.60 -14.40 -12.84
CA PHE A 389 0.69 -15.53 -12.89
C PHE A 389 1.25 -16.71 -12.13
N SER A 390 0.43 -17.33 -11.29
CA SER A 390 0.90 -18.45 -10.46
C SER A 390 0.69 -19.82 -11.08
N ILE A 391 1.48 -20.81 -10.65
CA ILE A 391 1.25 -22.16 -11.13
C ILE A 391 -0.07 -22.63 -10.53
N ASN A 392 -0.92 -23.23 -11.34
CA ASN A 392 -2.21 -23.70 -10.88
C ASN A 392 -2.59 -24.86 -11.75
N LEU A 393 -3.68 -25.55 -11.43
CA LEU A 393 -4.00 -26.73 -12.21
C LEU A 393 -4.18 -26.33 -13.66
N LEU A 394 -4.88 -25.22 -13.90
CA LEU A 394 -5.10 -24.80 -15.28
C LEU A 394 -3.84 -24.44 -16.05
N THR A 395 -2.93 -23.68 -15.44
CA THR A 395 -1.65 -23.39 -16.11
C THR A 395 -0.91 -24.67 -16.43
N LEU A 396 -0.78 -25.55 -15.44
CA LEU A 396 -0.08 -26.80 -15.68
C LEU A 396 -0.76 -27.59 -16.77
N PHE A 397 -2.08 -27.61 -16.76
CA PHE A 397 -2.82 -28.31 -17.80
C PHE A 397 -2.53 -27.70 -19.15
N ALA A 398 -2.43 -26.38 -19.22
CA ALA A 398 -2.17 -25.72 -20.47
C ALA A 398 -0.82 -26.11 -21.01
N LEU A 399 0.14 -26.33 -20.13
CA LEU A 399 1.45 -26.78 -20.57
C LEU A 399 1.40 -28.16 -21.20
N VAL A 400 0.61 -29.07 -20.62
CA VAL A 400 0.47 -30.39 -21.21
C VAL A 400 -0.17 -30.25 -22.58
N LEU A 401 -1.17 -29.38 -22.68
CA LEU A 401 -1.82 -29.14 -23.97
C LEU A 401 -0.83 -28.51 -24.93
N ALA A 402 0.03 -27.63 -24.42
CA ALA A 402 1.01 -26.95 -25.25
C ALA A 402 2.03 -27.86 -25.88
N ILE A 403 2.22 -29.06 -25.33
CA ILE A 403 3.16 -30.00 -25.91
C ILE A 403 2.81 -30.13 -27.38
N GLY A 404 1.52 -30.25 -27.68
CA GLY A 404 1.09 -30.39 -29.04
C GLY A 404 1.46 -29.18 -29.89
N ILE A 405 1.26 -27.99 -29.36
CA ILE A 405 1.59 -26.79 -30.10
C ILE A 405 3.07 -26.70 -30.39
N VAL A 406 3.89 -26.95 -29.37
CA VAL A 406 5.33 -26.81 -29.56
C VAL A 406 5.88 -27.84 -30.53
N VAL A 407 5.41 -29.08 -30.43
CA VAL A 407 5.86 -30.11 -31.36
C VAL A 407 5.43 -29.77 -32.77
N ASP A 408 4.24 -29.19 -32.93
CA ASP A 408 3.75 -28.93 -34.27
C ASP A 408 4.70 -28.00 -34.98
N ASP A 409 5.16 -26.96 -34.29
CA ASP A 409 6.06 -26.01 -34.92
C ASP A 409 7.35 -26.71 -35.31
N ALA A 410 7.87 -27.54 -34.41
CA ALA A 410 9.10 -28.27 -34.69
C ALA A 410 8.91 -29.23 -35.86
N ILE A 411 7.77 -29.89 -35.91
CA ILE A 411 7.49 -30.86 -36.97
C ILE A 411 7.48 -30.17 -38.33
N ILE A 412 6.91 -28.98 -38.39
CA ILE A 412 6.84 -28.26 -39.65
C ILE A 412 8.25 -28.01 -40.15
N VAL A 413 9.17 -27.71 -39.24
CA VAL A 413 10.52 -27.34 -39.65
C VAL A 413 11.42 -28.52 -39.97
N VAL A 414 11.41 -29.58 -39.17
CA VAL A 414 12.36 -30.67 -39.46
C VAL A 414 11.91 -31.54 -40.62
N GLU A 415 10.61 -31.68 -40.82
CA GLU A 415 10.13 -32.43 -41.97
C GLU A 415 10.53 -31.74 -43.25
N ASN A 416 10.37 -30.43 -43.28
CA ASN A 416 10.65 -29.64 -44.48
C ASN A 416 12.12 -29.73 -44.85
N ILE A 417 12.98 -29.60 -43.85
CA ILE A 417 14.42 -29.65 -44.09
C ILE A 417 14.81 -31.00 -44.66
N ASP A 418 14.18 -32.06 -44.18
CA ASP A 418 14.58 -33.39 -44.63
C ASP A 418 13.93 -33.64 -45.98
N ARG A 419 12.73 -33.13 -46.18
CA ARG A 419 12.11 -33.24 -47.50
C ARG A 419 12.97 -32.56 -48.54
N ILE A 420 13.53 -31.41 -48.19
CA ILE A 420 14.40 -30.68 -49.11
C ILE A 420 15.73 -31.40 -49.27
N LEU A 421 16.18 -32.10 -48.23
CA LEU A 421 17.40 -32.90 -48.36
C LEU A 421 17.11 -33.95 -49.39
N HIS A 422 15.92 -34.53 -49.34
CA HIS A 422 15.52 -35.50 -50.36
C HIS A 422 15.14 -34.72 -51.61
N GLU A 423 14.97 -35.40 -52.74
CA GLU A 423 14.66 -34.74 -54.01
C GLU A 423 15.87 -34.00 -54.59
N ASP A 424 16.45 -33.07 -53.84
CA ASP A 424 17.66 -32.42 -54.32
C ASP A 424 18.74 -33.48 -54.19
N SER A 425 19.48 -33.74 -55.25
CA SER A 425 20.45 -34.83 -55.21
C SER A 425 21.56 -34.61 -54.20
N ASN A 426 22.14 -33.41 -54.19
CA ASN A 426 23.16 -33.11 -53.20
C ASN A 426 23.09 -31.69 -52.68
N ILE A 427 22.88 -31.53 -51.39
CA ILE A 427 22.90 -30.18 -50.79
C ILE A 427 23.46 -30.31 -49.39
N SER A 428 24.06 -29.24 -48.88
CA SER A 428 24.50 -29.31 -47.51
C SER A 428 23.25 -29.11 -46.70
N VAL A 429 23.18 -29.77 -45.55
CA VAL A 429 21.99 -29.70 -44.73
C VAL A 429 21.81 -28.25 -44.34
N LYS A 430 22.92 -27.56 -44.11
CA LYS A 430 22.83 -26.17 -43.77
C LYS A 430 22.18 -25.40 -44.92
N ASP A 431 22.54 -25.69 -46.17
CA ASP A 431 21.89 -25.00 -47.28
C ASP A 431 20.43 -25.33 -47.29
N ALA A 432 20.12 -26.61 -47.07
CA ALA A 432 18.72 -27.01 -46.98
C ALA A 432 17.96 -26.17 -45.99
N ALA A 433 18.51 -26.05 -44.80
CA ALA A 433 17.80 -25.33 -43.76
C ALA A 433 17.55 -23.89 -44.15
N ILE A 434 18.53 -23.23 -44.75
CA ILE A 434 18.34 -21.82 -45.06
C ILE A 434 17.19 -21.62 -46.04
N LYS A 435 17.16 -22.42 -47.11
CA LYS A 435 16.06 -22.32 -48.07
C LYS A 435 14.74 -22.76 -47.48
N ALA A 436 14.74 -23.82 -46.69
CA ALA A 436 13.49 -24.32 -46.12
C ALA A 436 12.91 -23.28 -45.19
N MET A 437 13.78 -22.62 -44.44
CA MET A 437 13.30 -21.62 -43.49
C MET A 437 12.64 -20.44 -44.17
N ASN A 438 13.20 -20.00 -45.29
CA ASN A 438 12.64 -18.84 -45.97
C ASN A 438 11.23 -19.17 -46.39
N GLU A 439 11.01 -20.38 -46.88
CA GLU A 439 9.67 -20.79 -47.27
C GLU A 439 8.71 -20.84 -46.09
N VAL A 440 9.16 -21.35 -44.94
CA VAL A 440 8.22 -21.53 -43.82
C VAL A 440 8.14 -20.42 -42.77
N SER A 441 8.98 -19.40 -42.88
CA SER A 441 8.96 -18.30 -41.91
C SER A 441 7.62 -17.59 -41.83
N SER A 442 7.09 -17.20 -42.98
CA SER A 442 5.80 -16.48 -43.00
C SER A 442 4.62 -17.27 -42.44
N PRO A 443 4.50 -18.56 -42.79
CA PRO A 443 3.40 -19.29 -42.15
C PRO A 443 3.58 -19.32 -40.64
N VAL A 444 4.80 -19.54 -40.17
CA VAL A 444 5.07 -19.60 -38.74
C VAL A 444 4.55 -18.36 -38.05
N ILE A 445 4.94 -17.19 -38.55
CA ILE A 445 4.53 -15.94 -37.93
C ILE A 445 3.01 -15.79 -37.97
N SER A 446 2.41 -16.10 -39.10
CA SER A 446 0.97 -15.98 -39.24
C SER A 446 0.28 -16.87 -38.24
N ILE A 447 0.81 -18.07 -38.03
CA ILE A 447 0.18 -19.02 -37.13
C ILE A 447 0.15 -18.43 -35.72
N VAL A 448 1.26 -17.82 -35.30
CA VAL A 448 1.32 -17.29 -33.96
C VAL A 448 0.31 -16.18 -33.76
N LEU A 449 0.21 -15.28 -34.73
CA LEU A 449 -0.72 -14.16 -34.61
C LEU A 449 -2.15 -14.65 -34.59
N VAL A 450 -2.47 -15.60 -35.45
CA VAL A 450 -3.82 -16.15 -35.49
C VAL A 450 -4.17 -16.89 -34.21
N LEU A 451 -3.20 -17.59 -33.65
CA LEU A 451 -3.45 -18.35 -32.44
C LEU A 451 -3.61 -17.40 -31.26
N CYS A 452 -2.74 -16.42 -31.15
CA CYS A 452 -2.83 -15.54 -30.01
C CYS A 452 -4.05 -14.66 -30.18
N ALA A 453 -4.42 -14.39 -31.42
CA ALA A 453 -5.63 -13.61 -31.66
C ALA A 453 -6.85 -14.21 -31.00
N VAL A 454 -7.09 -15.50 -31.17
CA VAL A 454 -8.21 -16.13 -30.47
C VAL A 454 -8.04 -16.14 -28.95
N PHE A 455 -6.84 -16.41 -28.46
CA PHE A 455 -6.61 -16.51 -27.00
C PHE A 455 -6.84 -15.25 -26.18
N ILE A 456 -6.38 -14.10 -26.68
CA ILE A 456 -6.46 -12.87 -25.87
C ILE A 456 -7.87 -12.35 -25.49
N PRO A 457 -8.83 -12.37 -26.43
CA PRO A 457 -10.17 -11.95 -26.00
C PRO A 457 -10.74 -12.85 -24.92
N VAL A 458 -10.48 -14.15 -25.01
CA VAL A 458 -10.97 -15.09 -24.01
C VAL A 458 -10.39 -14.75 -22.65
N SER A 459 -9.12 -14.35 -22.63
CA SER A 459 -8.49 -13.98 -21.36
C SER A 459 -9.18 -12.73 -20.81
N PHE A 460 -9.55 -11.80 -21.68
CA PHE A 460 -10.15 -10.55 -21.20
C PHE A 460 -11.59 -10.67 -20.75
N ILE A 461 -12.13 -11.88 -20.75
CA ILE A 461 -13.52 -12.09 -20.33
C ILE A 461 -13.70 -11.72 -18.86
N SER A 462 -14.77 -11.01 -18.54
CA SER A 462 -15.04 -10.60 -17.16
C SER A 462 -15.56 -11.71 -16.26
N GLY A 463 -15.44 -11.52 -14.96
CA GLY A 463 -15.92 -12.52 -14.01
C GLY A 463 -14.79 -13.38 -13.52
N PHE A 464 -15.01 -14.19 -12.49
CA PHE A 464 -13.90 -14.93 -11.93
C PHE A 464 -13.64 -16.11 -12.85
N VAL A 465 -14.65 -16.55 -13.57
CA VAL A 465 -14.43 -17.62 -14.53
C VAL A 465 -13.46 -17.05 -15.54
N GLY A 466 -13.63 -15.79 -15.89
CA GLY A 466 -12.70 -15.13 -16.78
C GLY A 466 -11.28 -15.23 -16.29
N GLU A 467 -11.07 -15.07 -14.98
CA GLU A 467 -9.74 -15.19 -14.41
C GLU A 467 -9.18 -16.58 -14.58
N ILE A 468 -10.02 -17.59 -14.35
CA ILE A 468 -9.60 -18.97 -14.51
C ILE A 468 -9.25 -19.21 -15.96
N GLN A 469 -9.98 -18.57 -16.86
CA GLN A 469 -9.75 -18.74 -18.30
C GLN A 469 -8.75 -17.73 -18.83
N ARG A 470 -8.19 -16.93 -17.94
CA ARG A 470 -7.22 -15.92 -18.35
C ARG A 470 -5.86 -16.54 -18.16
N GLN A 471 -5.70 -17.29 -17.08
CA GLN A 471 -4.42 -17.90 -16.80
C GLN A 471 -4.12 -18.93 -17.86
N PHE A 472 -5.15 -19.70 -18.22
CA PHE A 472 -5.00 -20.74 -19.24
C PHE A 472 -4.82 -20.17 -20.63
N ALA A 473 -5.57 -19.12 -20.97
CA ALA A 473 -5.48 -18.53 -22.29
C ALA A 473 -4.15 -17.89 -22.55
N LEU A 474 -3.60 -17.24 -21.54
CA LEU A 474 -2.37 -16.52 -21.72
C LEU A 474 -1.19 -17.47 -21.64
N THR A 475 -1.30 -18.50 -20.82
CA THR A 475 -0.24 -19.49 -20.79
C THR A 475 -0.08 -20.13 -22.16
N LEU A 476 -1.20 -20.45 -22.80
CA LEU A 476 -1.10 -21.01 -24.14
C LEU A 476 -0.49 -20.00 -25.08
N ALA A 477 -0.86 -18.73 -24.92
CA ALA A 477 -0.36 -17.71 -25.82
C ALA A 477 1.14 -17.57 -25.67
N ILE A 478 1.60 -17.60 -24.43
CA ILE A 478 3.02 -17.47 -24.19
C ILE A 478 3.75 -18.64 -24.82
N SER A 479 3.19 -19.83 -24.68
CA SER A 479 3.85 -21.00 -25.22
C SER A 479 3.97 -20.89 -26.74
N VAL A 480 2.93 -20.43 -27.41
CA VAL A 480 2.97 -20.43 -28.86
C VAL A 480 3.95 -19.39 -29.37
N ALA A 481 3.96 -18.21 -28.77
CA ALA A 481 4.93 -17.21 -29.18
C ALA A 481 6.36 -17.67 -28.94
N ILE A 482 6.62 -18.24 -27.77
CA ILE A 482 7.96 -18.73 -27.47
C ILE A 482 8.35 -19.88 -28.40
N SER A 483 7.40 -20.78 -28.65
CA SER A 483 7.70 -21.93 -29.50
C SER A 483 8.02 -21.45 -30.90
N GLY A 484 7.32 -20.41 -31.34
CA GLY A 484 7.57 -19.86 -32.67
C GLY A 484 8.99 -19.36 -32.75
N PHE A 485 9.42 -18.56 -31.77
CA PHE A 485 10.78 -18.07 -31.79
C PHE A 485 11.77 -19.22 -31.73
N VAL A 486 11.49 -20.23 -30.91
CA VAL A 486 12.37 -21.39 -30.83
C VAL A 486 12.40 -22.12 -32.18
N ALA A 487 11.25 -22.26 -32.80
CA ALA A 487 11.19 -22.94 -34.10
C ALA A 487 11.97 -22.17 -35.13
N LEU A 488 11.83 -20.85 -35.11
CA LEU A 488 12.55 -20.01 -36.05
C LEU A 488 14.04 -20.16 -35.87
N THR A 489 14.52 -20.00 -34.64
CA THR A 489 15.95 -20.01 -34.43
C THR A 489 16.62 -21.30 -33.98
N LEU A 490 16.15 -21.90 -32.90
CA LEU A 490 16.81 -23.09 -32.36
C LEU A 490 16.72 -24.33 -33.23
N THR A 491 15.54 -24.62 -33.76
CA THR A 491 15.38 -25.86 -34.52
C THR A 491 16.21 -25.99 -35.81
N PRO A 492 16.20 -24.95 -36.69
CA PRO A 492 17.02 -25.13 -37.88
C PRO A 492 18.48 -25.29 -37.56
N SER A 493 19.00 -24.43 -36.70
CA SER A 493 20.40 -24.51 -36.32
C SER A 493 20.72 -25.95 -35.99
N LEU A 494 20.01 -26.49 -35.02
CA LEU A 494 20.27 -27.87 -34.61
C LEU A 494 19.90 -28.84 -35.72
N SER A 495 18.88 -28.51 -36.50
CA SER A 495 18.52 -29.37 -37.61
C SER A 495 19.70 -29.50 -38.53
N ALA A 496 20.31 -28.38 -38.88
CA ALA A 496 21.48 -28.41 -39.73
C ALA A 496 22.56 -29.20 -39.01
N LEU A 497 22.62 -29.04 -37.70
CA LEU A 497 23.63 -29.74 -36.91
C LEU A 497 23.45 -31.25 -36.92
N PHE A 498 22.20 -31.71 -36.92
CA PHE A 498 21.95 -33.15 -36.84
C PHE A 498 21.33 -33.77 -38.07
N LEU A 499 20.24 -33.20 -38.56
CA LEU A 499 19.54 -33.81 -39.70
C LEU A 499 20.49 -34.15 -40.84
N THR A 500 20.38 -35.36 -41.37
CA THR A 500 21.25 -35.78 -42.46
C THR A 500 20.48 -36.56 -43.52
N ARG A 501 21.21 -37.26 -44.39
CA ARG A 501 20.56 -38.05 -45.43
C ARG A 501 20.76 -39.53 -45.15
N ASN A 502 20.17 -40.03 -44.07
CA ASN A 502 20.39 -41.42 -43.69
C ASN A 502 20.00 -42.36 -44.82
N GLU A 503 20.89 -43.23 -45.26
CA GLU A 503 20.56 -44.01 -46.46
C GLU A 503 19.83 -45.30 -46.07
N SER A 504 20.25 -45.94 -44.99
CA SER A 504 19.56 -47.15 -44.53
C SER A 504 18.96 -46.93 -43.15
N LYS A 505 17.69 -47.33 -42.98
CA LYS A 505 17.03 -47.20 -41.68
C LYS A 505 17.03 -48.54 -40.96
N PRO A 506 17.76 -48.61 -39.83
CA PRO A 506 17.87 -49.88 -39.09
C PRO A 506 16.54 -50.40 -38.58
N PHE A 507 15.67 -49.51 -38.11
CA PHE A 507 14.42 -49.95 -37.51
C PHE A 507 13.35 -50.50 -38.45
N TYR A 508 12.29 -51.05 -37.89
CA TYR A 508 11.19 -51.60 -38.68
C TYR A 508 10.16 -50.51 -38.85
N PHE A 509 10.47 -49.31 -38.37
CA PHE A 509 9.54 -48.19 -38.43
C PHE A 509 9.19 -47.88 -39.86
N ILE A 510 10.14 -48.05 -40.76
CA ILE A 510 9.90 -47.77 -42.17
C ILE A 510 8.74 -48.58 -42.72
N GLN A 511 8.68 -49.86 -42.38
CA GLN A 511 7.65 -50.74 -42.91
C GLN A 511 6.25 -50.33 -42.54
N LYS A 512 5.96 -50.29 -41.25
CA LYS A 512 4.60 -49.99 -40.83
C LYS A 512 4.19 -48.61 -41.29
N PHE A 513 5.09 -47.66 -41.14
CA PHE A 513 4.75 -46.28 -41.50
C PHE A 513 4.44 -46.17 -42.99
N ASN A 514 5.25 -46.80 -43.83
CA ASN A 514 5.04 -46.72 -45.27
C ASN A 514 3.71 -47.34 -45.64
N ASP A 515 3.40 -48.48 -45.04
CA ASP A 515 2.17 -49.18 -45.40
C ASP A 515 0.97 -48.32 -45.06
N PHE A 516 0.99 -47.71 -43.89
CA PHE A 516 -0.14 -46.88 -43.47
C PHE A 516 -0.26 -45.72 -44.43
N PHE A 517 0.87 -45.14 -44.81
CA PHE A 517 0.86 -44.02 -45.73
C PHE A 517 0.28 -44.42 -47.07
N ASP A 518 0.63 -45.62 -47.54
CA ASP A 518 0.17 -46.05 -48.85
C ASP A 518 -1.35 -46.15 -48.88
N TRP A 519 -1.94 -46.71 -47.84
CA TRP A 519 -3.40 -46.76 -47.78
C TRP A 519 -3.94 -45.35 -47.69
N SER A 520 -3.31 -44.52 -46.87
CA SER A 520 -3.82 -43.17 -46.66
C SER A 520 -3.82 -42.30 -47.90
N THR A 521 -2.77 -42.37 -48.71
CA THR A 521 -2.66 -41.51 -49.88
C THR A 521 -3.90 -41.58 -50.74
N SER A 522 -4.17 -42.74 -51.33
CA SER A 522 -5.31 -42.90 -52.21
C SER A 522 -6.61 -42.55 -51.53
N VAL A 523 -6.82 -43.07 -50.33
CA VAL A 523 -8.08 -42.81 -49.65
C VAL A 523 -8.25 -41.30 -49.44
N PHE A 524 -7.26 -40.65 -48.85
CA PHE A 524 -7.39 -39.23 -48.59
C PHE A 524 -7.51 -38.40 -49.86
N SER A 525 -6.72 -38.71 -50.87
CA SER A 525 -6.76 -37.95 -52.11
C SER A 525 -8.09 -38.18 -52.79
N SER A 526 -8.45 -39.44 -52.97
CA SER A 526 -9.73 -39.77 -53.59
C SER A 526 -10.89 -39.16 -52.84
N GLY A 527 -10.84 -39.24 -51.51
CA GLY A 527 -11.90 -38.68 -50.71
C GLY A 527 -12.01 -37.20 -50.95
N VAL A 528 -10.89 -36.50 -50.88
CA VAL A 528 -10.89 -35.08 -51.18
C VAL A 528 -11.46 -34.92 -52.56
N ALA A 529 -11.00 -35.75 -53.49
CA ALA A 529 -11.47 -35.65 -54.86
C ALA A 529 -12.98 -35.81 -54.90
N TYR A 530 -13.47 -36.87 -54.28
CA TYR A 530 -14.90 -37.12 -54.29
C TYR A 530 -15.62 -35.96 -53.64
N ILE A 531 -15.04 -35.43 -52.58
CA ILE A 531 -15.65 -34.30 -51.90
C ILE A 531 -15.78 -33.14 -52.86
N LEU A 532 -14.71 -32.86 -53.60
CA LEU A 532 -14.75 -31.78 -54.56
C LEU A 532 -15.83 -32.02 -55.59
N LYS A 533 -15.96 -33.27 -56.04
CA LYS A 533 -16.95 -33.60 -57.05
C LYS A 533 -18.37 -33.41 -56.51
N ARG A 534 -18.61 -33.87 -55.29
CA ARG A 534 -19.94 -33.75 -54.69
C ARG A 534 -19.97 -32.53 -53.79
N THR A 535 -19.60 -31.38 -54.33
CA THR A 535 -19.53 -30.18 -53.50
C THR A 535 -20.81 -29.94 -52.71
N ILE A 536 -21.95 -29.98 -53.38
CA ILE A 536 -23.22 -29.70 -52.70
C ILE A 536 -23.47 -30.68 -51.56
N ARG A 537 -23.44 -31.97 -51.86
CA ARG A 537 -23.70 -32.98 -50.84
C ARG A 537 -22.93 -32.66 -49.59
N PHE A 538 -21.62 -32.52 -49.73
CA PHE A 538 -20.78 -32.23 -48.56
C PHE A 538 -21.14 -30.89 -47.92
N VAL A 539 -21.47 -29.89 -48.72
CA VAL A 539 -21.89 -28.62 -48.17
C VAL A 539 -23.16 -28.81 -47.33
N LEU A 540 -24.07 -29.64 -47.80
CA LEU A 540 -25.27 -29.93 -47.01
C LEU A 540 -24.90 -30.59 -45.70
N VAL A 541 -23.95 -31.53 -45.74
CA VAL A 541 -23.51 -32.19 -44.52
C VAL A 541 -22.94 -31.16 -43.57
N PHE A 542 -22.28 -30.14 -44.12
CA PHE A 542 -21.68 -29.09 -43.30
C PHE A 542 -22.74 -28.35 -42.51
N CYS A 543 -23.90 -28.13 -43.10
CA CYS A 543 -24.92 -27.34 -42.41
C CYS A 543 -25.67 -28.22 -41.43
N ILE A 544 -25.68 -29.53 -41.69
CA ILE A 544 -26.29 -30.45 -40.73
C ILE A 544 -25.40 -30.52 -39.49
N MET A 545 -24.09 -30.48 -39.70
CA MET A 545 -23.17 -30.55 -38.57
C MET A 545 -23.33 -29.36 -37.64
N ILE A 546 -23.55 -28.18 -38.20
CA ILE A 546 -23.73 -27.00 -37.37
C ILE A 546 -24.96 -27.20 -36.51
N GLY A 547 -26.00 -27.78 -37.08
CA GLY A 547 -27.20 -28.06 -36.32
C GLY A 547 -26.91 -29.02 -35.18
N PHE A 548 -26.09 -30.03 -35.46
CA PHE A 548 -25.73 -30.99 -34.43
C PHE A 548 -25.01 -30.31 -33.27
N ILE A 549 -24.09 -29.40 -33.59
CA ILE A 549 -23.33 -28.74 -32.54
C ILE A 549 -24.28 -27.95 -31.66
N ALA A 550 -25.24 -27.28 -32.27
CA ALA A 550 -26.20 -26.49 -31.51
C ALA A 550 -27.00 -27.40 -30.59
N TYR A 551 -27.45 -28.52 -31.13
CA TYR A 551 -28.25 -29.47 -30.35
C TYR A 551 -27.45 -30.04 -29.19
N LEU A 552 -26.19 -30.38 -29.43
CA LEU A 552 -25.37 -30.94 -28.36
C LEU A 552 -25.19 -29.93 -27.25
N PHE A 553 -25.00 -28.67 -27.61
CA PHE A 553 -24.91 -27.63 -26.59
C PHE A 553 -26.20 -27.48 -25.80
N LYS A 554 -27.34 -27.65 -26.45
CA LYS A 554 -28.62 -27.62 -25.74
C LYS A 554 -28.69 -28.72 -24.70
N ILE A 555 -28.22 -29.91 -25.06
CA ILE A 555 -28.35 -31.05 -24.16
C ILE A 555 -27.22 -31.16 -23.14
N VAL A 556 -25.99 -30.93 -23.57
CA VAL A 556 -24.88 -31.09 -22.66
C VAL A 556 -25.16 -30.28 -21.40
N PRO A 557 -25.12 -30.93 -20.24
CA PRO A 557 -25.36 -30.22 -18.99
C PRO A 557 -24.28 -29.19 -18.77
N SER A 558 -24.60 -28.11 -18.06
CA SER A 558 -23.63 -27.07 -17.81
C SER A 558 -23.12 -27.15 -16.37
N SER A 559 -21.81 -27.14 -16.20
CA SER A 559 -21.23 -27.24 -14.87
C SER A 559 -19.94 -26.46 -14.76
N LEU A 560 -19.49 -26.22 -13.53
CA LEU A 560 -18.23 -25.50 -13.34
C LEU A 560 -17.06 -26.47 -13.35
N VAL A 561 -16.89 -27.20 -12.24
CA VAL A 561 -15.79 -28.15 -12.15
C VAL A 561 -16.28 -29.50 -11.64
N PRO A 562 -15.86 -30.58 -12.32
CA PRO A 562 -16.26 -31.93 -11.89
C PRO A 562 -15.73 -32.24 -10.51
N SER A 563 -16.44 -33.09 -9.77
CA SER A 563 -16.03 -33.41 -8.41
C SER A 563 -15.01 -34.53 -8.36
N GLU A 564 -13.92 -34.32 -7.64
CA GLU A 564 -12.91 -35.35 -7.49
C GLU A 564 -12.85 -35.71 -6.02
N ASP A 565 -12.80 -37.00 -5.70
CA ASP A 565 -12.79 -37.41 -4.30
C ASP A 565 -11.62 -36.76 -3.57
N GLN A 566 -11.93 -35.82 -2.67
CA GLN A 566 -10.89 -35.10 -1.96
C GLN A 566 -9.99 -36.07 -1.20
N GLY A 567 -10.55 -37.17 -0.74
CA GLY A 567 -9.78 -38.14 0.02
C GLY A 567 -10.06 -38.05 1.50
N VAL A 568 -10.82 -37.03 1.90
CA VAL A 568 -11.20 -36.88 3.30
C VAL A 568 -12.64 -36.47 3.43
N ILE A 569 -13.39 -37.16 4.27
CA ILE A 569 -14.80 -36.84 4.45
C ILE A 569 -15.02 -36.06 5.75
N MET A 570 -15.71 -34.94 5.66
CA MET A 570 -15.96 -34.12 6.82
C MET A 570 -17.37 -34.32 7.32
N SER A 571 -17.51 -34.93 8.49
CA SER A 571 -18.85 -35.22 9.00
C SER A 571 -19.22 -34.33 10.17
N ILE A 572 -20.35 -33.64 10.06
CA ILE A 572 -20.81 -32.78 11.12
C ILE A 572 -21.85 -33.52 11.94
N ILE A 573 -21.56 -33.74 13.22
CA ILE A 573 -22.48 -34.46 14.07
C ILE A 573 -23.10 -33.52 15.08
N ASN A 574 -24.41 -33.35 15.01
CA ASN A 574 -25.09 -32.45 15.94
C ASN A 574 -26.14 -33.19 16.74
N LEU A 575 -25.85 -33.45 18.01
CA LEU A 575 -26.82 -34.10 18.86
C LEU A 575 -27.98 -33.14 19.11
N PRO A 576 -29.05 -33.61 19.76
CA PRO A 576 -30.21 -32.75 20.03
C PRO A 576 -29.83 -31.37 20.51
N SER A 577 -30.64 -30.38 20.19
CA SER A 577 -30.35 -28.99 20.55
C SER A 577 -29.78 -28.76 21.93
N GLY A 578 -30.44 -29.28 22.96
CA GLY A 578 -29.99 -29.00 24.31
C GLY A 578 -28.95 -29.95 24.85
N SER A 579 -28.53 -30.93 24.08
CA SER A 579 -27.63 -31.94 24.62
C SER A 579 -26.35 -31.40 25.20
N SER A 580 -25.98 -31.90 26.37
CA SER A 580 -24.76 -31.46 27.03
C SER A 580 -23.53 -32.10 26.44
N ILE A 581 -22.36 -31.59 26.81
CA ILE A 581 -21.13 -32.09 26.23
C ILE A 581 -20.88 -33.58 26.50
N HIS A 582 -21.23 -34.08 27.68
CA HIS A 582 -20.91 -35.47 27.95
C HIS A 582 -21.61 -36.41 27.00
N ARG A 583 -22.88 -36.13 26.69
CA ARG A 583 -23.61 -36.94 25.73
C ARG A 583 -22.95 -36.83 24.37
N THR A 584 -22.51 -35.63 24.03
CA THR A 584 -21.87 -35.39 22.74
C THR A 584 -20.60 -36.20 22.58
N ILE A 585 -19.85 -36.38 23.65
CA ILE A 585 -18.58 -37.05 23.51
C ILE A 585 -18.79 -38.55 23.38
N GLU A 586 -19.73 -39.06 24.16
CA GLU A 586 -20.05 -40.48 24.12
C GLU A 586 -20.44 -40.81 22.71
N GLU A 587 -21.21 -39.92 22.09
CA GLU A 587 -21.67 -40.14 20.72
C GLU A 587 -20.52 -40.22 19.74
N VAL A 588 -19.50 -39.40 19.94
CA VAL A 588 -18.44 -39.35 18.95
C VAL A 588 -17.47 -40.49 19.18
N ASP A 589 -17.17 -40.82 20.43
CA ASP A 589 -16.31 -41.97 20.66
C ASP A 589 -16.87 -43.21 19.99
N THR A 590 -18.19 -43.37 20.02
CA THR A 590 -18.80 -44.52 19.38
C THR A 590 -18.55 -44.50 17.89
N ILE A 591 -18.69 -43.33 17.27
CA ILE A 591 -18.44 -43.20 15.85
C ILE A 591 -16.99 -43.48 15.55
N ASN A 592 -16.09 -42.96 16.37
CA ASN A 592 -14.67 -43.16 16.17
C ASN A 592 -14.30 -44.63 16.23
N LYS A 593 -14.89 -45.36 17.17
CA LYS A 593 -14.60 -46.79 17.28
C LYS A 593 -15.04 -47.51 16.03
N ASN A 594 -16.22 -47.18 15.53
CA ASN A 594 -16.71 -47.79 14.29
C ASN A 594 -15.81 -47.40 13.13
N ALA A 595 -15.35 -46.16 13.14
CA ALA A 595 -14.47 -45.68 12.06
C ALA A 595 -13.16 -46.43 11.98
N THR A 596 -12.61 -46.85 13.12
CA THR A 596 -11.30 -47.48 13.06
C THR A 596 -11.47 -48.87 12.54
N GLN A 597 -12.62 -49.47 12.84
CA GLN A 597 -12.92 -50.78 12.29
C GLN A 597 -12.87 -50.77 10.76
N MET A 598 -13.36 -49.69 10.16
CA MET A 598 -13.37 -49.59 8.70
C MET A 598 -11.95 -49.59 8.16
N LYS A 599 -11.63 -50.58 7.34
CA LYS A 599 -10.29 -50.69 6.78
C LYS A 599 -10.01 -49.48 5.92
N GLU A 600 -11.06 -48.92 5.32
CA GLU A 600 -10.90 -47.77 4.43
C GLU A 600 -10.35 -46.51 5.09
N ILE A 601 -10.78 -46.22 6.31
CA ILE A 601 -10.38 -44.96 6.93
C ILE A 601 -9.08 -45.00 7.71
N SER A 602 -8.07 -44.28 7.24
CA SER A 602 -6.76 -44.31 7.88
C SER A 602 -6.73 -43.71 9.28
N SER A 603 -7.40 -42.59 9.48
CA SER A 603 -7.34 -41.90 10.77
C SER A 603 -8.56 -41.01 10.95
N SER A 604 -8.79 -40.52 12.17
CA SER A 604 -9.94 -39.67 12.41
C SER A 604 -9.60 -38.58 13.42
N VAL A 605 -9.93 -37.34 13.09
CA VAL A 605 -9.71 -36.25 14.05
C VAL A 605 -11.05 -35.64 14.41
N SER A 606 -11.32 -35.52 15.70
CA SER A 606 -12.60 -35.00 16.13
C SER A 606 -12.53 -33.74 16.96
N LEU A 607 -13.27 -32.72 16.56
CA LEU A 607 -13.33 -31.52 17.36
C LEU A 607 -14.69 -31.57 18.02
N ILE A 608 -14.71 -31.87 19.31
CA ILE A 608 -15.98 -31.97 20.01
C ILE A 608 -16.39 -30.61 20.55
N GLY A 609 -17.68 -30.29 20.47
CA GLY A 609 -18.15 -29.02 20.98
C GLY A 609 -17.80 -27.87 20.07
N PHE A 610 -17.21 -28.15 18.91
CA PHE A 610 -16.90 -27.10 17.97
C PHE A 610 -17.65 -27.19 16.65
N ASP A 611 -18.58 -26.28 16.40
CA ASP A 611 -19.29 -26.28 15.12
C ASP A 611 -18.48 -25.60 14.02
N LEU A 612 -18.30 -26.29 12.90
CA LEU A 612 -17.50 -25.75 11.81
C LEU A 612 -18.05 -24.49 11.18
N PHE A 613 -19.30 -24.53 10.71
CA PHE A 613 -19.85 -23.39 9.99
C PHE A 613 -19.85 -22.13 10.83
N THR A 614 -20.44 -22.19 12.01
CA THR A 614 -20.47 -21.04 12.90
C THR A 614 -19.11 -20.69 13.46
N SER A 615 -18.22 -21.68 13.55
CA SER A 615 -16.90 -21.48 14.16
C SER A 615 -17.10 -21.05 15.60
N SER A 616 -18.12 -21.60 16.24
CA SER A 616 -18.42 -21.23 17.62
C SER A 616 -18.58 -22.49 18.43
N LEU A 617 -18.41 -22.39 19.74
CA LEU A 617 -18.48 -23.59 20.56
C LEU A 617 -19.88 -23.84 21.06
N LYS A 618 -20.50 -24.89 20.54
CA LYS A 618 -21.84 -25.29 20.99
C LYS A 618 -21.66 -26.64 21.64
N GLU A 619 -22.26 -26.86 22.80
CA GLU A 619 -22.05 -28.12 23.49
C GLU A 619 -22.57 -29.31 22.68
N ASN A 620 -23.71 -29.14 22.02
CA ASN A 620 -24.30 -30.24 21.25
C ASN A 620 -23.58 -30.58 19.96
N ALA A 621 -23.01 -29.60 19.27
CA ALA A 621 -22.36 -29.85 17.98
C ALA A 621 -21.03 -30.56 18.07
N ALA A 622 -20.60 -31.26 17.02
CA ALA A 622 -19.26 -31.85 17.01
C ALA A 622 -18.88 -32.21 15.60
N ALA A 623 -17.63 -31.98 15.24
CA ALA A 623 -17.20 -32.25 13.89
C ALA A 623 -16.11 -33.29 13.86
N VAL A 624 -16.27 -34.34 13.06
CA VAL A 624 -15.24 -35.34 12.93
C VAL A 624 -14.75 -35.39 11.48
N PHE A 625 -13.45 -35.29 11.28
CA PHE A 625 -12.91 -35.42 9.94
C PHE A 625 -12.42 -36.84 9.82
N PHE A 626 -12.82 -37.54 8.77
CA PHE A 626 -12.32 -38.90 8.57
C PHE A 626 -11.30 -38.85 7.45
N ILE A 627 -10.05 -39.16 7.78
CA ILE A 627 -9.00 -39.16 6.76
C ILE A 627 -8.95 -40.53 6.12
N LEU A 628 -9.30 -40.60 4.85
CA LEU A 628 -9.30 -41.87 4.13
C LEU A 628 -7.91 -42.25 3.63
N LYS A 629 -7.75 -43.51 3.21
CA LYS A 629 -6.46 -43.98 2.73
C LYS A 629 -6.05 -43.37 1.39
N ASP A 630 -4.91 -43.78 0.88
CA ASP A 630 -4.43 -43.26 -0.41
C ASP A 630 -5.34 -43.77 -1.50
N TRP A 631 -5.43 -43.04 -2.61
CA TRP A 631 -6.35 -43.43 -3.66
C TRP A 631 -6.00 -44.81 -4.18
N SER A 632 -4.72 -45.13 -4.31
CA SER A 632 -4.38 -46.47 -4.72
C SER A 632 -4.68 -47.47 -3.63
N GLN A 633 -4.29 -47.17 -2.39
CA GLN A 633 -4.50 -48.12 -1.30
C GLN A 633 -5.96 -48.50 -1.04
N ARG A 634 -6.90 -47.73 -1.56
CA ARG A 634 -8.31 -48.01 -1.30
C ARG A 634 -9.12 -48.36 -2.55
N GLU A 635 -9.89 -49.45 -2.46
CA GLU A 635 -10.69 -49.87 -3.59
C GLU A 635 -12.06 -49.21 -3.59
N ALA A 636 -12.38 -48.49 -2.53
CA ALA A 636 -13.70 -47.85 -2.43
C ALA A 636 -13.60 -46.36 -2.67
N SER A 637 -14.55 -45.82 -3.42
CA SER A 637 -14.57 -44.38 -3.68
C SER A 637 -15.01 -43.70 -2.41
N SER A 638 -14.75 -42.41 -2.31
CA SER A 638 -15.07 -41.71 -1.08
C SER A 638 -16.55 -41.83 -0.79
N ASP A 639 -17.37 -41.73 -1.83
CA ASP A 639 -18.80 -41.76 -1.63
C ASP A 639 -19.28 -43.15 -1.26
N GLN A 640 -18.62 -44.19 -1.78
CA GLN A 640 -18.99 -45.52 -1.35
C GLN A 640 -18.69 -45.70 0.13
N ILE A 641 -17.56 -45.16 0.59
CA ILE A 641 -17.21 -45.25 2.01
C ILE A 641 -18.26 -44.52 2.84
N ILE A 642 -18.77 -43.42 2.32
CA ILE A 642 -19.75 -42.63 3.06
C ILE A 642 -20.98 -43.48 3.33
N ALA A 643 -21.40 -44.26 2.35
CA ALA A 643 -22.61 -45.05 2.50
C ALA A 643 -22.50 -46.06 3.63
N GLN A 644 -21.34 -46.72 3.72
CA GLN A 644 -21.16 -47.72 4.77
C GLN A 644 -21.26 -47.06 6.11
N LEU A 645 -20.62 -45.90 6.25
CA LEU A 645 -20.64 -45.19 7.51
C LEU A 645 -22.03 -44.73 7.87
N PHE A 646 -22.76 -44.20 6.89
CA PHE A 646 -24.10 -43.68 7.16
C PHE A 646 -25.02 -44.79 7.61
N GLY A 647 -24.95 -45.93 6.95
CA GLY A 647 -25.77 -47.06 7.33
C GLY A 647 -25.42 -47.56 8.71
N GLN A 648 -24.11 -47.61 9.02
CA GLN A 648 -23.69 -48.19 10.29
C GLN A 648 -24.20 -47.42 11.51
N TYR A 649 -24.10 -46.11 11.50
CA TYR A 649 -24.50 -45.38 12.70
C TYR A 649 -25.58 -44.29 12.58
N ALA A 650 -25.70 -43.65 11.43
CA ALA A 650 -26.66 -42.54 11.35
C ALA A 650 -28.07 -43.02 11.59
N ALA A 651 -28.45 -44.14 10.99
CA ALA A 651 -29.78 -44.71 11.23
C ALA A 651 -29.93 -45.14 12.67
N ASP A 652 -28.89 -45.73 13.24
CA ASP A 652 -28.98 -46.27 14.59
C ASP A 652 -28.86 -45.23 15.70
N ARG A 653 -27.74 -44.52 15.74
CA ARG A 653 -27.50 -43.56 16.83
C ARG A 653 -28.55 -42.48 16.91
N ASN A 654 -29.30 -42.26 15.83
CA ASN A 654 -30.39 -41.28 15.85
C ASN A 654 -29.85 -39.91 16.28
N ALA A 655 -28.64 -39.59 15.88
CA ALA A 655 -28.06 -38.28 16.18
C ALA A 655 -27.76 -37.61 14.87
N LEU A 656 -28.29 -36.41 14.66
CA LEU A 656 -28.12 -35.73 13.38
C LEU A 656 -26.67 -35.77 12.89
N SER A 657 -26.48 -36.18 11.65
CA SER A 657 -25.13 -36.26 11.10
C SER A 657 -25.11 -36.00 9.60
N TYR A 658 -24.34 -35.01 9.17
CA TYR A 658 -24.23 -34.72 7.75
C TYR A 658 -22.83 -35.02 7.26
N PHE A 659 -22.73 -35.89 6.26
CA PHE A 659 -21.41 -36.23 5.71
C PHE A 659 -21.16 -35.42 4.46
N LEU A 660 -20.28 -34.43 4.55
CA LEU A 660 -20.02 -33.58 3.40
C LEU A 660 -18.57 -33.66 2.98
N ASN A 661 -18.27 -33.20 1.77
CA ASN A 661 -16.89 -33.19 1.29
C ASN A 661 -16.16 -31.98 1.84
N LEU A 662 -14.84 -31.94 1.63
CA LEU A 662 -14.08 -30.79 2.09
C LEU A 662 -13.89 -29.80 0.94
N PRO A 663 -14.29 -28.55 1.15
CA PRO A 663 -14.10 -27.53 0.12
C PRO A 663 -13.05 -26.50 0.52
N PRO A 664 -11.93 -26.44 -0.22
CA PRO A 664 -10.94 -25.41 0.07
C PRO A 664 -11.59 -24.05 0.14
N ILE A 665 -12.44 -23.73 -0.83
CA ILE A 665 -13.15 -22.46 -0.82
C ILE A 665 -14.63 -22.74 -0.76
N PRO A 666 -15.34 -22.14 0.21
CA PRO A 666 -16.76 -22.45 0.38
C PRO A 666 -17.49 -22.48 -0.96
N GLY A 667 -17.23 -21.51 -1.83
CA GLY A 667 -17.93 -21.45 -3.10
C GLY A 667 -17.10 -21.86 -4.29
N LEU A 668 -15.88 -21.34 -4.39
CA LEU A 668 -15.04 -21.63 -5.56
C LEU A 668 -14.75 -23.12 -5.70
N SER A 669 -14.36 -23.75 -4.60
CA SER A 669 -14.08 -25.18 -4.63
C SER A 669 -15.32 -25.96 -5.00
N LEU A 670 -16.46 -25.59 -4.43
CA LEU A 670 -17.70 -26.31 -4.68
C LEU A 670 -18.42 -25.80 -5.92
N THR A 671 -19.64 -26.29 -6.15
CA THR A 671 -20.40 -25.86 -7.31
C THR A 671 -21.91 -25.96 -7.08
N GLY A 672 -22.61 -24.83 -7.12
CA GLY A 672 -24.04 -24.84 -6.97
C GLY A 672 -24.58 -24.77 -5.55
N GLY A 673 -23.70 -24.81 -4.56
CA GLY A 673 -24.15 -24.79 -3.19
C GLY A 673 -24.60 -23.41 -2.77
N PHE A 674 -25.53 -22.83 -3.52
CA PHE A 674 -25.99 -21.48 -3.22
C PHE A 674 -26.46 -21.39 -1.76
N GLU A 675 -25.87 -20.48 -1.00
CA GLU A 675 -26.28 -20.32 0.39
C GLU A 675 -26.96 -18.99 0.68
N MET A 676 -28.08 -18.72 0.00
CA MET A 676 -28.76 -17.43 0.17
C MET A 676 -29.29 -17.11 1.56
N TYR A 677 -29.17 -15.84 1.95
CA TYR A 677 -29.68 -15.39 3.25
C TYR A 677 -31.04 -14.70 3.11
N ALA A 678 -31.97 -14.98 4.01
CA ALA A 678 -33.24 -14.27 4.00
C ALA A 678 -33.16 -13.25 5.10
N GLN A 679 -32.79 -12.00 4.81
CA GLN A 679 -32.65 -11.07 5.90
C GLN A 679 -33.96 -10.34 6.13
N ASN A 680 -34.51 -10.50 7.32
CA ASN A 680 -35.75 -9.84 7.62
C ASN A 680 -35.53 -8.34 7.70
N LYS A 681 -36.49 -7.58 7.20
CA LYS A 681 -36.40 -6.14 7.30
C LYS A 681 -37.17 -5.86 8.55
N SER A 682 -38.38 -6.39 8.58
CA SER A 682 -39.27 -6.21 9.72
C SER A 682 -38.68 -6.79 10.99
N GLY A 683 -39.11 -6.29 12.13
CA GLY A 683 -38.64 -6.83 13.39
C GLY A 683 -39.63 -7.84 13.93
N LYS A 684 -39.34 -9.13 13.74
CA LYS A 684 -40.23 -10.16 14.25
C LYS A 684 -39.48 -11.21 15.05
N ASP A 685 -40.20 -11.95 15.89
CA ASP A 685 -39.56 -12.96 16.72
C ASP A 685 -38.85 -14.00 15.88
N TYR A 686 -37.70 -14.45 16.34
CA TYR A 686 -36.98 -15.48 15.62
C TYR A 686 -37.86 -16.70 15.51
N ASP A 687 -38.76 -16.87 16.47
CA ASP A 687 -39.69 -17.99 16.39
C ASP A 687 -40.53 -17.86 15.15
N ALA A 688 -41.07 -16.66 14.93
CA ALA A 688 -41.89 -16.44 13.76
C ALA A 688 -41.05 -16.65 12.52
N ILE A 689 -39.81 -16.17 12.56
CA ILE A 689 -38.92 -16.32 11.43
C ILE A 689 -38.75 -17.80 11.13
N GLN A 690 -38.58 -18.60 12.18
CA GLN A 690 -38.38 -20.01 11.98
C GLN A 690 -39.57 -20.56 11.24
N GLN A 691 -40.76 -20.20 11.70
CA GLN A 691 -41.95 -20.66 11.03
C GLN A 691 -41.92 -20.22 9.60
N ASP A 692 -41.79 -18.93 9.38
CA ASP A 692 -41.80 -18.39 8.03
C ASP A 692 -40.79 -19.08 7.13
N VAL A 693 -39.62 -19.39 7.67
CA VAL A 693 -38.59 -19.95 6.83
C VAL A 693 -38.79 -21.45 6.67
N ASN A 694 -39.71 -22.02 7.44
CA ASN A 694 -40.01 -23.42 7.25
C ASN A 694 -41.02 -23.54 6.13
N LYS A 695 -41.90 -22.56 5.99
CA LYS A 695 -42.81 -22.56 4.86
C LYS A 695 -42.06 -22.46 3.56
N MET A 696 -41.09 -21.55 3.49
CA MET A 696 -40.34 -21.38 2.27
C MET A 696 -39.59 -22.68 1.97
N LEU A 697 -39.18 -23.38 3.02
CA LEU A 697 -38.48 -24.65 2.83
C LEU A 697 -39.40 -25.67 2.17
N GLU A 698 -40.65 -25.72 2.59
CA GLU A 698 -41.60 -26.63 1.97
C GLU A 698 -41.83 -26.28 0.52
N LEU A 699 -41.94 -24.99 0.22
CA LEU A 699 -42.12 -24.56 -1.16
C LEU A 699 -40.90 -24.92 -1.98
N ALA A 700 -39.72 -24.80 -1.40
CA ALA A 700 -38.49 -25.16 -2.08
C ALA A 700 -38.51 -26.65 -2.40
N ARG A 701 -39.04 -27.45 -1.49
CA ARG A 701 -39.16 -28.88 -1.76
C ARG A 701 -40.07 -29.12 -2.95
N THR A 702 -41.13 -28.33 -3.07
CA THR A 702 -42.07 -28.54 -4.16
C THR A 702 -41.53 -27.89 -5.43
N ARG A 703 -40.57 -26.97 -5.32
CA ARG A 703 -39.94 -26.43 -6.52
C ARG A 703 -39.41 -27.58 -7.33
N LYS A 704 -39.35 -27.43 -8.65
CA LYS A 704 -39.02 -28.56 -9.48
C LYS A 704 -37.56 -28.99 -9.47
N GLU A 705 -36.62 -28.06 -9.33
CA GLU A 705 -35.23 -28.51 -9.36
C GLU A 705 -34.34 -27.84 -8.32
N LEU A 706 -34.53 -28.20 -7.05
CA LEU A 706 -33.68 -27.65 -6.00
C LEU A 706 -33.39 -28.88 -5.18
N ALA A 707 -32.19 -29.01 -4.64
CA ALA A 707 -31.85 -30.24 -3.92
C ALA A 707 -31.36 -30.04 -2.51
N ASN A 708 -31.84 -30.86 -1.57
CA ASN A 708 -31.34 -30.80 -0.19
C ASN A 708 -31.41 -29.42 0.44
N VAL A 709 -32.48 -28.68 0.16
CA VAL A 709 -32.58 -27.32 0.68
C VAL A 709 -32.67 -27.36 2.19
N ARG A 710 -31.82 -26.61 2.88
CA ARG A 710 -31.81 -26.65 4.33
C ARG A 710 -31.62 -25.28 4.97
N THR A 711 -32.13 -25.11 6.18
CA THR A 711 -31.95 -23.87 6.91
C THR A 711 -31.16 -24.17 8.16
N THR A 712 -30.17 -23.34 8.45
CA THR A 712 -29.32 -23.57 9.60
C THR A 712 -29.93 -23.00 10.87
N LEU A 713 -30.89 -22.10 10.74
CA LEU A 713 -31.44 -21.46 11.93
C LEU A 713 -32.17 -22.47 12.81
N ASP A 714 -32.00 -22.36 14.12
CA ASP A 714 -32.69 -23.26 15.04
C ASP A 714 -33.18 -22.47 16.23
N THR A 715 -34.48 -22.57 16.52
CA THR A 715 -35.03 -21.85 17.64
C THR A 715 -35.57 -22.82 18.67
N SER A 716 -34.90 -23.96 18.82
CA SER A 716 -35.38 -24.98 19.75
C SER A 716 -34.60 -25.01 21.05
N PHE A 717 -33.32 -24.63 20.99
CA PHE A 717 -32.48 -24.68 22.18
C PHE A 717 -33.21 -24.19 23.42
N PRO A 718 -33.05 -24.92 24.54
CA PRO A 718 -33.78 -24.55 25.76
C PRO A 718 -33.08 -23.48 26.57
N GLN A 719 -33.78 -22.39 26.87
CA GLN A 719 -33.19 -21.29 27.61
C GLN A 719 -34.09 -20.85 28.76
N TYR A 720 -33.52 -20.62 29.94
CA TYR A 720 -34.34 -20.12 31.04
C TYR A 720 -34.47 -18.61 30.96
N LYS A 721 -35.69 -18.10 31.02
CA LYS A 721 -35.93 -16.68 30.93
C LYS A 721 -35.99 -16.09 32.31
N LEU A 722 -35.15 -15.09 32.59
CA LEU A 722 -35.12 -14.53 33.93
C LEU A 722 -36.15 -13.42 33.99
N ILE A 723 -37.04 -13.49 34.97
CA ILE A 723 -38.05 -12.47 35.12
C ILE A 723 -37.59 -11.62 36.27
N ILE A 724 -37.43 -10.32 36.05
CA ILE A 724 -36.89 -9.47 37.09
C ILE A 724 -37.96 -8.65 37.76
N ASP A 725 -38.37 -9.02 38.98
CA ASP A 725 -39.32 -8.20 39.72
C ASP A 725 -38.61 -6.96 40.24
N ARG A 726 -38.64 -5.86 39.50
CA ARG A 726 -37.92 -4.68 39.94
C ARG A 726 -38.43 -4.14 41.26
N ASP A 727 -39.74 -4.16 41.45
CA ASP A 727 -40.32 -3.65 42.68
C ASP A 727 -39.87 -4.46 43.88
N LYS A 728 -39.86 -5.78 43.76
CA LYS A 728 -39.40 -6.63 44.85
C LYS A 728 -37.95 -6.32 45.19
N MET A 729 -37.13 -6.16 44.16
CA MET A 729 -35.72 -5.93 44.36
C MET A 729 -35.45 -4.63 45.09
N LYS A 730 -36.16 -3.58 44.70
CA LYS A 730 -36.02 -2.30 45.36
C LYS A 730 -36.48 -2.36 46.80
N TYR A 731 -37.52 -3.15 47.06
CA TYR A 731 -38.03 -3.30 48.41
C TYR A 731 -36.93 -3.86 49.28
N TYR A 732 -36.12 -4.74 48.71
CA TYR A 732 -35.02 -5.33 49.46
C TYR A 732 -33.78 -4.44 49.41
N ASN A 733 -33.90 -3.25 48.82
CA ASN A 733 -32.79 -2.30 48.74
C ASN A 733 -31.57 -2.86 48.04
N LEU A 734 -31.79 -3.57 46.94
CA LEU A 734 -30.68 -4.17 46.22
C LEU A 734 -30.45 -3.52 44.87
N ASN A 735 -29.19 -3.15 44.59
CA ASN A 735 -28.87 -2.59 43.29
C ASN A 735 -28.96 -3.70 42.27
N MET A 736 -29.24 -3.38 41.02
CA MET A 736 -29.46 -4.43 40.04
C MET A 736 -28.13 -4.95 39.54
N GLN A 737 -27.13 -4.08 39.48
CA GLN A 737 -25.83 -4.51 39.04
C GLN A 737 -25.24 -5.52 40.01
N ASP A 738 -25.42 -5.27 41.29
CA ASP A 738 -24.91 -6.19 42.30
C ASP A 738 -25.58 -7.54 42.19
N VAL A 739 -26.88 -7.53 41.97
CA VAL A 739 -27.61 -8.79 41.81
C VAL A 739 -26.93 -9.65 40.77
N PHE A 740 -26.85 -9.10 39.56
CA PHE A 740 -26.27 -9.85 38.44
C PHE A 740 -24.81 -10.21 38.60
N ASN A 741 -24.06 -9.38 39.31
CA ASN A 741 -22.67 -9.68 39.54
C ASN A 741 -22.63 -10.93 40.39
N THR A 742 -23.56 -11.08 41.33
CA THR A 742 -23.63 -12.29 42.13
C THR A 742 -23.97 -13.47 41.24
N ILE A 743 -24.88 -13.31 40.30
CA ILE A 743 -25.30 -14.44 39.47
C ILE A 743 -24.22 -14.77 38.47
N SER A 744 -23.59 -13.77 37.90
CA SER A 744 -22.48 -14.02 36.99
C SER A 744 -21.38 -14.73 37.75
N ALA A 745 -21.16 -14.33 38.99
CA ALA A 745 -20.16 -15.01 39.80
C ALA A 745 -20.47 -16.47 40.08
N THR A 746 -21.74 -16.79 40.37
CA THR A 746 -22.03 -18.17 40.75
C THR A 746 -22.44 -19.10 39.61
N ILE A 747 -23.57 -18.83 38.96
CA ILE A 747 -24.00 -19.67 37.86
C ILE A 747 -23.01 -19.54 36.71
N GLY A 748 -22.58 -18.31 36.43
CA GLY A 748 -21.62 -18.08 35.36
C GLY A 748 -20.19 -18.07 35.81
N THR A 749 -19.27 -17.73 34.92
CA THR A 749 -17.87 -17.64 35.27
C THR A 749 -17.45 -16.17 35.25
N TYR A 750 -16.80 -15.69 36.30
CA TYR A 750 -16.42 -14.29 36.37
C TYR A 750 -14.91 -14.14 36.43
N TYR A 751 -14.34 -13.32 35.55
CA TYR A 751 -12.88 -13.14 35.53
C TYR A 751 -12.49 -11.92 36.33
N VAL A 752 -12.02 -12.13 37.55
CA VAL A 752 -11.54 -11.03 38.38
C VAL A 752 -10.24 -10.38 37.95
N ASN A 753 -9.12 -11.10 38.07
CA ASN A 753 -7.79 -10.57 37.79
C ASN A 753 -6.85 -11.68 37.35
N ASP A 754 -5.71 -11.32 36.79
CA ASP A 754 -4.74 -12.34 36.41
C ASP A 754 -3.86 -12.80 37.57
N PHE A 755 -3.35 -14.02 37.49
CA PHE A 755 -2.43 -14.52 38.50
C PHE A 755 -1.21 -15.00 37.75
N PRO A 756 -0.02 -14.97 38.40
CA PRO A 756 1.15 -15.32 37.60
C PRO A 756 1.62 -16.78 37.68
N MET A 757 1.64 -17.47 36.55
CA MET A 757 2.15 -18.84 36.52
C MET A 757 3.00 -19.04 35.27
N LEU A 758 4.14 -19.73 35.40
CA LEU A 758 4.99 -20.04 34.25
C LEU A 758 5.41 -18.82 33.44
N GLY A 759 5.69 -17.72 34.12
CA GLY A 759 6.10 -16.50 33.44
C GLY A 759 5.04 -15.96 32.52
N LYS A 760 3.78 -16.22 32.83
CA LYS A 760 2.68 -15.78 32.00
C LYS A 760 1.56 -15.34 32.90
N ASN A 761 0.62 -14.55 32.37
CA ASN A 761 -0.52 -14.16 33.18
C ASN A 761 -1.70 -15.05 32.84
N PHE A 762 -2.28 -15.69 33.84
CA PHE A 762 -3.38 -16.60 33.63
C PHE A 762 -4.57 -16.15 34.47
N GLN A 763 -5.77 -16.15 33.89
CA GLN A 763 -6.94 -15.61 34.59
C GLN A 763 -7.41 -16.30 35.86
N VAL A 764 -8.04 -15.55 36.76
CA VAL A 764 -8.61 -16.13 37.99
C VAL A 764 -10.11 -16.07 37.89
N ASN A 765 -10.76 -17.21 37.73
CA ASN A 765 -12.19 -17.23 37.54
C ASN A 765 -12.97 -17.74 38.74
N ILE A 766 -14.02 -17.04 39.12
CA ILE A 766 -14.83 -17.45 40.25
C ILE A 766 -16.15 -18.03 39.76
N ARG A 767 -16.47 -19.25 40.16
CA ARG A 767 -17.72 -19.88 39.76
C ARG A 767 -18.23 -20.76 40.89
N ALA A 768 -19.53 -21.03 40.94
CA ALA A 768 -20.07 -21.91 41.96
C ALA A 768 -19.74 -23.36 41.66
N LEU A 769 -19.94 -24.25 42.64
CA LEU A 769 -19.73 -25.66 42.37
C LEU A 769 -20.77 -26.08 41.38
N GLY A 770 -20.41 -26.99 40.47
CA GLY A 770 -21.34 -27.40 39.44
C GLY A 770 -22.66 -27.85 39.98
N ASP A 771 -22.64 -28.54 41.12
CA ASP A 771 -23.88 -29.08 41.68
C ASP A 771 -24.90 -28.00 41.95
N PHE A 772 -24.46 -26.87 42.49
CA PHE A 772 -25.38 -25.79 42.82
C PHE A 772 -26.03 -25.20 41.58
N ARG A 773 -25.26 -25.06 40.51
CA ARG A 773 -25.79 -24.51 39.27
C ARG A 773 -26.23 -25.61 38.32
N ASN A 774 -26.31 -26.84 38.84
CA ASN A 774 -26.66 -27.97 37.99
C ASN A 774 -28.10 -27.92 37.51
N THR A 775 -29.01 -27.55 38.39
CA THR A 775 -30.42 -27.57 38.03
C THR A 775 -31.07 -26.22 38.11
N GLN A 776 -32.36 -26.15 37.80
CA GLN A 776 -33.08 -24.89 37.90
C GLN A 776 -33.35 -24.61 39.36
N ASP A 777 -34.03 -23.52 39.66
CA ASP A 777 -34.31 -23.15 41.04
C ASP A 777 -33.01 -22.90 41.78
N ALA A 778 -31.89 -23.04 41.08
CA ALA A 778 -30.60 -22.85 41.73
C ALA A 778 -30.60 -21.53 42.47
N LEU A 779 -31.43 -20.61 42.03
CA LEU A 779 -31.46 -19.29 42.64
C LEU A 779 -31.76 -19.35 44.13
N LYS A 780 -32.54 -20.34 44.56
CA LYS A 780 -32.93 -20.42 45.95
C LYS A 780 -31.72 -20.49 46.88
N ASN A 781 -30.67 -21.18 46.45
CA ASN A 781 -29.49 -21.34 47.30
C ASN A 781 -28.66 -20.06 47.39
N ILE A 782 -28.50 -19.38 46.27
CA ILE A 782 -27.71 -18.15 46.23
C ILE A 782 -28.30 -17.09 47.14
N TYR A 783 -27.47 -16.34 47.85
CA TYR A 783 -27.97 -15.27 48.71
C TYR A 783 -27.22 -13.97 48.47
N ILE A 784 -27.94 -12.87 48.34
CA ILE A 784 -27.32 -11.57 48.13
C ILE A 784 -27.66 -10.62 49.25
N ARG A 785 -26.65 -10.12 49.95
CA ARG A 785 -26.88 -9.20 51.03
C ARG A 785 -27.48 -7.91 50.53
N SER A 786 -28.44 -7.37 51.29
CA SER A 786 -29.05 -6.12 50.93
C SER A 786 -28.18 -4.99 51.43
N SER A 787 -28.65 -3.76 51.35
CA SER A 787 -27.89 -2.67 51.95
C SER A 787 -27.85 -3.01 53.43
N ASP A 788 -28.96 -3.51 53.95
CA ASP A 788 -28.98 -3.96 55.34
C ASP A 788 -28.24 -5.28 55.42
N ASN A 789 -27.82 -5.66 56.61
CA ASN A 789 -27.01 -6.88 56.75
C ASN A 789 -27.74 -8.14 56.31
N LYS A 790 -29.06 -8.12 56.31
CA LYS A 790 -29.82 -9.31 55.96
C LYS A 790 -29.52 -9.81 54.55
N MET A 791 -29.38 -11.12 54.40
CA MET A 791 -29.08 -11.70 53.10
C MET A 791 -30.38 -12.11 52.46
N ILE A 792 -30.61 -11.70 51.22
CA ILE A 792 -31.87 -11.99 50.55
C ILE A 792 -31.74 -13.12 49.53
N PRO A 793 -32.62 -14.17 49.58
CA PRO A 793 -32.45 -15.19 48.54
C PRO A 793 -32.68 -14.62 47.15
N LEU A 794 -31.92 -15.10 46.18
CA LEU A 794 -32.06 -14.63 44.80
C LEU A 794 -33.42 -14.98 44.30
N ASN A 795 -33.95 -16.11 44.74
CA ASN A 795 -35.25 -16.57 44.26
C ASN A 795 -36.38 -15.59 44.52
N SER A 796 -36.31 -14.86 45.61
CA SER A 796 -37.40 -13.95 45.96
C SER A 796 -37.69 -12.91 44.88
N PHE A 797 -36.68 -12.18 44.45
CA PHE A 797 -36.88 -11.19 43.39
C PHE A 797 -36.73 -11.70 41.96
N LEU A 798 -36.18 -12.89 41.79
CA LEU A 798 -35.94 -13.39 40.43
C LEU A 798 -36.60 -14.74 40.12
N THR A 799 -37.23 -14.85 38.97
CA THR A 799 -37.86 -16.10 38.59
C THR A 799 -37.34 -16.63 37.28
N LEU A 800 -37.08 -17.92 37.20
CA LEU A 800 -36.60 -18.52 35.96
C LEU A 800 -37.69 -19.36 35.33
N VAL A 801 -38.03 -19.07 34.09
CA VAL A 801 -39.05 -19.84 33.39
C VAL A 801 -38.48 -20.43 32.11
N ARG A 802 -38.84 -21.68 31.81
CA ARG A 802 -38.26 -22.32 30.63
C ARG A 802 -38.84 -21.81 29.33
N SER A 803 -37.97 -21.43 28.41
CA SER A 803 -38.40 -20.92 27.11
C SER A 803 -37.50 -21.50 26.03
N ALA A 804 -37.96 -21.46 24.78
CA ALA A 804 -37.13 -21.93 23.68
C ALA A 804 -36.62 -20.74 22.89
N GLY A 805 -35.32 -20.72 22.60
CA GLY A 805 -34.75 -19.65 21.83
C GLY A 805 -33.64 -20.14 20.93
N PRO A 806 -33.03 -19.22 20.17
CA PRO A 806 -31.94 -19.60 19.28
C PRO A 806 -30.59 -19.32 19.92
N ASP A 807 -29.72 -20.32 19.95
CA ASP A 807 -28.38 -20.13 20.50
C ASP A 807 -27.54 -19.23 19.61
N ASP A 808 -27.65 -19.40 18.30
CA ASP A 808 -26.83 -18.62 17.39
C ASP A 808 -27.65 -17.57 16.67
N VAL A 809 -27.57 -16.33 17.11
CA VAL A 809 -28.26 -15.26 16.43
C VAL A 809 -27.41 -14.81 15.27
N LYS A 810 -27.94 -14.91 14.05
CA LYS A 810 -27.16 -14.55 12.87
C LYS A 810 -27.70 -13.28 12.25
N ARG A 811 -26.81 -12.37 11.87
CA ARG A 811 -27.23 -11.13 11.23
C ARG A 811 -26.49 -10.94 9.93
N PHE A 812 -27.20 -10.55 8.88
CA PHE A 812 -26.55 -10.34 7.59
C PHE A 812 -26.82 -8.93 7.12
N ASN A 813 -25.77 -8.16 6.93
CA ASN A 813 -25.90 -6.78 6.45
C ASN A 813 -26.77 -6.02 7.42
N LEU A 814 -26.52 -6.14 8.72
CA LEU A 814 -27.24 -5.35 9.72
C LEU A 814 -28.70 -5.68 9.91
N PHE A 815 -29.15 -6.82 9.39
CA PHE A 815 -30.52 -7.24 9.57
C PHE A 815 -30.56 -8.67 10.07
N PRO A 816 -31.39 -8.93 11.08
CA PRO A 816 -31.52 -10.31 11.55
C PRO A 816 -31.80 -11.17 10.35
N ALA A 817 -31.13 -12.31 10.22
CA ALA A 817 -31.30 -13.12 9.03
C ALA A 817 -31.16 -14.61 9.26
N ALA A 818 -31.68 -15.40 8.33
CA ALA A 818 -31.55 -16.84 8.44
C ALA A 818 -30.76 -17.34 7.26
N LEU A 819 -30.11 -18.48 7.41
CA LEU A 819 -29.27 -19.01 6.34
C LEU A 819 -29.96 -20.15 5.61
N ILE A 820 -30.43 -19.90 4.41
CA ILE A 820 -31.02 -20.99 3.65
C ILE A 820 -29.97 -21.54 2.71
N GLN A 821 -29.63 -22.81 2.86
CA GLN A 821 -28.60 -23.40 2.03
C GLN A 821 -29.24 -24.33 1.03
N GLY A 822 -28.91 -24.16 -0.24
CA GLY A 822 -29.53 -24.97 -1.27
C GLY A 822 -28.53 -25.56 -2.24
N ASP A 823 -28.94 -26.61 -2.94
CA ASP A 823 -28.10 -27.22 -3.96
C ASP A 823 -28.94 -27.46 -5.20
N PRO A 824 -28.35 -27.31 -6.39
CA PRO A 824 -29.16 -27.46 -7.61
C PRO A 824 -29.42 -28.92 -7.96
N ALA A 825 -30.68 -29.27 -8.22
CA ALA A 825 -31.01 -30.64 -8.61
C ALA A 825 -30.32 -31.02 -9.91
N PRO A 826 -30.12 -32.33 -10.13
CA PRO A 826 -29.34 -32.67 -11.34
C PRO A 826 -29.97 -32.09 -12.60
N GLY A 827 -31.29 -32.02 -12.66
CA GLY A 827 -31.97 -31.53 -13.85
C GLY A 827 -31.71 -30.09 -14.25
N TYR A 828 -31.22 -29.27 -13.32
CA TYR A 828 -31.03 -27.86 -13.61
C TYR A 828 -29.61 -27.40 -13.37
N THR A 829 -29.21 -26.33 -14.06
CA THR A 829 -27.90 -25.77 -13.81
C THR A 829 -27.96 -24.95 -12.53
N SER A 830 -26.82 -24.69 -11.93
CA SER A 830 -26.81 -23.96 -10.66
C SER A 830 -27.54 -22.64 -10.81
N GLY A 831 -27.28 -21.94 -11.90
CA GLY A 831 -27.93 -20.66 -12.10
C GLY A 831 -29.43 -20.80 -12.02
N GLN A 832 -29.99 -21.65 -12.87
CA GLN A 832 -31.43 -21.86 -12.86
C GLN A 832 -31.90 -22.12 -11.44
N ALA A 833 -31.12 -22.91 -10.71
CA ALA A 833 -31.47 -23.21 -9.32
C ALA A 833 -31.46 -21.94 -8.47
N ILE A 834 -30.47 -21.08 -8.71
CA ILE A 834 -30.37 -19.85 -7.96
C ILE A 834 -31.60 -18.99 -8.18
N ASP A 835 -32.10 -18.97 -9.41
CA ASP A 835 -33.23 -18.11 -9.67
C ASP A 835 -34.51 -18.79 -9.24
N ALA A 836 -34.49 -20.12 -9.16
CA ALA A 836 -35.66 -20.83 -8.69
C ALA A 836 -35.91 -20.57 -7.21
N ILE A 837 -34.87 -20.69 -6.40
CA ILE A 837 -35.02 -20.44 -4.96
C ILE A 837 -35.45 -19.00 -4.74
N ALA A 838 -34.92 -18.08 -5.54
CA ALA A 838 -35.30 -16.69 -5.40
C ALA A 838 -36.79 -16.51 -5.51
N GLU A 839 -37.45 -17.27 -6.38
CA GLU A 839 -38.87 -17.04 -6.57
C GLU A 839 -39.62 -17.72 -5.45
N VAL A 840 -39.05 -18.77 -4.88
CA VAL A 840 -39.71 -19.37 -3.73
C VAL A 840 -39.69 -18.38 -2.58
N ALA A 841 -38.55 -17.73 -2.37
CA ALA A 841 -38.43 -16.75 -1.30
C ALA A 841 -39.33 -15.56 -1.57
N LYS A 842 -39.40 -15.14 -2.82
CA LYS A 842 -40.23 -14.00 -3.17
C LYS A 842 -41.68 -14.28 -2.92
N GLN A 843 -42.10 -15.52 -3.14
CA GLN A 843 -43.52 -15.81 -3.01
C GLN A 843 -43.92 -15.92 -1.55
N SER A 844 -43.10 -16.53 -0.70
CA SER A 844 -43.52 -16.71 0.68
C SER A 844 -42.93 -15.77 1.73
N LEU A 845 -41.91 -15.01 1.36
CA LEU A 845 -41.26 -14.12 2.32
C LEU A 845 -41.16 -12.72 1.78
N GLY A 846 -41.89 -12.42 0.71
CA GLY A 846 -41.73 -11.12 0.08
C GLY A 846 -41.99 -9.85 0.85
N ASP A 847 -43.06 -9.83 1.65
CA ASP A 847 -43.42 -8.59 2.33
C ASP A 847 -42.36 -8.08 3.30
N GLU A 848 -41.82 -8.96 4.14
CA GLU A 848 -40.88 -8.49 5.15
C GLU A 848 -39.44 -8.92 4.91
N TYR A 849 -39.25 -10.13 4.41
CA TYR A 849 -37.89 -10.64 4.22
C TYR A 849 -37.26 -10.16 2.93
N SER A 850 -35.94 -9.98 2.94
CA SER A 850 -35.25 -9.58 1.73
C SER A 850 -34.31 -10.69 1.31
N ILE A 851 -34.30 -11.01 0.02
CA ILE A 851 -33.40 -12.03 -0.47
C ILE A 851 -32.00 -11.45 -0.53
N ALA A 852 -31.01 -12.23 -0.08
CA ALA A 852 -29.63 -11.78 -0.14
C ALA A 852 -28.81 -12.99 -0.53
N TRP A 853 -27.62 -12.78 -1.07
CA TRP A 853 -26.82 -13.92 -1.54
C TRP A 853 -25.38 -13.82 -1.09
N SER A 854 -24.77 -14.97 -0.83
CA SER A 854 -23.40 -14.99 -0.34
C SER A 854 -22.50 -15.87 -1.18
N GLY A 855 -21.19 -15.69 -1.09
CA GLY A 855 -20.30 -16.62 -1.77
C GLY A 855 -20.34 -16.64 -3.27
N SER A 856 -20.44 -17.84 -3.82
CA SER A 856 -20.53 -18.00 -5.27
C SER A 856 -21.80 -17.36 -5.78
N ALA A 857 -22.88 -17.49 -5.04
CA ALA A 857 -24.15 -16.96 -5.49
C ALA A 857 -24.12 -15.45 -5.69
N TYR A 858 -23.51 -14.71 -4.77
CA TYR A 858 -23.41 -13.27 -4.96
C TYR A 858 -22.59 -13.02 -6.21
N GLN A 859 -21.50 -13.76 -6.37
CA GLN A 859 -20.63 -13.50 -7.50
C GLN A 859 -21.39 -13.72 -8.79
N GLU A 860 -22.16 -14.80 -8.86
CA GLU A 860 -22.92 -15.08 -10.07
C GLU A 860 -24.01 -14.06 -10.36
N VAL A 861 -24.78 -13.67 -9.35
CA VAL A 861 -25.88 -12.73 -9.58
C VAL A 861 -25.38 -11.34 -9.97
N SER A 862 -24.30 -10.89 -9.37
CA SER A 862 -23.79 -9.55 -9.66
C SER A 862 -22.73 -9.56 -10.73
N SER A 863 -22.46 -10.71 -11.33
CA SER A 863 -21.38 -10.79 -12.30
C SER A 863 -21.59 -9.89 -13.50
N LYS A 864 -22.81 -9.85 -14.04
CA LYS A 864 -23.07 -9.07 -15.26
C LYS A 864 -21.88 -9.22 -16.16
N GLY A 865 -21.39 -10.45 -16.31
CA GLY A 865 -20.18 -10.68 -17.07
C GLY A 865 -20.12 -10.27 -18.52
N ALA A 866 -19.03 -9.63 -18.90
CA ALA A 866 -18.83 -9.24 -20.28
C ALA A 866 -18.07 -10.37 -20.98
N GLY A 867 -17.67 -10.14 -22.22
CA GLY A 867 -16.93 -11.14 -22.94
C GLY A 867 -17.78 -12.10 -23.74
N ALA A 868 -19.09 -11.90 -23.75
CA ALA A 868 -19.94 -12.73 -24.59
C ALA A 868 -19.52 -12.42 -26.02
N TYR A 869 -19.27 -11.15 -26.30
CA TYR A 869 -18.86 -10.74 -27.63
C TYR A 869 -17.42 -11.15 -27.88
N ALA A 870 -16.60 -11.17 -26.85
CA ALA A 870 -15.20 -11.59 -26.98
C ALA A 870 -14.94 -12.77 -27.92
N PHE A 871 -15.73 -13.84 -27.82
CA PHE A 871 -15.44 -14.99 -28.65
C PHE A 871 -15.60 -14.64 -30.13
N VAL A 872 -16.64 -13.89 -30.45
CA VAL A 872 -16.86 -13.47 -31.83
C VAL A 872 -15.70 -12.58 -32.24
N LEU A 873 -15.28 -11.70 -31.34
CA LEU A 873 -14.18 -10.79 -31.64
C LEU A 873 -12.91 -11.55 -31.96
N GLY A 874 -12.63 -12.61 -31.20
CA GLY A 874 -11.44 -13.39 -31.45
C GLY A 874 -11.45 -13.87 -32.88
N MET A 875 -12.57 -14.41 -33.33
CA MET A 875 -12.67 -14.89 -34.70
C MET A 875 -12.52 -13.77 -35.72
N ILE A 876 -13.09 -12.61 -35.42
CA ILE A 876 -12.97 -11.47 -36.32
C ILE A 876 -11.50 -11.08 -36.43
N PHE A 877 -10.81 -11.03 -35.32
CA PHE A 877 -9.37 -10.75 -35.36
C PHE A 877 -8.69 -11.74 -36.26
N VAL A 878 -9.00 -13.02 -36.08
CA VAL A 878 -8.39 -14.07 -36.89
C VAL A 878 -8.72 -13.84 -38.35
N PHE A 879 -9.95 -13.41 -38.62
CA PHE A 879 -10.38 -13.19 -39.99
C PHE A 879 -9.53 -12.11 -40.61
N LEU A 880 -9.16 -11.10 -39.84
CA LEU A 880 -8.44 -9.99 -40.43
C LEU A 880 -6.96 -10.35 -40.61
N ILE A 881 -6.35 -11.01 -39.62
CA ILE A 881 -4.92 -11.27 -39.74
C ILE A 881 -4.74 -12.22 -40.89
N LEU A 882 -5.72 -13.08 -41.10
CA LEU A 882 -5.68 -13.98 -42.24
C LEU A 882 -5.85 -13.31 -43.58
N ALA A 883 -6.70 -12.29 -43.65
CA ALA A 883 -6.98 -11.70 -44.95
C ALA A 883 -5.84 -10.78 -45.28
N ALA A 884 -4.92 -10.58 -44.36
CA ALA A 884 -3.75 -9.80 -44.70
C ALA A 884 -2.65 -10.75 -45.13
N GLN A 885 -2.58 -11.92 -44.53
CA GLN A 885 -1.59 -12.90 -44.96
C GLN A 885 -1.98 -13.34 -46.36
N TYR A 886 -3.21 -13.80 -46.51
CA TYR A 886 -3.70 -14.24 -47.82
C TYR A 886 -3.78 -13.11 -48.83
N GLU A 887 -3.97 -11.87 -48.37
CA GLU A 887 -4.14 -10.71 -49.25
C GLU A 887 -5.44 -10.84 -50.01
N ARG A 888 -6.27 -11.79 -49.62
CA ARG A 888 -7.58 -11.96 -50.25
C ARG A 888 -8.64 -11.98 -49.17
N TRP A 889 -9.61 -11.07 -49.25
CA TRP A 889 -10.67 -11.01 -48.25
C TRP A 889 -11.45 -12.31 -48.17
N LEU A 890 -11.69 -12.93 -49.32
CA LEU A 890 -12.47 -14.16 -49.36
C LEU A 890 -11.91 -15.39 -48.64
N MET A 891 -10.61 -15.64 -48.72
CA MET A 891 -10.07 -16.89 -48.17
C MET A 891 -10.06 -17.14 -46.64
N PRO A 892 -9.87 -16.10 -45.78
CA PRO A 892 -9.96 -16.45 -44.36
C PRO A 892 -11.25 -17.16 -44.00
N LEU A 893 -12.30 -17.01 -44.79
CA LEU A 893 -13.56 -17.67 -44.54
C LEU A 893 -13.33 -19.18 -44.54
N ALA A 894 -12.44 -19.66 -45.39
CA ALA A 894 -12.14 -21.09 -45.45
C ALA A 894 -11.59 -21.65 -44.14
N VAL A 895 -10.80 -20.87 -43.42
CA VAL A 895 -10.18 -21.37 -42.19
C VAL A 895 -11.19 -21.32 -41.06
N ILE A 896 -11.94 -20.24 -40.97
CA ILE A 896 -13.00 -20.13 -39.96
C ILE A 896 -14.02 -21.25 -40.09
N THR A 897 -14.35 -21.64 -41.31
CA THR A 897 -15.29 -22.76 -41.52
C THR A 897 -14.73 -24.06 -40.97
N ALA A 898 -13.41 -24.22 -41.04
CA ALA A 898 -12.77 -25.41 -40.48
C ALA A 898 -12.97 -25.53 -38.97
N VAL A 899 -13.04 -24.41 -38.27
CA VAL A 899 -13.14 -24.44 -36.80
C VAL A 899 -14.36 -25.20 -36.21
N PRO A 900 -15.55 -25.08 -36.81
CA PRO A 900 -16.66 -25.86 -36.24
C PRO A 900 -16.40 -27.36 -36.21
N PHE A 901 -15.63 -27.90 -37.15
CA PHE A 901 -15.43 -29.33 -37.20
C PHE A 901 -14.83 -29.90 -35.92
N ALA A 902 -13.89 -29.17 -35.31
CA ALA A 902 -13.25 -29.74 -34.14
C ALA A 902 -14.18 -29.57 -32.96
N VAL A 903 -14.84 -28.41 -32.89
CA VAL A 903 -15.83 -28.18 -31.86
C VAL A 903 -16.87 -29.29 -31.90
N PHE A 904 -17.27 -29.69 -33.10
CA PHE A 904 -18.29 -30.71 -33.23
C PHE A 904 -17.82 -32.02 -32.63
N GLY A 905 -16.56 -32.38 -32.88
CA GLY A 905 -16.04 -33.63 -32.37
C GLY A 905 -16.02 -33.66 -30.87
N SER A 906 -15.63 -32.55 -30.25
CA SER A 906 -15.56 -32.50 -28.80
C SER A 906 -16.91 -32.51 -28.13
N ILE A 907 -17.84 -31.68 -28.57
CA ILE A 907 -19.14 -31.57 -27.91
C ILE A 907 -19.91 -32.81 -28.30
N LEU A 908 -19.31 -33.65 -29.12
CA LEU A 908 -19.92 -34.95 -29.40
C LEU A 908 -19.49 -35.99 -28.40
N LEU A 909 -18.17 -36.21 -28.29
CA LEU A 909 -17.66 -37.20 -27.34
C LEU A 909 -18.16 -36.85 -25.96
N VAL A 910 -18.19 -35.57 -25.64
CA VAL A 910 -18.62 -35.13 -24.32
C VAL A 910 -20.07 -35.47 -24.03
N ALA A 911 -20.93 -35.36 -25.02
CA ALA A 911 -22.34 -35.62 -24.77
C ALA A 911 -22.57 -37.10 -24.83
N LEU A 912 -21.58 -37.83 -25.33
CA LEU A 912 -21.68 -39.27 -25.43
C LEU A 912 -21.36 -39.86 -24.08
N ARG A 913 -20.20 -39.50 -23.53
CA ARG A 913 -19.81 -40.00 -22.22
C ARG A 913 -20.79 -39.52 -21.17
N GLY A 914 -21.27 -38.30 -21.31
CA GLY A 914 -22.20 -37.74 -20.34
C GLY A 914 -21.56 -36.60 -19.59
N PHE A 915 -20.30 -36.31 -19.92
CA PHE A 915 -19.61 -35.20 -19.28
C PHE A 915 -20.35 -33.91 -19.54
N ASP A 916 -20.42 -33.04 -18.54
CA ASP A 916 -21.10 -31.77 -18.70
C ASP A 916 -20.18 -30.76 -19.38
N ASN A 917 -20.72 -29.59 -19.70
CA ASN A 917 -19.91 -28.56 -20.31
C ASN A 917 -19.14 -27.83 -19.22
N ASP A 918 -18.20 -28.52 -18.60
CA ASP A 918 -17.44 -27.91 -17.51
C ASP A 918 -16.36 -26.99 -18.05
N ILE A 919 -15.81 -26.16 -17.18
CA ILE A 919 -14.77 -25.25 -17.61
C ILE A 919 -13.72 -26.01 -18.38
N TYR A 920 -13.46 -27.25 -17.98
CA TYR A 920 -12.45 -28.04 -18.66
C TYR A 920 -12.79 -28.18 -20.13
N PHE A 921 -14.01 -28.57 -20.43
CA PHE A 921 -14.42 -28.70 -21.82
C PHE A 921 -14.34 -27.35 -22.51
N GLN A 922 -14.81 -26.32 -21.84
CA GLN A 922 -14.82 -24.99 -22.44
C GLN A 922 -13.41 -24.56 -22.81
N THR A 923 -12.46 -24.83 -21.93
CA THR A 923 -11.08 -24.46 -22.21
C THR A 923 -10.53 -25.36 -23.28
N GLY A 924 -10.55 -26.66 -23.03
CA GLY A 924 -10.04 -27.61 -24.00
C GLY A 924 -10.49 -27.20 -25.38
N LEU A 925 -11.73 -26.72 -25.47
CA LEU A 925 -12.26 -26.24 -26.74
C LEU A 925 -11.28 -25.33 -27.42
N LEU A 926 -10.79 -24.34 -26.69
CA LEU A 926 -9.92 -23.33 -27.27
C LEU A 926 -8.64 -23.87 -27.88
N LEU A 927 -8.06 -24.90 -27.29
CA LEU A 927 -6.87 -25.49 -27.91
C LEU A 927 -7.24 -26.21 -29.20
N LEU A 928 -8.41 -26.85 -29.24
CA LEU A 928 -8.87 -27.54 -30.44
C LEU A 928 -9.15 -26.54 -31.55
N ILE A 929 -9.48 -25.32 -31.19
CA ILE A 929 -9.80 -24.28 -32.15
C ILE A 929 -8.49 -23.74 -32.71
N GLY A 930 -7.47 -23.64 -31.88
CA GLY A 930 -6.18 -23.20 -32.35
C GLY A 930 -5.51 -24.23 -33.24
N LEU A 931 -5.56 -25.49 -32.84
CA LEU A 931 -4.96 -26.55 -33.63
C LEU A 931 -5.63 -26.70 -34.99
N SER A 932 -6.95 -26.66 -35.02
CA SER A 932 -7.67 -26.73 -36.30
C SER A 932 -7.21 -25.61 -37.20
N ALA A 933 -7.05 -24.42 -36.62
CA ALA A 933 -6.55 -23.27 -37.38
C ALA A 933 -5.28 -23.61 -38.11
N LYS A 934 -4.32 -24.19 -37.40
CA LYS A 934 -3.02 -24.46 -38.00
C LYS A 934 -3.16 -25.39 -39.18
N ASN A 935 -4.02 -26.38 -39.07
CA ASN A 935 -4.19 -27.34 -40.14
C ASN A 935 -4.73 -26.55 -41.30
N ALA A 936 -5.62 -25.61 -41.03
CA ALA A 936 -6.29 -24.88 -42.09
C ALA A 936 -5.38 -23.85 -42.73
N ILE A 937 -4.72 -23.02 -41.92
CA ILE A 937 -3.90 -21.97 -42.49
C ILE A 937 -2.81 -22.55 -43.36
N LEU A 938 -2.17 -23.62 -42.89
CA LEU A 938 -1.08 -24.18 -43.65
C LEU A 938 -1.58 -24.69 -44.99
N ILE A 939 -2.69 -25.41 -44.99
CA ILE A 939 -3.21 -25.96 -46.24
C ILE A 939 -3.65 -24.84 -47.18
N ILE A 940 -4.43 -23.88 -46.70
CA ILE A 940 -4.91 -22.84 -47.60
C ILE A 940 -3.74 -22.08 -48.18
N GLU A 941 -2.75 -21.77 -47.37
CA GLU A 941 -1.57 -21.07 -47.86
C GLU A 941 -0.90 -21.88 -48.97
N PHE A 942 -0.56 -23.13 -48.69
CA PHE A 942 0.08 -23.97 -49.68
C PHE A 942 -0.80 -24.05 -50.92
N ALA A 943 -2.09 -24.20 -50.71
CA ALA A 943 -3.02 -24.30 -51.83
C ALA A 943 -2.96 -23.04 -52.67
N MET A 944 -2.90 -21.89 -52.01
CA MET A 944 -2.79 -20.64 -52.75
C MET A 944 -1.51 -20.63 -53.55
N GLU A 945 -0.44 -21.17 -52.97
CA GLU A 945 0.82 -21.24 -53.67
C GLU A 945 0.69 -22.06 -54.93
N GLU A 946 -0.04 -23.18 -54.84
CA GLU A 946 -0.26 -24.01 -56.00
C GLU A 946 -1.03 -23.23 -57.04
N ARG A 947 -1.99 -22.43 -56.58
CA ARG A 947 -2.75 -21.60 -57.49
C ARG A 947 -1.81 -20.61 -58.16
N LEU A 948 -0.85 -20.10 -57.40
CA LEU A 948 0.12 -19.16 -57.95
C LEU A 948 0.95 -19.83 -59.02
N LYS A 949 1.11 -21.14 -58.91
CA LYS A 949 1.92 -21.87 -59.89
C LYS A 949 1.04 -22.70 -60.82
N LYS A 950 0.67 -23.89 -60.38
CA LYS A 950 -0.17 -24.76 -61.20
C LYS A 950 -1.47 -24.09 -61.59
N GLY A 951 -2.17 -23.52 -60.62
CA GLY A 951 -3.39 -22.80 -60.93
C GLY A 951 -4.64 -23.63 -61.09
N LYS A 952 -4.48 -24.96 -61.07
CA LYS A 952 -5.63 -25.83 -61.20
C LYS A 952 -6.29 -25.98 -59.84
N SER A 953 -6.46 -24.86 -59.15
CA SER A 953 -7.04 -24.90 -57.81
C SER A 953 -8.31 -25.72 -57.80
N ILE A 954 -9.07 -25.63 -58.89
CA ILE A 954 -10.34 -26.32 -58.95
C ILE A 954 -10.18 -27.75 -58.47
N PHE A 955 -9.05 -28.37 -58.78
CA PHE A 955 -8.79 -29.71 -58.28
C PHE A 955 -7.33 -29.96 -57.94
N GLU A 956 -6.45 -29.82 -58.92
CA GLU A 956 -5.04 -30.13 -58.69
C GLU A 956 -4.42 -29.40 -57.51
N ALA A 957 -4.53 -28.08 -57.48
CA ALA A 957 -3.90 -27.34 -56.41
C ALA A 957 -4.47 -27.79 -55.07
N ALA A 958 -5.80 -27.94 -55.03
CA ALA A 958 -6.44 -28.35 -53.79
C ALA A 958 -5.92 -29.70 -53.32
N ILE A 959 -5.90 -30.68 -54.21
CA ILE A 959 -5.46 -32.01 -53.83
C ILE A 959 -3.95 -32.06 -53.60
N ASN A 960 -3.19 -31.30 -54.37
CA ASN A 960 -1.74 -31.34 -54.25
C ASN A 960 -1.29 -30.91 -52.88
N ALA A 961 -1.72 -29.74 -52.44
CA ALA A 961 -1.33 -29.25 -51.13
C ALA A 961 -1.84 -30.20 -50.08
N ALA A 962 -3.12 -30.54 -50.17
CA ALA A 962 -3.71 -31.47 -49.20
C ALA A 962 -2.81 -32.68 -49.01
N LYS A 963 -2.24 -33.17 -50.10
CA LYS A 963 -1.39 -34.34 -50.02
C LYS A 963 -0.05 -34.01 -49.38
N LEU A 964 0.53 -32.88 -49.77
CA LEU A 964 1.80 -32.46 -49.19
C LEU A 964 1.67 -32.21 -47.70
N ARG A 965 0.59 -31.57 -47.29
CA ARG A 965 0.46 -31.23 -45.87
C ARG A 965 -0.27 -32.28 -45.06
N PHE A 966 -0.67 -33.37 -45.70
CA PHE A 966 -1.35 -34.44 -44.98
C PHE A 966 -0.42 -35.07 -43.94
N ARG A 967 0.82 -35.33 -44.32
CA ARG A 967 1.76 -35.96 -43.41
C ARG A 967 2.09 -35.15 -42.16
N PRO A 968 2.32 -33.84 -42.30
CA PRO A 968 2.55 -33.09 -41.06
C PRO A 968 1.33 -33.12 -40.14
N ILE A 969 0.13 -32.99 -40.69
CA ILE A 969 -1.05 -32.93 -39.84
C ILE A 969 -1.22 -34.22 -39.05
N ILE A 970 -1.01 -35.36 -39.70
CA ILE A 970 -1.16 -36.62 -39.01
C ILE A 970 -0.11 -36.76 -37.91
N MET A 971 1.12 -36.33 -38.19
CA MET A 971 2.15 -36.49 -37.19
C MET A 971 1.85 -35.63 -35.97
N THR A 972 1.36 -34.42 -36.17
CA THR A 972 0.96 -33.58 -35.05
C THR A 972 -0.24 -34.10 -34.28
N SER A 973 -1.24 -34.59 -35.00
CA SER A 973 -2.46 -35.04 -34.35
C SER A 973 -2.23 -36.28 -33.53
N LEU A 974 -1.59 -37.28 -34.13
CA LEU A 974 -1.36 -38.53 -33.43
C LEU A 974 -0.60 -38.31 -32.15
N ALA A 975 0.43 -37.48 -32.21
CA ALA A 975 1.24 -37.21 -31.03
C ALA A 975 0.38 -36.67 -29.92
N PHE A 976 -0.42 -35.67 -30.22
CA PHE A 976 -1.28 -35.06 -29.20
C PHE A 976 -2.28 -36.07 -28.68
N THR A 977 -2.86 -36.87 -29.56
CA THR A 977 -3.86 -37.83 -29.14
C THR A 977 -3.25 -38.81 -28.18
N PHE A 978 -2.04 -39.27 -28.49
CA PHE A 978 -1.36 -40.20 -27.61
C PHE A 978 -1.08 -39.54 -26.27
N GLY A 979 -0.67 -38.29 -26.31
CA GLY A 979 -0.35 -37.59 -25.07
C GLY A 979 -1.51 -37.55 -24.10
N VAL A 980 -2.72 -37.40 -24.62
CA VAL A 980 -3.89 -37.27 -23.75
C VAL A 980 -4.58 -38.60 -23.48
N LEU A 981 -4.10 -39.67 -24.09
CA LEU A 981 -4.69 -40.98 -23.86
C LEU A 981 -4.62 -41.37 -22.37
N PRO A 982 -3.46 -41.17 -21.73
CA PRO A 982 -3.42 -41.47 -20.30
C PRO A 982 -4.43 -40.64 -19.55
N MET A 983 -4.58 -39.38 -19.93
CA MET A 983 -5.54 -38.51 -19.27
C MET A 983 -6.91 -39.15 -19.33
N ILE A 984 -7.22 -39.79 -20.45
CA ILE A 984 -8.50 -40.47 -20.57
C ILE A 984 -8.60 -41.56 -19.53
N PHE A 985 -7.58 -42.39 -19.44
CA PHE A 985 -7.57 -43.44 -18.43
C PHE A 985 -6.93 -42.91 -17.18
N ALA A 986 -7.61 -42.00 -16.49
CA ALA A 986 -7.01 -41.36 -15.33
C ALA A 986 -7.34 -42.03 -14.00
N THR A 987 -6.39 -42.01 -13.07
CA THR A 987 -6.63 -42.57 -11.75
C THR A 987 -5.91 -41.70 -10.74
N GLY A 988 -6.37 -41.69 -9.50
CA GLY A 988 -5.72 -40.89 -8.48
C GLY A 988 -6.41 -39.56 -8.27
N ALA A 989 -5.78 -38.66 -7.51
CA ALA A 989 -6.38 -37.36 -7.22
C ALA A 989 -6.58 -36.52 -8.47
N GLY A 990 -7.73 -35.87 -8.57
CA GLY A 990 -8.00 -35.03 -9.73
C GLY A 990 -8.30 -35.84 -10.98
N SER A 991 -8.67 -37.11 -10.83
CA SER A 991 -8.92 -37.95 -11.99
C SER A 991 -10.22 -37.62 -12.68
N ALA A 992 -11.25 -37.23 -11.95
CA ALA A 992 -12.47 -36.81 -12.64
C ALA A 992 -12.17 -35.61 -13.54
N SER A 993 -11.38 -34.65 -13.06
CA SER A 993 -11.01 -33.50 -13.89
C SER A 993 -10.20 -33.88 -15.10
N ARG A 994 -9.23 -34.77 -14.93
CA ARG A 994 -8.45 -35.21 -16.07
C ARG A 994 -9.36 -35.85 -17.10
N HIS A 995 -10.24 -36.75 -16.64
CA HIS A 995 -11.13 -37.44 -17.56
C HIS A 995 -11.89 -36.44 -18.42
N SER A 996 -12.40 -35.39 -17.81
CA SER A 996 -13.20 -34.42 -18.55
C SER A 996 -12.39 -33.77 -19.65
N LEU A 997 -11.25 -33.21 -19.30
CA LEU A 997 -10.45 -32.52 -20.30
C LEU A 997 -10.07 -33.45 -21.42
N GLY A 998 -9.57 -34.63 -21.08
CA GLY A 998 -9.14 -35.57 -22.10
C GLY A 998 -10.24 -35.94 -23.06
N THR A 999 -11.42 -36.23 -22.52
CA THR A 999 -12.52 -36.65 -23.37
C THR A 999 -12.79 -35.60 -24.43
N GLY A 1000 -12.92 -34.35 -24.00
CA GLY A 1000 -13.21 -33.29 -24.94
C GLY A 1000 -12.13 -33.20 -26.00
N LEU A 1001 -10.88 -33.24 -25.58
CA LEU A 1001 -9.79 -33.11 -26.53
C LEU A 1001 -9.83 -34.22 -27.57
N ILE A 1002 -10.06 -35.45 -27.12
CA ILE A 1002 -10.05 -36.57 -28.05
C ILE A 1002 -11.10 -36.39 -29.11
N GLY A 1003 -12.33 -36.10 -28.71
CA GLY A 1003 -13.40 -35.95 -29.67
C GLY A 1003 -13.07 -34.87 -30.68
N GLY A 1004 -12.40 -33.83 -30.21
CA GLY A 1004 -12.07 -32.71 -31.07
C GLY A 1004 -10.87 -32.98 -31.95
N MET A 1005 -9.84 -33.61 -31.38
CA MET A 1005 -8.65 -33.90 -32.15
C MET A 1005 -8.95 -34.88 -33.28
N ILE A 1006 -9.80 -35.87 -32.99
CA ILE A 1006 -10.16 -36.86 -34.01
C ILE A 1006 -10.85 -36.17 -35.17
N ALA A 1007 -11.81 -35.31 -34.87
CA ALA A 1007 -12.51 -34.61 -35.93
C ALA A 1007 -11.56 -33.70 -36.72
N ALA A 1008 -10.68 -33.01 -36.03
CA ALA A 1008 -9.71 -32.16 -36.71
C ALA A 1008 -8.81 -33.00 -37.59
N SER A 1009 -8.39 -34.15 -37.08
CA SER A 1009 -7.51 -35.03 -37.85
C SER A 1009 -8.17 -35.56 -39.10
N THR A 1010 -9.49 -35.77 -39.05
CA THR A 1010 -10.20 -36.39 -40.17
C THR A 1010 -11.12 -35.46 -40.95
N LEU A 1011 -12.24 -35.08 -40.34
CA LEU A 1011 -13.23 -34.28 -41.07
C LEU A 1011 -12.72 -32.95 -41.55
N ALA A 1012 -11.98 -32.25 -40.69
CA ALA A 1012 -11.52 -30.93 -41.08
C ALA A 1012 -10.61 -31.00 -42.28
N ILE A 1013 -9.69 -31.97 -42.30
CA ILE A 1013 -8.73 -32.03 -43.40
C ILE A 1013 -9.42 -32.30 -44.72
N PHE A 1014 -10.49 -33.08 -44.70
CA PHE A 1014 -11.23 -33.42 -45.91
C PHE A 1014 -11.92 -32.17 -46.45
N PHE A 1015 -12.71 -31.53 -45.60
CA PHE A 1015 -13.47 -30.34 -46.00
C PHE A 1015 -12.69 -29.09 -46.42
N VAL A 1016 -11.55 -28.84 -45.78
CA VAL A 1016 -10.78 -27.63 -46.09
C VAL A 1016 -10.55 -27.50 -47.58
N PRO A 1017 -10.11 -28.58 -48.24
CA PRO A 1017 -9.96 -28.49 -49.68
C PRO A 1017 -11.23 -27.99 -50.34
N LEU A 1018 -12.37 -28.55 -49.92
CA LEU A 1018 -13.62 -28.16 -50.54
C LEU A 1018 -13.79 -26.66 -50.40
N PHE A 1019 -13.55 -26.16 -49.19
CA PHE A 1019 -13.72 -24.74 -48.95
C PHE A 1019 -12.82 -23.95 -49.88
N PHE A 1020 -11.55 -24.30 -49.94
CA PHE A 1020 -10.61 -23.54 -50.76
C PHE A 1020 -11.08 -23.54 -52.19
N TYR A 1021 -11.45 -24.72 -52.69
CA TYR A 1021 -11.88 -24.82 -54.07
C TYR A 1021 -13.06 -23.90 -54.30
N LEU A 1022 -14.06 -24.00 -53.44
CA LEU A 1022 -15.26 -23.19 -53.64
C LEU A 1022 -14.95 -21.70 -53.57
N LEU A 1023 -14.19 -21.29 -52.56
CA LEU A 1023 -13.88 -19.88 -52.41
C LEU A 1023 -13.12 -19.37 -53.61
N GLU A 1024 -12.09 -20.10 -54.02
CA GLU A 1024 -11.29 -19.66 -55.15
C GLU A 1024 -12.18 -19.52 -56.36
N ASN A 1025 -13.05 -20.48 -56.57
CA ASN A 1025 -13.92 -20.44 -57.74
C ASN A 1025 -14.78 -19.19 -57.72
N PHE A 1026 -15.45 -18.94 -56.61
CA PHE A 1026 -16.32 -17.79 -56.50
C PHE A 1026 -15.55 -16.53 -56.87
N ASN A 1027 -14.37 -16.37 -56.28
CA ASN A 1027 -13.54 -15.22 -56.59
C ASN A 1027 -13.37 -15.09 -58.09
N GLU A 1028 -12.99 -16.18 -58.74
CA GLU A 1028 -12.78 -16.15 -60.17
C GLU A 1028 -14.04 -15.64 -60.85
N TRP A 1029 -15.19 -16.15 -60.43
CA TRP A 1029 -16.45 -15.70 -60.99
C TRP A 1029 -16.60 -14.20 -60.83
N LEU A 1030 -16.47 -13.71 -59.60
CA LEU A 1030 -16.56 -12.28 -59.36
C LEU A 1030 -15.73 -11.52 -60.36
N ASP A 1031 -14.55 -12.04 -60.67
CA ASP A 1031 -13.68 -11.38 -61.65
C ASP A 1031 -14.33 -11.35 -63.02
N MET B 1 10.80 2.69 -47.99
CA MET B 1 10.37 1.43 -48.58
C MET B 1 9.20 0.87 -47.78
N PHE B 2 9.08 1.30 -46.54
CA PHE B 2 7.98 0.85 -45.68
C PHE B 2 6.69 1.31 -46.30
N SER B 3 6.70 2.53 -46.83
CA SER B 3 5.51 3.08 -47.45
C SER B 3 5.09 2.27 -48.66
N LYS B 4 6.04 1.77 -49.44
CA LYS B 4 5.67 1.10 -50.67
C LYS B 4 5.24 -0.33 -50.43
N PHE B 5 5.69 -0.97 -49.36
CA PHE B 5 5.18 -2.30 -49.07
C PHE B 5 3.67 -2.20 -48.90
N PHE B 6 3.20 -1.17 -48.21
CA PHE B 6 1.77 -0.94 -48.06
C PHE B 6 1.07 -0.62 -49.38
N ILE B 7 1.64 0.26 -50.18
CA ILE B 7 1.03 0.64 -51.46
C ILE B 7 0.82 -0.57 -52.37
N GLU B 8 1.71 -1.54 -52.30
CA GLU B 8 1.59 -2.73 -53.13
C GLU B 8 0.54 -3.67 -52.57
N ARG B 9 0.18 -3.49 -51.30
CA ARG B 9 -0.76 -4.39 -50.66
C ARG B 9 -1.90 -3.64 -50.00
N PRO B 10 -2.93 -3.21 -50.79
CA PRO B 10 -3.94 -2.40 -50.11
C PRO B 10 -4.67 -3.15 -49.02
N ILE B 11 -4.87 -4.44 -49.22
CA ILE B 11 -5.63 -5.23 -48.24
C ILE B 11 -4.89 -5.24 -46.91
N PHE B 12 -3.57 -5.35 -46.95
CA PHE B 12 -2.81 -5.40 -45.71
C PHE B 12 -2.99 -4.12 -44.94
N ALA B 13 -2.93 -2.99 -45.65
CA ALA B 13 -3.07 -1.70 -44.99
C ALA B 13 -4.45 -1.57 -44.39
N SER B 14 -5.46 -2.01 -45.13
CA SER B 14 -6.82 -1.89 -44.65
C SER B 14 -6.99 -2.72 -43.39
N VAL B 15 -6.39 -3.91 -43.37
CA VAL B 15 -6.54 -4.79 -42.22
C VAL B 15 -5.97 -4.13 -40.98
N VAL B 16 -4.80 -3.51 -41.10
CA VAL B 16 -4.18 -2.91 -39.93
C VAL B 16 -5.08 -1.82 -39.38
N ALA B 17 -5.63 -1.00 -40.28
CA ALA B 17 -6.50 0.08 -39.85
C ALA B 17 -7.74 -0.43 -39.16
N ILE B 18 -8.33 -1.49 -39.69
CA ILE B 18 -9.54 -2.07 -39.12
C ILE B 18 -9.25 -2.58 -37.71
N ILE B 19 -8.09 -3.18 -37.50
CA ILE B 19 -7.75 -3.73 -36.20
C ILE B 19 -7.67 -2.56 -35.23
N ILE B 20 -7.04 -1.48 -35.66
CA ILE B 20 -6.88 -0.31 -34.78
C ILE B 20 -8.24 0.25 -34.42
N SER B 21 -9.16 0.26 -35.37
CA SER B 21 -10.48 0.80 -35.11
C SER B 21 -11.23 -0.08 -34.14
N ILE B 22 -11.13 -1.39 -34.30
CA ILE B 22 -11.89 -2.32 -33.47
C ILE B 22 -11.41 -2.23 -32.04
N ALA B 23 -10.08 -2.20 -31.85
CA ALA B 23 -9.54 -2.09 -30.51
C ALA B 23 -10.02 -0.79 -29.94
N GLY B 24 -10.19 0.19 -30.80
CA GLY B 24 -10.67 1.49 -30.36
C GLY B 24 -12.07 1.48 -29.79
N ILE B 25 -12.95 0.67 -30.34
CA ILE B 25 -14.34 0.71 -29.92
C ILE B 25 -14.46 -0.14 -28.67
N ILE B 26 -13.64 -1.17 -28.57
CA ILE B 26 -13.65 -1.98 -27.36
C ILE B 26 -13.15 -1.09 -26.25
N GLY B 27 -12.08 -0.36 -26.51
CA GLY B 27 -11.52 0.52 -25.50
C GLY B 27 -12.49 1.61 -25.10
N LEU B 28 -13.20 2.17 -26.06
CA LEU B 28 -14.13 3.25 -25.77
C LEU B 28 -15.22 2.76 -24.85
N ALA B 29 -15.75 1.58 -25.11
CA ALA B 29 -16.80 1.02 -24.26
C ALA B 29 -16.28 0.76 -22.86
N ASN B 30 -15.08 0.19 -22.77
CA ASN B 30 -14.48 -0.11 -21.46
C ASN B 30 -14.19 1.11 -20.61
N LEU B 31 -13.76 2.20 -21.24
CA LEU B 31 -13.35 3.41 -20.49
C LEU B 31 -14.40 4.12 -19.66
N PRO B 32 -14.05 4.50 -18.42
CA PRO B 32 -14.98 5.26 -17.58
C PRO B 32 -15.17 6.68 -18.08
N VAL B 33 -16.31 7.29 -17.83
CA VAL B 33 -16.50 8.69 -18.21
C VAL B 33 -16.61 9.59 -16.99
N GLU B 34 -15.70 10.55 -16.85
CA GLU B 34 -15.71 11.48 -15.71
C GLU B 34 -15.76 12.90 -16.21
N GLN B 35 -16.22 13.84 -15.40
CA GLN B 35 -16.20 15.24 -15.81
C GLN B 35 -14.80 15.76 -15.99
N TYR B 36 -13.93 15.45 -15.05
CA TYR B 36 -12.58 15.98 -15.09
C TYR B 36 -11.68 14.91 -14.56
N PRO B 37 -10.34 15.05 -14.74
CA PRO B 37 -9.52 14.02 -14.08
C PRO B 37 -9.53 14.33 -12.58
N SER B 38 -8.84 13.54 -11.76
CA SER B 38 -8.91 13.86 -10.36
C SER B 38 -8.02 15.06 -10.17
N LEU B 39 -8.60 16.18 -9.75
CA LEU B 39 -7.82 17.39 -9.52
C LEU B 39 -7.91 17.78 -8.06
N THR B 40 -8.91 17.21 -7.39
CA THR B 40 -9.14 17.47 -5.99
C THR B 40 -8.01 17.03 -5.05
N PRO B 41 -7.54 17.90 -4.13
CA PRO B 41 -6.55 17.38 -3.19
C PRO B 41 -7.16 16.31 -2.30
N PRO B 42 -6.44 15.21 -2.08
CA PRO B 42 -6.93 14.18 -1.16
C PRO B 42 -7.01 14.72 0.26
N THR B 43 -8.01 14.32 1.04
CA THR B 43 -8.18 14.86 2.38
C THR B 43 -8.35 13.80 3.45
N VAL B 44 -7.69 13.95 4.58
CA VAL B 44 -7.85 13.02 5.69
C VAL B 44 -8.33 13.79 6.90
N GLN B 45 -9.39 13.34 7.56
CA GLN B 45 -9.94 14.08 8.69
C GLN B 45 -9.60 13.47 10.03
N VAL B 46 -8.99 14.25 10.90
CA VAL B 46 -8.65 13.77 12.23
C VAL B 46 -9.60 14.43 13.21
N SER B 47 -10.35 13.65 13.96
CA SER B 47 -11.33 14.22 14.87
C SER B 47 -11.12 13.81 16.32
N ALA B 48 -11.16 14.77 17.23
CA ALA B 48 -10.94 14.49 18.64
C ALA B 48 -12.04 15.10 19.48
N THR B 49 -12.29 14.54 20.65
CA THR B 49 -13.35 15.03 21.52
C THR B 49 -12.85 15.43 22.90
N TYR B 50 -13.08 16.68 23.30
CA TYR B 50 -12.72 17.09 24.65
C TYR B 50 -14.06 17.41 25.25
N THR B 51 -14.21 17.21 26.55
CA THR B 51 -15.52 17.37 27.16
C THR B 51 -15.79 18.77 27.67
N GLY B 52 -16.73 19.48 27.06
CA GLY B 52 -17.12 20.76 27.62
C GLY B 52 -16.15 21.92 27.46
N ALA B 53 -15.03 21.69 26.79
CA ALA B 53 -14.02 22.73 26.67
C ALA B 53 -14.44 23.92 25.84
N ASP B 54 -13.81 25.07 26.07
CA ASP B 54 -14.11 26.24 25.26
C ASP B 54 -13.49 25.99 23.90
N ALA B 55 -13.99 26.67 22.88
CA ALA B 55 -13.45 26.48 21.55
C ALA B 55 -12.00 26.89 21.57
N GLN B 56 -11.69 27.99 22.25
CA GLN B 56 -10.32 28.44 22.35
C GLN B 56 -9.46 27.41 23.07
N THR B 57 -10.01 26.81 24.12
CA THR B 57 -9.26 25.83 24.88
C THR B 57 -8.92 24.62 24.03
N ILE B 58 -9.87 24.13 23.24
CA ILE B 58 -9.63 22.95 22.43
C ILE B 58 -8.53 23.24 21.43
N ALA B 59 -8.54 24.43 20.84
CA ALA B 59 -7.55 24.74 19.83
C ALA B 59 -6.14 24.69 20.36
N SER B 60 -5.92 25.22 21.55
CA SER B 60 -4.57 25.28 22.09
C SER B 60 -4.19 23.99 22.78
N THR B 61 -5.06 23.51 23.66
CA THR B 61 -4.79 22.29 24.40
C THR B 61 -4.75 21.03 23.53
N VAL B 62 -5.72 20.88 22.63
CA VAL B 62 -5.82 19.65 21.85
C VAL B 62 -5.30 19.69 20.44
N ALA B 63 -5.64 20.73 19.70
CA ALA B 63 -5.29 20.74 18.28
C ALA B 63 -3.88 21.17 18.00
N THR B 64 -3.30 22.03 18.83
CA THR B 64 -1.90 22.37 18.59
C THR B 64 -0.98 21.15 18.68
N PRO B 65 -1.11 20.33 19.77
CA PRO B 65 -0.27 19.12 19.75
C PRO B 65 -0.52 18.28 18.52
N ILE B 66 -1.79 18.03 18.22
CA ILE B 66 -2.13 17.17 17.08
C ILE B 66 -1.63 17.74 15.77
N GLU B 67 -1.66 19.05 15.60
CA GLU B 67 -1.27 19.61 14.31
C GLU B 67 0.22 19.63 14.20
N ASP B 68 0.91 19.70 15.33
CA ASP B 68 2.36 19.64 15.28
C ASP B 68 2.83 18.26 14.89
N ALA B 69 2.18 17.23 15.43
CA ALA B 69 2.54 15.87 15.09
C ALA B 69 2.26 15.59 13.63
N ILE B 70 1.11 16.06 13.15
CA ILE B 70 0.73 15.83 11.76
C ILE B 70 1.70 16.52 10.79
N ASN B 71 2.23 17.66 11.19
CA ASN B 71 3.10 18.39 10.28
C ASN B 71 4.22 17.45 9.89
N GLY B 72 4.64 17.50 8.63
CA GLY B 72 5.63 16.54 8.17
C GLY B 72 5.10 15.25 7.58
N VAL B 73 3.78 15.11 7.44
CA VAL B 73 3.26 13.92 6.77
C VAL B 73 3.66 14.09 5.32
N ASP B 74 4.03 13.01 4.66
CA ASP B 74 4.50 13.12 3.29
C ASP B 74 3.43 13.69 2.39
N ASN B 75 3.83 14.56 1.47
CA ASN B 75 2.89 15.17 0.52
C ASN B 75 1.70 15.89 1.13
N MET B 76 1.91 16.68 2.18
CA MET B 76 0.80 17.45 2.73
C MET B 76 0.89 18.89 2.28
N ILE B 77 -0.02 19.34 1.41
CA ILE B 77 0.00 20.74 1.05
C ILE B 77 -0.44 21.71 2.15
N TYR B 78 -1.57 21.46 2.79
CA TYR B 78 -2.00 22.31 3.92
C TYR B 78 -2.79 21.57 5.01
N MET B 79 -3.12 22.26 6.10
CA MET B 79 -3.95 21.66 7.16
C MET B 79 -4.84 22.69 7.83
N ASP B 80 -6.13 22.37 8.03
CA ASP B 80 -7.06 23.31 8.62
C ASP B 80 -7.92 22.71 9.70
N SER B 81 -7.88 23.31 10.89
CA SER B 81 -8.64 22.78 12.02
C SER B 81 -9.71 23.71 12.53
N THR B 82 -10.94 23.24 12.68
CA THR B 82 -11.97 24.07 13.29
C THR B 82 -12.26 23.41 14.61
N SER B 83 -12.11 24.15 15.69
CA SER B 83 -12.41 23.59 16.98
C SER B 83 -13.71 24.15 17.49
N SER B 84 -14.72 23.30 17.60
CA SER B 84 -15.99 23.73 18.14
C SER B 84 -15.88 23.54 19.66
N PRO B 85 -16.89 24.01 20.45
CA PRO B 85 -16.68 23.75 21.87
C PRO B 85 -16.75 22.26 22.16
N GLY B 86 -17.70 21.56 21.55
CA GLY B 86 -17.80 20.13 21.74
C GLY B 86 -16.65 19.29 21.21
N GLN B 87 -16.15 19.59 20.00
CA GLN B 87 -15.13 18.74 19.40
C GLN B 87 -14.15 19.43 18.47
N MET B 88 -13.06 18.76 18.13
CA MET B 88 -12.10 19.33 17.18
C MET B 88 -12.05 18.54 15.89
N LYS B 89 -12.21 19.21 14.76
CA LYS B 89 -12.06 18.53 13.49
C LYS B 89 -10.89 19.13 12.75
N LEU B 90 -9.90 18.31 12.41
CA LEU B 90 -8.76 18.80 11.65
C LEU B 90 -8.79 18.09 10.33
N THR B 91 -8.69 18.82 9.23
CA THR B 91 -8.60 18.16 7.95
C THR B 91 -7.21 18.40 7.42
N VAL B 92 -6.57 17.34 6.95
CA VAL B 92 -5.23 17.46 6.41
C VAL B 92 -5.35 17.26 4.92
N TYR B 93 -4.84 18.22 4.13
CA TYR B 93 -4.99 18.14 2.69
C TYR B 93 -3.69 17.74 2.04
N PHE B 94 -3.75 16.83 1.07
CA PHE B 94 -2.53 16.34 0.46
C PHE B 94 -2.36 16.72 -1.01
N ASN B 95 -1.16 16.55 -1.55
CA ASN B 95 -0.96 17.06 -2.90
C ASN B 95 -1.60 16.09 -3.86
N ILE B 96 -2.19 16.60 -4.93
CA ILE B 96 -2.92 15.75 -5.85
C ILE B 96 -1.98 14.66 -6.32
N GLY B 97 -2.49 13.44 -6.49
CA GLY B 97 -1.60 12.35 -6.82
C GLY B 97 -1.03 11.69 -5.58
N THR B 98 -1.63 11.90 -4.42
CA THR B 98 -1.19 11.13 -3.26
C THR B 98 -2.29 10.13 -2.95
N ASP B 99 -1.92 8.87 -2.78
CA ASP B 99 -2.87 7.83 -2.47
C ASP B 99 -3.64 8.22 -1.23
N PRO B 100 -4.97 8.16 -1.30
CA PRO B 100 -5.80 8.51 -0.15
C PRO B 100 -5.53 7.60 1.03
N ASP B 101 -5.26 6.31 0.79
CA ASP B 101 -5.11 5.39 1.91
C ASP B 101 -3.74 5.50 2.55
N GLN B 102 -2.69 5.56 1.76
CA GLN B 102 -1.36 5.77 2.32
C GLN B 102 -1.33 7.00 3.21
N ALA B 103 -2.01 8.05 2.79
CA ALA B 103 -2.05 9.27 3.58
C ALA B 103 -2.72 8.99 4.91
N ALA B 104 -3.78 8.21 4.90
CA ALA B 104 -4.47 7.87 6.14
C ALA B 104 -3.58 7.09 7.08
N ILE B 105 -2.65 6.33 6.53
CA ILE B 105 -1.82 5.49 7.37
C ILE B 105 -0.74 6.36 7.99
N ASP B 106 -0.17 7.26 7.20
CA ASP B 106 0.86 8.12 7.72
C ASP B 106 0.33 9.01 8.85
N VAL B 107 -0.86 9.55 8.66
CA VAL B 107 -1.42 10.42 9.67
C VAL B 107 -1.67 9.64 10.96
N ASN B 108 -2.21 8.42 10.82
CA ASN B 108 -2.50 7.61 11.99
C ASN B 108 -1.23 7.27 12.75
N ASN B 109 -0.17 6.95 12.03
CA ASN B 109 1.08 6.63 12.68
C ASN B 109 1.60 7.83 13.44
N ARG B 110 1.44 9.02 12.89
CA ARG B 110 1.85 10.20 13.65
C ARG B 110 0.99 10.60 14.83
N ILE B 111 -0.27 10.19 14.88
CA ILE B 111 -1.07 10.48 16.06
C ILE B 111 -0.58 9.62 17.22
N SER B 112 -0.17 8.40 16.91
CA SER B 112 0.22 7.48 17.96
C SER B 112 1.65 7.71 18.40
N ALA B 113 2.50 8.17 17.50
CA ALA B 113 3.85 8.51 17.92
C ALA B 113 3.80 9.60 18.96
N ALA B 114 2.82 10.48 18.87
CA ALA B 114 2.74 11.58 19.81
C ALA B 114 1.65 11.39 20.84
N THR B 115 1.41 10.15 21.26
CA THR B 115 0.34 9.89 22.20
C THR B 115 0.60 10.61 23.51
N ALA B 116 1.85 10.62 23.94
CA ALA B 116 2.19 11.26 25.21
C ALA B 116 1.86 12.74 25.20
N LYS B 117 2.10 13.41 24.08
CA LYS B 117 1.85 14.85 23.99
C LYS B 117 0.37 15.21 24.07
N LEU B 118 -0.50 14.24 23.78
CA LEU B 118 -1.93 14.51 23.78
C LEU B 118 -2.52 14.74 25.16
N PRO B 119 -3.59 15.53 25.25
CA PRO B 119 -4.26 15.72 26.54
C PRO B 119 -4.93 14.44 26.99
N GLU B 120 -5.08 14.26 28.30
CA GLU B 120 -5.65 13.00 28.82
C GLU B 120 -7.08 12.71 28.36
N ALA B 121 -7.93 13.73 28.32
CA ALA B 121 -9.32 13.51 27.93
C ALA B 121 -9.38 13.00 26.50
N VAL B 122 -8.53 13.53 25.64
CA VAL B 122 -8.49 13.09 24.27
C VAL B 122 -8.13 11.61 24.18
N LYS B 123 -7.23 11.17 25.05
CA LYS B 123 -6.83 9.76 25.04
C LYS B 123 -8.01 8.85 25.32
N LYS B 124 -8.91 9.24 26.21
CA LYS B 124 -10.03 8.39 26.58
C LYS B 124 -10.93 8.09 25.38
N LEU B 125 -11.17 9.09 24.56
CA LEU B 125 -11.98 8.89 23.36
C LEU B 125 -11.02 9.03 22.20
N GLY B 126 -10.45 7.93 21.73
CA GLY B 126 -9.41 8.02 20.72
C GLY B 126 -9.58 8.92 19.52
N VAL B 127 -8.51 9.57 19.11
CA VAL B 127 -8.57 10.41 17.93
C VAL B 127 -8.85 9.51 16.74
N THR B 128 -9.72 9.96 15.84
CA THR B 128 -10.10 9.13 14.72
C THR B 128 -9.55 9.67 13.42
N VAL B 129 -8.82 8.85 12.70
CA VAL B 129 -8.27 9.28 11.43
C VAL B 129 -9.08 8.60 10.34
N ARG B 130 -9.72 9.39 9.48
CA ARG B 130 -10.57 8.83 8.45
C ARG B 130 -10.33 9.53 7.13
N LYS B 131 -10.35 8.79 6.03
CA LYS B 131 -10.22 9.43 4.74
C LYS B 131 -11.50 10.22 4.55
N SER B 132 -11.37 11.46 4.10
CA SER B 132 -12.55 12.30 3.97
C SER B 132 -12.73 12.82 2.55
N SER B 133 -13.97 13.09 2.19
CA SER B 133 -14.24 13.68 0.89
C SER B 133 -15.10 14.91 1.07
N SER B 134 -14.69 16.02 0.46
CA SER B 134 -15.42 17.28 0.59
C SER B 134 -16.57 17.34 -0.40
N THR B 135 -16.39 16.71 -1.54
CA THR B 135 -17.40 16.80 -2.60
C THR B 135 -18.73 16.18 -2.21
N ILE B 136 -19.83 16.87 -2.53
CA ILE B 136 -21.13 16.28 -2.27
C ILE B 136 -21.73 15.85 -3.60
N LEU B 137 -21.63 14.56 -3.93
CA LEU B 137 -22.13 14.08 -5.21
C LEU B 137 -23.60 14.42 -5.42
N GLU B 138 -24.43 14.22 -4.40
CA GLU B 138 -25.84 14.57 -4.52
C GLU B 138 -26.54 14.79 -3.21
N VAL B 139 -27.65 15.50 -3.24
CA VAL B 139 -28.44 15.72 -2.05
C VAL B 139 -29.79 15.10 -2.33
N VAL B 140 -30.18 14.08 -1.56
CA VAL B 140 -31.46 13.43 -1.78
C VAL B 140 -32.37 13.76 -0.61
N SER B 141 -33.57 14.24 -0.88
CA SER B 141 -34.47 14.61 0.19
C SER B 141 -35.70 13.74 0.23
N VAL B 142 -35.95 13.10 1.37
CA VAL B 142 -37.12 12.27 1.51
C VAL B 142 -38.25 13.07 2.15
N TYR B 143 -39.37 13.23 1.47
CA TYR B 143 -40.46 14.06 2.00
C TYR B 143 -41.78 13.34 2.12
N SER B 144 -42.41 13.43 3.27
CA SER B 144 -43.74 12.85 3.44
C SER B 144 -44.81 13.63 2.71
N GLU B 145 -45.39 13.08 1.65
CA GLU B 145 -46.48 13.77 1.00
C GLU B 145 -47.69 13.87 1.90
N ASP B 146 -48.02 12.79 2.62
CA ASP B 146 -49.22 12.86 3.42
C ASP B 146 -49.02 13.94 4.45
N SER B 147 -47.77 14.34 4.74
CA SER B 147 -47.56 15.30 5.82
C SER B 147 -48.03 14.68 7.11
N SER B 148 -48.21 13.37 7.09
CA SER B 148 -48.60 12.66 8.30
C SER B 148 -47.37 12.43 9.17
N MET B 149 -46.29 11.95 8.55
CA MET B 149 -45.07 11.70 9.29
C MET B 149 -44.42 12.98 9.77
N ASN B 150 -43.97 13.00 11.02
CA ASN B 150 -43.28 14.17 11.54
C ASN B 150 -41.82 13.99 11.25
N ASP B 151 -41.06 15.08 11.24
CA ASP B 151 -39.67 15.01 10.80
C ASP B 151 -38.79 14.01 11.56
N ILE B 152 -38.99 13.86 12.86
CA ILE B 152 -38.21 12.90 13.59
C ILE B 152 -38.45 11.51 13.02
N ASP B 153 -39.70 11.18 12.72
CA ASP B 153 -40.02 9.88 12.16
C ASP B 153 -39.39 9.65 10.79
N ILE B 154 -39.44 10.67 9.94
CA ILE B 154 -38.86 10.54 8.61
C ILE B 154 -37.37 10.33 8.74
N TYR B 155 -36.72 11.07 9.64
CA TYR B 155 -35.29 10.93 9.84
C TYR B 155 -34.98 9.54 10.32
N ASN B 156 -35.85 9.00 11.16
CA ASN B 156 -35.57 7.70 11.74
C ASN B 156 -36.00 6.56 10.84
N TYR B 157 -36.55 6.88 9.68
CA TYR B 157 -36.89 5.84 8.74
C TYR B 157 -35.67 5.76 7.87
N VAL B 158 -35.10 6.93 7.59
CA VAL B 158 -33.94 6.97 6.73
C VAL B 158 -32.77 6.26 7.38
N SER B 159 -32.38 6.72 8.56
CA SER B 159 -31.24 6.13 9.22
C SER B 159 -31.36 4.62 9.27
N LEU B 160 -32.49 4.14 9.76
CA LEU B 160 -32.65 2.70 9.92
C LEU B 160 -32.62 1.94 8.60
N ASN B 161 -33.30 2.44 7.59
CA ASN B 161 -33.39 1.71 6.33
C ASN B 161 -32.65 2.36 5.17
N ILE B 162 -33.12 3.51 4.72
CA ILE B 162 -32.56 4.18 3.55
C ILE B 162 -31.06 4.48 3.54
N LEU B 163 -30.53 4.96 4.67
CA LEU B 163 -29.12 5.36 4.74
C LEU B 163 -28.11 4.23 4.67
N ASP B 164 -28.32 3.18 5.44
CA ASP B 164 -27.34 2.09 5.51
C ASP B 164 -27.07 1.43 4.17
N GLU B 165 -28.04 1.41 3.28
CA GLU B 165 -27.88 0.70 2.01
C GLU B 165 -27.15 1.61 1.07
N LEU B 166 -27.30 2.92 1.26
CA LEU B 166 -26.65 3.87 0.37
C LEU B 166 -25.20 3.98 0.74
N LYS B 167 -24.88 3.71 2.00
CA LYS B 167 -23.48 3.71 2.43
C LYS B 167 -22.80 2.44 1.94
N ARG B 168 -23.59 1.48 1.48
CA ARG B 168 -23.03 0.23 0.98
C ARG B 168 -22.94 0.25 -0.53
N ILE B 169 -23.20 1.41 -1.13
CA ILE B 169 -23.15 1.55 -2.57
C ILE B 169 -21.70 1.88 -2.90
N PRO B 170 -21.07 1.17 -3.86
CA PRO B 170 -19.65 1.48 -4.06
C PRO B 170 -19.39 2.86 -4.65
N GLY B 171 -18.37 3.53 -4.14
CA GLY B 171 -18.07 4.87 -4.61
C GLY B 171 -18.76 5.93 -3.78
N VAL B 172 -19.44 5.51 -2.72
CA VAL B 172 -20.14 6.46 -1.87
C VAL B 172 -19.35 6.75 -0.62
N GLY B 173 -19.11 8.02 -0.35
CA GLY B 173 -18.41 8.42 0.86
C GLY B 173 -19.47 8.51 1.93
N ASP B 174 -19.16 9.12 3.07
CA ASP B 174 -20.14 9.10 4.13
C ASP B 174 -21.44 9.69 3.62
N ALA B 175 -22.54 9.02 3.91
CA ALA B 175 -23.84 9.49 3.48
C ALA B 175 -24.54 9.85 4.75
N SER B 176 -24.91 11.11 4.90
CA SER B 176 -25.48 11.55 6.16
C SER B 176 -26.72 12.38 5.98
N ALA B 177 -27.65 12.27 6.92
CA ALA B 177 -28.81 13.14 6.88
C ALA B 177 -28.48 14.30 7.80
N ILE B 178 -28.80 15.51 7.39
CA ILE B 178 -28.44 16.71 8.14
C ILE B 178 -29.03 16.85 9.54
N GLY B 179 -30.26 16.43 9.75
CA GLY B 179 -30.91 16.68 11.04
C GLY B 179 -30.31 16.16 12.33
N ASN B 180 -29.71 14.96 12.31
CA ASN B 180 -29.21 14.38 13.55
C ASN B 180 -30.36 14.31 14.53
N LYS B 181 -31.48 13.78 14.11
CA LYS B 181 -32.66 13.67 14.96
C LYS B 181 -32.92 12.24 15.41
N ASN B 182 -31.91 11.54 15.89
CA ASN B 182 -32.10 10.14 16.24
C ASN B 182 -33.03 9.94 17.42
N TYR B 183 -33.77 8.84 17.42
CA TYR B 183 -34.71 8.57 18.51
C TYR B 183 -34.01 8.50 19.86
N SER B 184 -34.56 9.16 20.85
CA SER B 184 -33.99 9.09 22.18
C SER B 184 -35.09 9.05 23.22
N MET B 185 -34.87 8.35 24.33
CA MET B 185 -35.86 8.35 25.41
C MET B 185 -35.57 9.53 26.28
N ARG B 186 -35.93 10.72 25.84
CA ARG B 186 -35.63 11.90 26.61
C ARG B 186 -36.36 11.80 27.92
N ILE B 187 -35.67 12.05 29.03
CA ILE B 187 -36.31 12.03 30.33
C ILE B 187 -36.31 13.47 30.79
N TRP B 188 -37.40 14.18 30.59
CA TRP B 188 -37.45 15.58 30.94
C TRP B 188 -37.62 15.78 32.44
N LEU B 189 -36.52 16.02 33.13
CA LEU B 189 -36.58 16.22 34.57
C LEU B 189 -37.27 17.52 34.91
N GLU B 190 -38.02 17.53 36.01
CA GLU B 190 -38.68 18.74 36.45
C GLU B 190 -38.03 19.18 37.74
N PRO B 191 -37.12 20.16 37.65
CA PRO B 191 -36.37 20.55 38.85
C PRO B 191 -37.24 20.77 40.07
N ASP B 192 -38.40 21.40 39.91
CA ASP B 192 -39.25 21.69 41.05
C ASP B 192 -39.63 20.40 41.77
N LEU B 193 -40.11 19.41 41.02
CA LEU B 193 -40.51 18.15 41.63
C LEU B 193 -39.31 17.50 42.29
N LEU B 194 -38.16 17.58 41.62
CA LEU B 194 -36.96 16.96 42.17
C LEU B 194 -36.64 17.54 43.53
N ASN B 195 -36.72 18.87 43.66
CA ASN B 195 -36.45 19.49 44.94
C ASN B 195 -37.50 19.04 45.93
N LYS B 196 -38.76 19.08 45.52
CA LYS B 196 -39.84 18.64 46.39
C LYS B 196 -39.57 17.26 46.94
N PHE B 197 -39.49 16.27 46.06
CA PHE B 197 -39.27 14.90 46.48
C PHE B 197 -37.85 14.69 47.00
N GLY B 198 -37.07 15.76 47.07
CA GLY B 198 -35.71 15.67 47.58
C GLY B 198 -34.77 14.74 46.84
N VAL B 199 -34.86 14.72 45.51
CA VAL B 199 -33.99 13.87 44.72
C VAL B 199 -33.13 14.67 43.73
N THR B 200 -31.83 14.43 43.70
CA THR B 200 -30.94 15.12 42.76
C THR B 200 -31.02 14.52 41.37
N ALA B 201 -30.55 15.25 40.36
CA ALA B 201 -30.53 14.65 39.04
C ALA B 201 -29.63 13.47 39.14
N ASN B 202 -28.55 13.55 39.92
CA ASN B 202 -27.59 12.47 39.90
C ASN B 202 -28.27 11.15 40.26
N ASP B 203 -29.21 11.18 41.20
CA ASP B 203 -29.92 9.97 41.57
C ASP B 203 -30.69 9.43 40.39
N VAL B 204 -31.28 10.31 39.60
CA VAL B 204 -32.00 9.86 38.41
C VAL B 204 -31.03 9.19 37.45
N ILE B 205 -29.88 9.81 37.23
CA ILE B 205 -28.89 9.25 36.29
C ILE B 205 -28.42 7.88 36.76
N ASN B 206 -28.14 7.76 38.05
CA ASN B 206 -27.67 6.49 38.57
C ASN B 206 -28.72 5.41 38.42
N ALA B 207 -29.97 5.76 38.66
CA ALA B 207 -31.04 4.77 38.56
C ALA B 207 -31.16 4.24 37.15
N VAL B 208 -31.06 5.12 36.15
CA VAL B 208 -31.13 4.68 34.76
C VAL B 208 -29.97 3.74 34.45
N ASN B 209 -28.79 4.03 34.98
CA ASN B 209 -27.62 3.21 34.71
C ASN B 209 -27.81 1.78 35.19
N ASP B 210 -28.45 1.61 36.35
CA ASP B 210 -28.62 0.26 36.91
C ASP B 210 -29.84 -0.44 36.36
N GLN B 211 -30.95 0.26 36.27
CA GLN B 211 -32.19 -0.34 35.77
C GLN B 211 -32.24 -0.61 34.28
N ASN B 212 -31.80 0.36 33.47
CA ASN B 212 -31.81 0.19 32.02
C ASN B 212 -30.50 -0.36 31.50
N ALA B 213 -30.20 -1.61 31.83
CA ALA B 213 -28.98 -2.21 31.30
C ALA B 213 -29.11 -3.71 31.14
N GLN B 214 -28.40 -4.28 30.18
CA GLN B 214 -28.41 -5.72 30.00
C GLN B 214 -27.16 -6.33 30.59
N TYR B 215 -27.28 -7.02 31.71
CA TYR B 215 -26.12 -7.58 32.37
C TYR B 215 -25.78 -8.97 31.86
N ALA B 216 -24.99 -9.71 32.62
CA ALA B 216 -24.56 -11.02 32.15
C ALA B 216 -25.04 -12.15 33.03
N THR B 217 -25.67 -13.17 32.42
CA THR B 217 -26.12 -14.33 33.18
C THR B 217 -25.53 -15.62 32.63
N GLY B 218 -25.08 -16.52 33.50
CA GLY B 218 -24.42 -17.73 33.03
C GLY B 218 -25.29 -18.84 32.47
N LYS B 219 -24.74 -20.05 32.36
CA LYS B 219 -25.51 -21.17 31.83
C LYS B 219 -25.71 -22.26 32.87
N ILE B 220 -26.97 -22.57 33.17
CA ILE B 220 -27.27 -23.61 34.14
C ILE B 220 -27.03 -24.98 33.55
N GLY B 221 -26.42 -25.87 34.31
CA GLY B 221 -26.17 -27.22 33.84
C GLY B 221 -24.96 -27.32 32.95
N GLU B 222 -23.85 -26.74 33.40
CA GLU B 222 -22.64 -26.74 32.59
C GLU B 222 -21.49 -27.38 33.33
N GLU B 223 -20.53 -27.92 32.61
CA GLU B 223 -19.39 -28.58 33.24
C GLU B 223 -18.45 -27.60 33.93
N PRO B 224 -17.86 -28.01 35.07
CA PRO B 224 -17.86 -29.41 35.48
C PRO B 224 -18.95 -29.71 36.50
N VAL B 225 -19.59 -30.87 36.37
CA VAL B 225 -20.61 -31.27 37.34
C VAL B 225 -20.45 -32.73 37.68
N VAL B 226 -20.59 -33.07 38.96
CA VAL B 226 -20.47 -34.44 39.40
C VAL B 226 -21.58 -35.28 38.80
N ASN B 227 -22.81 -34.83 38.98
CA ASN B 227 -23.95 -35.55 38.41
C ASN B 227 -24.30 -34.88 37.11
N LYS B 228 -24.05 -35.55 35.99
CA LYS B 228 -24.27 -34.91 34.70
C LYS B 228 -25.74 -34.76 34.33
N SER B 229 -26.15 -33.55 33.96
CA SER B 229 -27.53 -33.30 33.56
C SER B 229 -27.70 -33.51 32.07
N PRO B 230 -28.89 -33.95 31.65
CA PRO B 230 -29.11 -34.22 30.23
C PRO B 230 -28.96 -33.00 29.33
N GLN B 231 -29.31 -31.83 29.82
CA GLN B 231 -29.26 -30.64 28.96
C GLN B 231 -28.58 -29.44 29.58
N VAL B 232 -27.92 -28.63 28.77
CA VAL B 232 -27.31 -27.41 29.27
C VAL B 232 -28.25 -26.27 28.91
N ILE B 233 -28.68 -25.51 29.91
CA ILE B 233 -29.67 -24.49 29.63
C ILE B 233 -29.14 -23.08 29.85
N SER B 234 -29.13 -22.27 28.80
CA SER B 234 -28.67 -20.89 28.92
C SER B 234 -29.66 -20.06 29.71
N ILE B 235 -29.23 -18.94 30.29
CA ILE B 235 -30.16 -18.06 30.98
C ILE B 235 -30.27 -16.75 30.21
N THR B 236 -31.47 -16.35 29.82
CA THR B 236 -31.65 -15.12 29.05
C THR B 236 -32.38 -14.02 29.82
N MET B 237 -31.83 -12.82 29.83
CA MET B 237 -32.45 -11.72 30.60
C MET B 237 -32.66 -10.44 29.80
N GLN B 238 -33.78 -9.76 30.03
CA GLN B 238 -34.00 -8.47 29.38
C GLN B 238 -33.99 -7.31 30.37
N GLY B 239 -32.81 -6.79 30.68
CA GLY B 239 -32.72 -5.63 31.55
C GLY B 239 -33.07 -4.30 30.92
N ARG B 240 -32.77 -4.12 29.64
CA ARG B 240 -32.98 -2.85 28.99
C ARG B 240 -34.45 -2.63 28.73
N LEU B 241 -34.96 -1.44 29.07
CA LEU B 241 -36.39 -1.21 28.98
C LEU B 241 -36.78 -0.56 27.66
N GLN B 242 -37.49 -1.27 26.82
CA GLN B 242 -37.92 -0.74 25.53
C GLN B 242 -38.99 0.34 25.48
N THR B 243 -39.78 0.51 26.54
CA THR B 243 -40.92 1.41 26.48
C THR B 243 -40.79 2.73 27.28
N PRO B 244 -41.42 3.84 26.83
CA PRO B 244 -41.31 5.04 27.66
C PRO B 244 -41.92 4.83 29.03
N GLN B 245 -43.02 4.10 29.12
CA GLN B 245 -43.69 3.90 30.39
C GLN B 245 -42.80 3.14 31.35
N GLU B 246 -42.01 2.21 30.83
CA GLU B 246 -41.10 1.47 31.68
C GLU B 246 -40.06 2.38 32.29
N PHE B 247 -39.61 3.36 31.53
CA PHE B 247 -38.64 4.31 32.05
C PHE B 247 -39.26 5.10 33.18
N GLU B 248 -40.53 5.45 33.04
CA GLU B 248 -41.22 6.17 34.09
C GLU B 248 -41.27 5.30 35.34
N ASN B 249 -41.44 4.00 35.15
CA ASN B 249 -41.54 3.09 36.28
C ASN B 249 -40.26 2.89 37.09
N ILE B 250 -39.11 3.31 36.57
CA ILE B 250 -37.85 3.07 37.28
C ILE B 250 -37.94 3.61 38.70
N ILE B 251 -37.54 2.82 39.69
CA ILE B 251 -37.68 3.25 41.07
C ILE B 251 -36.47 3.99 41.59
N LEU B 252 -36.63 5.27 41.87
CA LEU B 252 -35.54 6.02 42.45
C LEU B 252 -35.26 5.61 43.90
N ARG B 253 -36.30 5.54 44.74
CA ARG B 253 -36.11 5.08 46.13
C ARG B 253 -37.34 4.55 46.86
N VAL B 254 -37.12 3.77 47.92
CA VAL B 254 -38.23 3.18 48.69
C VAL B 254 -39.18 4.13 49.43
N ASN B 255 -38.66 5.20 50.02
CA ASN B 255 -39.49 6.21 50.73
C ASN B 255 -39.95 5.87 52.14
N GLU B 256 -39.37 4.87 52.79
CA GLU B 256 -39.71 4.56 54.19
C GLU B 256 -41.17 4.23 54.50
N ASP B 257 -41.96 3.86 53.50
CA ASP B 257 -43.34 3.47 53.74
C ASP B 257 -43.68 2.38 52.74
N LYS B 258 -42.66 1.75 52.16
CA LYS B 258 -42.88 0.75 51.11
C LYS B 258 -43.51 1.31 49.83
N SER B 259 -43.68 2.63 49.77
CA SER B 259 -44.26 3.24 48.58
C SER B 259 -43.14 3.84 47.76
N PHE B 260 -42.78 3.17 46.68
CA PHE B 260 -41.65 3.61 45.88
C PHE B 260 -41.76 4.94 45.17
N LEU B 261 -40.66 5.69 45.13
CA LEU B 261 -40.66 6.94 44.38
C LEU B 261 -40.31 6.46 42.99
N ARG B 262 -40.75 7.18 41.97
CA ARG B 262 -40.52 6.73 40.61
C ARG B 262 -40.10 7.88 39.72
N ILE B 263 -39.47 7.59 38.59
CA ILE B 263 -39.05 8.63 37.66
C ILE B 263 -40.28 9.41 37.24
N LYS B 264 -41.42 8.73 37.17
CA LYS B 264 -42.64 9.38 36.71
C LYS B 264 -43.04 10.52 37.62
N ASP B 265 -42.82 10.34 38.91
CA ASP B 265 -43.19 11.36 39.88
C ASP B 265 -42.37 12.62 39.72
N VAL B 266 -41.17 12.50 39.19
CA VAL B 266 -40.29 13.67 39.09
C VAL B 266 -39.96 14.07 37.67
N ALA B 267 -40.54 13.39 36.69
CA ALA B 267 -40.16 13.68 35.30
C ALA B 267 -41.23 13.30 34.30
N LYS B 268 -40.97 13.58 33.03
CA LYS B 268 -41.90 13.22 31.99
C LYS B 268 -41.15 12.57 30.84
N VAL B 269 -41.17 11.24 30.79
CA VAL B 269 -40.42 10.53 29.76
C VAL B 269 -41.18 10.46 28.44
N GLU B 270 -40.47 10.64 27.33
CA GLU B 270 -41.09 10.56 26.02
C GLU B 270 -40.05 10.26 24.96
N ILE B 271 -40.48 9.67 23.85
CA ILE B 271 -39.54 9.39 22.78
C ILE B 271 -39.38 10.68 22.01
N GLY B 272 -38.15 11.05 21.69
CA GLY B 272 -37.91 12.31 21.03
C GLY B 272 -36.50 12.47 20.54
N ALA B 273 -36.29 13.26 19.51
CA ALA B 273 -34.97 13.34 18.91
C ALA B 273 -33.87 13.87 19.80
N GLU B 274 -32.66 13.34 19.60
CA GLU B 274 -31.53 13.79 20.38
C GLU B 274 -31.22 15.26 20.14
N GLN B 275 -31.24 15.68 18.88
CA GLN B 275 -31.03 17.10 18.59
C GLN B 275 -32.16 17.67 17.76
N TYR B 276 -32.91 18.60 18.34
CA TYR B 276 -34.06 19.17 17.64
C TYR B 276 -33.60 20.41 16.93
N ASN B 277 -32.30 20.68 16.97
CA ASN B 277 -31.79 21.92 16.40
C ASN B 277 -31.95 22.13 14.90
N SER B 278 -31.75 21.11 14.09
CA SER B 278 -31.79 21.34 12.64
C SER B 278 -32.88 20.69 11.80
N THR B 279 -33.38 21.42 10.81
CA THR B 279 -34.42 20.90 9.93
C THR B 279 -34.06 21.06 8.45
N GLY B 280 -34.86 20.51 7.55
CA GLY B 280 -34.60 20.60 6.12
C GLY B 280 -35.81 21.00 5.29
N ARG B 281 -35.62 21.85 4.29
CA ARG B 281 -36.71 22.27 3.44
C ARG B 281 -36.51 21.96 1.97
N LEU B 282 -37.50 21.35 1.34
CA LEU B 282 -37.43 21.08 -0.10
C LEU B 282 -38.59 21.82 -0.71
N ASN B 283 -38.32 22.83 -1.54
CA ASN B 283 -39.40 23.55 -2.21
C ASN B 283 -40.46 23.98 -1.21
N THR B 284 -40.05 24.43 -0.03
CA THR B 284 -40.99 24.89 0.99
C THR B 284 -41.78 23.73 1.61
N SER B 285 -41.12 22.60 1.81
CA SER B 285 -41.77 21.45 2.44
C SER B 285 -40.79 20.73 3.34
N ALA B 286 -41.23 20.28 4.51
CA ALA B 286 -40.34 19.59 5.41
C ALA B 286 -39.74 18.36 4.76
N ALA B 287 -38.45 18.12 4.97
CA ALA B 287 -37.82 16.92 4.44
C ALA B 287 -36.51 16.71 5.15
N VAL B 288 -35.97 15.50 5.09
CA VAL B 288 -34.67 15.34 5.70
C VAL B 288 -33.68 15.30 4.57
N PRO B 289 -32.60 16.07 4.71
CA PRO B 289 -31.70 16.14 3.57
C PRO B 289 -30.53 15.19 3.76
N ILE B 290 -30.38 14.26 2.84
CA ILE B 290 -29.31 13.28 2.96
C ILE B 290 -28.26 13.62 1.93
N ILE B 291 -27.04 13.86 2.38
CA ILE B 291 -26.00 14.26 1.46
C ILE B 291 -25.07 13.09 1.19
N ILE B 292 -24.83 12.82 -0.09
CA ILE B 292 -23.98 11.70 -0.42
C ILE B 292 -22.65 12.24 -0.89
N ASN B 293 -21.59 11.96 -0.15
CA ASN B 293 -20.27 12.38 -0.55
C ASN B 293 -19.68 11.35 -1.47
N LEU B 294 -18.83 11.79 -2.39
CA LEU B 294 -18.22 10.88 -3.36
C LEU B 294 -16.94 10.34 -2.76
N GLN B 295 -16.69 9.05 -2.82
CA GLN B 295 -15.42 8.57 -2.32
C GLN B 295 -14.29 8.99 -3.25
N SER B 296 -13.08 9.14 -2.71
CA SER B 296 -11.93 9.55 -3.52
C SER B 296 -11.61 8.51 -4.59
N GLY B 297 -11.33 8.94 -5.81
CA GLY B 297 -11.11 7.97 -6.87
C GLY B 297 -12.31 7.14 -7.24
N ALA B 298 -13.50 7.73 -7.25
CA ALA B 298 -14.69 7.01 -7.68
C ALA B 298 -15.47 7.82 -8.69
N ASN B 299 -15.82 7.18 -9.80
CA ASN B 299 -16.50 7.92 -10.87
C ASN B 299 -17.83 8.45 -10.40
N ALA B 300 -18.07 9.74 -10.60
CA ALA B 300 -19.30 10.35 -10.15
C ALA B 300 -20.52 9.79 -10.83
N VAL B 301 -20.52 9.74 -12.16
CA VAL B 301 -21.71 9.30 -12.87
C VAL B 301 -22.10 7.86 -12.53
N ASN B 302 -21.13 6.97 -12.45
CA ASN B 302 -21.44 5.58 -12.14
C ASN B 302 -22.05 5.48 -10.77
N THR B 303 -21.48 6.18 -9.80
CA THR B 303 -21.99 6.11 -8.43
C THR B 303 -23.37 6.73 -8.34
N ALA B 304 -23.58 7.80 -9.09
CA ALA B 304 -24.88 8.47 -9.08
C ALA B 304 -25.97 7.58 -9.60
N LYS B 305 -25.63 6.73 -10.56
CA LYS B 305 -26.66 5.91 -11.18
C LYS B 305 -26.91 4.77 -10.22
N LEU B 306 -25.88 4.32 -9.53
CA LEU B 306 -26.10 3.29 -8.53
C LEU B 306 -26.98 3.78 -7.39
N ILE B 307 -26.75 5.02 -6.94
CA ILE B 307 -27.57 5.58 -5.88
C ILE B 307 -29.02 5.61 -6.33
N ASN B 308 -29.27 6.08 -7.54
CA ASN B 308 -30.64 6.21 -8.01
C ASN B 308 -31.31 4.86 -8.09
N GLU B 309 -30.60 3.85 -8.56
CA GLU B 309 -31.17 2.51 -8.65
C GLU B 309 -31.51 1.97 -7.27
N LYS B 310 -30.64 2.16 -6.30
CA LYS B 310 -30.99 1.70 -4.97
C LYS B 310 -32.13 2.48 -4.35
N MET B 311 -32.32 3.72 -4.79
CA MET B 311 -33.43 4.48 -4.29
C MET B 311 -34.73 3.88 -4.77
N GLN B 312 -34.76 3.46 -6.02
CA GLN B 312 -35.97 2.88 -6.57
C GLN B 312 -36.35 1.59 -5.85
N GLU B 313 -35.36 0.75 -5.55
CA GLU B 313 -35.65 -0.49 -4.85
C GLU B 313 -36.21 -0.18 -3.48
N LEU B 314 -35.62 0.80 -2.80
CA LEU B 314 -36.13 1.20 -1.49
C LEU B 314 -37.52 1.78 -1.61
N SER B 315 -37.79 2.50 -2.69
CA SER B 315 -39.09 3.17 -2.86
C SER B 315 -40.25 2.18 -2.88
N LYS B 316 -40.03 1.00 -3.41
CA LYS B 316 -41.09 0.01 -3.45
C LYS B 316 -41.55 -0.30 -2.04
N ASN B 317 -40.63 -0.29 -1.09
CA ASN B 317 -40.99 -0.62 0.29
C ASN B 317 -41.20 0.61 1.16
N PHE B 318 -41.36 1.78 0.56
CA PHE B 318 -41.57 3.00 1.31
C PHE B 318 -42.90 2.98 2.03
N PRO B 319 -42.97 3.61 3.21
CA PRO B 319 -44.25 3.71 3.90
C PRO B 319 -45.17 4.57 3.08
N GLN B 320 -46.47 4.33 3.17
CA GLN B 320 -47.38 5.07 2.31
C GLN B 320 -47.25 6.55 2.54
N GLY B 321 -47.25 7.32 1.45
CA GLY B 321 -47.12 8.76 1.56
C GLY B 321 -45.72 9.27 1.75
N LEU B 322 -44.70 8.43 1.52
CA LEU B 322 -43.33 8.90 1.60
C LEU B 322 -42.69 8.83 0.23
N LYS B 323 -42.13 9.93 -0.23
CA LYS B 323 -41.52 9.97 -1.55
C LYS B 323 -40.14 10.59 -1.49
N TYR B 324 -39.29 10.23 -2.44
CA TYR B 324 -37.94 10.78 -2.47
C TYR B 324 -37.71 11.59 -3.72
N GLN B 325 -36.83 12.58 -3.64
CA GLN B 325 -36.49 13.36 -4.82
C GLN B 325 -35.05 13.75 -4.66
N ILE B 326 -34.29 13.78 -5.75
CA ILE B 326 -32.93 14.25 -5.67
C ILE B 326 -32.91 15.64 -6.28
N PRO B 327 -33.00 16.68 -5.44
CA PRO B 327 -32.99 18.04 -5.96
C PRO B 327 -31.68 18.47 -6.58
N TYR B 328 -30.57 18.17 -5.93
CA TYR B 328 -29.25 18.58 -6.41
C TYR B 328 -28.36 17.41 -6.69
N ASP B 329 -27.81 17.39 -7.89
CA ASP B 329 -26.91 16.32 -8.27
C ASP B 329 -25.80 16.93 -9.10
N THR B 330 -24.55 16.61 -8.78
CA THR B 330 -23.43 17.09 -9.58
C THR B 330 -23.48 16.51 -10.98
N THR B 331 -23.90 15.25 -11.08
CA THR B 331 -23.89 14.57 -12.38
C THR B 331 -24.77 15.14 -13.48
N ILE B 332 -25.78 15.93 -13.12
CA ILE B 332 -26.60 16.58 -14.14
C ILE B 332 -25.71 17.53 -14.95
N PHE B 333 -24.94 18.36 -14.28
CA PHE B 333 -24.02 19.29 -14.95
C PHE B 333 -22.94 18.55 -15.70
N VAL B 334 -22.66 17.33 -15.30
CA VAL B 334 -21.57 16.57 -15.88
C VAL B 334 -22.06 16.00 -17.18
N LYS B 335 -23.17 15.26 -17.12
CA LYS B 335 -23.72 14.62 -18.29
C LYS B 335 -23.98 15.63 -19.39
N ALA B 336 -24.62 16.72 -19.02
CA ALA B 336 -24.95 17.78 -19.98
C ALA B 336 -23.69 18.30 -20.65
N SER B 337 -22.64 18.47 -19.86
CA SER B 337 -21.38 19.00 -20.39
C SER B 337 -20.78 18.08 -21.41
N ILE B 338 -20.90 16.78 -21.21
CA ILE B 338 -20.25 15.85 -22.11
C ILE B 338 -21.06 15.83 -23.37
N LYS B 339 -22.38 15.85 -23.24
CA LYS B 339 -23.24 15.85 -24.41
C LYS B 339 -22.90 17.02 -25.31
N GLU B 340 -22.61 18.16 -24.72
CA GLU B 340 -22.30 19.34 -25.51
C GLU B 340 -21.02 19.15 -26.33
N VAL B 341 -20.02 18.49 -25.77
CA VAL B 341 -18.77 18.35 -26.51
C VAL B 341 -18.98 17.32 -27.60
N ILE B 342 -19.80 16.31 -27.34
CA ILE B 342 -20.10 15.32 -28.37
C ILE B 342 -20.75 16.04 -29.55
N LYS B 343 -21.53 17.07 -29.26
CA LYS B 343 -22.23 17.81 -30.30
C LYS B 343 -21.24 18.72 -30.98
N THR B 344 -20.36 19.35 -30.21
CA THR B 344 -19.34 20.20 -30.78
C THR B 344 -18.49 19.36 -31.71
N PHE B 345 -18.22 18.13 -31.30
CA PHE B 345 -17.38 17.25 -32.11
C PHE B 345 -18.04 16.99 -33.45
N VAL B 346 -19.35 16.73 -33.44
CA VAL B 346 -20.05 16.46 -34.68
C VAL B 346 -20.02 17.68 -35.59
N GLU B 347 -20.24 18.86 -35.02
CA GLU B 347 -20.23 20.08 -35.82
C GLU B 347 -18.85 20.28 -36.41
N ALA B 348 -17.82 20.04 -35.59
CA ALA B 348 -16.47 20.21 -36.07
C ALA B 348 -16.16 19.23 -37.17
N LEU B 349 -16.62 18.00 -37.01
CA LEU B 349 -16.33 16.98 -38.01
C LEU B 349 -16.93 17.40 -39.32
N ALA B 350 -18.14 17.93 -39.28
CA ALA B 350 -18.81 18.36 -40.51
C ALA B 350 -18.07 19.51 -41.15
N LEU B 351 -17.64 20.49 -40.36
CA LEU B 351 -16.97 21.65 -40.91
C LEU B 351 -15.67 21.26 -41.60
N VAL B 352 -14.95 20.32 -41.01
CA VAL B 352 -13.68 19.90 -41.56
C VAL B 352 -13.96 19.17 -42.85
N LEU B 353 -15.04 18.41 -42.91
CA LEU B 353 -15.31 17.59 -44.09
C LEU B 353 -15.60 18.53 -45.22
N VAL B 354 -16.33 19.61 -44.95
CA VAL B 354 -16.64 20.59 -45.97
C VAL B 354 -15.36 21.28 -46.43
N VAL B 355 -14.51 21.64 -45.49
CA VAL B 355 -13.26 22.32 -45.83
C VAL B 355 -12.37 21.44 -46.70
N MET B 356 -12.28 20.16 -46.38
CA MET B 356 -11.49 19.26 -47.20
C MET B 356 -12.18 19.04 -48.54
N TYR B 357 -13.50 19.08 -48.55
CA TYR B 357 -14.26 18.90 -49.79
C TYR B 357 -13.99 20.01 -50.80
N LEU B 358 -13.80 21.24 -50.32
CA LEU B 358 -13.65 22.33 -51.27
C LEU B 358 -12.22 22.31 -51.76
N PHE B 359 -11.27 22.02 -50.90
CA PHE B 359 -9.91 21.88 -51.39
C PHE B 359 -9.62 20.65 -52.25
N LEU B 360 -10.16 19.50 -51.91
CA LEU B 360 -9.85 18.29 -52.68
C LEU B 360 -10.62 18.23 -53.99
N LYS B 361 -11.75 18.93 -54.07
CA LYS B 361 -12.52 19.00 -55.32
C LYS B 361 -13.00 17.65 -55.80
N ASN B 362 -13.22 16.71 -54.90
CA ASN B 362 -13.60 15.37 -55.31
C ASN B 362 -14.03 14.60 -54.09
N PHE B 363 -15.22 14.03 -54.14
CA PHE B 363 -15.73 13.27 -53.01
C PHE B 363 -14.85 12.06 -52.75
N LYS B 364 -14.42 11.41 -53.83
CA LYS B 364 -13.54 10.27 -53.68
C LYS B 364 -12.25 10.69 -53.02
N SER B 365 -11.78 11.89 -53.34
CA SER B 365 -10.50 12.31 -52.80
C SER B 365 -10.66 12.81 -51.39
N THR B 366 -11.85 13.27 -51.01
CA THR B 366 -12.09 13.64 -49.62
C THR B 366 -12.17 12.47 -48.66
N ILE B 367 -12.83 11.41 -49.08
CA ILE B 367 -13.00 10.20 -48.27
C ILE B 367 -11.70 9.73 -47.64
N ILE B 368 -10.64 9.59 -48.42
CA ILE B 368 -9.41 9.02 -47.86
C ILE B 368 -8.80 9.82 -46.69
N PRO B 369 -8.70 11.15 -46.81
CA PRO B 369 -8.22 11.88 -45.63
C PRO B 369 -9.20 11.73 -44.49
N MET B 370 -10.49 11.71 -44.79
CA MET B 370 -11.49 11.59 -43.75
C MET B 370 -11.36 10.24 -43.05
N ILE B 371 -11.01 9.20 -43.80
CA ILE B 371 -10.91 7.85 -43.22
C ILE B 371 -9.85 7.82 -42.13
N ALA B 372 -8.93 8.77 -42.15
CA ALA B 372 -7.90 8.84 -41.12
C ALA B 372 -8.54 9.14 -39.78
N VAL B 373 -9.61 9.91 -39.75
CA VAL B 373 -10.19 10.33 -38.47
C VAL B 373 -10.74 9.20 -37.61
N PRO B 374 -11.53 8.27 -38.20
CA PRO B 374 -11.96 7.20 -37.30
C PRO B 374 -10.79 6.37 -36.79
N VAL B 375 -9.85 6.02 -37.65
CA VAL B 375 -8.73 5.17 -37.25
C VAL B 375 -7.84 5.85 -36.22
N SER B 376 -7.61 7.15 -36.39
CA SER B 376 -6.71 7.87 -35.49
C SER B 376 -7.33 8.12 -34.15
N LEU B 377 -8.63 8.39 -34.13
CA LEU B 377 -9.32 8.73 -32.89
C LEU B 377 -9.72 7.50 -32.11
N LEU B 378 -10.23 6.48 -32.81
CA LEU B 378 -10.58 5.25 -32.12
C LEU B 378 -9.34 4.62 -31.54
N GLY B 379 -8.23 4.67 -32.27
CA GLY B 379 -7.01 4.07 -31.80
C GLY B 379 -6.58 4.72 -30.51
N THR B 380 -6.81 6.03 -30.40
CA THR B 380 -6.44 6.75 -29.20
C THR B 380 -7.19 6.18 -28.01
N PHE B 381 -8.43 5.77 -28.20
CA PHE B 381 -9.20 5.32 -27.06
C PHE B 381 -8.78 3.96 -26.54
N ALA B 382 -7.97 3.24 -27.29
CA ALA B 382 -7.48 1.98 -26.77
C ALA B 382 -6.19 2.23 -26.05
N VAL B 383 -5.34 3.10 -26.58
CA VAL B 383 -4.13 3.46 -25.85
C VAL B 383 -4.49 4.05 -24.49
N LEU B 384 -5.53 4.87 -24.45
CA LEU B 384 -5.95 5.46 -23.20
C LEU B 384 -6.37 4.36 -22.22
N TYR B 385 -7.06 3.35 -22.72
CA TYR B 385 -7.48 2.24 -21.87
C TYR B 385 -6.30 1.47 -21.32
N VAL B 386 -5.29 1.24 -22.15
CA VAL B 386 -4.09 0.56 -21.69
C VAL B 386 -3.41 1.37 -20.62
N LEU B 387 -3.38 2.69 -20.81
CA LEU B 387 -2.68 3.55 -19.85
C LEU B 387 -3.46 3.90 -18.61
N GLY B 388 -4.58 3.23 -18.36
CA GLY B 388 -5.47 3.65 -17.28
C GLY B 388 -6.03 5.05 -17.41
N PHE B 389 -6.60 5.45 -18.54
CA PHE B 389 -7.04 6.84 -18.65
C PHE B 389 -8.52 6.99 -18.86
N SER B 390 -9.20 7.66 -17.95
CA SER B 390 -10.64 7.87 -18.07
C SER B 390 -11.00 8.92 -19.08
N ILE B 391 -12.14 8.77 -19.74
CA ILE B 391 -12.59 9.81 -20.65
C ILE B 391 -13.03 10.96 -19.76
N ASN B 392 -12.63 12.17 -20.11
CA ASN B 392 -13.00 13.34 -19.33
C ASN B 392 -13.20 14.51 -20.26
N LEU B 393 -13.71 15.63 -19.75
CA LEU B 393 -14.00 16.75 -20.63
C LEU B 393 -12.74 17.17 -21.33
N LEU B 394 -11.62 17.16 -20.63
CA LEU B 394 -10.35 17.57 -21.21
C LEU B 394 -9.98 16.67 -22.39
N THR B 395 -10.03 15.36 -22.21
CA THR B 395 -9.73 14.47 -23.33
C THR B 395 -10.71 14.68 -24.46
N LEU B 396 -11.98 14.89 -24.12
CA LEU B 396 -12.97 15.16 -25.15
C LEU B 396 -12.68 16.46 -25.90
N PHE B 397 -12.24 17.49 -25.18
CA PHE B 397 -11.90 18.75 -25.83
C PHE B 397 -10.77 18.48 -26.78
N ALA B 398 -9.83 17.65 -26.36
CA ALA B 398 -8.68 17.35 -27.20
C ALA B 398 -9.10 16.69 -28.50
N LEU B 399 -10.11 15.83 -28.43
CA LEU B 399 -10.58 15.14 -29.63
C LEU B 399 -11.12 16.13 -30.65
N VAL B 400 -11.81 17.16 -30.20
CA VAL B 400 -12.30 18.20 -31.11
C VAL B 400 -11.12 18.88 -31.79
N LEU B 401 -10.13 19.30 -31.01
CA LEU B 401 -8.96 19.94 -31.58
C LEU B 401 -8.28 18.96 -32.52
N ALA B 402 -8.35 17.68 -32.19
CA ALA B 402 -7.70 16.65 -33.00
C ALA B 402 -8.24 16.53 -34.41
N ILE B 403 -9.53 16.71 -34.60
CA ILE B 403 -10.12 16.51 -35.92
C ILE B 403 -9.30 17.24 -36.96
N GLY B 404 -8.98 18.49 -36.70
CA GLY B 404 -8.14 19.22 -37.63
C GLY B 404 -6.74 18.65 -37.76
N ILE B 405 -6.11 18.31 -36.64
CA ILE B 405 -4.74 17.80 -36.68
C ILE B 405 -4.59 16.46 -37.39
N VAL B 406 -5.50 15.53 -37.13
CA VAL B 406 -5.37 14.20 -37.71
C VAL B 406 -5.44 14.18 -39.23
N VAL B 407 -6.27 15.03 -39.82
CA VAL B 407 -6.35 15.09 -41.28
C VAL B 407 -5.16 15.83 -41.89
N ASP B 408 -4.36 16.50 -41.08
CA ASP B 408 -3.25 17.28 -41.61
C ASP B 408 -2.23 16.42 -42.32
N ASP B 409 -1.93 15.27 -41.76
CA ASP B 409 -0.92 14.39 -42.35
C ASP B 409 -1.46 13.81 -43.63
N ALA B 410 -2.71 13.38 -43.60
CA ALA B 410 -3.34 12.76 -44.76
C ALA B 410 -3.43 13.75 -45.91
N ILE B 411 -3.76 15.00 -45.61
CA ILE B 411 -3.92 16.00 -46.65
C ILE B 411 -2.60 16.19 -47.38
N ILE B 412 -1.49 16.20 -46.65
CA ILE B 412 -0.18 16.43 -47.26
C ILE B 412 0.17 15.33 -48.27
N VAL B 413 -0.37 14.15 -48.07
CA VAL B 413 -0.04 13.03 -48.94
C VAL B 413 -0.96 13.08 -50.15
N VAL B 414 -2.24 13.34 -49.98
CA VAL B 414 -3.13 13.31 -51.14
C VAL B 414 -3.07 14.61 -51.93
N GLU B 415 -2.65 15.68 -51.28
CA GLU B 415 -2.49 16.94 -52.01
C GLU B 415 -1.38 16.78 -53.01
N ASN B 416 -0.33 16.06 -52.62
CA ASN B 416 0.82 15.98 -53.48
C ASN B 416 0.58 14.97 -54.58
N ILE B 417 -0.13 13.90 -54.27
CA ILE B 417 -0.46 12.93 -55.33
C ILE B 417 -1.24 13.62 -56.44
N ASP B 418 -2.23 14.41 -56.07
CA ASP B 418 -3.00 15.14 -57.07
C ASP B 418 -2.10 16.02 -57.89
N ARG B 419 -1.26 16.80 -57.22
CA ARG B 419 -0.42 17.73 -57.95
C ARG B 419 0.46 17.00 -58.95
N ILE B 420 1.06 15.90 -58.53
CA ILE B 420 1.89 15.11 -59.43
C ILE B 420 1.06 14.52 -60.54
N LEU B 421 -0.15 14.08 -60.23
CA LEU B 421 -1.04 13.52 -61.23
C LEU B 421 -1.34 14.53 -62.31
N HIS B 422 -1.53 15.79 -61.92
CA HIS B 422 -1.92 16.77 -62.92
C HIS B 422 -0.70 17.32 -63.64
N GLU B 423 0.43 17.40 -62.95
CA GLU B 423 1.65 17.82 -63.64
C GLU B 423 2.09 16.83 -64.69
N ASP B 424 2.04 15.55 -64.37
CA ASP B 424 2.51 14.55 -65.31
C ASP B 424 1.38 13.66 -65.76
N SER B 425 0.99 13.75 -67.03
CA SER B 425 -0.04 12.87 -67.55
C SER B 425 0.44 11.43 -67.58
N ASN B 426 1.71 11.22 -67.91
CA ASN B 426 2.22 9.85 -68.07
C ASN B 426 2.31 9.01 -66.80
N ILE B 427 2.50 9.65 -65.65
CA ILE B 427 2.71 8.88 -64.43
C ILE B 427 1.48 8.07 -64.04
N SER B 428 1.67 6.78 -63.76
CA SER B 428 0.55 5.92 -63.40
C SER B 428 0.12 6.25 -61.99
N VAL B 429 -1.14 6.00 -61.67
CA VAL B 429 -1.64 6.40 -60.36
C VAL B 429 -0.90 5.80 -59.17
N LYS B 430 -0.47 4.55 -59.27
CA LYS B 430 0.30 3.98 -58.19
C LYS B 430 1.71 4.52 -58.14
N ASP B 431 2.33 4.71 -59.31
CA ASP B 431 3.65 5.30 -59.36
C ASP B 431 3.62 6.64 -58.67
N ALA B 432 2.52 7.37 -58.87
CA ALA B 432 2.36 8.64 -58.16
C ALA B 432 2.50 8.47 -56.68
N ALA B 433 1.83 7.49 -56.12
CA ALA B 433 1.84 7.34 -54.67
C ALA B 433 3.25 7.09 -54.17
N ILE B 434 3.99 6.24 -54.86
CA ILE B 434 5.36 5.97 -54.44
C ILE B 434 6.20 7.24 -54.54
N LYS B 435 6.05 7.97 -55.64
CA LYS B 435 6.80 9.20 -55.82
C LYS B 435 6.41 10.23 -54.78
N ALA B 436 5.12 10.36 -54.53
CA ALA B 436 4.64 11.34 -53.56
C ALA B 436 5.18 11.03 -52.20
N MET B 437 5.20 9.75 -51.85
CA MET B 437 5.65 9.38 -50.53
C MET B 437 7.09 9.77 -50.32
N ASN B 438 7.93 9.56 -51.33
CA ASN B 438 9.32 9.95 -51.23
C ASN B 438 9.38 11.41 -50.83
N GLU B 439 8.66 12.24 -51.56
CA GLU B 439 8.67 13.66 -51.28
C GLU B 439 8.09 14.07 -49.92
N VAL B 440 6.98 13.47 -49.53
CA VAL B 440 6.33 13.88 -48.28
C VAL B 440 6.62 13.09 -47.01
N SER B 441 7.44 12.05 -47.09
CA SER B 441 7.65 11.25 -45.89
C SER B 441 8.32 12.08 -44.80
N SER B 442 9.32 12.85 -45.16
CA SER B 442 9.97 13.71 -44.18
C SER B 442 9.03 14.78 -43.62
N PRO B 443 8.22 15.43 -44.46
CA PRO B 443 7.26 16.38 -43.89
C PRO B 443 6.30 15.72 -42.92
N VAL B 444 5.86 14.49 -43.18
CA VAL B 444 4.85 13.85 -42.34
C VAL B 444 5.46 13.37 -41.04
N ILE B 445 6.56 12.64 -41.13
CA ILE B 445 7.22 12.09 -39.96
C ILE B 445 7.61 13.22 -39.02
N SER B 446 8.09 14.32 -39.58
CA SER B 446 8.50 15.46 -38.77
C SER B 446 7.35 16.06 -37.99
N ILE B 447 6.17 16.09 -38.59
CA ILE B 447 4.98 16.65 -37.94
C ILE B 447 4.61 15.85 -36.71
N VAL B 448 4.79 14.54 -36.78
CA VAL B 448 4.36 13.72 -35.67
C VAL B 448 5.41 13.82 -34.59
N LEU B 449 6.68 13.89 -34.97
CA LEU B 449 7.72 14.09 -33.96
C LEU B 449 7.57 15.42 -33.28
N VAL B 450 7.25 16.46 -34.03
CA VAL B 450 7.12 17.81 -33.47
C VAL B 450 6.01 17.91 -32.44
N LEU B 451 4.91 17.20 -32.65
CA LEU B 451 3.78 17.32 -31.74
C LEU B 451 4.01 16.42 -30.57
N CYS B 452 4.65 15.28 -30.78
CA CYS B 452 4.99 14.43 -29.64
C CYS B 452 5.99 15.14 -28.76
N ALA B 453 6.96 15.84 -29.37
CA ALA B 453 7.99 16.52 -28.60
C ALA B 453 7.45 17.60 -27.68
N VAL B 454 6.47 18.37 -28.13
CA VAL B 454 5.89 19.40 -27.28
C VAL B 454 5.25 18.77 -26.06
N PHE B 455 4.64 17.60 -26.21
CA PHE B 455 3.92 17.00 -25.09
C PHE B 455 4.81 16.14 -24.20
N ILE B 456 6.08 15.99 -24.58
CA ILE B 456 7.00 15.25 -23.71
C ILE B 456 7.18 15.95 -22.38
N PRO B 457 7.43 17.26 -22.40
CA PRO B 457 7.70 17.93 -21.12
C PRO B 457 6.53 17.84 -20.16
N VAL B 458 5.32 18.10 -20.63
CA VAL B 458 4.15 18.12 -19.75
C VAL B 458 3.91 16.77 -19.11
N SER B 459 4.48 15.72 -19.69
CA SER B 459 4.27 14.38 -19.16
C SER B 459 4.70 14.31 -17.71
N PHE B 460 5.88 14.86 -17.41
CA PHE B 460 6.39 14.77 -16.05
C PHE B 460 6.02 15.95 -15.18
N ILE B 461 5.61 17.05 -15.81
CA ILE B 461 5.18 18.21 -15.04
C ILE B 461 4.05 17.78 -14.12
N SER B 462 4.17 18.10 -12.83
CA SER B 462 3.15 17.65 -11.88
C SER B 462 2.38 18.81 -11.28
N GLY B 463 1.25 18.51 -10.65
CA GLY B 463 0.44 19.55 -10.05
C GLY B 463 -0.84 19.79 -10.82
N PHE B 464 -1.73 20.62 -10.27
CA PHE B 464 -3.00 20.87 -10.93
C PHE B 464 -2.80 21.07 -12.41
N VAL B 465 -1.94 22.01 -12.77
CA VAL B 465 -1.71 22.31 -14.17
C VAL B 465 -1.16 21.10 -14.91
N GLY B 466 -0.24 20.39 -14.27
CA GLY B 466 0.38 19.25 -14.91
C GLY B 466 -0.59 18.14 -15.22
N GLU B 467 -1.51 17.87 -14.31
CA GLU B 467 -2.52 16.84 -14.55
C GLU B 467 -3.44 17.26 -15.70
N ILE B 468 -3.89 18.50 -15.70
CA ILE B 468 -4.79 18.98 -16.75
C ILE B 468 -4.11 18.88 -18.10
N GLN B 469 -2.91 19.42 -18.20
CA GLN B 469 -2.21 19.42 -19.47
C GLN B 469 -1.89 18.01 -19.93
N ARG B 470 -1.83 17.05 -19.01
CA ARG B 470 -1.45 15.72 -19.41
C ARG B 470 -2.60 15.03 -20.09
N GLN B 471 -3.79 15.18 -19.50
CA GLN B 471 -4.99 14.62 -20.10
C GLN B 471 -5.14 15.12 -21.53
N PHE B 472 -4.92 16.41 -21.77
CA PHE B 472 -4.96 16.92 -23.14
C PHE B 472 -3.84 16.33 -23.98
N ALA B 473 -2.63 16.29 -23.42
CA ALA B 473 -1.48 15.86 -24.20
C ALA B 473 -1.51 14.44 -24.68
N LEU B 474 -1.83 13.49 -23.83
CA LEU B 474 -1.76 12.12 -24.28
C LEU B 474 -2.83 11.84 -25.30
N THR B 475 -4.03 12.37 -25.14
CA THR B 475 -5.00 12.16 -26.19
C THR B 475 -4.50 12.76 -27.50
N LEU B 476 -3.99 13.98 -27.44
CA LEU B 476 -3.52 14.63 -28.67
C LEU B 476 -2.32 13.94 -29.29
N ALA B 477 -1.29 13.66 -28.50
CA ALA B 477 -0.08 13.07 -29.07
C ALA B 477 -0.36 11.73 -29.73
N ILE B 478 -1.06 10.86 -29.01
CA ILE B 478 -1.32 9.53 -29.55
C ILE B 478 -2.12 9.62 -30.85
N SER B 479 -3.11 10.50 -30.88
CA SER B 479 -3.93 10.61 -32.07
C SER B 479 -3.11 11.06 -33.27
N VAL B 480 -2.21 12.01 -33.07
CA VAL B 480 -1.36 12.46 -34.15
C VAL B 480 -0.47 11.33 -34.64
N ALA B 481 0.08 10.57 -33.71
CA ALA B 481 0.98 9.49 -34.10
C ALA B 481 0.26 8.48 -34.97
N ILE B 482 -0.91 8.04 -34.53
CA ILE B 482 -1.68 7.07 -35.31
C ILE B 482 -2.06 7.65 -36.66
N SER B 483 -2.43 8.93 -36.69
CA SER B 483 -2.78 9.56 -37.96
C SER B 483 -1.58 9.56 -38.88
N GLY B 484 -0.40 9.75 -38.31
CA GLY B 484 0.81 9.71 -39.10
C GLY B 484 1.02 8.36 -39.74
N PHE B 485 0.75 7.30 -38.99
CA PHE B 485 0.93 5.96 -39.53
C PHE B 485 -0.02 5.75 -40.69
N VAL B 486 -1.25 6.22 -40.54
CA VAL B 486 -2.23 6.08 -41.59
C VAL B 486 -1.76 6.84 -42.82
N ALA B 487 -1.25 8.04 -42.61
CA ALA B 487 -0.79 8.85 -43.73
C ALA B 487 0.36 8.19 -44.43
N LEU B 488 1.30 7.64 -43.68
CA LEU B 488 2.41 6.93 -44.28
C LEU B 488 1.99 5.67 -45.00
N THR B 489 1.00 4.96 -44.46
CA THR B 489 0.61 3.65 -45.00
C THR B 489 -0.72 3.55 -45.72
N LEU B 490 -1.82 3.66 -44.98
CA LEU B 490 -3.14 3.47 -45.58
C LEU B 490 -3.52 4.49 -46.64
N THR B 491 -3.21 5.75 -46.41
CA THR B 491 -3.65 6.76 -47.35
C THR B 491 -3.05 6.56 -48.75
N PRO B 492 -1.74 6.27 -48.84
CA PRO B 492 -1.25 6.03 -50.20
C PRO B 492 -1.88 4.81 -50.84
N SER B 493 -2.02 3.72 -50.11
CA SER B 493 -2.54 2.49 -50.69
C SER B 493 -3.95 2.71 -51.22
N LEU B 494 -4.81 3.30 -50.39
CA LEU B 494 -6.18 3.53 -50.82
C LEU B 494 -6.24 4.49 -52.00
N SER B 495 -5.44 5.55 -51.95
CA SER B 495 -5.45 6.52 -53.02
C SER B 495 -5.01 5.89 -54.34
N ALA B 496 -4.00 5.04 -54.28
CA ALA B 496 -3.52 4.42 -55.50
C ALA B 496 -4.64 3.55 -56.06
N LEU B 497 -5.37 2.89 -55.17
CA LEU B 497 -6.43 1.99 -55.62
C LEU B 497 -7.61 2.75 -56.22
N PHE B 498 -7.98 3.88 -55.63
CA PHE B 498 -9.18 4.58 -56.09
C PHE B 498 -8.99 5.82 -56.96
N LEU B 499 -8.00 6.66 -56.65
CA LEU B 499 -7.86 7.92 -57.38
C LEU B 499 -7.53 7.73 -58.86
N THR B 500 -8.17 8.53 -59.72
CA THR B 500 -7.91 8.45 -61.15
C THR B 500 -7.79 9.84 -61.72
N ARG B 501 -7.05 9.99 -62.81
CA ARG B 501 -6.94 11.30 -63.45
C ARG B 501 -8.11 11.51 -64.39
N ASN B 502 -8.91 10.48 -64.57
CA ASN B 502 -10.06 10.56 -65.47
C ASN B 502 -11.07 11.58 -64.98
N GLU B 503 -11.13 11.78 -63.66
CA GLU B 503 -12.13 12.65 -63.06
C GLU B 503 -12.10 14.07 -63.60
N SER B 504 -13.27 14.70 -63.69
CA SER B 504 -13.37 16.04 -64.25
C SER B 504 -14.65 16.70 -63.76
N LYS B 505 -14.89 17.94 -64.18
CA LYS B 505 -16.13 18.63 -63.82
C LYS B 505 -16.48 18.77 -62.34
N PRO B 506 -15.59 19.37 -61.54
CA PRO B 506 -15.98 19.60 -60.14
C PRO B 506 -17.07 20.67 -60.10
N PHE B 507 -17.81 20.74 -58.99
CA PHE B 507 -18.93 21.67 -58.93
C PHE B 507 -18.49 23.12 -59.06
N TYR B 508 -19.36 23.97 -59.58
CA TYR B 508 -18.98 25.35 -59.85
C TYR B 508 -18.53 26.12 -58.61
N PHE B 509 -19.24 25.94 -57.50
CA PHE B 509 -18.87 26.67 -56.29
C PHE B 509 -17.50 26.24 -55.80
N ILE B 510 -17.15 24.97 -55.99
CA ILE B 510 -15.84 24.48 -55.60
C ILE B 510 -14.78 25.09 -56.49
N GLN B 511 -15.07 25.13 -57.79
CA GLN B 511 -14.11 25.67 -58.75
C GLN B 511 -13.77 27.11 -58.47
N LYS B 512 -14.77 27.93 -58.20
CA LYS B 512 -14.54 29.36 -58.00
C LYS B 512 -13.69 29.58 -56.76
N PHE B 513 -13.88 28.74 -55.75
CA PHE B 513 -13.12 28.87 -54.51
C PHE B 513 -11.66 28.49 -54.77
N ASN B 514 -11.46 27.46 -55.58
CA ASN B 514 -10.10 27.05 -55.90
C ASN B 514 -9.35 28.11 -56.68
N ASP B 515 -10.04 28.78 -57.60
CA ASP B 515 -9.42 29.84 -58.38
C ASP B 515 -8.98 30.98 -57.48
N PHE B 516 -9.82 31.34 -56.51
CA PHE B 516 -9.46 32.44 -55.63
C PHE B 516 -8.27 31.98 -54.84
N PHE B 517 -8.22 30.70 -54.53
CA PHE B 517 -7.10 30.16 -53.81
C PHE B 517 -5.82 30.23 -54.63
N ASP B 518 -5.93 29.98 -55.93
CA ASP B 518 -4.74 29.95 -56.74
C ASP B 518 -4.23 31.35 -56.99
N TRP B 519 -5.10 32.35 -56.89
CA TRP B 519 -4.63 33.70 -57.01
C TRP B 519 -3.97 34.10 -55.70
N SER B 520 -4.48 33.60 -54.58
CA SER B 520 -3.83 33.90 -53.30
C SER B 520 -2.45 33.27 -53.27
N THR B 521 -2.25 32.20 -54.04
CA THR B 521 -0.94 31.58 -54.12
C THR B 521 0.06 32.54 -54.71
N SER B 522 -0.37 33.30 -55.72
CA SER B 522 0.51 34.23 -56.38
C SER B 522 0.77 35.41 -55.47
N VAL B 523 -0.26 35.82 -54.71
CA VAL B 523 -0.08 36.92 -53.79
C VAL B 523 0.95 36.52 -52.74
N PHE B 524 0.88 35.29 -52.27
CA PHE B 524 1.84 34.83 -51.29
C PHE B 524 3.25 34.84 -51.88
N SER B 525 3.38 34.35 -53.11
CA SER B 525 4.70 34.29 -53.73
C SER B 525 5.26 35.68 -53.91
N SER B 526 4.43 36.62 -54.36
CA SER B 526 4.89 37.99 -54.54
C SER B 526 5.26 38.60 -53.20
N GLY B 527 4.46 38.30 -52.18
CA GLY B 527 4.75 38.83 -50.87
C GLY B 527 6.07 38.31 -50.36
N VAL B 528 6.34 37.04 -50.59
CA VAL B 528 7.59 36.45 -50.14
C VAL B 528 8.75 37.15 -50.82
N ALA B 529 8.61 37.42 -52.12
CA ALA B 529 9.68 38.06 -52.86
C ALA B 529 9.96 39.46 -52.31
N TYR B 530 8.91 40.21 -52.02
CA TYR B 530 9.10 41.54 -51.45
C TYR B 530 9.78 41.45 -50.11
N ILE B 531 9.30 40.56 -49.25
CA ILE B 531 9.87 40.43 -47.91
C ILE B 531 11.32 40.04 -48.00
N LEU B 532 11.65 39.16 -48.92
CA LEU B 532 13.03 38.71 -49.04
C LEU B 532 13.94 39.87 -49.39
N LYS B 533 13.49 40.73 -50.31
CA LYS B 533 14.28 41.89 -50.67
C LYS B 533 14.48 42.83 -49.50
N ARG B 534 13.42 43.09 -48.73
CA ARG B 534 13.52 43.95 -47.56
C ARG B 534 13.92 43.11 -46.37
N THR B 535 15.17 42.65 -46.35
CA THR B 535 15.63 41.77 -45.29
C THR B 535 15.61 42.40 -43.91
N ILE B 536 15.91 43.69 -43.81
CA ILE B 536 16.03 44.32 -42.51
C ILE B 536 14.76 45.03 -42.04
N ARG B 537 14.01 45.68 -42.91
CA ARG B 537 12.77 46.27 -42.45
C ARG B 537 11.90 45.21 -41.81
N PHE B 538 11.79 44.05 -42.44
CA PHE B 538 10.91 43.02 -41.91
C PHE B 538 11.45 42.36 -40.66
N VAL B 539 12.76 42.24 -40.52
CA VAL B 539 13.30 41.68 -39.28
C VAL B 539 12.95 42.60 -38.12
N LEU B 540 12.96 43.91 -38.33
CA LEU B 540 12.57 44.85 -37.29
C LEU B 540 11.12 44.64 -36.92
N VAL B 541 10.27 44.37 -37.91
CA VAL B 541 8.86 44.14 -37.65
C VAL B 541 8.70 42.96 -36.70
N PHE B 542 9.54 41.95 -36.87
CA PHE B 542 9.46 40.78 -36.01
C PHE B 542 9.77 41.18 -34.56
N CYS B 543 10.75 42.04 -34.38
CA CYS B 543 11.07 42.51 -33.03
C CYS B 543 9.93 43.31 -32.42
N ILE B 544 9.32 44.18 -33.21
CA ILE B 544 8.21 44.98 -32.73
C ILE B 544 7.11 44.04 -32.28
N MET B 545 6.87 43.00 -33.05
CA MET B 545 5.82 42.05 -32.72
C MET B 545 6.10 41.36 -31.40
N ILE B 546 7.35 40.97 -31.16
CA ILE B 546 7.70 40.32 -29.92
C ILE B 546 7.46 41.27 -28.75
N GLY B 547 7.80 42.53 -28.93
CA GLY B 547 7.55 43.51 -27.89
C GLY B 547 6.06 43.63 -27.65
N PHE B 548 5.28 43.56 -28.72
CA PHE B 548 3.85 43.68 -28.57
C PHE B 548 3.27 42.45 -27.88
N ILE B 549 3.91 41.31 -28.04
CA ILE B 549 3.45 40.10 -27.35
C ILE B 549 3.56 40.35 -25.86
N ALA B 550 4.68 40.94 -25.44
CA ALA B 550 4.88 41.21 -24.03
C ALA B 550 3.84 42.18 -23.50
N TYR B 551 3.55 43.21 -24.28
CA TYR B 551 2.55 44.18 -23.88
C TYR B 551 1.23 43.46 -23.70
N LEU B 552 0.87 42.64 -24.66
CA LEU B 552 -0.40 41.94 -24.58
C LEU B 552 -0.46 41.01 -23.38
N PHE B 553 0.63 40.30 -23.12
CA PHE B 553 0.64 39.38 -21.99
C PHE B 553 0.45 40.12 -20.68
N LYS B 554 1.09 41.28 -20.55
CA LYS B 554 0.94 42.07 -19.34
C LYS B 554 -0.49 42.56 -19.15
N ILE B 555 -1.14 43.04 -20.21
CA ILE B 555 -2.48 43.57 -20.05
C ILE B 555 -3.57 42.51 -19.84
N VAL B 556 -3.32 41.28 -20.29
CA VAL B 556 -4.30 40.21 -20.12
C VAL B 556 -4.33 39.72 -18.68
N PRO B 557 -5.53 39.61 -18.09
CA PRO B 557 -5.68 39.13 -16.71
C PRO B 557 -5.44 37.62 -16.60
N SER B 558 -5.39 37.07 -15.39
CA SER B 558 -5.15 35.64 -15.23
C SER B 558 -6.15 34.90 -14.35
N SER B 559 -6.59 33.73 -14.77
CA SER B 559 -7.48 32.90 -13.94
C SER B 559 -7.10 31.44 -14.13
N LEU B 560 -7.24 30.62 -13.09
CA LEU B 560 -6.96 29.19 -13.23
C LEU B 560 -7.88 28.46 -14.19
N VAL B 561 -9.18 28.70 -14.08
CA VAL B 561 -10.15 28.00 -14.91
C VAL B 561 -11.34 28.95 -15.16
N PRO B 562 -11.98 28.86 -16.32
CA PRO B 562 -13.14 29.73 -16.49
C PRO B 562 -14.29 29.45 -15.54
N SER B 563 -14.92 30.49 -15.01
CA SER B 563 -16.09 30.32 -14.16
C SER B 563 -17.20 29.74 -15.02
N GLU B 564 -17.85 28.67 -14.58
CA GLU B 564 -18.84 28.04 -15.43
C GLU B 564 -20.21 28.12 -14.81
N ASP B 565 -21.24 28.13 -15.63
CA ASP B 565 -22.59 28.14 -15.11
C ASP B 565 -22.84 26.70 -14.74
N GLN B 566 -23.04 26.43 -13.45
CA GLN B 566 -23.23 25.07 -13.00
C GLN B 566 -24.70 24.79 -12.77
N GLY B 567 -25.54 25.73 -13.15
CA GLY B 567 -26.97 25.57 -12.97
C GLY B 567 -27.46 25.47 -11.54
N VAL B 568 -26.56 25.59 -10.55
CA VAL B 568 -27.01 25.61 -9.18
C VAL B 568 -26.44 26.83 -8.48
N ILE B 569 -27.31 27.61 -7.84
CA ILE B 569 -26.85 28.79 -7.13
C ILE B 569 -26.83 28.57 -5.62
N MET B 570 -25.68 28.20 -5.08
CA MET B 570 -25.62 27.96 -3.66
C MET B 570 -25.84 29.26 -2.92
N SER B 571 -26.61 29.23 -1.84
CA SER B 571 -26.80 30.42 -1.03
C SER B 571 -26.36 30.14 0.37
N ILE B 572 -25.54 31.02 0.94
CA ILE B 572 -25.14 30.85 2.32
C ILE B 572 -25.82 31.95 3.12
N ILE B 573 -26.61 31.57 4.10
CA ILE B 573 -27.33 32.55 4.90
C ILE B 573 -26.86 32.47 6.33
N ASN B 574 -26.06 33.44 6.75
CA ASN B 574 -25.59 33.44 8.12
C ASN B 574 -26.39 34.48 8.84
N LEU B 575 -26.95 34.11 9.98
CA LEU B 575 -27.78 35.03 10.71
C LEU B 575 -26.98 35.63 11.86
N PRO B 576 -27.56 36.59 12.65
CA PRO B 576 -26.74 37.04 13.78
C PRO B 576 -26.27 35.92 14.68
N SER B 577 -25.20 36.16 15.44
CA SER B 577 -24.63 35.11 16.26
C SER B 577 -25.59 34.57 17.29
N GLY B 578 -26.36 35.44 17.92
CA GLY B 578 -27.25 34.99 18.96
C GLY B 578 -28.58 34.46 18.46
N SER B 579 -29.04 34.94 17.31
CA SER B 579 -30.35 34.52 16.83
C SER B 579 -30.53 33.01 16.82
N SER B 580 -31.68 32.55 17.27
CA SER B 580 -31.96 31.12 17.37
C SER B 580 -32.38 30.45 16.07
N ILE B 581 -32.47 29.13 16.11
CA ILE B 581 -32.85 28.39 14.92
C ILE B 581 -34.26 28.76 14.45
N HIS B 582 -35.20 28.99 15.35
CA HIS B 582 -36.54 29.30 14.89
C HIS B 582 -36.51 30.59 14.09
N ARG B 583 -35.72 31.57 14.54
CA ARG B 583 -35.58 32.81 13.80
C ARG B 583 -34.95 32.53 12.45
N THR B 584 -33.97 31.64 12.41
CA THR B 584 -33.31 31.31 11.16
C THR B 584 -34.27 30.70 10.15
N ILE B 585 -35.15 29.82 10.60
CA ILE B 585 -36.03 29.15 9.66
C ILE B 585 -36.97 30.12 8.98
N GLU B 586 -37.46 31.09 9.74
CA GLU B 586 -38.35 32.12 9.18
C GLU B 586 -37.65 32.80 8.04
N GLU B 587 -36.44 33.28 8.28
CA GLU B 587 -35.69 34.00 7.27
C GLU B 587 -35.40 33.18 6.04
N VAL B 588 -35.18 31.88 6.21
CA VAL B 588 -34.78 31.07 5.08
C VAL B 588 -35.99 30.74 4.22
N ASP B 589 -37.18 30.67 4.81
CA ASP B 589 -38.34 30.43 3.98
C ASP B 589 -38.70 31.69 3.23
N THR B 590 -38.41 32.85 3.79
CA THR B 590 -38.67 34.07 3.07
C THR B 590 -37.74 34.14 1.87
N ILE B 591 -36.52 33.66 2.04
CA ILE B 591 -35.60 33.62 0.92
C ILE B 591 -36.14 32.68 -0.14
N ASN B 592 -36.64 31.52 0.29
CA ASN B 592 -37.16 30.56 -0.66
C ASN B 592 -38.36 31.07 -1.41
N LYS B 593 -39.26 31.76 -0.73
CA LYS B 593 -40.47 32.24 -1.38
C LYS B 593 -40.14 33.25 -2.45
N ASN B 594 -39.23 34.17 -2.15
CA ASN B 594 -38.82 35.16 -3.14
C ASN B 594 -38.16 34.44 -4.30
N ALA B 595 -37.36 33.44 -3.99
CA ALA B 595 -36.67 32.67 -5.02
C ALA B 595 -37.61 31.91 -5.95
N THR B 596 -38.75 31.46 -5.44
CA THR B 596 -39.61 30.63 -6.27
C THR B 596 -40.37 31.54 -7.20
N GLN B 597 -40.62 32.78 -6.77
CA GLN B 597 -41.24 33.72 -7.69
C GLN B 597 -40.43 33.83 -8.97
N MET B 598 -39.11 33.78 -8.84
CA MET B 598 -38.25 33.82 -10.02
C MET B 598 -38.51 32.61 -10.88
N LYS B 599 -38.82 32.79 -12.15
CA LYS B 599 -39.18 31.65 -12.97
C LYS B 599 -37.95 30.84 -13.35
N GLU B 600 -36.78 31.48 -13.32
CA GLU B 600 -35.55 30.78 -13.63
C GLU B 600 -35.25 29.65 -12.64
N ILE B 601 -35.53 29.86 -11.36
CA ILE B 601 -35.19 28.86 -10.36
C ILE B 601 -36.28 27.82 -10.21
N SER B 602 -36.03 26.62 -10.70
CA SER B 602 -37.00 25.53 -10.61
C SER B 602 -37.30 25.01 -9.21
N SER B 603 -36.28 24.81 -8.39
CA SER B 603 -36.49 24.23 -7.06
C SER B 603 -35.48 24.70 -6.02
N SER B 604 -35.72 24.41 -4.73
CA SER B 604 -34.76 24.81 -3.70
C SER B 604 -34.59 23.78 -2.61
N VAL B 605 -33.37 23.31 -2.36
CA VAL B 605 -33.14 22.41 -1.24
C VAL B 605 -32.38 23.08 -0.11
N SER B 606 -32.97 23.14 1.08
CA SER B 606 -32.35 23.90 2.15
C SER B 606 -31.95 23.11 3.35
N LEU B 607 -30.73 23.32 3.83
CA LEU B 607 -30.32 22.66 5.06
C LEU B 607 -30.33 23.81 6.04
N ILE B 608 -31.14 23.71 7.08
CA ILE B 608 -31.27 24.82 8.02
C ILE B 608 -30.62 24.42 9.32
N GLY B 609 -29.79 25.30 9.88
CA GLY B 609 -29.10 24.98 11.10
C GLY B 609 -27.81 24.28 10.80
N PHE B 610 -27.37 24.35 9.54
CA PHE B 610 -26.15 23.69 9.13
C PHE B 610 -25.22 24.66 8.43
N ASP B 611 -23.93 24.62 8.76
CA ASP B 611 -22.98 25.46 8.05
C ASP B 611 -22.18 24.55 7.14
N LEU B 612 -22.24 24.80 5.85
CA LEU B 612 -21.53 23.97 4.89
C LEU B 612 -20.03 24.01 5.06
N PHE B 613 -19.49 25.20 5.30
CA PHE B 613 -18.05 25.34 5.36
C PHE B 613 -17.38 24.55 6.48
N THR B 614 -17.96 24.59 7.66
CA THR B 614 -17.40 23.84 8.79
C THR B 614 -17.99 22.45 8.87
N SER B 615 -19.01 22.17 8.06
CA SER B 615 -19.68 20.87 8.10
C SER B 615 -20.16 20.59 9.51
N SER B 616 -20.67 21.62 10.19
CA SER B 616 -21.10 21.46 11.56
C SER B 616 -22.44 22.16 11.73
N LEU B 617 -23.20 21.74 12.74
CA LEU B 617 -24.52 22.32 12.94
C LEU B 617 -24.43 23.58 13.78
N LYS B 618 -24.93 24.69 13.26
CA LYS B 618 -24.92 25.96 13.99
C LYS B 618 -26.29 26.57 13.78
N GLU B 619 -27.00 26.91 14.85
CA GLU B 619 -28.36 27.39 14.68
C GLU B 619 -28.48 28.61 13.77
N ASN B 620 -27.56 29.55 13.90
CA ASN B 620 -27.59 30.76 13.07
C ASN B 620 -27.42 30.51 11.58
N ALA B 621 -26.61 29.54 11.20
CA ALA B 621 -26.30 29.32 9.78
C ALA B 621 -27.30 28.49 9.00
N ALA B 622 -27.36 28.68 7.68
CA ALA B 622 -28.19 27.82 6.87
C ALA B 622 -27.69 27.85 5.44
N ALA B 623 -27.96 26.80 4.67
CA ALA B 623 -27.56 26.78 3.28
C ALA B 623 -28.73 26.41 2.39
N VAL B 624 -28.94 27.16 1.32
CA VAL B 624 -30.00 26.81 0.38
C VAL B 624 -29.41 26.65 -1.00
N PHE B 625 -29.68 25.53 -1.66
CA PHE B 625 -29.21 25.39 -3.02
C PHE B 625 -30.40 25.72 -3.88
N PHE B 626 -30.20 26.55 -4.89
CA PHE B 626 -31.29 26.88 -5.78
C PHE B 626 -30.99 26.19 -7.08
N ILE B 627 -31.87 25.29 -7.51
CA ILE B 627 -31.59 24.55 -8.71
C ILE B 627 -32.26 25.25 -9.87
N LEU B 628 -31.47 25.73 -10.81
CA LEU B 628 -32.01 26.46 -11.95
C LEU B 628 -32.58 25.56 -13.03
N LYS B 629 -33.34 26.14 -13.94
CA LYS B 629 -33.90 25.38 -15.05
C LYS B 629 -32.80 25.07 -16.05
N ASP B 630 -33.10 24.21 -17.02
CA ASP B 630 -32.08 23.80 -17.98
C ASP B 630 -31.56 25.01 -18.73
N TRP B 631 -30.30 24.96 -19.14
CA TRP B 631 -29.69 26.12 -19.79
C TRP B 631 -30.43 26.55 -21.03
N SER B 632 -30.90 25.59 -21.82
CA SER B 632 -31.66 25.95 -23.00
C SER B 632 -32.93 26.71 -22.62
N GLN B 633 -33.63 26.23 -21.60
CA GLN B 633 -34.85 26.90 -21.15
C GLN B 633 -34.64 28.30 -20.57
N ARG B 634 -33.61 28.49 -19.74
CA ARG B 634 -33.44 29.79 -19.12
C ARG B 634 -32.86 30.78 -20.11
N GLU B 635 -33.17 32.06 -19.91
CA GLU B 635 -32.65 33.10 -20.80
C GLU B 635 -31.61 33.94 -20.09
N ALA B 636 -31.48 33.74 -18.79
CA ALA B 636 -30.52 34.51 -18.01
C ALA B 636 -29.47 33.61 -17.40
N SER B 637 -28.20 34.00 -17.49
CA SER B 637 -27.13 33.17 -16.98
C SER B 637 -27.11 33.11 -15.47
N SER B 638 -26.24 32.28 -14.91
CA SER B 638 -26.17 32.13 -13.47
C SER B 638 -25.80 33.42 -12.83
N ASP B 639 -25.00 34.24 -13.50
CA ASP B 639 -24.52 35.44 -12.86
C ASP B 639 -25.55 36.54 -12.89
N GLN B 640 -26.39 36.60 -13.92
CA GLN B 640 -27.47 37.56 -13.91
C GLN B 640 -28.43 37.24 -12.80
N ILE B 641 -28.73 35.95 -12.62
CA ILE B 641 -29.64 35.50 -11.57
C ILE B 641 -29.08 35.87 -10.22
N ILE B 642 -27.77 35.71 -10.05
CA ILE B 642 -27.13 36.01 -8.77
C ILE B 642 -27.31 37.48 -8.44
N ALA B 643 -27.24 38.34 -9.44
CA ALA B 643 -27.31 39.76 -9.16
C ALA B 643 -28.75 40.17 -8.94
N GLN B 644 -29.69 39.44 -9.53
CA GLN B 644 -31.09 39.73 -9.24
C GLN B 644 -31.42 39.34 -7.82
N LEU B 645 -30.96 38.17 -7.40
CA LEU B 645 -31.17 37.73 -6.03
C LEU B 645 -30.60 38.75 -5.07
N PHE B 646 -29.39 39.20 -5.33
CA PHE B 646 -28.74 40.13 -4.42
C PHE B 646 -29.54 41.40 -4.29
N GLY B 647 -30.15 41.85 -5.38
CA GLY B 647 -30.87 43.11 -5.31
C GLY B 647 -32.23 42.95 -4.71
N GLN B 648 -32.81 41.75 -4.74
CA GLN B 648 -34.08 41.54 -4.06
C GLN B 648 -33.95 41.80 -2.58
N TYR B 649 -33.19 40.95 -1.90
CA TYR B 649 -33.06 41.07 -0.46
C TYR B 649 -32.40 42.39 -0.08
N ALA B 650 -31.33 42.76 -0.78
CA ALA B 650 -30.70 44.06 -0.55
C ALA B 650 -30.37 44.28 0.91
N ALA B 651 -30.70 45.44 1.46
CA ALA B 651 -30.29 45.66 2.83
C ALA B 651 -31.43 45.78 3.79
N ASP B 652 -32.27 44.75 3.85
CA ASP B 652 -33.33 44.72 4.85
C ASP B 652 -32.52 44.52 6.10
N ARG B 653 -31.43 43.77 5.99
CA ARG B 653 -30.52 43.55 7.13
C ARG B 653 -31.00 42.62 8.23
N ASN B 654 -32.07 41.87 7.99
CA ASN B 654 -32.49 40.89 8.98
C ASN B 654 -31.40 39.84 9.09
N ALA B 655 -30.81 39.46 7.96
CA ALA B 655 -29.74 38.48 7.96
C ALA B 655 -28.72 38.83 6.90
N LEU B 656 -27.64 38.07 6.82
CA LEU B 656 -26.67 38.30 5.77
C LEU B 656 -26.72 37.13 4.81
N SER B 657 -27.03 37.40 3.55
CA SER B 657 -27.13 36.33 2.57
C SER B 657 -26.17 36.56 1.44
N TYR B 658 -25.30 35.59 1.21
CA TYR B 658 -24.33 35.71 0.14
C TYR B 658 -24.68 34.64 -0.87
N PHE B 659 -24.88 35.03 -2.12
CA PHE B 659 -25.24 34.08 -3.15
C PHE B 659 -24.01 33.78 -3.96
N LEU B 660 -23.55 32.54 -3.90
CA LEU B 660 -22.32 32.19 -4.57
C LEU B 660 -22.53 31.12 -5.62
N ASN B 661 -21.83 31.24 -6.74
CA ASN B 661 -21.94 30.24 -7.77
C ASN B 661 -21.28 28.96 -7.29
N LEU B 662 -21.68 27.83 -7.83
CA LEU B 662 -21.01 26.58 -7.48
C LEU B 662 -19.59 26.60 -8.02
N PRO B 663 -18.68 25.88 -7.34
CA PRO B 663 -17.28 25.90 -7.74
C PRO B 663 -17.05 25.36 -9.14
N PRO B 664 -15.99 25.83 -9.83
CA PRO B 664 -15.70 25.40 -11.20
C PRO B 664 -15.33 23.95 -11.20
N ILE B 665 -14.33 23.56 -10.43
CA ILE B 665 -13.99 22.15 -10.30
C ILE B 665 -14.69 21.77 -9.01
N PRO B 666 -15.62 20.78 -9.04
CA PRO B 666 -16.33 20.54 -7.78
C PRO B 666 -15.45 20.18 -6.60
N GLY B 667 -14.52 19.26 -6.77
CA GLY B 667 -13.69 18.83 -5.66
C GLY B 667 -12.82 19.87 -4.99
N LEU B 668 -12.31 20.83 -5.75
CA LEU B 668 -11.35 21.78 -5.19
C LEU B 668 -11.85 22.63 -4.02
N SER B 669 -13.06 23.14 -4.09
CA SER B 669 -13.54 24.01 -3.02
C SER B 669 -15.02 23.79 -2.77
N LEU B 670 -15.49 24.20 -1.60
CA LEU B 670 -16.93 24.09 -1.34
C LEU B 670 -17.69 25.12 -2.14
N THR B 671 -17.11 26.30 -2.33
CA THR B 671 -17.77 27.34 -3.14
C THR B 671 -16.80 28.13 -4.00
N GLY B 672 -17.29 28.62 -5.14
CA GLY B 672 -16.45 29.38 -6.04
C GLY B 672 -15.97 30.66 -5.39
N GLY B 673 -14.71 31.00 -5.62
CA GLY B 673 -14.15 32.18 -4.99
C GLY B 673 -12.77 31.87 -4.49
N PHE B 674 -12.30 32.66 -3.54
CA PHE B 674 -10.99 32.44 -2.94
C PHE B 674 -11.00 32.48 -1.43
N GLU B 675 -10.28 31.55 -0.83
CA GLU B 675 -10.22 31.49 0.62
C GLU B 675 -8.83 31.86 1.06
N MET B 676 -8.72 32.86 1.91
CA MET B 676 -7.42 33.29 2.40
C MET B 676 -7.43 33.23 3.92
N TYR B 677 -6.39 32.66 4.49
CA TYR B 677 -6.34 32.56 5.94
C TYR B 677 -5.38 33.56 6.52
N ALA B 678 -5.90 34.51 7.28
CA ALA B 678 -5.04 35.48 7.93
C ALA B 678 -4.38 34.88 9.16
N GLN B 679 -3.31 34.11 8.97
CA GLN B 679 -2.65 33.49 10.11
C GLN B 679 -2.04 34.56 10.98
N ASN B 680 -2.14 34.41 12.29
CA ASN B 680 -1.51 35.37 13.18
C ASN B 680 -0.26 34.81 13.82
N LYS B 681 0.88 35.36 13.43
CA LYS B 681 2.15 34.92 14.00
C LYS B 681 2.31 35.29 15.47
N SER B 682 1.78 36.45 15.88
CA SER B 682 2.02 36.88 17.27
C SER B 682 1.50 35.91 18.30
N GLY B 683 0.32 35.33 18.10
CA GLY B 683 -0.26 34.58 19.20
C GLY B 683 -1.21 35.45 19.97
N LYS B 684 -1.97 36.27 19.26
CA LYS B 684 -2.95 37.13 19.89
C LYS B 684 -4.20 36.34 20.22
N ASP B 685 -5.11 36.95 20.96
CA ASP B 685 -6.33 36.27 21.35
C ASP B 685 -7.27 36.42 20.20
N TYR B 686 -8.17 35.47 20.01
CA TYR B 686 -9.06 35.50 18.86
C TYR B 686 -9.95 36.72 18.83
N ASP B 687 -10.23 37.31 19.99
CA ASP B 687 -11.14 38.42 20.00
C ASP B 687 -10.38 39.65 19.52
N ALA B 688 -9.06 39.59 19.63
CA ALA B 688 -8.21 40.68 19.16
C ALA B 688 -8.00 40.50 17.68
N ILE B 689 -7.77 39.26 17.26
CA ILE B 689 -7.61 38.95 15.85
C ILE B 689 -8.85 39.46 15.13
N GLN B 690 -9.99 39.39 15.80
CA GLN B 690 -11.23 39.81 15.17
C GLN B 690 -11.19 41.27 14.80
N GLN B 691 -10.60 42.11 15.63
CA GLN B 691 -10.66 43.53 15.34
C GLN B 691 -9.66 43.93 14.28
N ASP B 692 -8.60 43.14 14.11
CA ASP B 692 -7.68 43.43 13.02
C ASP B 692 -8.23 42.98 11.70
N VAL B 693 -8.83 41.79 11.67
CA VAL B 693 -9.42 41.29 10.45
C VAL B 693 -10.61 42.13 10.00
N ASN B 694 -11.38 42.65 10.95
CA ASN B 694 -12.50 43.51 10.59
C ASN B 694 -12.00 44.73 9.85
N LYS B 695 -10.88 45.27 10.31
CA LYS B 695 -10.30 46.43 9.65
C LYS B 695 -9.90 46.07 8.23
N MET B 696 -9.33 44.88 8.06
CA MET B 696 -8.90 44.45 6.74
C MET B 696 -10.12 44.29 5.86
N LEU B 697 -11.22 43.89 6.46
CA LEU B 697 -12.45 43.69 5.71
C LEU B 697 -12.95 44.97 5.07
N GLU B 698 -12.77 46.10 5.75
CA GLU B 698 -13.34 47.33 5.25
C GLU B 698 -12.49 47.86 4.11
N LEU B 699 -11.18 47.69 4.18
CA LEU B 699 -10.34 48.08 3.05
C LEU B 699 -10.66 47.21 1.85
N ALA B 700 -10.88 45.93 2.08
CA ALA B 700 -11.17 45.01 0.99
C ALA B 700 -12.45 45.42 0.30
N ARG B 701 -13.43 45.86 1.06
CA ARG B 701 -14.70 46.26 0.48
C ARG B 701 -14.52 47.45 -0.46
N THR B 702 -13.64 48.36 -0.12
CA THR B 702 -13.40 49.52 -0.99
C THR B 702 -12.82 49.13 -2.35
N ARG B 703 -12.02 48.07 -2.39
CA ARG B 703 -11.38 47.64 -3.63
C ARG B 703 -12.40 47.16 -4.65
N LYS B 704 -12.29 47.66 -5.87
CA LYS B 704 -13.23 47.29 -6.93
C LYS B 704 -13.19 45.82 -7.32
N GLU B 705 -12.00 45.24 -7.39
CA GLU B 705 -11.87 43.85 -7.82
C GLU B 705 -12.55 42.90 -6.86
N LEU B 706 -12.40 43.15 -5.57
CA LEU B 706 -12.98 42.27 -4.56
C LEU B 706 -14.47 42.44 -4.35
N ALA B 707 -15.18 41.36 -4.07
CA ALA B 707 -16.62 41.44 -3.79
C ALA B 707 -17.00 40.34 -2.80
N ASN B 708 -18.06 40.56 -2.03
CA ASN B 708 -18.53 39.55 -1.07
C ASN B 708 -17.46 39.12 -0.08
N VAL B 709 -16.62 40.05 0.35
CA VAL B 709 -15.55 39.71 1.28
C VAL B 709 -16.14 39.47 2.65
N ARG B 710 -15.82 38.34 3.28
CA ARG B 710 -16.42 38.01 4.56
C ARG B 710 -15.47 37.19 5.41
N THR B 711 -15.73 37.11 6.71
CA THR B 711 -14.87 36.36 7.62
C THR B 711 -15.68 35.42 8.47
N THR B 712 -15.37 34.13 8.37
CA THR B 712 -16.10 33.15 9.15
C THR B 712 -16.00 33.42 10.63
N LEU B 713 -14.84 33.88 11.09
CA LEU B 713 -14.66 34.08 12.53
C LEU B 713 -15.59 35.11 13.12
N ASP B 714 -16.37 34.73 14.12
CA ASP B 714 -17.24 35.67 14.80
C ASP B 714 -17.00 35.47 16.28
N THR B 715 -16.67 36.55 16.99
CA THR B 715 -16.38 36.44 18.41
C THR B 715 -17.51 37.01 19.26
N SER B 716 -18.64 37.28 18.65
CA SER B 716 -19.72 37.93 19.39
C SER B 716 -20.74 36.98 19.98
N PHE B 717 -20.55 35.68 19.79
CA PHE B 717 -21.53 34.72 20.28
C PHE B 717 -21.77 34.92 21.76
N PRO B 718 -23.04 35.08 22.15
CA PRO B 718 -23.36 35.29 23.56
C PRO B 718 -22.98 34.07 24.37
N GLN B 719 -22.23 34.27 25.45
CA GLN B 719 -21.79 33.15 26.26
C GLN B 719 -21.87 33.44 27.74
N TYR B 720 -22.53 32.58 28.49
CA TYR B 720 -22.58 32.76 29.93
C TYR B 720 -21.49 31.91 30.55
N LYS B 721 -20.84 32.43 31.58
CA LYS B 721 -19.78 31.70 32.24
C LYS B 721 -20.05 31.57 33.71
N LEU B 722 -19.99 30.35 34.23
CA LEU B 722 -20.29 30.13 35.65
C LEU B 722 -19.04 30.25 36.48
N ILE B 723 -19.08 31.09 37.51
CA ILE B 723 -17.94 31.24 38.39
C ILE B 723 -18.14 30.40 39.63
N ILE B 724 -17.12 29.63 39.99
CA ILE B 724 -17.23 28.76 41.15
C ILE B 724 -16.66 29.43 42.39
N ASP B 725 -17.44 29.46 43.47
CA ASP B 725 -16.95 30.02 44.71
C ASP B 725 -16.50 28.77 45.42
N ARG B 726 -15.23 28.41 45.24
CA ARG B 726 -14.75 27.16 45.80
C ARG B 726 -14.95 27.05 47.30
N ASP B 727 -14.69 28.13 48.03
CA ASP B 727 -14.85 28.10 49.47
C ASP B 727 -16.27 27.73 49.80
N LYS B 728 -17.21 28.43 49.19
CA LYS B 728 -18.62 28.19 49.48
C LYS B 728 -18.99 26.78 49.06
N MET B 729 -18.45 26.30 47.96
CA MET B 729 -18.72 24.95 47.50
C MET B 729 -18.25 23.88 48.46
N LYS B 730 -17.10 24.07 49.09
CA LYS B 730 -16.58 23.02 49.94
C LYS B 730 -17.32 23.15 51.25
N TYR B 731 -17.74 24.36 51.57
CA TYR B 731 -18.61 24.53 52.73
C TYR B 731 -19.90 23.91 52.25
N TYR B 732 -20.74 23.40 53.15
CA TYR B 732 -21.96 22.67 52.78
C TYR B 732 -21.55 21.31 52.25
N ASN B 733 -20.27 21.00 52.29
CA ASN B 733 -19.77 19.69 51.86
C ASN B 733 -20.09 19.24 50.44
N LEU B 734 -19.71 19.98 49.41
CA LEU B 734 -20.10 19.54 48.07
C LEU B 734 -18.95 19.17 47.17
N ASN B 735 -18.98 17.96 46.62
CA ASN B 735 -17.96 17.55 45.66
C ASN B 735 -18.18 18.36 44.39
N MET B 736 -17.11 18.96 43.86
CA MET B 736 -17.24 19.74 42.64
C MET B 736 -17.58 18.86 41.46
N GLN B 737 -17.06 17.65 41.41
CA GLN B 737 -17.44 16.75 40.34
C GLN B 737 -18.96 16.56 40.31
N ASP B 738 -19.58 16.47 41.49
CA ASP B 738 -21.03 16.30 41.56
C ASP B 738 -21.74 17.52 41.02
N VAL B 739 -21.18 18.69 41.26
CA VAL B 739 -21.76 19.93 40.74
C VAL B 739 -21.73 19.94 39.21
N PHE B 740 -20.68 19.37 38.63
CA PHE B 740 -20.56 19.44 37.18
C PHE B 740 -21.48 18.39 36.60
N ASN B 741 -21.87 17.41 37.40
CA ASN B 741 -22.84 16.43 36.94
C ASN B 741 -24.29 16.93 36.99
N THR B 742 -24.67 17.59 38.07
CA THR B 742 -26.00 18.18 38.15
C THR B 742 -26.19 19.15 37.00
N ILE B 743 -25.23 20.03 36.80
CA ILE B 743 -25.35 21.04 35.74
C ILE B 743 -25.27 20.41 34.35
N SER B 744 -24.42 19.42 34.17
CA SER B 744 -24.36 18.72 32.89
C SER B 744 -25.68 18.02 32.62
N ALA B 745 -26.41 17.70 33.67
CA ALA B 745 -27.68 16.99 33.53
C ALA B 745 -28.84 17.93 33.29
N THR B 746 -29.05 18.91 34.17
CA THR B 746 -30.21 19.77 34.04
C THR B 746 -30.15 20.74 32.86
N ILE B 747 -29.10 21.54 32.82
CA ILE B 747 -28.87 22.52 31.75
C ILE B 747 -28.83 21.89 30.38
N GLY B 748 -28.01 20.87 30.22
CA GLY B 748 -27.83 20.26 28.91
C GLY B 748 -28.04 18.76 28.88
N THR B 749 -28.13 18.19 27.70
CA THR B 749 -28.38 16.76 27.56
C THR B 749 -27.28 15.87 28.17
N TYR B 750 -27.67 14.80 28.86
CA TYR B 750 -26.70 13.87 29.42
C TYR B 750 -27.02 12.46 28.89
N TYR B 751 -26.03 11.77 28.32
CA TYR B 751 -26.31 10.46 27.75
C TYR B 751 -25.97 9.33 28.71
N VAL B 752 -26.99 8.79 29.37
CA VAL B 752 -26.79 7.66 30.28
C VAL B 752 -26.47 6.31 29.66
N ASN B 753 -27.38 5.75 28.87
CA ASN B 753 -27.24 4.40 28.32
C ASN B 753 -28.11 4.21 27.09
N ASP B 754 -27.99 3.06 26.44
CA ASP B 754 -28.79 2.78 25.25
C ASP B 754 -30.11 2.05 25.53
N PHE B 755 -31.08 2.18 24.63
CA PHE B 755 -32.35 1.45 24.78
C PHE B 755 -32.60 0.70 23.47
N PRO B 756 -33.42 -0.36 23.49
CA PRO B 756 -33.55 -1.20 22.28
C PRO B 756 -34.62 -0.94 21.22
N MET B 757 -35.29 0.20 21.20
CA MET B 757 -36.40 0.41 20.26
C MET B 757 -36.09 0.25 18.77
N LEU B 758 -36.98 -0.39 18.03
CA LEU B 758 -36.83 -0.55 16.57
C LEU B 758 -35.62 -1.34 16.08
N GLY B 759 -35.14 -2.28 16.87
CA GLY B 759 -34.05 -3.13 16.42
C GLY B 759 -32.64 -2.58 16.50
N LYS B 760 -32.52 -1.32 16.88
CA LYS B 760 -31.19 -0.71 17.03
C LYS B 760 -31.09 0.00 18.35
N ASN B 761 -29.88 0.24 18.82
CA ASN B 761 -29.75 0.85 20.13
C ASN B 761 -29.77 2.35 19.96
N PHE B 762 -30.61 3.02 20.76
CA PHE B 762 -30.69 4.46 20.75
C PHE B 762 -30.33 5.06 22.11
N GLN B 763 -29.94 6.33 22.15
CA GLN B 763 -29.52 6.98 23.40
C GLN B 763 -30.62 7.33 24.37
N VAL B 764 -30.30 7.39 25.66
CA VAL B 764 -31.28 7.82 26.66
C VAL B 764 -30.73 9.11 27.22
N ASN B 765 -31.41 10.23 26.96
CA ASN B 765 -30.88 11.53 27.37
C ASN B 765 -31.67 12.21 28.47
N ILE B 766 -30.98 12.70 29.49
CA ILE B 766 -31.65 13.37 30.60
C ILE B 766 -31.41 14.87 30.61
N ARG B 767 -32.47 15.67 30.60
CA ARG B 767 -32.31 17.11 30.66
C ARG B 767 -33.48 17.78 31.36
N ALA B 768 -33.24 18.92 31.99
CA ALA B 768 -34.30 19.65 32.65
C ALA B 768 -35.28 20.16 31.62
N LEU B 769 -36.50 20.46 32.04
CA LEU B 769 -37.52 20.86 31.08
C LEU B 769 -37.97 22.29 31.27
N GLY B 770 -37.57 23.18 30.37
CA GLY B 770 -38.04 24.56 30.43
C GLY B 770 -37.55 25.36 31.62
N ASP B 771 -36.83 24.71 32.52
CA ASP B 771 -36.28 25.41 33.68
C ASP B 771 -34.88 25.89 33.35
N PHE B 772 -34.54 25.89 32.07
CA PHE B 772 -33.24 26.39 31.64
C PHE B 772 -33.38 27.52 30.64
N ARG B 773 -34.51 28.23 30.69
CA ARG B 773 -34.66 29.40 29.80
C ARG B 773 -34.07 30.70 30.35
N ASN B 774 -34.17 30.92 31.65
CA ASN B 774 -33.63 32.12 32.25
C ASN B 774 -32.26 31.83 32.83
N THR B 775 -31.38 32.82 32.80
CA THR B 775 -30.02 32.60 33.30
C THR B 775 -29.99 32.30 34.78
N GLN B 776 -30.60 33.17 35.59
CA GLN B 776 -30.51 32.99 37.03
C GLN B 776 -31.58 32.06 37.55
N ASP B 777 -32.82 32.31 37.17
CA ASP B 777 -33.91 31.49 37.66
C ASP B 777 -33.44 30.06 37.75
N ALA B 778 -32.75 29.59 36.70
CA ALA B 778 -32.29 28.21 36.66
C ALA B 778 -31.35 27.94 37.78
N LEU B 779 -30.38 28.82 37.97
CA LEU B 779 -29.38 28.60 38.98
C LEU B 779 -30.06 28.45 40.33
N LYS B 780 -31.13 29.19 40.54
CA LYS B 780 -31.80 29.15 41.83
C LYS B 780 -32.66 27.91 41.98
N ASN B 781 -33.34 27.51 40.92
CA ASN B 781 -34.25 26.37 41.02
C ASN B 781 -33.54 25.06 41.31
N ILE B 782 -32.42 24.81 40.66
CA ILE B 782 -31.73 23.52 40.83
C ILE B 782 -31.11 23.36 42.21
N TYR B 783 -31.37 22.22 42.85
CA TYR B 783 -30.81 21.97 44.17
C TYR B 783 -29.95 20.72 44.18
N ILE B 784 -28.73 20.81 44.70
CA ILE B 784 -27.88 19.63 44.82
C ILE B 784 -27.85 19.13 46.27
N ARG B 785 -27.89 17.82 46.50
CA ARG B 785 -27.77 17.30 47.85
C ARG B 785 -26.34 17.35 48.31
N SER B 786 -26.15 17.63 49.59
CA SER B 786 -24.81 17.70 50.14
C SER B 786 -24.47 16.36 50.72
N SER B 787 -23.29 16.22 51.28
CA SER B 787 -22.90 14.97 51.95
C SER B 787 -23.78 14.85 53.18
N ASP B 788 -24.09 15.98 53.80
CA ASP B 788 -24.92 16.02 55.01
C ASP B 788 -26.37 15.75 54.66
N ASN B 789 -26.63 15.33 53.43
CA ASN B 789 -28.00 15.08 52.98
C ASN B 789 -28.90 16.30 53.09
N LYS B 790 -28.36 17.50 52.83
CA LYS B 790 -29.22 18.68 52.83
C LYS B 790 -29.07 19.40 51.51
N MET B 791 -30.19 19.69 50.87
CA MET B 791 -30.16 20.31 49.55
C MET B 791 -29.58 21.72 49.58
N ILE B 792 -28.70 22.02 48.64
CA ILE B 792 -28.12 23.35 48.56
C ILE B 792 -28.47 23.89 47.20
N PRO B 793 -29.05 25.13 47.13
CA PRO B 793 -29.29 25.78 45.84
C PRO B 793 -28.02 25.87 45.02
N LEU B 794 -28.09 25.76 43.70
CA LEU B 794 -26.90 25.96 42.88
C LEU B 794 -26.50 27.41 42.98
N ASN B 795 -27.48 28.28 43.20
CA ASN B 795 -27.21 29.72 43.23
C ASN B 795 -26.21 30.12 44.28
N SER B 796 -26.25 29.48 45.44
CA SER B 796 -25.37 29.92 46.51
C SER B 796 -23.89 29.86 46.16
N PHE B 797 -23.45 28.78 45.56
CA PHE B 797 -22.02 28.64 45.26
C PHE B 797 -21.63 28.96 43.83
N LEU B 798 -22.60 29.33 42.99
CA LEU B 798 -22.31 29.62 41.59
C LEU B 798 -22.80 30.99 41.16
N THR B 799 -22.01 31.67 40.34
CA THR B 799 -22.42 32.98 39.85
C THR B 799 -22.28 33.06 38.35
N LEU B 800 -23.40 33.23 37.65
CA LEU B 800 -23.37 33.32 36.20
C LEU B 800 -22.96 34.69 35.74
N VAL B 801 -22.04 34.75 34.78
CA VAL B 801 -21.59 36.04 34.24
C VAL B 801 -21.65 36.02 32.74
N ARG B 802 -22.32 37.01 32.15
CA ARG B 802 -22.44 37.07 30.70
C ARG B 802 -21.12 37.49 30.07
N SER B 803 -20.86 37.01 28.86
CA SER B 803 -19.62 37.34 28.19
C SER B 803 -19.75 37.08 26.69
N ALA B 804 -18.80 37.57 25.91
CA ALA B 804 -18.84 37.30 24.47
C ALA B 804 -17.69 36.38 24.11
N GLY B 805 -17.96 35.36 23.30
CA GLY B 805 -16.93 34.39 22.98
C GLY B 805 -17.00 33.89 21.56
N PRO B 806 -15.90 33.31 21.05
CA PRO B 806 -15.97 32.73 19.71
C PRO B 806 -16.51 31.31 19.75
N ASP B 807 -17.61 31.04 19.05
CA ASP B 807 -18.16 29.70 19.00
C ASP B 807 -17.22 28.72 18.33
N ASP B 808 -16.62 29.14 17.22
CA ASP B 808 -15.71 28.27 16.49
C ASP B 808 -14.36 28.96 16.34
N VAL B 809 -13.29 28.24 16.63
CA VAL B 809 -11.96 28.80 16.52
C VAL B 809 -11.21 28.03 15.44
N LYS B 810 -10.58 28.74 14.51
CA LYS B 810 -9.94 28.07 13.39
C LYS B 810 -8.43 28.24 13.36
N ARG B 811 -7.71 27.15 13.12
CA ARG B 811 -6.26 27.22 13.01
C ARG B 811 -5.84 26.62 11.69
N PHE B 812 -5.08 27.38 10.90
CA PHE B 812 -4.64 26.89 9.62
C PHE B 812 -3.14 26.86 9.59
N ASN B 813 -2.55 25.71 9.32
CA ASN B 813 -1.09 25.66 9.16
C ASN B 813 -0.33 25.98 10.43
N LEU B 814 -0.77 25.42 11.56
CA LEU B 814 -0.10 25.63 12.84
C LEU B 814 -0.12 27.07 13.35
N PHE B 815 -1.00 27.91 12.81
CA PHE B 815 -1.10 29.28 13.29
C PHE B 815 -2.56 29.62 13.52
N PRO B 816 -2.85 30.46 14.56
CA PRO B 816 -4.26 30.83 14.67
C PRO B 816 -4.70 31.62 13.46
N ALA B 817 -5.81 31.27 12.84
CA ALA B 817 -6.18 31.96 11.61
C ALA B 817 -7.64 32.32 11.48
N ALA B 818 -7.94 33.32 10.65
CA ALA B 818 -9.32 33.67 10.41
C ALA B 818 -9.55 33.48 8.93
N LEU B 819 -10.63 32.83 8.55
CA LEU B 819 -10.85 32.56 7.14
C LEU B 819 -11.51 33.75 6.50
N ILE B 820 -10.91 34.26 5.45
CA ILE B 820 -11.51 35.36 4.73
C ILE B 820 -11.91 34.84 3.37
N GLN B 821 -13.20 34.90 3.06
CA GLN B 821 -13.69 34.38 1.78
C GLN B 821 -14.25 35.49 0.91
N GLY B 822 -13.87 35.49 -0.35
CA GLY B 822 -14.32 36.54 -1.26
C GLY B 822 -14.55 36.04 -2.65
N ASP B 823 -15.25 36.84 -3.46
CA ASP B 823 -15.56 36.45 -4.82
C ASP B 823 -15.08 37.55 -5.75
N PRO B 824 -14.44 37.18 -6.86
CA PRO B 824 -14.06 38.27 -7.77
C PRO B 824 -15.28 39.01 -8.30
N ALA B 825 -15.20 40.33 -8.38
CA ALA B 825 -16.32 41.14 -8.86
C ALA B 825 -16.52 40.97 -10.35
N PRO B 826 -17.72 41.30 -10.85
CA PRO B 826 -17.93 41.03 -12.27
C PRO B 826 -16.95 41.79 -13.13
N GLY B 827 -16.42 41.12 -14.16
CA GLY B 827 -15.43 41.74 -15.02
C GLY B 827 -14.02 41.58 -14.49
N TYR B 828 -13.87 40.89 -13.37
CA TYR B 828 -12.55 40.66 -12.80
C TYR B 828 -12.28 39.20 -12.61
N THR B 829 -11.14 38.73 -13.10
CA THR B 829 -10.78 37.33 -12.99
C THR B 829 -10.35 36.94 -11.60
N SER B 830 -10.34 35.65 -11.31
CA SER B 830 -9.96 35.18 -9.98
C SER B 830 -8.56 35.66 -9.64
N GLY B 831 -7.67 35.63 -10.61
CA GLY B 831 -6.30 36.02 -10.34
C GLY B 831 -6.15 37.46 -9.92
N GLN B 832 -6.88 38.36 -10.57
CA GLN B 832 -6.83 39.76 -10.19
C GLN B 832 -7.32 39.90 -8.76
N ALA B 833 -8.41 39.21 -8.46
CA ALA B 833 -8.96 39.24 -7.11
C ALA B 833 -7.95 38.74 -6.08
N ILE B 834 -7.34 37.60 -6.35
CA ILE B 834 -6.42 37.02 -5.39
C ILE B 834 -5.27 37.98 -5.10
N ASP B 835 -4.74 38.62 -6.14
CA ASP B 835 -3.70 39.60 -5.91
C ASP B 835 -4.21 40.77 -5.09
N ALA B 836 -5.42 41.23 -5.38
CA ALA B 836 -5.97 42.36 -4.66
C ALA B 836 -6.18 42.11 -3.18
N ILE B 837 -6.72 40.95 -2.83
CA ILE B 837 -6.92 40.63 -1.42
C ILE B 837 -5.58 40.50 -0.71
N ALA B 838 -4.59 39.95 -1.40
CA ALA B 838 -3.27 39.79 -0.82
C ALA B 838 -2.70 41.14 -0.45
N GLU B 839 -2.97 42.15 -1.27
CA GLU B 839 -2.37 43.45 -1.03
C GLU B 839 -3.13 44.19 0.06
N VAL B 840 -4.45 44.08 0.08
CA VAL B 840 -5.22 44.72 1.14
C VAL B 840 -4.77 44.18 2.47
N ALA B 841 -4.59 42.87 2.54
CA ALA B 841 -4.21 42.25 3.80
C ALA B 841 -2.86 42.75 4.24
N LYS B 842 -1.94 42.89 3.30
CA LYS B 842 -0.61 43.35 3.65
C LYS B 842 -0.64 44.76 4.23
N GLN B 843 -1.41 45.64 3.61
CA GLN B 843 -1.53 46.99 4.15
C GLN B 843 -2.22 47.06 5.50
N SER B 844 -3.33 46.34 5.65
CA SER B 844 -4.05 46.37 6.91
C SER B 844 -3.28 45.71 8.04
N LEU B 845 -2.84 44.49 7.80
CA LEU B 845 -2.15 43.72 8.83
C LEU B 845 -0.69 43.61 8.50
N GLY B 846 0.19 43.84 9.46
CA GLY B 846 1.61 43.85 9.18
C GLY B 846 2.34 42.55 9.43
N ASP B 847 3.51 42.62 10.04
CA ASP B 847 4.31 41.43 10.33
C ASP B 847 3.49 40.37 11.03
N GLU B 848 2.57 40.80 11.89
CA GLU B 848 1.83 39.84 12.69
C GLU B 848 1.03 38.86 11.88
N TYR B 849 0.44 39.31 10.78
CA TYR B 849 -0.42 38.41 10.04
C TYR B 849 0.19 37.97 8.72
N SER B 850 0.23 36.66 8.49
CA SER B 850 0.75 36.15 7.23
C SER B 850 -0.37 35.50 6.44
N ILE B 851 -0.46 35.77 5.14
CA ILE B 851 -1.58 35.22 4.39
C ILE B 851 -1.28 33.88 3.75
N ALA B 852 -2.23 32.96 3.84
CA ALA B 852 -2.04 31.64 3.28
C ALA B 852 -3.27 31.30 2.47
N TRP B 853 -3.15 30.41 1.51
CA TRP B 853 -4.26 30.13 0.62
C TRP B 853 -4.78 28.70 0.68
N SER B 854 -6.06 28.51 0.40
CA SER B 854 -6.63 27.17 0.40
C SER B 854 -7.51 26.91 -0.80
N GLY B 855 -7.76 25.64 -1.08
CA GLY B 855 -8.64 25.29 -2.18
C GLY B 855 -8.22 25.79 -3.54
N SER B 856 -9.15 26.39 -4.27
CA SER B 856 -8.86 26.85 -5.61
C SER B 856 -7.77 27.89 -5.61
N ALA B 857 -7.82 28.79 -4.64
CA ALA B 857 -6.85 29.86 -4.59
C ALA B 857 -5.45 29.31 -4.43
N TYR B 858 -5.29 28.30 -3.59
CA TYR B 858 -3.97 27.76 -3.35
C TYR B 858 -3.43 27.21 -4.64
N GLN B 859 -4.22 26.40 -5.33
CA GLN B 859 -3.71 25.78 -6.53
C GLN B 859 -3.29 26.81 -7.57
N GLU B 860 -4.05 27.87 -7.73
CA GLU B 860 -3.66 28.92 -8.67
C GLU B 860 -2.33 29.56 -8.31
N VAL B 861 -2.15 29.88 -7.03
CA VAL B 861 -0.92 30.54 -6.60
C VAL B 861 0.26 29.60 -6.81
N SER B 862 0.11 28.34 -6.44
CA SER B 862 1.20 27.38 -6.60
C SER B 862 1.57 27.12 -8.05
N SER B 863 0.62 27.24 -8.96
CA SER B 863 0.88 26.89 -10.35
C SER B 863 1.27 28.01 -11.31
N LYS B 864 1.49 29.22 -10.83
CA LYS B 864 1.69 30.31 -11.79
C LYS B 864 3.01 30.19 -12.51
N GLY B 865 4.06 29.79 -11.81
CA GLY B 865 5.34 29.56 -12.47
C GLY B 865 5.34 28.45 -13.48
N ALA B 866 4.61 27.37 -13.22
CA ALA B 866 4.63 26.23 -14.14
C ALA B 866 3.98 26.46 -15.48
N GLY B 867 3.37 27.62 -15.67
CA GLY B 867 2.79 27.92 -16.95
C GLY B 867 3.84 28.05 -18.03
N ALA B 868 4.94 28.69 -17.70
CA ALA B 868 5.98 28.93 -18.70
C ALA B 868 6.97 27.80 -18.86
N TYR B 869 7.28 27.06 -17.80
CA TYR B 869 8.29 26.02 -17.94
C TYR B 869 7.93 25.02 -19.04
N ALA B 870 6.65 24.70 -19.17
CA ALA B 870 6.21 23.80 -20.25
C ALA B 870 6.43 24.41 -21.62
N PHE B 871 6.12 25.69 -21.77
CA PHE B 871 6.27 26.38 -23.04
C PHE B 871 7.72 26.45 -23.46
N VAL B 872 8.61 26.61 -22.49
CA VAL B 872 10.02 26.70 -22.79
C VAL B 872 10.58 25.35 -23.11
N LEU B 873 10.38 24.39 -22.22
CA LEU B 873 10.94 23.07 -22.43
C LEU B 873 10.49 22.55 -23.78
N GLY B 874 9.24 22.80 -24.13
CA GLY B 874 8.74 22.38 -25.43
C GLY B 874 9.62 22.92 -26.53
N MET B 875 9.74 24.23 -26.62
CA MET B 875 10.52 24.84 -27.70
C MET B 875 11.91 24.25 -27.80
N ILE B 876 12.41 23.67 -26.70
CA ILE B 876 13.76 23.14 -26.70
C ILE B 876 13.67 21.74 -27.26
N PHE B 877 12.68 20.98 -26.81
CA PHE B 877 12.47 19.63 -27.33
C PHE B 877 12.31 19.63 -28.84
N VAL B 878 11.45 20.50 -29.35
CA VAL B 878 11.24 20.63 -30.80
C VAL B 878 12.56 20.90 -31.51
N PHE B 879 13.38 21.76 -30.93
CA PHE B 879 14.66 22.11 -31.55
C PHE B 879 15.56 20.90 -31.65
N LEU B 880 15.55 20.06 -30.63
CA LEU B 880 16.46 18.93 -30.63
C LEU B 880 15.91 17.79 -31.45
N ILE B 881 14.59 17.66 -31.51
CA ILE B 881 13.98 16.60 -32.30
C ILE B 881 14.16 16.88 -33.77
N LEU B 882 13.87 18.11 -34.18
CA LEU B 882 14.06 18.49 -35.56
C LEU B 882 15.52 18.44 -35.97
N ALA B 883 16.41 18.84 -35.07
CA ALA B 883 17.82 18.80 -35.37
C ALA B 883 18.24 17.38 -35.65
N ALA B 884 17.74 16.43 -34.87
CA ALA B 884 18.04 15.03 -35.15
C ALA B 884 17.46 14.61 -36.49
N GLN B 885 16.23 15.01 -36.76
CA GLN B 885 15.58 14.59 -38.00
C GLN B 885 16.26 15.10 -39.25
N TYR B 886 16.64 16.37 -39.26
CA TYR B 886 17.24 16.95 -40.46
C TYR B 886 18.75 16.99 -40.41
N GLU B 887 19.32 16.64 -39.26
CA GLU B 887 20.78 16.68 -39.08
C GLU B 887 21.36 18.06 -39.36
N ARG B 888 20.61 19.11 -39.04
CA ARG B 888 21.12 20.46 -39.20
C ARG B 888 20.91 21.20 -37.91
N TRP B 889 21.93 21.86 -37.40
CA TRP B 889 21.73 22.70 -36.20
C TRP B 889 20.90 23.94 -36.44
N LEU B 890 21.06 24.59 -37.60
CA LEU B 890 20.38 25.86 -37.85
C LEU B 890 18.92 25.81 -38.32
N MET B 891 18.59 24.90 -39.21
CA MET B 891 17.22 24.83 -39.73
C MET B 891 16.11 24.64 -38.71
N PRO B 892 16.36 23.87 -37.63
CA PRO B 892 15.33 23.80 -36.59
C PRO B 892 15.08 25.18 -35.99
N LEU B 893 16.13 25.98 -35.86
CA LEU B 893 15.97 27.31 -35.30
C LEU B 893 15.02 28.09 -36.17
N ALA B 894 15.17 27.95 -37.48
CA ALA B 894 14.30 28.66 -38.40
C ALA B 894 12.86 28.26 -38.17
N VAL B 895 12.62 26.98 -37.94
CA VAL B 895 11.27 26.51 -37.70
C VAL B 895 10.69 27.16 -36.46
N ILE B 896 11.49 27.23 -35.41
CA ILE B 896 11.02 27.82 -34.15
C ILE B 896 10.61 29.27 -34.33
N THR B 897 11.31 29.99 -35.19
CA THR B 897 11.02 31.42 -35.36
C THR B 897 9.53 31.66 -35.57
N ALA B 898 8.86 30.71 -36.19
CA ALA B 898 7.44 30.86 -36.43
C ALA B 898 6.67 30.96 -35.13
N VAL B 899 7.03 30.15 -34.15
CA VAL B 899 6.31 30.13 -32.89
C VAL B 899 5.93 31.53 -32.41
N PRO B 900 6.93 32.41 -32.20
CA PRO B 900 6.50 33.70 -31.68
C PRO B 900 5.30 34.30 -32.42
N PHE B 901 5.18 34.14 -33.72
CA PHE B 901 4.02 34.67 -34.42
C PHE B 901 2.73 34.05 -33.91
N ALA B 902 2.72 32.73 -33.77
CA ALA B 902 1.55 32.03 -33.25
C ALA B 902 1.15 32.57 -31.89
N VAL B 903 2.09 32.68 -30.98
CA VAL B 903 1.78 33.13 -29.64
C VAL B 903 1.19 34.54 -29.71
N PHE B 904 1.72 35.37 -30.60
CA PHE B 904 1.18 36.72 -30.76
C PHE B 904 -0.29 36.69 -31.09
N GLY B 905 -0.66 35.89 -32.08
CA GLY B 905 -2.05 35.88 -32.50
C GLY B 905 -2.99 35.44 -31.41
N SER B 906 -2.61 34.40 -30.69
CA SER B 906 -3.48 33.88 -29.65
C SER B 906 -3.69 34.89 -28.53
N ILE B 907 -2.61 35.53 -28.09
CA ILE B 907 -2.73 36.52 -27.04
C ILE B 907 -3.55 37.71 -27.52
N LEU B 908 -3.37 38.11 -28.78
CA LEU B 908 -4.11 39.24 -29.29
C LEU B 908 -5.60 38.95 -29.27
N LEU B 909 -5.98 37.76 -29.70
CA LEU B 909 -7.39 37.44 -29.76
C LEU B 909 -8.02 37.40 -28.36
N VAL B 910 -7.33 36.82 -27.40
CA VAL B 910 -7.91 36.71 -26.08
C VAL B 910 -8.03 38.10 -25.46
N ALA B 911 -7.11 38.99 -25.80
CA ALA B 911 -7.19 40.35 -25.30
C ALA B 911 -8.37 41.08 -25.93
N LEU B 912 -8.56 40.90 -27.23
CA LEU B 912 -9.65 41.56 -27.92
C LEU B 912 -11.00 41.09 -27.42
N ARG B 913 -11.13 39.79 -27.18
CA ARG B 913 -12.42 39.25 -26.75
C ARG B 913 -12.59 39.31 -25.24
N GLY B 914 -11.55 39.72 -24.53
CA GLY B 914 -11.64 39.85 -23.09
C GLY B 914 -11.42 38.55 -22.35
N PHE B 915 -11.14 37.48 -23.07
CA PHE B 915 -10.86 36.20 -22.44
C PHE B 915 -9.54 36.25 -21.68
N ASP B 916 -9.50 35.60 -20.53
CA ASP B 916 -8.30 35.63 -19.71
C ASP B 916 -7.29 34.55 -20.00
N ASN B 917 -6.09 34.69 -19.44
CA ASN B 917 -5.11 33.65 -19.58
C ASN B 917 -5.52 32.61 -18.58
N ASP B 918 -5.58 31.36 -19.01
CA ASP B 918 -6.04 30.28 -18.15
C ASP B 918 -5.31 29.03 -18.56
N ILE B 919 -5.50 27.96 -17.82
CA ILE B 919 -4.78 26.74 -18.13
C ILE B 919 -5.12 26.30 -19.55
N TYR B 920 -6.37 26.49 -19.96
CA TYR B 920 -6.74 26.14 -21.32
C TYR B 920 -5.95 26.97 -22.32
N PHE B 921 -5.76 28.25 -22.08
CA PHE B 921 -4.95 29.09 -22.95
C PHE B 921 -3.50 28.64 -22.92
N GLN B 922 -2.94 28.43 -21.74
CA GLN B 922 -1.57 27.96 -21.66
C GLN B 922 -1.40 26.59 -22.32
N THR B 923 -2.35 25.69 -22.15
CA THR B 923 -2.29 24.40 -22.85
C THR B 923 -2.37 24.65 -24.34
N GLY B 924 -3.20 25.60 -24.73
CA GLY B 924 -3.33 25.93 -26.14
C GLY B 924 -2.03 26.40 -26.73
N LEU B 925 -1.29 27.23 -25.98
CA LEU B 925 0.02 27.68 -26.44
C LEU B 925 0.85 26.49 -26.83
N LEU B 926 0.91 25.49 -25.96
CA LEU B 926 1.73 24.32 -26.22
C LEU B 926 1.32 23.61 -27.51
N LEU B 927 0.02 23.48 -27.75
CA LEU B 927 -0.44 22.88 -29.00
C LEU B 927 -0.01 23.75 -30.16
N LEU B 928 -0.10 25.07 -29.99
CA LEU B 928 0.25 25.97 -31.08
C LEU B 928 1.63 25.71 -31.60
N ILE B 929 2.57 25.39 -30.70
CA ILE B 929 3.94 25.22 -31.12
C ILE B 929 3.98 24.17 -32.20
N GLY B 930 3.22 23.10 -32.00
CA GLY B 930 3.19 22.05 -32.99
C GLY B 930 2.61 22.50 -34.30
N LEU B 931 1.50 23.24 -34.22
CA LEU B 931 0.86 23.72 -35.44
C LEU B 931 1.72 24.71 -36.21
N SER B 932 2.36 25.63 -35.50
CA SER B 932 3.21 26.60 -36.17
C SER B 932 4.38 25.88 -36.80
N ALA B 933 4.92 24.90 -36.08
CA ALA B 933 6.04 24.15 -36.60
C ALA B 933 5.64 23.40 -37.85
N LYS B 934 4.41 22.88 -37.88
CA LYS B 934 3.97 22.11 -39.03
C LYS B 934 4.00 22.98 -40.27
N ASN B 935 3.50 24.20 -40.16
CA ASN B 935 3.57 25.10 -41.29
C ASN B 935 5.02 25.32 -41.69
N ALA B 936 5.87 25.63 -40.71
CA ALA B 936 7.26 25.89 -41.01
C ALA B 936 7.94 24.69 -41.63
N ILE B 937 7.69 23.52 -41.08
CA ILE B 937 8.32 22.31 -41.59
C ILE B 937 8.02 22.16 -43.06
N LEU B 938 6.78 22.36 -43.43
CA LEU B 938 6.39 22.18 -44.83
C LEU B 938 7.21 23.09 -45.72
N ILE B 939 7.35 24.36 -45.35
CA ILE B 939 8.10 25.31 -46.17
C ILE B 939 9.60 25.06 -46.16
N ILE B 940 10.17 24.89 -44.97
CA ILE B 940 11.63 24.73 -44.88
C ILE B 940 12.13 23.45 -45.53
N GLU B 941 11.55 22.31 -45.15
CA GLU B 941 12.02 21.04 -45.68
C GLU B 941 12.19 21.13 -47.18
N PHE B 942 11.22 21.75 -47.85
CA PHE B 942 11.30 21.87 -49.30
C PHE B 942 12.43 22.81 -49.69
N ALA B 943 12.58 23.91 -48.97
CA ALA B 943 13.64 24.87 -49.28
C ALA B 943 14.99 24.23 -49.08
N MET B 944 15.13 23.46 -48.01
CA MET B 944 16.41 22.83 -47.73
C MET B 944 16.76 21.86 -48.84
N GLU B 945 15.77 21.12 -49.32
CA GLU B 945 16.02 20.18 -50.41
C GLU B 945 16.46 20.94 -51.65
N GLU B 946 15.81 22.05 -51.93
CA GLU B 946 16.17 22.86 -53.09
C GLU B 946 17.56 23.47 -53.01
N ARG B 947 18.04 23.74 -51.80
CA ARG B 947 19.34 24.39 -51.63
C ARG B 947 20.41 23.33 -51.55
N LEU B 948 20.03 22.18 -51.02
CA LEU B 948 20.99 21.07 -50.90
C LEU B 948 21.10 20.11 -52.07
N LYS B 949 19.97 19.69 -52.66
CA LYS B 949 20.14 18.65 -53.68
C LYS B 949 19.52 19.04 -55.02
N LYS B 950 18.38 19.72 -55.00
CA LYS B 950 17.79 20.18 -56.25
C LYS B 950 18.72 21.15 -57.01
N GLY B 951 19.45 21.99 -56.28
CA GLY B 951 20.39 22.90 -56.93
C GLY B 951 19.83 24.27 -57.26
N LYS B 952 19.43 25.02 -56.24
CA LYS B 952 18.86 26.35 -56.45
C LYS B 952 19.46 27.37 -55.51
N SER B 953 19.35 28.66 -55.87
CA SER B 953 19.87 29.72 -55.02
C SER B 953 19.15 29.79 -53.68
N ILE B 954 19.75 30.45 -52.70
CA ILE B 954 19.13 30.59 -51.40
C ILE B 954 17.84 31.37 -51.57
N PHE B 955 17.85 32.33 -52.48
CA PHE B 955 16.68 33.19 -52.65
C PHE B 955 15.63 32.50 -53.50
N GLU B 956 16.05 31.72 -54.49
CA GLU B 956 15.07 31.08 -55.34
C GLU B 956 14.43 29.90 -54.65
N ALA B 957 15.20 29.18 -53.85
CA ALA B 957 14.63 28.07 -53.12
C ALA B 957 13.50 28.55 -52.25
N ALA B 958 13.68 29.68 -51.58
CA ALA B 958 12.65 30.11 -50.65
C ALA B 958 11.37 30.49 -51.39
N ILE B 959 11.43 31.00 -52.61
CA ILE B 959 10.14 31.42 -53.16
C ILE B 959 9.59 30.23 -53.92
N ASN B 960 10.42 29.38 -54.49
CA ASN B 960 9.84 28.20 -55.13
C ASN B 960 9.33 27.23 -54.09
N ALA B 961 9.88 27.29 -52.87
CA ALA B 961 9.33 26.46 -51.81
C ALA B 961 7.97 26.98 -51.49
N ALA B 962 7.85 28.29 -51.47
CA ALA B 962 6.59 28.89 -51.09
C ALA B 962 5.46 28.52 -52.03
N LYS B 963 5.69 28.56 -53.33
CA LYS B 963 4.60 28.29 -54.26
C LYS B 963 4.13 26.84 -54.19
N LEU B 964 5.06 25.90 -54.04
CA LEU B 964 4.70 24.50 -53.91
C LEU B 964 4.03 24.14 -52.60
N ARG B 965 4.51 24.69 -51.49
CA ARG B 965 3.97 24.32 -50.19
C ARG B 965 2.85 25.18 -49.64
N PHE B 966 2.47 26.22 -50.36
CA PHE B 966 1.41 27.10 -49.90
C PHE B 966 0.13 26.33 -49.72
N ARG B 967 -0.24 25.55 -50.73
CA ARG B 967 -1.50 24.83 -50.66
C ARG B 967 -1.57 23.84 -49.51
N PRO B 968 -0.51 23.05 -49.29
CA PRO B 968 -0.64 22.17 -48.13
C PRO B 968 -0.80 22.95 -46.85
N ILE B 969 -0.03 24.02 -46.65
CA ILE B 969 -0.08 24.70 -45.37
C ILE B 969 -1.47 25.26 -45.15
N ILE B 970 -2.02 26.00 -46.10
CA ILE B 970 -3.32 26.60 -45.87
C ILE B 970 -4.41 25.55 -45.64
N MET B 971 -4.41 24.50 -46.45
CA MET B 971 -5.41 23.43 -46.32
C MET B 971 -5.42 22.94 -44.90
N THR B 972 -4.26 22.49 -44.42
CA THR B 972 -4.16 21.96 -43.08
C THR B 972 -4.50 22.99 -42.02
N SER B 973 -4.05 24.21 -42.23
CA SER B 973 -4.31 25.27 -41.26
C SER B 973 -5.79 25.55 -41.12
N LEU B 974 -6.53 25.51 -42.21
CA LEU B 974 -7.94 25.87 -42.14
C LEU B 974 -8.74 24.69 -41.67
N ALA B 975 -8.24 23.48 -41.89
CA ALA B 975 -8.93 22.34 -41.35
C ALA B 975 -8.91 22.41 -39.85
N PHE B 976 -7.79 22.82 -39.27
CA PHE B 976 -7.75 22.99 -37.83
C PHE B 976 -8.67 24.12 -37.39
N THR B 977 -8.60 25.26 -38.05
CA THR B 977 -9.39 26.41 -37.60
C THR B 977 -10.86 26.09 -37.62
N PHE B 978 -11.32 25.45 -38.68
CA PHE B 978 -12.71 25.04 -38.75
C PHE B 978 -13.04 24.02 -37.68
N GLY B 979 -12.10 23.13 -37.40
CA GLY B 979 -12.31 22.15 -36.35
C GLY B 979 -12.53 22.81 -35.00
N VAL B 980 -11.84 23.91 -34.73
CA VAL B 980 -12.02 24.60 -33.46
C VAL B 980 -13.01 25.76 -33.52
N LEU B 981 -13.60 26.00 -34.69
CA LEU B 981 -14.63 27.05 -34.79
C LEU B 981 -15.90 26.79 -33.96
N PRO B 982 -16.42 25.55 -33.95
CA PRO B 982 -17.64 25.45 -33.14
C PRO B 982 -17.33 25.55 -31.66
N MET B 983 -16.09 25.39 -31.23
CA MET B 983 -15.77 25.65 -29.82
C MET B 983 -16.17 27.05 -29.43
N ILE B 984 -15.63 28.02 -30.16
CA ILE B 984 -15.88 29.44 -29.84
C ILE B 984 -17.34 29.82 -29.99
N PHE B 985 -18.07 29.09 -30.80
CA PHE B 985 -19.47 29.40 -31.04
C PHE B 985 -20.37 28.50 -30.21
N ALA B 986 -19.79 27.64 -29.38
CA ALA B 986 -20.65 26.69 -28.66
C ALA B 986 -21.34 27.28 -27.46
N THR B 987 -22.64 27.04 -27.36
CA THR B 987 -23.36 27.47 -26.18
C THR B 987 -24.01 26.26 -25.55
N GLY B 988 -24.05 26.23 -24.23
CA GLY B 988 -24.71 25.14 -23.53
C GLY B 988 -23.96 24.99 -22.22
N ALA B 989 -24.19 23.89 -21.51
CA ALA B 989 -23.42 23.67 -20.29
C ALA B 989 -21.95 23.50 -20.63
N GLY B 990 -21.07 24.11 -19.86
CA GLY B 990 -19.65 23.95 -20.10
C GLY B 990 -19.16 24.87 -21.19
N SER B 991 -19.98 25.85 -21.56
CA SER B 991 -19.62 26.73 -22.66
C SER B 991 -18.38 27.57 -22.40
N ALA B 992 -18.21 28.04 -21.18
CA ALA B 992 -17.09 28.94 -20.92
C ALA B 992 -15.73 28.30 -21.17
N SER B 993 -15.58 27.04 -20.75
CA SER B 993 -14.32 26.36 -20.99
C SER B 993 -14.07 26.19 -22.48
N ARG B 994 -15.10 25.80 -23.21
CA ARG B 994 -14.97 25.64 -24.65
C ARG B 994 -14.58 26.94 -25.30
N HIS B 995 -15.23 28.02 -24.93
CA HIS B 995 -14.96 29.29 -25.57
C HIS B 995 -13.52 29.74 -25.38
N SER B 996 -12.99 29.58 -24.18
CA SER B 996 -11.63 30.04 -23.92
C SER B 996 -10.62 29.25 -24.74
N LEU B 997 -10.80 27.94 -24.81
CA LEU B 997 -9.86 27.11 -25.55
C LEU B 997 -9.94 27.50 -27.01
N GLY B 998 -11.16 27.70 -27.48
CA GLY B 998 -11.37 28.09 -28.87
C GLY B 998 -10.67 29.35 -29.25
N THR B 999 -10.84 30.41 -28.47
CA THR B 999 -10.29 31.70 -28.84
C THR B 999 -8.79 31.67 -28.99
N GLY B 1000 -8.09 31.06 -28.04
CA GLY B 1000 -6.65 31.08 -28.12
C GLY B 1000 -6.19 30.33 -29.34
N LEU B 1001 -6.74 29.15 -29.56
CA LEU B 1001 -6.29 28.34 -30.68
C LEU B 1001 -6.62 28.94 -32.04
N ILE B 1002 -7.83 29.47 -32.20
CA ILE B 1002 -8.21 30.00 -33.50
C ILE B 1002 -7.31 31.16 -33.88
N GLY B 1003 -7.08 32.06 -32.93
CA GLY B 1003 -6.25 33.21 -33.21
C GLY B 1003 -4.84 32.81 -33.55
N GLY B 1004 -4.30 31.88 -32.78
CA GLY B 1004 -2.96 31.39 -33.01
C GLY B 1004 -2.83 30.83 -34.40
N MET B 1005 -3.74 29.94 -34.77
CA MET B 1005 -3.64 29.29 -36.07
C MET B 1005 -3.73 30.32 -37.19
N ILE B 1006 -4.60 31.30 -37.05
CA ILE B 1006 -4.70 32.35 -38.06
C ILE B 1006 -3.34 33.01 -38.27
N ALA B 1007 -2.65 33.34 -37.19
CA ALA B 1007 -1.36 33.99 -37.30
C ALA B 1007 -0.33 33.07 -37.94
N ALA B 1008 -0.33 31.81 -37.53
CA ALA B 1008 0.60 30.85 -38.09
C ALA B 1008 0.30 30.64 -39.56
N SER B 1009 -0.95 30.57 -39.93
CA SER B 1009 -1.29 30.44 -41.35
C SER B 1009 -1.13 31.71 -42.16
N THR B 1010 -1.34 32.89 -41.59
CA THR B 1010 -1.10 34.07 -42.39
C THR B 1010 0.28 34.70 -42.18
N LEU B 1011 0.50 35.36 -41.06
CA LEU B 1011 1.77 36.06 -40.85
C LEU B 1011 3.00 35.15 -40.94
N ALA B 1012 2.99 34.06 -40.18
CA ALA B 1012 4.17 33.21 -40.13
C ALA B 1012 4.61 32.69 -41.49
N ILE B 1013 3.68 32.28 -42.33
CA ILE B 1013 4.06 31.69 -43.60
C ILE B 1013 4.86 32.68 -44.44
N PHE B 1014 4.63 33.97 -44.24
CA PHE B 1014 5.41 34.98 -44.96
C PHE B 1014 6.78 35.18 -44.36
N PHE B 1015 6.89 35.10 -43.04
CA PHE B 1015 8.17 35.35 -42.37
C PHE B 1015 9.14 34.18 -42.39
N VAL B 1016 8.64 32.96 -42.22
CA VAL B 1016 9.53 31.80 -42.14
C VAL B 1016 10.49 31.72 -43.33
N PRO B 1017 9.99 31.94 -44.55
CA PRO B 1017 10.95 31.94 -45.67
C PRO B 1017 12.09 32.91 -45.42
N LEU B 1018 11.79 34.08 -44.89
CA LEU B 1018 12.83 35.07 -44.65
C LEU B 1018 13.87 34.50 -43.72
N PHE B 1019 13.43 33.81 -42.69
CA PHE B 1019 14.36 33.23 -41.73
C PHE B 1019 15.25 32.20 -42.39
N PHE B 1020 14.68 31.37 -43.25
CA PHE B 1020 15.47 30.38 -43.95
C PHE B 1020 16.60 31.08 -44.70
N TYR B 1021 16.25 32.15 -45.40
CA TYR B 1021 17.25 32.89 -46.14
C TYR B 1021 18.33 33.42 -45.22
N LEU B 1022 17.94 34.20 -44.22
CA LEU B 1022 18.90 34.81 -43.33
C LEU B 1022 19.80 33.78 -42.68
N LEU B 1023 19.21 32.70 -42.18
CA LEU B 1023 20.01 31.66 -41.54
C LEU B 1023 20.92 30.91 -42.50
N GLU B 1024 20.41 30.57 -43.67
CA GLU B 1024 21.20 29.80 -44.63
C GLU B 1024 22.32 30.67 -45.19
N ASN B 1025 22.04 31.95 -45.37
CA ASN B 1025 23.08 32.86 -45.84
C ASN B 1025 24.17 32.91 -44.81
N PHE B 1026 23.79 32.93 -43.53
CA PHE B 1026 24.77 32.93 -42.46
C PHE B 1026 25.59 31.66 -42.49
N ASN B 1027 24.94 30.53 -42.76
CA ASN B 1027 25.64 29.25 -42.83
C ASN B 1027 26.66 29.27 -43.95
N GLU B 1028 26.29 29.82 -45.10
CA GLU B 1028 27.23 29.91 -46.21
C GLU B 1028 28.41 30.79 -45.85
N TRP B 1029 28.16 31.88 -45.16
CA TRP B 1029 29.23 32.79 -44.75
C TRP B 1029 30.19 32.07 -43.81
N LEU B 1030 29.66 31.26 -42.91
CA LEU B 1030 30.50 30.50 -42.00
C LEU B 1030 31.38 29.53 -42.77
N ASP B 1031 30.84 28.91 -43.81
CA ASP B 1031 31.60 27.95 -44.58
C ASP B 1031 32.81 28.60 -45.23
N LYS B 1032 32.63 29.81 -45.73
CA LYS B 1032 33.76 30.54 -46.31
C LYS B 1032 34.85 30.75 -45.27
N MET C 1 26.15 -1.49 -37.84
CA MET C 1 25.14 -0.58 -38.34
C MET C 1 24.71 0.38 -37.25
N PHE C 2 24.63 -0.12 -36.02
CA PHE C 2 24.21 0.71 -34.89
C PHE C 2 25.17 1.86 -34.68
N SER C 3 26.46 1.60 -34.83
CA SER C 3 27.43 2.65 -34.58
C SER C 3 27.59 3.46 -35.84
N LYS C 4 27.66 2.80 -36.99
CA LYS C 4 27.73 3.50 -38.26
C LYS C 4 26.70 4.59 -38.36
N PHE C 5 25.49 4.32 -37.91
CA PHE C 5 24.43 5.32 -37.94
C PHE C 5 24.90 6.58 -37.25
N PHE C 6 25.29 6.46 -36.00
CA PHE C 6 25.72 7.61 -35.23
C PHE C 6 26.98 8.28 -35.76
N ILE C 7 27.94 7.49 -36.22
CA ILE C 7 29.15 8.07 -36.77
C ILE C 7 28.79 8.90 -37.99
N GLU C 8 27.91 8.38 -38.83
CA GLU C 8 27.47 9.12 -40.00
C GLU C 8 26.72 10.39 -39.63
N ARG C 9 25.90 10.32 -38.58
CA ARG C 9 25.10 11.47 -38.16
C ARG C 9 25.56 12.05 -36.85
N PRO C 10 26.49 13.04 -36.88
CA PRO C 10 26.93 13.49 -35.55
C PRO C 10 25.86 14.20 -34.75
N ILE C 11 24.96 14.92 -35.42
CA ILE C 11 23.95 15.69 -34.71
C ILE C 11 23.05 14.77 -33.90
N PHE C 12 22.69 13.63 -34.48
CA PHE C 12 21.82 12.69 -33.78
C PHE C 12 22.48 12.28 -32.47
N ALA C 13 23.76 11.97 -32.52
CA ALA C 13 24.48 11.59 -31.31
C ALA C 13 24.50 12.73 -30.32
N SER C 14 24.72 13.94 -30.81
CA SER C 14 24.78 15.10 -29.93
C SER C 14 23.46 15.38 -29.24
N VAL C 15 22.34 15.28 -29.96
CA VAL C 15 21.05 15.48 -29.32
C VAL C 15 20.77 14.41 -28.29
N VAL C 16 21.15 13.17 -28.58
CA VAL C 16 20.95 12.09 -27.62
C VAL C 16 21.75 12.41 -26.36
N ALA C 17 22.97 12.89 -26.55
CA ALA C 17 23.80 13.23 -25.41
C ALA C 17 23.18 14.35 -24.60
N ILE C 18 22.63 15.34 -25.28
CA ILE C 18 22.02 16.47 -24.59
C ILE C 18 20.85 15.98 -23.76
N ILE C 19 20.04 15.10 -24.32
CA ILE C 19 18.90 14.57 -23.59
C ILE C 19 19.40 13.86 -22.35
N ILE C 20 20.43 13.05 -22.49
CA ILE C 20 20.95 12.29 -21.36
C ILE C 20 21.47 13.24 -20.30
N SER C 21 22.19 14.28 -20.73
CA SER C 21 22.73 15.25 -19.79
C SER C 21 21.63 15.98 -19.06
N ILE C 22 20.59 16.39 -19.77
CA ILE C 22 19.49 17.11 -19.15
C ILE C 22 18.85 16.22 -18.10
N ALA C 23 18.61 14.97 -18.47
CA ALA C 23 18.01 14.03 -17.53
C ALA C 23 18.90 13.89 -16.33
N GLY C 24 20.21 13.78 -16.56
CA GLY C 24 21.13 13.61 -15.47
C GLY C 24 21.18 14.77 -14.50
N ILE C 25 21.17 15.99 -15.02
CA ILE C 25 21.20 17.16 -14.16
C ILE C 25 19.93 17.20 -13.34
N ILE C 26 18.79 16.97 -13.99
CA ILE C 26 17.52 17.00 -13.28
C ILE C 26 17.55 15.93 -12.21
N GLY C 27 18.03 14.75 -12.57
CA GLY C 27 18.07 13.65 -11.63
C GLY C 27 18.98 13.95 -10.47
N LEU C 28 20.13 14.55 -10.73
CA LEU C 28 21.07 14.81 -9.67
C LEU C 28 20.49 15.75 -8.63
N ALA C 29 19.81 16.80 -9.07
CA ALA C 29 19.18 17.72 -8.14
C ALA C 29 18.10 17.02 -7.35
N ASN C 30 17.32 16.19 -8.00
CA ASN C 30 16.21 15.52 -7.32
C ASN C 30 16.66 14.36 -6.44
N LEU C 31 17.93 13.98 -6.52
CA LEU C 31 18.43 12.87 -5.73
C LEU C 31 18.48 13.16 -4.25
N PRO C 32 18.03 12.20 -3.41
CA PRO C 32 18.11 12.37 -1.96
C PRO C 32 19.54 12.21 -1.47
N VAL C 33 20.00 13.06 -0.56
CA VAL C 33 21.34 12.89 0.00
C VAL C 33 21.24 12.45 1.45
N GLU C 34 21.79 11.29 1.77
CA GLU C 34 21.76 10.77 3.13
C GLU C 34 23.16 10.30 3.48
N GLN C 35 23.48 10.18 4.77
CA GLN C 35 24.78 9.63 5.14
C GLN C 35 24.85 8.16 4.75
N TYR C 36 23.95 7.35 5.29
CA TYR C 36 23.89 5.94 4.92
C TYR C 36 22.49 5.51 4.58
N PRO C 37 22.33 4.66 3.56
CA PRO C 37 21.01 4.14 3.23
C PRO C 37 20.46 3.24 4.33
N SER C 38 19.18 2.89 4.25
CA SER C 38 18.57 2.03 5.29
C SER C 38 18.85 0.53 5.16
N LEU C 39 20.05 0.10 5.54
CA LEU C 39 20.42 -1.32 5.47
C LEU C 39 19.63 -2.23 6.41
N THR C 40 19.35 -1.76 7.63
CA THR C 40 18.68 -2.59 8.65
C THR C 40 17.20 -2.96 8.49
N PRO C 41 16.79 -4.17 8.93
CA PRO C 41 15.38 -4.58 8.89
C PRO C 41 14.49 -3.60 9.64
N PRO C 42 13.25 -3.34 9.15
CA PRO C 42 12.47 -2.32 9.87
C PRO C 42 11.99 -2.73 11.26
N THR C 43 11.86 -1.75 12.16
CA THR C 43 11.49 -2.03 13.54
C THR C 43 10.45 -1.07 14.09
N VAL C 44 9.48 -1.56 14.86
CA VAL C 44 8.54 -0.67 15.54
C VAL C 44 8.92 -0.54 17.01
N GLN C 45 8.71 0.62 17.63
CA GLN C 45 8.95 0.73 19.06
C GLN C 45 7.71 1.06 19.85
N VAL C 46 7.43 0.28 20.90
CA VAL C 46 6.29 0.54 21.73
C VAL C 46 6.78 0.98 23.11
N SER C 47 6.30 2.12 23.59
CA SER C 47 6.73 2.62 24.88
C SER C 47 5.58 2.85 25.82
N ALA C 48 5.69 2.38 27.06
CA ALA C 48 4.64 2.58 28.04
C ALA C 48 5.27 3.15 29.30
N THR C 49 4.49 3.85 30.10
CA THR C 49 5.03 4.30 31.37
C THR C 49 4.11 4.08 32.53
N TYR C 50 4.62 3.43 33.56
CA TYR C 50 3.86 3.21 34.77
C TYR C 50 4.75 3.95 35.72
N THR C 51 4.26 5.01 36.33
CA THR C 51 5.16 5.82 37.15
C THR C 51 5.29 5.21 38.53
N GLY C 52 6.53 5.13 39.02
CA GLY C 52 6.74 4.51 40.32
C GLY C 52 6.41 3.03 40.43
N ALA C 53 6.89 2.24 39.47
CA ALA C 53 6.66 0.79 39.51
C ALA C 53 7.91 -0.05 39.31
N ASP C 54 8.01 -1.17 40.03
CA ASP C 54 9.18 -2.05 39.93
C ASP C 54 9.30 -2.66 38.55
N ALA C 55 10.51 -2.90 38.07
CA ALA C 55 10.65 -3.41 36.71
C ALA C 55 9.92 -4.73 36.53
N GLN C 56 10.08 -5.66 37.46
CA GLN C 56 9.45 -6.96 37.25
C GLN C 56 7.95 -6.79 37.33
N THR C 57 7.49 -5.79 38.08
CA THR C 57 6.07 -5.51 38.13
C THR C 57 5.58 -5.08 36.76
N ILE C 58 6.37 -4.29 36.05
CA ILE C 58 5.93 -3.77 34.77
C ILE C 58 6.13 -4.85 33.73
N ALA C 59 7.23 -5.58 33.84
CA ALA C 59 7.47 -6.68 32.92
C ALA C 59 6.29 -7.64 32.89
N SER C 60 5.66 -7.88 34.03
CA SER C 60 4.49 -8.73 33.99
C SER C 60 3.23 -7.97 33.66
N THR C 61 2.77 -7.10 34.55
CA THR C 61 1.51 -6.40 34.35
C THR C 61 1.36 -5.68 33.00
N VAL C 62 2.41 -5.02 32.52
CA VAL C 62 2.27 -4.26 31.28
C VAL C 62 2.83 -4.95 30.05
N ALA C 63 4.06 -5.41 30.12
CA ALA C 63 4.74 -6.05 28.99
C ALA C 63 3.96 -7.18 28.38
N THR C 64 3.61 -8.18 29.19
CA THR C 64 2.96 -9.36 28.64
C THR C 64 1.63 -9.13 27.94
N PRO C 65 0.75 -8.28 28.48
CA PRO C 65 -0.46 -8.09 27.69
C PRO C 65 -0.17 -7.50 26.33
N ILE C 66 0.70 -6.49 26.27
CA ILE C 66 1.13 -5.93 24.99
C ILE C 66 1.77 -7.01 24.13
N GLU C 67 2.71 -7.76 24.69
CA GLU C 67 3.36 -8.86 23.98
C GLU C 67 2.40 -9.73 23.19
N ASP C 68 1.41 -10.29 23.87
CA ASP C 68 0.48 -11.21 23.23
C ASP C 68 -0.32 -10.58 22.11
N ALA C 69 -0.61 -9.30 22.23
CA ALA C 69 -1.41 -8.61 21.23
C ALA C 69 -0.60 -8.50 19.96
N ILE C 70 0.72 -8.38 20.09
CA ILE C 70 1.56 -8.21 18.92
C ILE C 70 2.24 -9.52 18.54
N ASN C 71 1.74 -10.63 19.05
CA ASN C 71 2.33 -11.93 18.74
C ASN C 71 2.24 -12.29 17.27
N GLY C 72 1.10 -12.03 16.65
CA GLY C 72 0.95 -12.46 15.27
C GLY C 72 0.90 -11.41 14.19
N VAL C 73 1.45 -10.23 14.44
CA VAL C 73 1.52 -9.23 13.39
C VAL C 73 2.26 -9.79 12.21
N ASP C 74 1.85 -9.42 11.01
CA ASP C 74 2.46 -9.99 9.82
C ASP C 74 3.92 -9.63 9.72
N ASN C 75 4.72 -10.57 9.21
CA ASN C 75 6.15 -10.34 9.02
C ASN C 75 6.91 -9.93 10.26
N MET C 76 6.50 -10.41 11.43
CA MET C 76 7.27 -10.10 12.61
C MET C 76 8.33 -11.15 12.81
N ILE C 77 9.57 -10.78 12.53
CA ILE C 77 10.67 -11.71 12.72
C ILE C 77 10.86 -12.09 14.19
N TYR C 78 10.93 -11.11 15.10
CA TYR C 78 11.05 -11.38 16.53
C TYR C 78 10.66 -10.18 17.40
N MET C 79 10.29 -10.41 18.67
CA MET C 79 9.96 -9.31 19.57
C MET C 79 10.88 -9.24 20.79
N ASP C 80 11.32 -8.05 21.19
CA ASP C 80 12.16 -7.91 22.38
C ASP C 80 11.66 -6.80 23.28
N SER C 81 11.46 -7.10 24.57
CA SER C 81 10.99 -6.09 25.51
C SER C 81 11.92 -5.88 26.66
N THR C 82 12.28 -4.63 26.95
CA THR C 82 13.10 -4.35 28.11
C THR C 82 12.29 -3.53 29.09
N SER C 83 12.28 -3.94 30.35
CA SER C 83 11.50 -3.25 31.35
C SER C 83 12.42 -2.64 32.37
N SER C 84 12.22 -1.38 32.69
CA SER C 84 13.07 -0.68 33.63
C SER C 84 12.14 0.07 34.52
N PRO C 85 12.53 0.23 35.79
CA PRO C 85 11.54 0.82 36.68
C PRO C 85 10.97 2.07 36.10
N GLY C 86 9.65 2.10 36.03
CA GLY C 86 8.97 3.25 35.46
C GLY C 86 8.67 3.14 33.99
N GLN C 87 9.55 2.55 33.17
CA GLN C 87 9.25 2.53 31.75
C GLN C 87 9.45 1.20 31.04
N MET C 88 8.54 0.85 30.15
CA MET C 88 8.66 -0.38 29.39
C MET C 88 9.02 -0.02 27.96
N LYS C 89 10.01 -0.68 27.37
CA LYS C 89 10.30 -0.44 25.96
C LYS C 89 10.22 -1.76 25.21
N LEU C 90 9.37 -1.82 24.19
CA LEU C 90 9.25 -3.03 23.39
C LEU C 90 9.58 -2.74 21.95
N THR C 91 10.44 -3.54 21.35
CA THR C 91 10.78 -3.35 19.97
C THR C 91 10.27 -4.52 19.17
N VAL C 92 9.56 -4.23 18.09
CA VAL C 92 9.02 -5.29 17.26
C VAL C 92 9.83 -5.27 15.99
N TYR C 93 10.42 -6.41 15.64
CA TYR C 93 11.30 -6.44 14.47
C TYR C 93 10.65 -7.15 13.32
N PHE C 94 10.78 -6.57 12.13
CA PHE C 94 10.13 -7.15 10.97
C PHE C 94 11.16 -7.58 9.96
N ASN C 95 10.81 -8.52 9.08
CA ASN C 95 11.76 -9.01 8.10
C ASN C 95 12.03 -7.96 7.05
N ILE C 96 13.16 -8.06 6.37
CA ILE C 96 13.52 -7.03 5.42
C ILE C 96 12.48 -6.96 4.31
N GLY C 97 12.11 -5.75 3.92
CA GLY C 97 11.12 -5.59 2.86
C GLY C 97 9.77 -5.13 3.35
N THR C 98 9.47 -5.39 4.62
CA THR C 98 8.20 -4.92 5.19
C THR C 98 8.16 -3.41 5.20
N ASP C 99 7.09 -2.84 4.64
CA ASP C 99 6.96 -1.39 4.63
C ASP C 99 6.79 -0.93 6.06
N PRO C 100 7.64 0.02 6.52
CA PRO C 100 7.52 0.40 7.93
C PRO C 100 6.17 1.03 8.24
N ASP C 101 5.66 1.91 7.40
CA ASP C 101 4.42 2.59 7.71
C ASP C 101 3.32 1.58 7.98
N GLN C 102 3.14 0.62 7.08
CA GLN C 102 2.12 -0.38 7.28
C GLN C 102 2.38 -1.19 8.53
N ALA C 103 3.63 -1.52 8.79
CA ALA C 103 3.97 -2.28 9.98
C ALA C 103 3.56 -1.52 11.24
N ALA C 104 3.85 -0.24 11.26
CA ALA C 104 3.51 0.58 12.42
C ALA C 104 2.01 0.65 12.64
N ILE C 105 1.22 0.94 11.63
CA ILE C 105 -0.22 0.93 11.84
C ILE C 105 -0.71 -0.46 12.27
N ASP C 106 -0.14 -1.52 11.70
CA ASP C 106 -0.52 -2.86 12.14
C ASP C 106 -0.31 -3.01 13.64
N VAL C 107 0.91 -2.75 14.11
CA VAL C 107 1.20 -2.88 15.54
C VAL C 107 0.32 -1.92 16.33
N ASN C 108 0.03 -0.75 15.76
CA ASN C 108 -0.87 0.20 16.43
C ASN C 108 -2.20 -0.44 16.71
N ASN C 109 -2.81 -1.01 15.70
CA ASN C 109 -4.15 -1.56 15.86
C ASN C 109 -4.18 -2.75 16.80
N ARG C 110 -3.13 -3.56 16.76
CA ARG C 110 -3.08 -4.71 17.65
C ARG C 110 -3.02 -4.29 19.11
N ILE C 111 -2.26 -3.25 19.41
CA ILE C 111 -2.09 -2.84 20.80
C ILE C 111 -3.28 -2.02 21.29
N SER C 112 -3.96 -1.33 20.37
CA SER C 112 -5.14 -0.57 20.76
C SER C 112 -6.17 -1.52 21.30
N ALA C 113 -6.22 -2.72 20.74
CA ALA C 113 -7.14 -3.74 21.23
C ALA C 113 -6.87 -4.13 22.66
N ALA C 114 -5.61 -4.06 23.07
CA ALA C 114 -5.23 -4.51 24.41
C ALA C 114 -5.06 -3.43 25.45
N THR C 115 -5.43 -2.21 25.13
CA THR C 115 -5.24 -1.10 26.06
C THR C 115 -6.00 -1.33 27.36
N ALA C 116 -7.19 -1.95 27.26
CA ALA C 116 -8.02 -2.12 28.45
C ALA C 116 -7.35 -2.96 29.52
N LYS C 117 -6.67 -4.02 29.09
CA LYS C 117 -6.05 -4.91 30.04
C LYS C 117 -5.00 -4.15 30.81
N LEU C 118 -4.30 -3.24 30.12
CA LEU C 118 -3.25 -2.49 30.77
C LEU C 118 -3.63 -1.83 32.12
N PRO C 119 -2.69 -1.77 33.12
CA PRO C 119 -3.02 -1.13 34.39
C PRO C 119 -3.48 0.30 34.14
N GLU C 120 -4.27 0.86 35.04
CA GLU C 120 -4.84 2.18 34.83
C GLU C 120 -3.85 3.33 34.57
N ALA C 121 -2.72 3.33 35.25
CA ALA C 121 -1.74 4.39 35.05
C ALA C 121 -1.19 4.32 33.65
N VAL C 122 -0.92 3.11 33.19
CA VAL C 122 -0.42 2.93 31.83
C VAL C 122 -1.50 3.37 30.87
N LYS C 123 -2.77 3.24 31.24
CA LYS C 123 -3.83 3.78 30.39
C LYS C 123 -3.84 5.31 30.32
N LYS C 124 -3.59 5.99 31.43
CA LYS C 124 -3.61 7.45 31.44
C LYS C 124 -2.55 8.03 30.53
N LEU C 125 -1.35 7.47 30.57
CA LEU C 125 -0.29 7.93 29.68
C LEU C 125 -0.24 6.90 28.58
N GLY C 126 -0.97 7.13 27.49
CA GLY C 126 -1.06 6.12 26.45
C GLY C 126 0.18 5.55 25.83
N VAL C 127 0.14 4.27 25.50
CA VAL C 127 1.28 3.63 24.85
C VAL C 127 1.64 4.32 23.55
N THR C 128 2.93 4.43 23.27
CA THR C 128 3.37 5.13 22.08
C THR C 128 3.98 4.18 21.07
N VAL C 129 3.51 4.23 19.83
CA VAL C 129 4.06 3.37 18.78
C VAL C 129 4.79 4.21 17.75
N ARG C 130 6.08 3.95 17.55
CA ARG C 130 6.88 4.74 16.63
C ARG C 130 7.65 3.85 15.68
N LYS C 131 7.88 4.30 14.46
CA LYS C 131 8.70 3.54 13.54
C LYS C 131 10.12 3.78 14.00
N SER C 132 11.02 2.87 13.66
CA SER C 132 12.42 2.98 14.09
C SER C 132 12.98 4.33 13.72
N SER C 133 13.58 5.00 14.68
CA SER C 133 14.11 6.32 14.44
C SER C 133 15.20 6.30 13.40
N SER C 134 15.23 7.29 12.52
CA SER C 134 16.29 7.37 11.54
C SER C 134 17.56 7.84 12.22
N THR C 135 18.67 7.80 11.51
CA THR C 135 19.92 8.28 12.09
C THR C 135 19.79 9.76 12.41
N ILE C 136 20.69 10.27 13.23
CA ILE C 136 20.57 11.65 13.64
C ILE C 136 21.32 12.53 12.67
N LEU C 137 20.62 13.43 11.99
CA LEU C 137 21.30 14.36 11.10
C LEU C 137 22.21 15.22 11.94
N GLU C 138 21.71 15.71 13.07
CA GLU C 138 22.56 16.48 13.96
C GLU C 138 22.05 16.60 15.37
N VAL C 139 22.92 16.95 16.31
CA VAL C 139 22.49 17.16 17.68
C VAL C 139 22.81 18.61 17.99
N VAL C 140 21.87 19.33 18.59
CA VAL C 140 22.07 20.74 18.86
C VAL C 140 21.83 20.99 20.34
N SER C 141 22.82 21.52 21.02
CA SER C 141 22.68 21.68 22.47
C SER C 141 22.60 23.13 22.88
N VAL C 142 21.63 23.48 23.71
CA VAL C 142 21.50 24.84 24.18
C VAL C 142 22.10 24.89 25.59
N TYR C 143 23.09 25.74 25.80
CA TYR C 143 23.75 25.77 27.10
C TYR C 143 23.75 27.10 27.82
N SER C 144 23.26 27.11 29.06
CA SER C 144 23.32 28.32 29.88
C SER C 144 24.75 28.64 30.25
N GLU C 145 25.37 29.60 29.56
CA GLU C 145 26.74 29.96 29.85
C GLU C 145 26.66 30.66 31.17
N ASP C 146 25.93 31.76 31.21
CA ASP C 146 25.73 32.50 32.44
C ASP C 146 25.38 31.58 33.59
N SER C 147 24.70 30.48 33.31
CA SER C 147 24.25 29.53 34.35
C SER C 147 23.02 30.08 35.02
N SER C 148 22.45 31.14 34.45
CA SER C 148 21.20 31.67 35.00
C SER C 148 19.90 30.96 34.65
N MET C 149 19.94 29.95 33.79
CA MET C 149 18.72 29.20 33.52
C MET C 149 18.92 27.75 33.94
N ASN C 150 17.98 27.22 34.73
CA ASN C 150 18.19 25.87 35.21
C ASN C 150 17.85 24.86 34.15
N ASP C 151 18.18 23.60 34.36
CA ASP C 151 17.98 22.61 33.32
C ASP C 151 16.52 22.49 32.98
N ILE C 152 15.65 22.58 33.99
CA ILE C 152 14.23 22.54 33.74
C ILE C 152 13.84 23.71 32.86
N ASP C 153 14.34 24.90 33.19
CA ASP C 153 14.01 26.09 32.43
C ASP C 153 14.44 25.94 30.99
N ILE C 154 15.67 25.50 30.77
CA ILE C 154 16.17 25.36 29.42
C ILE C 154 15.33 24.36 28.65
N TYR C 155 14.98 23.25 29.29
CA TYR C 155 14.25 22.22 28.57
C TYR C 155 12.92 22.76 28.12
N ASN C 156 12.22 23.43 29.01
CA ASN C 156 10.92 23.97 28.65
C ASN C 156 11.07 25.05 27.59
N TYR C 157 12.10 25.87 27.68
CA TYR C 157 12.33 26.87 26.65
C TYR C 157 12.61 26.25 25.30
N VAL C 158 13.25 25.09 25.29
CA VAL C 158 13.64 24.52 24.02
C VAL C 158 12.38 23.93 23.41
N SER C 159 11.64 23.18 24.19
CA SER C 159 10.43 22.56 23.67
C SER C 159 9.42 23.58 23.20
N LEU C 160 9.22 24.64 23.98
CA LEU C 160 8.24 25.65 23.63
C LEU C 160 8.57 26.47 22.39
N ASN C 161 9.82 26.90 22.24
CA ASN C 161 10.14 27.76 21.10
C ASN C 161 11.14 27.17 20.14
N ILE C 162 12.29 26.76 20.64
CA ILE C 162 13.34 26.25 19.77
C ILE C 162 13.00 25.00 18.99
N LEU C 163 12.27 24.08 19.62
CA LEU C 163 11.95 22.81 18.98
C LEU C 163 10.97 22.94 17.83
N ASP C 164 9.86 23.63 18.04
CA ASP C 164 8.85 23.70 17.00
C ASP C 164 9.39 24.35 15.74
N GLU C 165 10.18 25.40 15.89
CA GLU C 165 10.77 26.04 14.71
C GLU C 165 11.66 25.07 13.99
N LEU C 166 12.35 24.21 14.75
CA LEU C 166 13.26 23.25 14.15
C LEU C 166 12.51 22.22 13.31
N LYS C 167 11.34 21.81 13.76
CA LYS C 167 10.65 20.75 13.04
C LYS C 167 9.97 21.29 11.80
N ARG C 168 9.46 22.52 11.86
CA ARG C 168 8.86 23.09 10.65
C ARG C 168 9.82 23.17 9.46
N ILE C 169 11.12 23.22 9.72
CA ILE C 169 12.10 23.34 8.64
C ILE C 169 11.92 22.18 7.68
N PRO C 170 11.94 22.45 6.35
CA PRO C 170 11.85 21.29 5.43
C PRO C 170 12.85 20.17 5.67
N GLY C 171 12.41 18.92 5.62
CA GLY C 171 13.33 17.81 5.74
C GLY C 171 13.68 17.38 7.15
N VAL C 172 13.06 17.98 8.13
CA VAL C 172 13.28 17.54 9.50
C VAL C 172 12.18 16.55 9.84
N GLY C 173 12.49 15.26 9.83
CA GLY C 173 11.48 14.28 10.21
C GLY C 173 10.97 14.50 11.61
N ASP C 174 11.87 14.77 12.54
CA ASP C 174 11.48 14.94 13.93
C ASP C 174 12.59 15.54 14.78
N ALA C 175 12.24 16.32 15.80
CA ALA C 175 13.23 16.86 16.70
C ALA C 175 12.78 16.53 18.10
N SER C 176 13.60 15.80 18.86
CA SER C 176 13.25 15.48 20.23
C SER C 176 14.29 15.92 21.24
N ALA C 177 13.84 16.42 22.40
CA ALA C 177 14.78 16.82 23.45
C ALA C 177 15.05 15.67 24.41
N ILE C 178 16.31 15.36 24.65
CA ILE C 178 16.68 14.23 25.50
C ILE C 178 16.31 14.24 26.99
N GLY C 179 16.37 15.39 27.64
CA GLY C 179 16.18 15.43 29.10
C GLY C 179 14.86 14.97 29.71
N ASN C 180 13.75 15.17 29.03
CA ASN C 180 12.43 14.74 29.53
C ASN C 180 12.11 15.44 30.84
N LYS C 181 12.21 16.78 30.85
CA LYS C 181 11.96 17.54 32.08
C LYS C 181 10.93 18.65 31.88
N ASN C 182 9.72 18.28 31.48
CA ASN C 182 8.66 19.26 31.28
C ASN C 182 8.09 19.80 32.58
N TYR C 183 7.40 20.95 32.52
CA TYR C 183 6.84 21.56 33.72
C TYR C 183 5.74 20.75 34.38
N SER C 184 5.68 20.77 35.70
CA SER C 184 4.60 20.09 36.42
C SER C 184 4.27 20.84 37.69
N MET C 185 3.04 20.74 38.16
CA MET C 185 2.65 21.37 39.42
C MET C 185 3.09 20.50 40.57
N ARG C 186 4.38 20.24 40.71
CA ARG C 186 4.78 19.30 41.75
C ARG C 186 4.30 19.76 43.11
N ILE C 187 3.60 18.90 43.84
CA ILE C 187 3.18 19.25 45.18
C ILE C 187 3.94 18.34 46.09
N TRP C 188 4.65 18.93 47.04
CA TRP C 188 5.46 18.14 47.93
C TRP C 188 4.83 18.01 49.28
N LEU C 189 4.42 16.81 49.63
CA LEU C 189 3.78 16.57 50.91
C LEU C 189 4.76 16.61 52.06
N GLU C 190 4.35 17.19 53.19
CA GLU C 190 5.18 17.17 54.37
C GLU C 190 4.47 16.27 55.34
N PRO C 191 4.97 15.05 55.51
CA PRO C 191 4.27 14.09 56.38
C PRO C 191 4.15 14.58 57.81
N ASP C 192 5.17 15.26 58.33
CA ASP C 192 5.10 15.70 59.71
C ASP C 192 3.92 16.64 59.87
N LEU C 193 3.58 17.39 58.81
CA LEU C 193 2.41 18.23 58.91
C LEU C 193 1.13 17.47 58.57
N LEU C 194 1.21 16.55 57.61
CA LEU C 194 0.05 15.76 57.25
C LEU C 194 -0.53 15.08 58.48
N ASN C 195 0.34 14.49 59.28
CA ASN C 195 -0.11 13.81 60.50
C ASN C 195 -0.71 14.79 61.50
N LYS C 196 -0.14 15.98 61.61
CA LYS C 196 -0.63 16.95 62.60
C LYS C 196 -2.06 17.33 62.32
N PHE C 197 -2.38 17.53 61.05
CA PHE C 197 -3.74 17.91 60.67
C PHE C 197 -4.59 16.69 60.36
N GLY C 198 -4.02 15.50 60.53
CA GLY C 198 -4.75 14.28 60.26
C GLY C 198 -5.24 14.08 58.84
N VAL C 199 -4.43 14.47 57.85
CA VAL C 199 -4.80 14.25 56.47
C VAL C 199 -3.88 13.22 55.81
N THR C 200 -4.43 12.15 55.26
CA THR C 200 -3.64 11.13 54.57
C THR C 200 -3.32 11.57 53.14
N ALA C 201 -2.32 10.99 52.49
CA ALA C 201 -2.07 11.44 51.14
C ALA C 201 -3.32 11.14 50.37
N ASN C 202 -3.97 10.01 50.63
CA ASN C 202 -5.11 9.65 49.79
C ASN C 202 -6.12 10.77 49.79
N ASP C 203 -6.32 11.42 50.91
CA ASP C 203 -7.26 12.53 51.00
C ASP C 203 -6.84 13.63 50.06
N VAL C 204 -5.54 13.89 49.98
CA VAL C 204 -5.04 14.97 49.14
C VAL C 204 -5.21 14.65 47.67
N ILE C 205 -4.90 13.41 47.28
CA ILE C 205 -5.06 13.03 45.90
C ILE C 205 -6.48 13.27 45.46
N ASN C 206 -7.43 12.85 46.29
CA ASN C 206 -8.83 13.02 45.94
C ASN C 206 -9.15 14.49 45.77
N ALA C 207 -8.69 15.32 46.68
CA ALA C 207 -8.99 16.74 46.61
C ALA C 207 -8.60 17.31 45.26
N VAL C 208 -7.37 17.06 44.84
CA VAL C 208 -6.90 17.60 43.57
C VAL C 208 -7.76 17.08 42.44
N ASN C 209 -8.14 15.81 42.50
CA ASN C 209 -8.92 15.21 41.44
C ASN C 209 -10.26 15.91 41.29
N ASP C 210 -10.77 16.49 42.36
CA ASP C 210 -12.08 17.13 42.31
C ASP C 210 -11.98 18.63 42.10
N GLN C 211 -11.22 19.31 42.93
CA GLN C 211 -11.15 20.77 42.83
C GLN C 211 -10.55 21.22 41.51
N ASN C 212 -9.57 20.48 40.99
CA ASN C 212 -9.04 20.81 39.67
C ASN C 212 -9.71 19.88 38.68
N ALA C 213 -10.70 20.37 37.95
CA ALA C 213 -11.46 19.47 37.07
C ALA C 213 -11.69 19.98 35.66
N GLN C 214 -12.18 19.11 34.79
CA GLN C 214 -12.45 19.49 33.41
C GLN C 214 -13.76 20.22 33.28
N TYR C 215 -14.00 20.77 32.10
CA TYR C 215 -15.18 21.58 31.87
C TYR C 215 -16.49 20.84 31.62
N ALA C 216 -17.62 21.54 31.79
CA ALA C 216 -18.94 21.01 31.43
C ALA C 216 -19.78 22.06 30.71
N THR C 217 -20.32 21.74 29.54
CA THR C 217 -21.06 22.74 28.77
C THR C 217 -22.55 22.47 28.64
N GLY C 218 -23.38 23.49 28.84
CA GLY C 218 -24.81 23.35 28.65
C GLY C 218 -25.27 24.44 27.72
N LYS C 219 -26.59 24.54 27.49
CA LYS C 219 -27.10 25.62 26.66
C LYS C 219 -28.34 26.25 27.25
N ILE C 220 -28.57 27.52 26.96
CA ILE C 220 -29.70 28.23 27.52
C ILE C 220 -30.66 28.58 26.39
N GLY C 221 -31.96 28.38 26.62
CA GLY C 221 -32.94 28.65 25.59
C GLY C 221 -32.77 27.87 24.30
N GLU C 222 -32.54 26.57 24.42
CA GLU C 222 -32.34 25.73 23.24
C GLU C 222 -33.64 25.34 22.57
N GLU C 223 -33.58 24.51 21.54
CA GLU C 223 -34.78 24.15 20.76
C GLU C 223 -35.96 23.47 21.47
N PRO C 224 -35.70 22.54 22.42
CA PRO C 224 -36.88 21.89 23.00
C PRO C 224 -37.87 22.84 23.66
N VAL C 225 -37.41 23.93 24.27
CA VAL C 225 -38.33 24.82 25.00
C VAL C 225 -39.44 25.44 24.16
N VAL C 226 -40.62 25.58 24.76
CA VAL C 226 -41.77 26.11 24.05
C VAL C 226 -41.70 27.62 23.77
N ASN C 227 -41.19 28.40 24.72
CA ASN C 227 -41.11 29.85 24.54
C ASN C 227 -40.40 30.26 23.27
N LYS C 228 -39.36 29.52 22.88
CA LYS C 228 -38.60 29.82 21.67
C LYS C 228 -37.89 31.15 21.85
N SER C 229 -36.99 31.19 22.83
CA SER C 229 -36.22 32.40 23.09
C SER C 229 -35.46 32.85 21.85
N PRO C 230 -35.49 34.15 21.56
CA PRO C 230 -34.82 34.66 20.36
C PRO C 230 -33.32 34.40 20.42
N GLN C 231 -32.72 34.50 21.60
CA GLN C 231 -31.29 34.24 21.75
C GLN C 231 -30.93 32.93 22.41
N VAL C 232 -29.99 32.19 21.85
CA VAL C 232 -29.54 30.95 22.47
C VAL C 232 -28.12 31.13 22.98
N ILE C 233 -27.96 31.21 24.28
CA ILE C 233 -26.64 31.46 24.85
C ILE C 233 -26.04 30.22 25.49
N SER C 234 -24.78 29.94 25.19
CA SER C 234 -24.13 28.76 25.74
C SER C 234 -23.72 28.94 27.19
N ILE C 235 -23.55 27.83 27.90
CA ILE C 235 -23.14 27.89 29.30
C ILE C 235 -21.77 27.25 29.47
N THR C 236 -20.87 27.94 30.14
CA THR C 236 -19.51 27.42 30.31
C THR C 236 -19.15 27.25 31.78
N MET C 237 -18.68 26.06 32.14
CA MET C 237 -18.28 25.80 33.52
C MET C 237 -16.83 25.37 33.55
N GLN C 238 -16.02 26.05 34.33
CA GLN C 238 -14.61 25.72 34.34
C GLN C 238 -14.12 25.51 35.76
N GLY C 239 -13.12 24.66 35.95
CA GLY C 239 -12.58 24.40 37.26
C GLY C 239 -11.09 24.19 37.18
N ARG C 240 -10.54 24.35 35.99
CA ARG C 240 -9.12 24.12 35.82
C ARG C 240 -8.34 25.13 36.63
N LEU C 241 -7.30 24.67 37.30
CA LEU C 241 -6.49 25.56 38.11
C LEU C 241 -5.15 25.72 37.42
N GLN C 242 -4.75 26.97 37.18
CA GLN C 242 -3.54 27.22 36.44
C GLN C 242 -2.42 27.78 37.31
N THR C 243 -2.78 28.43 38.40
CA THR C 243 -1.77 29.11 39.21
C THR C 243 -1.24 28.27 40.38
N PRO C 244 0.05 28.44 40.76
CA PRO C 244 0.48 27.62 41.90
C PRO C 244 -0.36 27.94 43.11
N GLN C 245 -0.70 29.20 43.30
CA GLN C 245 -1.46 29.61 44.47
C GLN C 245 -2.81 28.92 44.52
N GLU C 246 -3.46 28.77 43.37
CA GLU C 246 -4.75 28.11 43.34
C GLU C 246 -4.64 26.68 43.80
N PHE C 247 -3.54 26.04 43.46
CA PHE C 247 -3.32 24.67 43.92
C PHE C 247 -3.18 24.59 45.42
N GLU C 248 -2.60 25.61 46.03
CA GLU C 248 -2.37 25.54 47.46
C GLU C 248 -3.65 25.91 48.16
N ASN C 249 -4.50 26.67 47.48
CA ASN C 249 -5.81 27.01 48.04
C ASN C 249 -6.85 25.88 48.01
N ILE C 250 -6.52 24.76 47.36
CA ILE C 250 -7.43 23.61 47.35
C ILE C 250 -7.88 23.31 48.78
N ILE C 251 -9.14 22.99 49.00
CA ILE C 251 -9.58 22.79 50.37
C ILE C 251 -9.70 21.33 50.71
N LEU C 252 -8.75 20.83 51.48
CA LEU C 252 -8.78 19.43 51.89
C LEU C 252 -9.95 19.12 52.81
N ARG C 253 -10.18 20.00 53.77
CA ARG C 253 -11.21 19.74 54.75
C ARG C 253 -11.80 21.02 55.29
N VAL C 254 -13.03 20.97 55.79
CA VAL C 254 -13.62 22.13 56.41
C VAL C 254 -13.64 21.80 57.88
N ASN C 255 -13.05 22.64 58.71
CA ASN C 255 -12.98 22.36 60.13
C ASN C 255 -14.33 22.65 60.77
N GLU C 256 -14.47 22.35 62.06
CA GLU C 256 -15.75 22.59 62.73
C GLU C 256 -16.01 24.08 62.78
N ASP C 257 -15.00 24.87 63.11
CA ASP C 257 -15.15 26.31 63.05
C ASP C 257 -15.03 26.63 61.58
N LYS C 258 -15.48 27.79 61.14
CA LYS C 258 -15.46 28.08 59.71
C LYS C 258 -14.07 28.47 59.22
N SER C 259 -13.15 27.50 59.18
CA SER C 259 -11.80 27.77 58.72
C SER C 259 -11.50 26.63 57.76
N PHE C 260 -10.90 26.92 56.62
CA PHE C 260 -10.70 25.85 55.65
C PHE C 260 -9.28 25.33 55.64
N LEU C 261 -9.09 24.04 55.88
CA LEU C 261 -7.75 23.46 55.81
C LEU C 261 -7.38 23.48 54.35
N ARG C 262 -6.11 23.68 54.02
CA ARG C 262 -5.74 23.77 52.62
C ARG C 262 -4.45 23.03 52.33
N ILE C 263 -4.15 22.82 51.06
CA ILE C 263 -2.95 22.08 50.68
C ILE C 263 -1.72 22.81 51.17
N LYS C 264 -1.73 24.13 51.13
CA LYS C 264 -0.56 24.90 51.54
C LYS C 264 -0.20 24.61 52.99
N ASP C 265 -1.21 24.42 53.83
CA ASP C 265 -0.95 24.13 55.23
C ASP C 265 -0.19 22.81 55.40
N VAL C 266 -0.56 21.79 54.63
CA VAL C 266 0.08 20.49 54.76
C VAL C 266 1.18 20.20 53.75
N ALA C 267 1.38 21.07 52.76
CA ALA C 267 2.33 20.78 51.70
C ALA C 267 2.85 22.02 51.00
N LYS C 268 3.93 21.88 50.25
CA LYS C 268 4.46 23.00 49.49
C LYS C 268 4.24 22.75 48.01
N VAL C 269 3.63 23.69 47.32
CA VAL C 269 3.34 23.49 45.89
C VAL C 269 4.19 24.42 45.05
N GLU C 270 4.93 23.86 44.11
CA GLU C 270 5.77 24.68 43.22
C GLU C 270 5.81 24.13 41.82
N ILE C 271 6.12 24.97 40.83
CA ILE C 271 6.27 24.47 39.47
C ILE C 271 7.61 23.76 39.37
N GLY C 272 7.64 22.60 38.75
CA GLY C 272 8.88 21.82 38.71
C GLY C 272 8.85 20.64 37.77
N ALA C 273 10.00 20.20 37.32
CA ALA C 273 10.06 19.14 36.31
C ALA C 273 9.42 17.83 36.68
N GLU C 274 8.81 17.17 35.70
CA GLU C 274 8.18 15.89 35.95
C GLU C 274 9.20 14.84 36.38
N GLN C 275 10.36 14.83 35.73
CA GLN C 275 11.39 13.89 36.11
C GLN C 275 12.62 14.63 36.59
N TYR C 276 13.11 14.27 37.76
CA TYR C 276 14.31 14.89 38.29
C TYR C 276 15.44 13.91 38.13
N ASN C 277 15.24 12.90 37.29
CA ASN C 277 16.24 11.86 37.18
C ASN C 277 17.43 12.14 36.24
N SER C 278 17.21 12.81 35.12
CA SER C 278 18.37 13.07 34.28
C SER C 278 18.77 14.51 34.21
N THR C 279 19.99 14.75 33.75
CA THR C 279 20.51 16.10 33.59
C THR C 279 21.35 16.10 32.34
N GLY C 280 21.61 17.26 31.77
CA GLY C 280 22.46 17.35 30.60
C GLY C 280 23.45 18.46 30.80
N ARG C 281 24.72 18.20 30.50
CA ARG C 281 25.78 19.20 30.69
C ARG C 281 26.75 19.30 29.52
N LEU C 282 26.93 20.49 28.97
CA LEU C 282 27.93 20.67 27.91
C LEU C 282 29.03 21.54 28.47
N ASN C 283 30.26 21.06 28.47
CA ASN C 283 31.39 21.88 28.92
C ASN C 283 31.14 22.50 30.29
N THR C 284 30.68 21.71 31.25
CA THR C 284 30.36 22.22 32.60
C THR C 284 29.33 23.33 32.62
N SER C 285 28.32 23.25 31.77
CA SER C 285 27.24 24.23 31.76
C SER C 285 25.97 23.42 31.62
N ALA C 286 24.83 23.96 32.01
CA ALA C 286 23.61 23.18 31.97
C ALA C 286 23.12 23.20 30.55
N ALA C 287 22.68 22.06 30.02
CA ALA C 287 22.31 22.00 28.60
C ALA C 287 21.22 21.00 28.27
N VAL C 288 20.52 21.22 27.17
CA VAL C 288 19.50 20.26 26.73
C VAL C 288 19.86 19.86 25.32
N PRO C 289 19.87 18.55 25.03
CA PRO C 289 20.24 18.10 23.69
C PRO C 289 19.03 17.95 22.78
N ILE C 290 19.12 18.43 21.56
CA ILE C 290 18.02 18.25 20.62
C ILE C 290 18.49 17.33 19.52
N ILE C 291 17.71 16.29 19.26
CA ILE C 291 18.11 15.32 18.24
C ILE C 291 17.25 15.57 17.01
N ILE C 292 17.89 15.90 15.91
CA ILE C 292 17.17 16.13 14.67
C ILE C 292 17.33 14.92 13.78
N ASN C 293 16.22 14.35 13.33
CA ASN C 293 16.32 13.23 12.41
C ASN C 293 15.83 13.63 11.05
N LEU C 294 16.59 13.28 10.02
CA LEU C 294 16.22 13.73 8.68
C LEU C 294 15.24 12.82 8.00
N GLN C 295 14.18 13.41 7.46
CA GLN C 295 13.14 12.64 6.81
C GLN C 295 13.66 11.89 5.61
N SER C 296 13.15 10.68 5.40
CA SER C 296 13.58 9.89 4.25
C SER C 296 13.20 10.63 2.99
N GLY C 297 14.11 10.63 2.02
CA GLY C 297 13.85 11.32 0.77
C GLY C 297 14.09 12.80 0.88
N ALA C 298 15.10 13.21 1.65
CA ALA C 298 15.43 14.62 1.73
C ALA C 298 16.89 14.84 1.40
N ASN C 299 17.34 16.08 1.36
CA ASN C 299 18.75 16.35 1.12
C ASN C 299 19.36 16.75 2.45
N ALA C 300 20.32 15.97 2.93
CA ALA C 300 20.96 16.25 4.22
C ALA C 300 21.82 17.49 4.15
N VAL C 301 22.49 17.71 3.02
CA VAL C 301 23.36 18.87 2.86
C VAL C 301 22.56 20.14 2.94
N ASN C 302 21.31 20.11 2.47
CA ASN C 302 20.51 21.32 2.42
C ASN C 302 19.79 21.52 3.73
N THR C 303 19.24 20.46 4.29
CA THR C 303 18.52 20.56 5.55
C THR C 303 19.43 21.10 6.62
N ALA C 304 20.67 20.63 6.65
CA ALA C 304 21.59 21.07 7.68
C ALA C 304 21.84 22.55 7.59
N LYS C 305 21.99 23.04 6.37
CA LYS C 305 22.25 24.46 6.19
C LYS C 305 21.08 25.25 6.73
N LEU C 306 19.87 24.79 6.43
CA LEU C 306 18.68 25.48 6.91
C LEU C 306 18.60 25.46 8.42
N ILE C 307 18.93 24.34 9.04
CA ILE C 307 18.86 24.22 10.49
C ILE C 307 19.83 25.18 11.16
N ASN C 308 21.05 25.25 10.65
CA ASN C 308 22.05 26.13 11.24
C ASN C 308 21.59 27.57 11.13
N GLU C 309 21.02 27.93 9.98
CA GLU C 309 20.54 29.29 9.80
C GLU C 309 19.41 29.61 10.76
N LYS C 310 18.48 28.67 10.95
CA LYS C 310 17.37 28.93 11.84
C LYS C 310 17.87 29.13 13.26
N MET C 311 18.96 28.48 13.59
CA MET C 311 19.48 28.58 14.96
C MET C 311 19.96 29.99 15.24
N GLN C 312 20.64 30.58 14.26
CA GLN C 312 21.16 31.93 14.46
C GLN C 312 20.04 32.92 14.70
N GLU C 313 18.95 32.78 13.95
CA GLU C 313 17.81 33.68 14.13
C GLU C 313 17.25 33.51 15.52
N LEU C 314 17.14 32.27 15.96
CA LEU C 314 16.63 32.01 17.29
C LEU C 314 17.59 32.60 18.31
N SER C 315 18.88 32.53 18.03
CA SER C 315 19.88 33.03 18.96
C SER C 315 19.71 34.51 19.21
N LYS C 316 19.34 35.26 18.18
CA LYS C 316 19.10 36.69 18.37
C LYS C 316 17.98 36.87 19.37
N ASN C 317 16.96 36.02 19.31
CA ASN C 317 15.83 36.12 20.22
C ASN C 317 16.02 35.36 21.53
N PHE C 318 17.15 34.68 21.70
CA PHE C 318 17.39 33.89 22.90
C PHE C 318 17.47 34.73 24.16
N PRO C 319 17.03 34.15 25.29
CA PRO C 319 17.17 34.86 26.56
C PRO C 319 18.63 34.95 26.91
N GLN C 320 19.02 35.94 27.72
CA GLN C 320 20.43 36.14 27.99
C GLN C 320 21.06 34.91 28.61
N GLY C 321 22.25 34.57 28.17
CA GLY C 321 22.94 33.40 28.70
C GLY C 321 22.65 32.09 28.00
N LEU C 322 21.84 32.11 26.95
CA LEU C 322 21.62 30.89 26.19
C LEU C 322 22.31 30.95 24.85
N LYS C 323 23.13 29.95 24.57
CA LYS C 323 23.84 29.89 23.30
C LYS C 323 23.73 28.49 22.75
N TYR C 324 23.84 28.34 21.43
CA TYR C 324 23.71 27.03 20.84
C TYR C 324 25.03 26.52 20.30
N GLN C 325 25.17 25.20 20.21
CA GLN C 325 26.37 24.61 19.61
C GLN C 325 25.92 23.31 19.00
N ILE C 326 26.39 22.99 17.80
CA ILE C 326 26.05 21.71 17.19
C ILE C 326 27.19 20.72 17.32
N PRO C 327 27.17 19.88 18.36
CA PRO C 327 28.27 18.96 18.61
C PRO C 327 28.48 17.92 17.51
N TYR C 328 27.41 17.36 16.95
CA TYR C 328 27.57 16.30 15.96
C TYR C 328 26.76 16.54 14.71
N ASP C 329 27.41 16.53 13.56
CA ASP C 329 26.68 16.68 12.31
C ASP C 329 27.10 15.60 11.32
N THR C 330 26.17 14.79 10.86
CA THR C 330 26.47 13.75 9.86
C THR C 330 26.91 14.45 8.61
N THR C 331 26.45 15.67 8.43
CA THR C 331 26.73 16.40 7.21
C THR C 331 28.22 16.59 6.99
N ILE C 332 28.99 16.76 8.06
CA ILE C 332 30.40 17.02 7.86
C ILE C 332 31.01 15.85 7.10
N PHE C 333 30.67 14.63 7.48
CA PHE C 333 31.15 13.49 6.73
C PHE C 333 30.62 13.43 5.31
N VAL C 334 29.32 13.61 5.13
CA VAL C 334 28.76 13.45 3.78
C VAL C 334 29.27 14.52 2.82
N LYS C 335 29.37 15.77 3.26
CA LYS C 335 29.88 16.83 2.41
C LYS C 335 31.31 16.56 2.04
N ALA C 336 32.10 16.10 3.01
CA ALA C 336 33.51 15.87 2.74
C ALA C 336 33.66 14.80 1.69
N SER C 337 32.86 13.74 1.79
CA SER C 337 32.94 12.67 0.82
C SER C 337 32.56 13.14 -0.57
N ILE C 338 31.50 13.94 -0.66
CA ILE C 338 31.08 14.46 -1.96
C ILE C 338 32.23 15.22 -2.57
N LYS C 339 32.87 16.07 -1.78
CA LYS C 339 33.96 16.87 -2.29
C LYS C 339 35.08 15.97 -2.78
N GLU C 340 35.36 14.91 -2.04
CA GLU C 340 36.42 14.00 -2.42
C GLU C 340 36.12 13.28 -3.72
N VAL C 341 34.88 12.86 -3.91
CA VAL C 341 34.50 12.22 -5.16
C VAL C 341 34.66 13.19 -6.32
N ILE C 342 34.24 14.43 -6.12
CA ILE C 342 34.40 15.42 -7.17
C ILE C 342 35.88 15.64 -7.43
N LYS C 343 36.67 15.69 -6.37
CA LYS C 343 38.10 15.91 -6.53
C LYS C 343 38.71 14.75 -7.30
N THR C 344 38.30 13.53 -6.98
CA THR C 344 38.81 12.38 -7.69
C THR C 344 38.41 12.45 -9.14
N PHE C 345 37.16 12.83 -9.40
CA PHE C 345 36.69 12.90 -10.78
C PHE C 345 37.47 13.93 -11.57
N VAL C 346 37.72 15.09 -10.99
CA VAL C 346 38.42 16.12 -11.72
C VAL C 346 39.82 15.64 -12.02
N GLU C 347 40.48 15.04 -11.03
CA GLU C 347 41.82 14.53 -11.24
C GLU C 347 41.84 13.42 -12.27
N ALA C 348 40.88 12.50 -12.16
CA ALA C 348 40.82 11.37 -13.09
C ALA C 348 40.54 11.85 -14.49
N LEU C 349 39.70 12.87 -14.63
CA LEU C 349 39.32 13.34 -15.94
C LEU C 349 40.53 13.97 -16.57
N ALA C 350 41.31 14.69 -15.79
CA ALA C 350 42.40 15.43 -16.39
C ALA C 350 43.57 14.50 -16.60
N LEU C 351 43.68 13.46 -15.78
CA LEU C 351 44.73 12.48 -15.98
C LEU C 351 44.49 11.73 -17.27
N VAL C 352 43.23 11.47 -17.59
CA VAL C 352 42.93 10.79 -18.83
C VAL C 352 43.37 11.66 -19.98
N LEU C 353 43.14 12.96 -19.87
CA LEU C 353 43.49 13.86 -20.95
C LEU C 353 45.00 13.98 -21.18
N VAL C 354 45.78 14.03 -20.10
CA VAL C 354 47.21 14.17 -20.27
C VAL C 354 47.74 12.87 -20.81
N VAL C 355 47.19 11.76 -20.33
CA VAL C 355 47.62 10.48 -20.90
C VAL C 355 47.29 10.41 -22.37
N MET C 356 46.10 10.85 -22.75
CA MET C 356 45.71 10.84 -24.16
C MET C 356 46.70 11.62 -25.01
N TYR C 357 47.09 12.80 -24.54
CA TYR C 357 48.06 13.63 -25.27
C TYR C 357 49.43 12.99 -25.36
N LEU C 358 49.75 12.12 -24.42
CA LEU C 358 51.06 11.50 -24.40
C LEU C 358 51.09 10.31 -25.33
N PHE C 359 50.02 9.51 -25.30
CA PHE C 359 49.94 8.32 -26.15
C PHE C 359 49.45 8.53 -27.57
N LEU C 360 48.39 9.32 -27.78
CA LEU C 360 47.91 9.41 -29.16
C LEU C 360 48.46 10.68 -29.75
N LYS C 361 48.88 11.61 -28.92
CA LYS C 361 49.55 12.85 -29.39
C LYS C 361 48.71 13.86 -30.15
N ASN C 362 47.40 13.86 -29.95
CA ASN C 362 46.57 14.89 -30.57
C ASN C 362 45.87 15.67 -29.48
N PHE C 363 45.99 16.99 -29.50
CA PHE C 363 45.29 17.80 -28.52
C PHE C 363 43.80 17.64 -28.73
N LYS C 364 43.37 17.63 -29.98
CA LYS C 364 41.95 17.48 -30.30
C LYS C 364 41.40 16.17 -29.78
N SER C 365 42.25 15.15 -29.69
CA SER C 365 41.80 13.86 -29.20
C SER C 365 41.27 13.97 -27.78
N THR C 366 41.86 14.83 -26.97
CA THR C 366 41.45 14.95 -25.57
C THR C 366 39.98 15.36 -25.41
N ILE C 367 39.49 16.23 -26.29
CA ILE C 367 38.10 16.64 -26.22
C ILE C 367 37.11 15.47 -26.20
N ILE C 368 37.43 14.37 -26.88
CA ILE C 368 36.51 13.23 -26.96
C ILE C 368 36.20 12.60 -25.60
N PRO C 369 37.22 12.20 -24.82
CA PRO C 369 36.86 11.69 -23.50
C PRO C 369 36.23 12.78 -22.67
N MET C 370 36.72 14.01 -22.81
CA MET C 370 36.22 15.08 -21.97
C MET C 370 34.74 15.28 -22.16
N ILE C 371 34.22 15.09 -23.36
CA ILE C 371 32.77 15.18 -23.54
C ILE C 371 32.06 13.91 -23.10
N ALA C 372 32.56 12.75 -23.51
CA ALA C 372 31.88 11.49 -23.20
C ALA C 372 31.77 11.11 -21.73
N VAL C 373 32.83 11.32 -20.94
CA VAL C 373 32.81 10.89 -19.54
C VAL C 373 31.73 11.55 -18.69
N PRO C 374 31.54 12.88 -18.81
CA PRO C 374 30.44 13.47 -18.05
C PRO C 374 29.08 12.94 -18.45
N VAL C 375 28.84 12.75 -19.75
CA VAL C 375 27.55 12.26 -20.21
C VAL C 375 27.31 10.88 -19.62
N SER C 376 28.35 10.07 -19.58
CA SER C 376 28.24 8.73 -19.01
C SER C 376 27.87 8.78 -17.54
N LEU C 377 28.42 9.73 -16.81
CA LEU C 377 28.17 9.77 -15.37
C LEU C 377 26.85 10.44 -15.09
N LEU C 378 26.50 11.48 -15.83
CA LEU C 378 25.19 12.09 -15.67
C LEU C 378 24.11 11.06 -15.96
N GLY C 379 24.35 10.22 -16.96
CA GLY C 379 23.38 9.21 -17.31
C GLY C 379 23.19 8.26 -16.14
N THR C 380 24.28 7.92 -15.47
CA THR C 380 24.19 7.03 -14.32
C THR C 380 23.32 7.67 -13.26
N PHE C 381 23.50 8.97 -13.03
CA PHE C 381 22.72 9.67 -12.02
C PHE C 381 21.25 9.63 -12.35
N ALA C 382 20.92 9.81 -13.63
CA ALA C 382 19.52 9.83 -14.02
C ALA C 382 18.86 8.49 -13.75
N VAL C 383 19.54 7.40 -14.07
CA VAL C 383 19.00 6.08 -13.78
C VAL C 383 18.89 5.88 -12.28
N LEU C 384 19.89 6.33 -11.54
CA LEU C 384 19.89 6.12 -10.09
C LEU C 384 18.71 6.82 -9.44
N TYR C 385 18.24 7.91 -10.06
CA TYR C 385 17.13 8.63 -9.47
C TYR C 385 15.85 7.88 -9.76
N VAL C 386 15.74 7.27 -10.94
CA VAL C 386 14.57 6.46 -11.23
C VAL C 386 14.56 5.26 -10.30
N LEU C 387 15.71 4.65 -10.06
CA LEU C 387 15.81 3.53 -9.14
C LEU C 387 15.45 3.99 -7.75
N GLY C 388 15.71 5.25 -7.45
CA GLY C 388 15.43 5.76 -6.12
C GLY C 388 16.65 5.65 -5.23
N PHE C 389 17.76 5.19 -5.82
CA PHE C 389 18.97 5.03 -5.04
C PHE C 389 19.34 6.40 -4.56
N SER C 390 19.69 6.53 -3.28
CA SER C 390 19.98 7.85 -2.77
C SER C 390 21.46 8.05 -2.68
N ILE C 391 21.91 9.29 -2.63
CA ILE C 391 23.34 9.53 -2.62
C ILE C 391 23.72 9.31 -1.18
N ASN C 392 24.62 8.39 -0.93
CA ASN C 392 25.02 8.06 0.42
C ASN C 392 26.48 7.74 0.37
N LEU C 393 27.11 7.66 1.54
CA LEU C 393 28.54 7.37 1.61
C LEU C 393 28.87 6.19 0.74
N LEU C 394 28.06 5.14 0.78
CA LEU C 394 28.44 3.94 0.02
C LEU C 394 28.26 4.12 -1.48
N THR C 395 27.23 4.82 -1.92
CA THR C 395 27.10 5.10 -3.36
C THR C 395 28.21 6.01 -3.85
N LEU C 396 28.62 6.98 -3.04
CA LEU C 396 29.69 7.88 -3.45
C LEU C 396 30.98 7.12 -3.67
N PHE C 397 31.28 6.17 -2.80
CA PHE C 397 32.46 5.35 -3.00
C PHE C 397 32.31 4.56 -4.27
N ALA C 398 31.10 4.08 -4.54
CA ALA C 398 30.83 3.35 -5.78
C ALA C 398 31.07 4.24 -6.99
N LEU C 399 30.75 5.52 -6.86
CA LEU C 399 30.96 6.45 -7.97
C LEU C 399 32.43 6.59 -8.28
N VAL C 400 33.29 6.50 -7.28
CA VAL C 400 34.73 6.55 -7.55
C VAL C 400 35.08 5.34 -8.39
N LEU C 401 34.53 4.18 -8.05
CA LEU C 401 34.76 2.98 -8.83
C LEU C 401 34.17 3.16 -10.22
N ALA C 402 33.02 3.83 -10.31
CA ALA C 402 32.34 4.00 -11.58
C ALA C 402 33.18 4.74 -12.60
N ILE C 403 33.98 5.69 -12.12
CA ILE C 403 34.80 6.47 -13.03
C ILE C 403 35.67 5.51 -13.82
N GLY C 404 36.15 4.47 -13.17
CA GLY C 404 36.99 3.48 -13.84
C GLY C 404 36.33 2.85 -15.05
N ILE C 405 35.11 2.39 -14.89
CA ILE C 405 34.39 1.77 -16.01
C ILE C 405 34.21 2.79 -17.12
N VAL C 406 33.81 4.00 -16.76
CA VAL C 406 33.57 5.04 -17.76
C VAL C 406 34.83 5.44 -18.52
N VAL C 407 35.94 5.65 -17.83
CA VAL C 407 37.18 6.01 -18.50
C VAL C 407 37.65 4.87 -19.38
N ASP C 408 37.50 3.63 -18.94
CA ASP C 408 37.99 2.53 -19.72
C ASP C 408 37.28 2.51 -21.04
N ASP C 409 35.97 2.70 -21.03
CA ASP C 409 35.22 2.60 -22.28
C ASP C 409 35.61 3.66 -23.28
N ALA C 410 35.80 4.90 -22.82
CA ALA C 410 36.20 5.96 -23.72
C ALA C 410 37.57 5.68 -24.31
N ILE C 411 38.49 5.24 -23.48
CA ILE C 411 39.84 4.97 -23.95
C ILE C 411 39.85 3.86 -24.98
N ILE C 412 39.09 2.80 -24.75
CA ILE C 412 39.09 1.67 -25.66
C ILE C 412 38.60 2.09 -27.04
N VAL C 413 37.54 2.89 -27.09
CA VAL C 413 37.00 3.28 -28.39
C VAL C 413 37.88 4.29 -29.12
N VAL C 414 38.29 5.35 -28.44
CA VAL C 414 39.21 6.32 -29.05
C VAL C 414 40.48 5.67 -29.56
N GLU C 415 41.12 4.85 -28.74
CA GLU C 415 42.38 4.25 -29.13
C GLU C 415 42.20 3.40 -30.37
N ASN C 416 41.10 2.66 -30.46
CA ASN C 416 40.89 1.80 -31.60
C ASN C 416 40.83 2.60 -32.89
N ILE C 417 40.15 3.74 -32.86
CA ILE C 417 40.11 4.59 -34.05
C ILE C 417 41.52 5.03 -34.38
N ASP C 418 42.28 5.43 -33.37
CA ASP C 418 43.63 5.93 -33.60
C ASP C 418 44.56 4.87 -34.18
N ARG C 419 44.48 3.65 -33.68
CA ARG C 419 45.33 2.58 -34.20
C ARG C 419 45.02 2.30 -35.66
N ILE C 420 43.75 2.38 -36.04
CA ILE C 420 43.34 2.12 -37.42
C ILE C 420 43.81 3.24 -38.32
N LEU C 421 43.65 4.47 -37.88
CA LEU C 421 44.07 5.61 -38.68
C LEU C 421 45.57 5.57 -38.90
N HIS C 422 46.32 5.23 -37.88
CA HIS C 422 47.76 5.12 -38.02
C HIS C 422 48.16 4.00 -38.96
N GLU C 423 47.45 2.87 -38.89
CA GLU C 423 47.80 1.72 -39.72
C GLU C 423 47.67 2.00 -41.21
N ASP C 424 46.60 2.69 -41.62
CA ASP C 424 46.47 3.03 -43.03
C ASP C 424 46.43 4.53 -43.25
N SER C 425 47.37 5.05 -44.02
CA SER C 425 47.37 6.47 -44.35
C SER C 425 46.16 6.82 -45.18
N ASN C 426 45.80 5.94 -46.10
CA ASN C 426 44.69 6.21 -47.00
C ASN C 426 43.34 6.36 -46.32
N ILE C 427 43.08 5.57 -45.28
CA ILE C 427 41.75 5.59 -44.66
C ILE C 427 41.36 6.95 -44.10
N SER C 428 40.11 7.34 -44.34
CA SER C 428 39.62 8.62 -43.85
C SER C 428 39.26 8.49 -42.39
N VAL C 429 39.13 9.62 -41.69
CA VAL C 429 38.84 9.57 -40.26
C VAL C 429 37.52 8.90 -39.95
N LYS C 430 36.50 9.10 -40.78
CA LYS C 430 35.20 8.54 -40.45
C LYS C 430 35.08 7.12 -40.93
N ASP C 431 35.65 6.83 -42.09
CA ASP C 431 35.67 5.46 -42.56
C ASP C 431 36.44 4.60 -41.56
N ALA C 432 37.53 5.12 -41.03
CA ALA C 432 38.30 4.38 -40.03
C ALA C 432 37.48 4.14 -38.80
N ALA C 433 36.76 5.17 -38.36
CA ALA C 433 35.88 5.02 -37.20
C ALA C 433 34.99 3.82 -37.36
N ILE C 434 34.30 3.75 -38.48
CA ILE C 434 33.36 2.67 -38.69
C ILE C 434 34.04 1.31 -38.65
N LYS C 435 35.20 1.18 -39.29
CA LYS C 435 35.89 -0.08 -39.30
C LYS C 435 36.27 -0.47 -37.89
N ALA C 436 36.79 0.48 -37.13
CA ALA C 436 37.20 0.21 -35.76
C ALA C 436 36.02 -0.19 -34.91
N MET C 437 34.91 0.51 -35.09
CA MET C 437 33.72 0.22 -34.32
C MET C 437 33.20 -1.17 -34.60
N ASN C 438 33.28 -1.60 -35.86
CA ASN C 438 32.79 -2.91 -36.21
C ASN C 438 33.57 -3.96 -35.44
N GLU C 439 34.86 -3.74 -35.26
CA GLU C 439 35.66 -4.67 -34.48
C GLU C 439 35.21 -4.73 -33.04
N VAL C 440 35.04 -3.58 -32.39
CA VAL C 440 34.70 -3.59 -30.97
C VAL C 440 33.23 -3.55 -30.57
N SER C 441 32.32 -3.43 -31.53
CA SER C 441 30.90 -3.32 -31.21
C SER C 441 30.40 -4.52 -30.43
N SER C 442 30.55 -5.70 -31.00
CA SER C 442 30.08 -6.90 -30.33
C SER C 442 30.78 -7.17 -29.00
N PRO C 443 32.10 -6.93 -28.93
CA PRO C 443 32.68 -7.13 -27.59
C PRO C 443 32.06 -6.20 -26.56
N VAL C 444 31.81 -4.94 -26.88
CA VAL C 444 31.28 -4.02 -25.90
C VAL C 444 29.92 -4.47 -25.39
N ILE C 445 29.07 -4.94 -26.30
CA ILE C 445 27.76 -5.40 -25.89
C ILE C 445 27.90 -6.59 -24.96
N SER C 446 28.81 -7.51 -25.27
CA SER C 446 29.02 -8.69 -24.43
C SER C 446 29.57 -8.25 -23.09
N ILE C 447 30.36 -7.19 -23.07
CA ILE C 447 30.92 -6.65 -21.83
C ILE C 447 29.84 -6.09 -20.93
N VAL C 448 28.79 -5.53 -21.51
CA VAL C 448 27.78 -4.86 -20.70
C VAL C 448 26.95 -5.97 -20.13
N LEU C 449 27.01 -7.15 -20.73
CA LEU C 449 26.30 -8.29 -20.17
C LEU C 449 27.16 -9.09 -19.19
N VAL C 450 28.42 -9.33 -19.53
CA VAL C 450 29.32 -10.06 -18.65
C VAL C 450 29.48 -9.31 -17.35
N LEU C 451 29.79 -8.02 -17.43
CA LEU C 451 30.01 -7.25 -16.22
C LEU C 451 28.75 -7.17 -15.37
N CYS C 452 27.58 -7.06 -15.98
CA CYS C 452 26.38 -6.92 -15.19
C CYS C 452 26.03 -8.27 -14.64
N ALA C 453 26.37 -9.32 -15.36
CA ALA C 453 26.15 -10.65 -14.83
C ALA C 453 26.94 -10.85 -13.56
N VAL C 454 28.16 -10.34 -13.48
CA VAL C 454 28.89 -10.40 -12.22
C VAL C 454 28.21 -9.57 -11.13
N PHE C 455 27.81 -8.35 -11.46
CA PHE C 455 27.23 -7.44 -10.46
C PHE C 455 25.89 -7.80 -9.84
N ILE C 456 24.93 -8.29 -10.63
CA ILE C 456 23.58 -8.57 -10.09
C ILE C 456 23.50 -9.63 -8.98
N PRO C 457 24.30 -10.72 -9.07
CA PRO C 457 24.29 -11.68 -7.96
C PRO C 457 24.71 -11.07 -6.63
N VAL C 458 25.64 -10.12 -6.65
CA VAL C 458 26.08 -9.47 -5.43
C VAL C 458 24.88 -8.78 -4.79
N SER C 459 24.01 -8.22 -5.61
CA SER C 459 22.81 -7.58 -5.09
C SER C 459 21.94 -8.60 -4.36
N PHE C 460 21.85 -9.81 -4.89
CA PHE C 460 21.04 -10.87 -4.28
C PHE C 460 21.48 -11.32 -2.88
N ILE C 461 22.76 -11.22 -2.57
CA ILE C 461 23.26 -11.72 -1.28
C ILE C 461 22.47 -11.00 -0.18
N SER C 462 22.05 -11.73 0.86
CA SER C 462 21.20 -11.12 1.86
C SER C 462 21.88 -10.43 3.02
N GLY C 463 21.14 -10.18 4.10
CA GLY C 463 21.63 -9.42 5.24
C GLY C 463 22.06 -7.99 5.03
N PHE C 464 22.49 -7.33 6.10
CA PHE C 464 22.97 -5.95 5.99
C PHE C 464 24.21 -5.89 5.12
N VAL C 465 25.04 -6.91 5.21
CA VAL C 465 26.26 -6.95 4.42
C VAL C 465 25.89 -6.92 2.97
N GLY C 466 24.79 -7.59 2.60
CA GLY C 466 24.43 -7.65 1.21
C GLY C 466 23.78 -6.36 0.79
N GLU C 467 23.18 -5.64 1.73
CA GLU C 467 22.64 -4.33 1.40
C GLU C 467 23.74 -3.33 1.04
N ILE C 468 24.82 -3.32 1.81
CA ILE C 468 25.94 -2.45 1.50
C ILE C 468 26.47 -2.84 0.14
N GLN C 469 26.60 -4.13 -0.09
CA GLN C 469 27.13 -4.61 -1.37
C GLN C 469 26.24 -4.30 -2.56
N ARG C 470 24.95 -4.08 -2.33
CA ARG C 470 24.02 -3.86 -3.44
C ARG C 470 23.98 -2.40 -3.79
N GLN C 471 24.58 -1.55 -2.96
CA GLN C 471 24.66 -0.16 -3.32
C GLN C 471 25.86 0.00 -4.23
N PHE C 472 26.97 -0.62 -3.86
CA PHE C 472 28.14 -0.57 -4.73
C PHE C 472 27.93 -1.28 -6.05
N ALA C 473 27.36 -2.49 -6.01
CA ALA C 473 27.21 -3.28 -7.23
C ALA C 473 26.25 -2.72 -8.25
N LEU C 474 25.05 -2.37 -7.81
CA LEU C 474 24.05 -1.83 -8.71
C LEU C 474 24.54 -0.55 -9.37
N THR C 475 25.05 0.39 -8.59
CA THR C 475 25.51 1.65 -9.15
C THR C 475 26.60 1.37 -10.18
N LEU C 476 27.51 0.44 -9.89
CA LEU C 476 28.53 0.09 -10.86
C LEU C 476 27.92 -0.49 -12.12
N ALA C 477 26.92 -1.35 -11.98
CA ALA C 477 26.30 -1.98 -13.15
C ALA C 477 25.57 -0.96 -13.99
N ILE C 478 24.95 0.02 -13.34
CA ILE C 478 24.27 1.06 -14.08
C ILE C 478 25.30 1.81 -14.89
N SER C 479 26.45 2.07 -14.29
CA SER C 479 27.49 2.79 -14.98
C SER C 479 27.95 2.02 -16.19
N VAL C 480 28.09 0.71 -16.06
CA VAL C 480 28.59 -0.06 -17.18
C VAL C 480 27.64 0.07 -18.35
N ALA C 481 26.35 -0.03 -18.09
CA ALA C 481 25.39 0.03 -19.18
C ALA C 481 25.33 1.41 -19.83
N ILE C 482 25.20 2.45 -19.04
CA ILE C 482 25.16 3.80 -19.59
C ILE C 482 26.45 4.11 -20.33
N SER C 483 27.58 3.74 -19.76
CA SER C 483 28.87 3.98 -20.41
C SER C 483 28.97 3.21 -21.71
N GLY C 484 28.47 1.97 -21.69
CA GLY C 484 28.50 1.15 -22.89
C GLY C 484 27.74 1.81 -24.01
N PHE C 485 26.52 2.25 -23.75
CA PHE C 485 25.72 2.89 -24.78
C PHE C 485 26.41 4.14 -25.30
N VAL C 486 27.01 4.93 -24.41
CA VAL C 486 27.75 6.11 -24.84
C VAL C 486 28.93 5.71 -25.70
N ALA C 487 29.63 4.65 -25.30
CA ALA C 487 30.77 4.18 -26.07
C ALA C 487 30.34 3.72 -27.45
N LEU C 488 29.19 3.09 -27.54
CA LEU C 488 28.67 2.64 -28.82
C LEU C 488 28.30 3.81 -29.71
N THR C 489 27.52 4.74 -29.18
CA THR C 489 27.05 5.84 -30.01
C THR C 489 27.78 7.18 -29.94
N LEU C 490 27.86 7.79 -28.77
CA LEU C 490 28.46 9.13 -28.68
C LEU C 490 29.95 9.18 -28.96
N THR C 491 30.71 8.25 -28.40
CA THR C 491 32.17 8.31 -28.55
C THR C 491 32.71 8.18 -29.97
N PRO C 492 32.19 7.21 -30.77
CA PRO C 492 32.73 7.20 -32.13
C PRO C 492 32.44 8.50 -32.87
N SER C 493 31.26 9.06 -32.67
CA SER C 493 30.88 10.26 -33.39
C SER C 493 31.78 11.40 -33.05
N LEU C 494 32.08 11.55 -31.75
CA LEU C 494 32.98 12.59 -31.33
C LEU C 494 34.36 12.33 -31.92
N SER C 495 34.76 11.07 -31.94
CA SER C 495 36.07 10.74 -32.47
C SER C 495 36.16 11.10 -33.94
N ALA C 496 35.10 10.84 -34.70
CA ALA C 496 35.12 11.17 -36.10
C ALA C 496 35.27 12.67 -36.26
N LEU C 497 34.57 13.44 -35.45
CA LEU C 497 34.73 14.89 -35.53
C LEU C 497 36.10 15.33 -35.04
N PHE C 498 36.40 15.12 -33.77
CA PHE C 498 37.67 15.64 -33.24
C PHE C 498 38.93 14.90 -33.67
N LEU C 499 38.98 13.60 -33.52
CA LEU C 499 40.24 12.90 -33.84
C LEU C 499 40.58 13.06 -35.31
N THR C 500 41.82 13.42 -35.59
CA THR C 500 42.26 13.61 -36.97
C THR C 500 43.66 13.04 -37.11
N ARG C 501 44.05 12.67 -38.32
CA ARG C 501 45.40 12.17 -38.53
C ARG C 501 46.41 13.26 -38.21
N ASN C 502 47.47 12.90 -37.49
CA ASN C 502 48.48 13.89 -37.11
C ASN C 502 49.56 14.02 -38.15
N GLU C 503 49.34 14.86 -39.16
CA GLU C 503 50.34 15.07 -40.20
C GLU C 503 51.62 15.69 -39.65
N SER C 504 51.47 16.67 -38.76
CA SER C 504 52.63 17.37 -38.23
C SER C 504 53.43 16.54 -37.24
N LYS C 505 54.72 16.83 -37.10
CA LYS C 505 55.55 16.12 -36.13
C LYS C 505 55.17 16.54 -34.72
N PRO C 506 55.20 15.58 -33.78
CA PRO C 506 54.86 15.88 -32.39
C PRO C 506 55.96 16.63 -31.66
N PHE C 507 55.64 17.19 -30.49
CA PHE C 507 56.64 17.86 -29.68
C PHE C 507 57.74 16.90 -29.28
N TYR C 508 58.87 17.43 -28.86
CA TYR C 508 59.99 16.56 -28.53
C TYR C 508 59.64 15.61 -27.39
N PHE C 509 59.01 16.14 -26.35
CA PHE C 509 58.73 15.29 -25.20
C PHE C 509 57.79 14.12 -25.47
N ILE C 510 56.71 14.37 -26.20
CA ILE C 510 55.75 13.30 -26.47
C ILE C 510 56.31 12.28 -27.45
N GLN C 511 57.12 12.74 -28.41
CA GLN C 511 57.74 11.82 -29.34
C GLN C 511 58.69 10.89 -28.61
N LYS C 512 59.47 11.44 -27.71
CA LYS C 512 60.39 10.63 -26.94
C LYS C 512 59.64 9.64 -26.11
N PHE C 513 58.53 10.08 -25.51
CA PHE C 513 57.74 9.21 -24.67
C PHE C 513 57.16 8.06 -25.48
N ASN C 514 56.67 8.36 -26.68
CA ASN C 514 56.14 7.31 -27.53
C ASN C 514 57.20 6.31 -27.94
N ASP C 515 58.40 6.79 -28.24
CA ASP C 515 59.47 5.87 -28.59
C ASP C 515 59.80 4.99 -27.41
N PHE C 516 59.79 5.53 -26.21
CA PHE C 516 60.03 4.71 -25.04
C PHE C 516 58.89 3.72 -24.86
N PHE C 517 57.68 4.15 -25.16
CA PHE C 517 56.55 3.25 -25.07
C PHE C 517 56.66 2.13 -26.08
N ASP C 518 57.15 2.43 -27.28
CA ASP C 518 57.19 1.40 -28.28
C ASP C 518 58.30 0.44 -27.96
N TRP C 519 59.37 0.94 -27.35
CA TRP C 519 60.39 0.01 -26.90
C TRP C 519 59.79 -0.91 -25.85
N SER C 520 58.96 -0.35 -24.98
CA SER C 520 58.32 -1.16 -23.95
C SER C 520 57.39 -2.19 -24.58
N THR C 521 56.70 -1.80 -25.65
CA THR C 521 55.80 -2.72 -26.32
C THR C 521 56.59 -3.88 -26.85
N SER C 522 57.75 -3.60 -27.44
CA SER C 522 58.57 -4.66 -28.00
C SER C 522 59.03 -5.64 -26.94
N VAL C 523 59.42 -5.14 -25.78
CA VAL C 523 59.85 -6.00 -24.69
C VAL C 523 58.70 -6.88 -24.27
N PHE C 524 57.51 -6.30 -24.18
CA PHE C 524 56.35 -7.06 -23.76
C PHE C 524 56.04 -8.18 -24.74
N SER C 525 56.14 -7.89 -26.03
CA SER C 525 55.85 -8.89 -27.03
C SER C 525 56.81 -10.05 -26.90
N SER C 526 58.07 -9.74 -26.65
CA SER C 526 59.08 -10.78 -26.47
C SER C 526 58.76 -11.64 -25.27
N GLY C 527 58.27 -11.01 -24.21
CA GLY C 527 57.92 -11.76 -23.02
C GLY C 527 56.79 -12.74 -23.30
N VAL C 528 55.82 -12.32 -24.08
CA VAL C 528 54.71 -13.21 -24.43
C VAL C 528 55.28 -14.39 -25.21
N ALA C 529 56.22 -14.13 -26.09
CA ALA C 529 56.80 -15.21 -26.89
C ALA C 529 57.47 -16.21 -25.99
N TYR C 530 58.20 -15.72 -24.99
CA TYR C 530 58.91 -16.60 -24.08
C TYR C 530 57.94 -17.56 -23.43
N ILE C 531 56.88 -17.02 -22.85
CA ILE C 531 55.92 -17.88 -22.16
C ILE C 531 55.21 -18.85 -23.09
N LEU C 532 54.88 -18.41 -24.30
CA LEU C 532 54.16 -19.28 -25.21
C LEU C 532 54.98 -20.51 -25.55
N LYS C 533 56.28 -20.33 -25.76
CA LYS C 533 57.14 -21.48 -26.01
C LYS C 533 57.18 -22.43 -24.83
N ARG C 534 57.36 -21.88 -23.63
CA ARG C 534 57.42 -22.71 -22.42
C ARG C 534 56.06 -22.80 -21.75
N THR C 535 55.12 -23.49 -22.39
CA THR C 535 53.77 -23.57 -21.86
C THR C 535 53.62 -24.25 -20.51
N ILE C 536 54.36 -25.31 -20.25
CA ILE C 536 54.13 -26.07 -19.02
C ILE C 536 54.82 -25.49 -17.80
N ARG C 537 55.86 -24.70 -18.00
CA ARG C 537 56.46 -24.05 -16.85
C ARG C 537 55.55 -22.93 -16.41
N PHE C 538 55.00 -22.16 -17.35
CA PHE C 538 54.22 -21.03 -16.93
C PHE C 538 52.77 -21.35 -16.64
N VAL C 539 52.33 -22.57 -16.96
CA VAL C 539 50.97 -22.97 -16.59
C VAL C 539 51.06 -23.52 -15.18
N LEU C 540 52.29 -23.71 -14.70
CA LEU C 540 52.48 -24.15 -13.33
C LEU C 540 52.59 -22.92 -12.49
N VAL C 541 53.24 -21.88 -13.01
CA VAL C 541 53.31 -20.62 -12.29
C VAL C 541 51.90 -20.15 -12.02
N PHE C 542 50.99 -20.45 -12.94
CA PHE C 542 49.60 -20.08 -12.76
C PHE C 542 49.01 -20.78 -11.55
N CYS C 543 49.38 -22.03 -11.32
CA CYS C 543 48.78 -22.77 -10.23
C CYS C 543 49.48 -22.39 -8.95
N ILE C 544 50.70 -21.86 -9.06
CA ILE C 544 51.36 -21.36 -7.87
C ILE C 544 50.61 -20.12 -7.42
N MET C 545 50.20 -19.28 -8.37
CA MET C 545 49.51 -18.05 -8.02
C MET C 545 48.18 -18.32 -7.32
N ILE C 546 47.41 -19.28 -7.82
CA ILE C 546 46.12 -19.57 -7.20
C ILE C 546 46.30 -20.08 -5.79
N GLY C 547 47.35 -20.88 -5.56
CA GLY C 547 47.62 -21.37 -4.23
C GLY C 547 47.92 -20.21 -3.31
N PHE C 548 48.69 -19.25 -3.80
CA PHE C 548 49.01 -18.09 -3.00
C PHE C 548 47.76 -17.31 -2.66
N ILE C 549 46.84 -17.18 -3.61
CA ILE C 549 45.64 -16.40 -3.37
C ILE C 549 44.86 -17.04 -2.23
N ALA C 550 44.74 -18.36 -2.26
CA ALA C 550 44.01 -19.05 -1.21
C ALA C 550 44.70 -18.87 0.13
N TYR C 551 46.01 -19.01 0.15
CA TYR C 551 46.79 -18.83 1.37
C TYR C 551 46.67 -17.40 1.85
N LEU C 552 46.71 -16.45 0.93
CA LEU C 552 46.60 -15.04 1.30
C LEU C 552 45.25 -14.76 1.95
N PHE C 553 44.20 -15.38 1.44
CA PHE C 553 42.87 -15.21 2.04
C PHE C 553 42.79 -15.77 3.47
N LYS C 554 43.50 -16.85 3.74
CA LYS C 554 43.47 -17.47 5.05
C LYS C 554 44.31 -16.69 6.05
N ILE C 555 45.37 -16.06 5.57
CA ILE C 555 46.20 -15.24 6.46
C ILE C 555 45.63 -13.84 6.75
N VAL C 556 45.05 -13.20 5.75
CA VAL C 556 44.56 -11.84 5.94
C VAL C 556 43.47 -11.85 7.00
N PRO C 557 43.49 -10.87 7.91
CA PRO C 557 42.40 -10.81 8.89
C PRO C 557 41.10 -10.50 8.18
N SER C 558 39.98 -11.01 8.68
CA SER C 558 38.69 -10.64 8.07
C SER C 558 37.79 -9.78 8.98
N SER C 559 37.68 -8.48 8.69
CA SER C 559 36.81 -7.60 9.47
C SER C 559 35.86 -6.85 8.55
N LEU C 560 34.60 -6.70 8.95
CA LEU C 560 33.62 -6.08 8.05
C LEU C 560 33.83 -4.62 7.65
N VAL C 561 33.99 -3.71 8.60
CA VAL C 561 34.11 -2.28 8.26
C VAL C 561 35.19 -1.63 9.11
N PRO C 562 36.13 -0.93 8.47
CA PRO C 562 37.24 -0.33 9.22
C PRO C 562 36.82 0.75 10.21
N SER C 563 37.38 0.73 11.42
CA SER C 563 37.11 1.76 12.41
C SER C 563 37.63 3.11 11.92
N GLU C 564 36.80 4.15 12.00
CA GLU C 564 37.23 5.44 11.49
C GLU C 564 37.08 6.54 12.53
N ASP C 565 37.85 7.61 12.38
CA ASP C 565 37.80 8.68 13.35
C ASP C 565 36.63 9.56 13.01
N GLN C 566 35.66 9.65 13.92
CA GLN C 566 34.46 10.43 13.66
C GLN C 566 34.54 11.77 14.36
N GLY C 567 35.72 12.14 14.83
CA GLY C 567 35.86 13.38 15.59
C GLY C 567 35.07 13.37 16.87
N VAL C 568 34.72 12.18 17.37
CA VAL C 568 34.02 12.08 18.63
C VAL C 568 34.35 10.82 19.43
N ILE C 569 34.57 10.97 20.73
CA ILE C 569 34.81 9.81 21.57
C ILE C 569 33.64 9.64 22.50
N MET C 570 32.98 8.50 22.46
CA MET C 570 31.82 8.26 23.31
C MET C 570 32.29 7.57 24.56
N SER C 571 32.11 8.20 25.70
CA SER C 571 32.62 7.60 26.93
C SER C 571 31.45 7.17 27.76
N ILE C 572 31.49 5.94 28.27
CA ILE C 572 30.44 5.49 29.15
C ILE C 572 31.00 5.41 30.55
N ILE C 573 30.37 6.10 31.48
CA ILE C 573 30.88 6.15 32.85
C ILE C 573 29.87 5.48 33.76
N ASN C 574 30.07 4.20 34.05
CA ASN C 574 29.12 3.49 34.87
C ASN C 574 29.55 3.55 36.32
N LEU C 575 28.62 3.93 37.20
CA LEU C 575 28.97 3.93 38.61
C LEU C 575 28.57 2.57 39.21
N PRO C 576 29.21 2.16 40.35
CA PRO C 576 28.86 0.81 40.83
C PRO C 576 27.39 0.54 41.08
N SER C 577 26.84 -0.57 40.61
CA SER C 577 25.46 -0.96 40.95
C SER C 577 24.48 0.18 40.75
N GLY C 578 23.69 0.46 41.77
CA GLY C 578 22.80 1.59 41.71
C GLY C 578 23.34 2.63 42.67
N SER C 579 23.62 3.82 42.17
CA SER C 579 24.18 4.87 43.00
C SER C 579 23.38 6.13 42.74
N SER C 580 23.40 7.05 43.69
CA SER C 580 22.63 8.28 43.55
C SER C 580 23.22 9.12 42.45
N ILE C 581 22.44 10.04 41.90
CA ILE C 581 22.94 10.77 40.76
C ILE C 581 23.89 11.88 41.16
N HIS C 582 23.84 12.34 42.40
CA HIS C 582 24.81 13.34 42.82
C HIS C 582 26.23 12.78 42.74
N ARG C 583 26.42 11.52 43.15
CA ARG C 583 27.73 10.89 43.04
C ARG C 583 28.11 10.77 41.60
N THR C 584 27.14 10.51 40.75
CA THR C 584 27.38 10.39 39.31
C THR C 584 27.82 11.69 38.68
N ILE C 585 27.28 12.81 39.13
CA ILE C 585 27.60 14.07 38.46
C ILE C 585 28.95 14.51 38.97
N GLU C 586 29.34 14.06 40.13
CA GLU C 586 30.70 14.35 40.55
C GLU C 586 31.70 13.66 39.64
N GLU C 587 31.44 12.39 39.31
CA GLU C 587 32.32 11.64 38.41
C GLU C 587 32.39 12.25 37.03
N VAL C 588 31.24 12.56 36.45
CA VAL C 588 31.22 13.10 35.11
C VAL C 588 31.98 14.42 35.07
N ASP C 589 32.02 15.15 36.18
CA ASP C 589 32.67 16.46 36.18
C ASP C 589 34.18 16.33 36.32
N THR C 590 34.64 15.42 37.16
CA THR C 590 36.06 15.22 37.31
C THR C 590 36.60 14.82 35.96
N ILE C 591 35.86 13.98 35.26
CA ILE C 591 36.28 13.53 33.95
C ILE C 591 36.20 14.65 32.94
N ASN C 592 35.22 15.53 33.07
CA ASN C 592 35.14 16.68 32.16
C ASN C 592 36.33 17.60 32.32
N LYS C 593 36.75 17.83 33.56
CA LYS C 593 37.86 18.74 33.80
C LYS C 593 39.16 18.17 33.30
N ASN C 594 39.47 16.94 33.68
CA ASN C 594 40.69 16.29 33.20
C ASN C 594 40.72 16.30 31.69
N ALA C 595 39.57 16.13 31.07
CA ALA C 595 39.48 16.14 29.62
C ALA C 595 39.84 17.46 28.96
N THR C 596 39.66 18.57 29.66
CA THR C 596 39.89 19.85 29.01
C THR C 596 41.37 20.11 28.95
N GLN C 597 42.12 19.58 29.91
CA GLN C 597 43.56 19.69 29.85
C GLN C 597 44.09 19.23 28.49
N MET C 598 43.52 18.18 27.94
CA MET C 598 43.95 17.71 26.64
C MET C 598 43.65 18.75 25.56
N LYS C 599 44.63 19.05 24.72
CA LYS C 599 44.46 20.03 23.65
C LYS C 599 43.46 19.61 22.59
N GLU C 600 43.47 18.33 22.23
CA GLU C 600 42.61 17.86 21.16
C GLU C 600 41.12 18.01 21.42
N ILE C 601 40.67 17.81 22.66
CA ILE C 601 39.24 17.84 22.91
C ILE C 601 38.70 19.24 23.10
N SER C 602 37.96 19.73 22.12
CA SER C 602 37.35 21.05 22.19
C SER C 602 36.19 21.14 23.16
N SER C 603 35.29 20.16 23.10
CA SER C 603 34.07 20.23 23.91
C SER C 603 33.67 18.87 24.46
N SER C 604 32.78 18.85 25.45
CA SER C 604 32.39 17.60 26.08
C SER C 604 30.91 17.55 26.44
N VAL C 605 30.08 16.99 25.56
CA VAL C 605 28.66 16.98 25.84
C VAL C 605 28.36 15.75 26.67
N SER C 606 27.69 15.92 27.80
CA SER C 606 27.47 14.80 28.69
C SER C 606 26.00 14.63 29.02
N LEU C 607 25.53 13.39 28.98
CA LEU C 607 24.15 13.12 29.35
C LEU C 607 24.31 12.37 30.63
N ILE C 608 23.71 12.86 31.69
CA ILE C 608 23.89 12.24 32.98
C ILE C 608 22.62 11.50 33.34
N GLY C 609 22.77 10.26 33.79
CA GLY C 609 21.62 9.47 34.13
C GLY C 609 21.03 8.61 33.02
N PHE C 610 21.64 8.60 31.84
CA PHE C 610 21.15 7.67 30.83
C PHE C 610 22.23 6.73 30.32
N ASP C 611 22.14 5.46 30.66
CA ASP C 611 23.11 4.50 30.14
C ASP C 611 22.76 4.20 28.69
N LEU C 612 23.63 4.57 27.76
CA LEU C 612 23.34 4.37 26.35
C LEU C 612 23.24 2.91 25.94
N PHE C 613 24.17 2.10 26.45
CA PHE C 613 24.18 0.68 26.12
C PHE C 613 22.93 0.00 26.64
N THR C 614 22.62 0.24 27.91
CA THR C 614 21.40 -0.31 28.50
C THR C 614 20.18 0.21 27.78
N SER C 615 20.20 1.47 27.35
CA SER C 615 19.06 2.10 26.71
C SER C 615 17.96 2.38 27.72
N SER C 616 18.34 2.49 29.00
CA SER C 616 17.38 2.81 30.03
C SER C 616 17.98 3.90 30.90
N LEU C 617 17.13 4.64 31.62
CA LEU C 617 17.62 5.68 32.50
C LEU C 617 18.03 5.09 33.83
N LYS C 618 19.27 5.33 34.22
CA LYS C 618 19.79 4.80 35.46
C LYS C 618 20.60 5.87 36.14
N GLU C 619 20.36 6.09 37.41
CA GLU C 619 21.03 7.16 38.15
C GLU C 619 22.53 6.95 38.27
N ASN C 620 23.01 5.74 38.03
CA ASN C 620 24.42 5.45 38.22
C ASN C 620 25.24 5.69 36.97
N ALA C 621 24.67 5.46 35.79
CA ALA C 621 25.47 5.62 34.56
C ALA C 621 25.20 6.87 33.72
N ALA C 622 26.27 7.55 33.32
CA ALA C 622 26.14 8.74 32.49
C ALA C 622 27.16 8.68 31.37
N ALA C 623 26.82 9.19 30.21
CA ALA C 623 27.74 9.14 29.07
C ALA C 623 28.27 10.50 28.70
N VAL C 624 29.60 10.64 28.63
CA VAL C 624 30.20 11.89 28.21
C VAL C 624 30.84 11.73 26.85
N PHE C 625 30.44 12.56 25.89
CA PHE C 625 31.00 12.50 24.56
C PHE C 625 32.09 13.56 24.46
N PHE C 626 33.23 13.25 23.90
CA PHE C 626 34.25 14.27 23.71
C PHE C 626 34.33 14.65 22.25
N ILE C 627 34.02 15.90 21.94
CA ILE C 627 34.12 16.36 20.56
C ILE C 627 35.52 16.85 20.29
N LEU C 628 36.26 16.13 19.46
CA LEU C 628 37.63 16.52 19.15
C LEU C 628 37.69 17.61 18.11
N LYS C 629 38.87 18.16 17.88
CA LYS C 629 39.03 19.22 16.90
C LYS C 629 38.99 18.69 15.48
N ASP C 630 38.94 19.58 14.51
CA ASP C 630 38.90 19.18 13.11
C ASP C 630 40.09 18.31 12.78
N TRP C 631 39.97 17.46 11.77
CA TRP C 631 41.04 16.54 11.46
C TRP C 631 42.32 17.29 11.11
N SER C 632 42.19 18.42 10.45
CA SER C 632 43.37 19.19 10.10
C SER C 632 43.86 20.03 11.26
N GLN C 633 42.95 20.52 12.10
CA GLN C 633 43.36 21.22 13.30
C GLN C 633 44.25 20.38 14.21
N ARG C 634 43.86 19.16 14.51
CA ARG C 634 44.62 18.33 15.47
C ARG C 634 45.46 17.21 14.88
N GLU C 635 46.73 17.17 15.24
CA GLU C 635 47.61 16.09 14.78
C GLU C 635 47.21 14.73 15.29
N ALA C 636 46.86 14.63 16.58
CA ALA C 636 46.56 13.33 17.19
C ALA C 636 45.35 12.59 16.66
N SER C 637 45.50 11.30 16.39
CA SER C 637 44.37 10.51 15.92
C SER C 637 43.45 10.17 17.07
N SER C 638 42.24 9.73 16.76
CA SER C 638 41.27 9.44 17.80
C SER C 638 41.76 8.34 18.71
N ASP C 639 42.39 7.33 18.14
CA ASP C 639 42.85 6.21 18.93
C ASP C 639 43.89 6.64 19.95
N GLN C 640 44.78 7.53 19.55
CA GLN C 640 45.77 8.03 20.49
C GLN C 640 45.09 8.76 21.63
N ILE C 641 44.09 9.56 21.30
CA ILE C 641 43.35 10.29 22.32
C ILE C 641 42.63 9.31 23.24
N ILE C 642 42.09 8.25 22.67
CA ILE C 642 41.38 7.24 23.45
C ILE C 642 42.32 6.57 24.44
N ALA C 643 43.57 6.36 24.04
CA ALA C 643 44.49 5.64 24.91
C ALA C 643 45.00 6.59 25.98
N GLN C 644 45.14 7.86 25.65
CA GLN C 644 45.50 8.83 26.68
C GLN C 644 44.42 8.89 27.73
N LEU C 645 43.17 9.03 27.30
CA LEU C 645 42.05 9.04 28.23
C LEU C 645 42.00 7.81 29.11
N PHE C 646 42.20 6.64 28.51
CA PHE C 646 42.11 5.41 29.26
C PHE C 646 43.14 5.40 30.36
N GLY C 647 44.30 5.98 30.10
CA GLY C 647 45.35 5.93 31.10
C GLY C 647 45.18 6.97 32.18
N GLN C 648 44.46 8.05 31.91
CA GLN C 648 44.23 8.99 33.00
C GLN C 648 43.27 8.43 34.02
N TYR C 649 42.20 7.80 33.57
CA TYR C 649 41.20 7.32 34.52
C TYR C 649 41.35 5.87 34.93
N ALA C 650 42.29 5.16 34.33
CA ALA C 650 42.54 3.79 34.74
C ALA C 650 42.85 3.80 36.23
N ALA C 651 43.47 4.88 36.68
CA ALA C 651 43.80 5.02 38.09
C ALA C 651 42.56 5.07 38.97
N ASP C 652 41.54 5.80 38.53
CA ASP C 652 40.34 5.95 39.36
C ASP C 652 39.60 4.63 39.49
N ARG C 653 39.27 4.26 40.71
CA ARG C 653 38.48 3.04 40.91
C ARG C 653 37.04 3.39 41.24
N ASN C 654 36.71 4.68 41.24
CA ASN C 654 35.31 5.09 41.42
C ASN C 654 34.46 5.15 40.17
N ALA C 655 35.04 5.52 39.04
CA ALA C 655 34.30 5.54 37.79
C ALA C 655 34.73 4.41 36.89
N LEU C 656 33.80 3.58 36.43
CA LEU C 656 34.19 2.55 35.47
C LEU C 656 33.96 3.18 34.12
N SER C 657 35.02 3.54 33.42
CA SER C 657 34.85 4.25 32.17
C SER C 657 35.46 3.57 30.96
N TYR C 658 34.68 3.47 29.89
CA TYR C 658 35.17 2.85 28.68
C TYR C 658 35.05 3.90 27.59
N PHE C 659 36.11 4.09 26.82
CA PHE C 659 36.08 5.11 25.79
C PHE C 659 36.04 4.43 24.43
N LEU C 660 35.01 4.72 23.66
CA LEU C 660 34.85 4.06 22.37
C LEU C 660 34.68 5.09 21.28
N ASN C 661 35.34 4.92 20.14
CA ASN C 661 35.12 5.83 19.03
C ASN C 661 33.73 5.59 18.44
N LEU C 662 33.15 6.62 17.85
CA LEU C 662 31.80 6.49 17.29
C LEU C 662 31.77 5.42 16.21
N PRO C 663 30.69 4.63 16.16
CA PRO C 663 30.62 3.54 15.18
C PRO C 663 30.64 4.05 13.74
N PRO C 664 31.33 3.35 12.84
CA PRO C 664 31.44 3.78 11.45
C PRO C 664 30.09 3.85 10.77
N ILE C 665 29.23 2.87 11.02
CA ILE C 665 27.89 2.91 10.45
C ILE C 665 26.90 2.94 11.58
N PRO C 666 25.72 3.54 11.36
CA PRO C 666 24.78 3.69 12.49
C PRO C 666 24.35 2.36 13.07
N GLY C 667 24.05 1.36 12.24
CA GLY C 667 23.73 0.05 12.76
C GLY C 667 24.81 -0.90 12.30
N LEU C 668 25.46 -1.57 13.26
CA LEU C 668 26.55 -2.47 12.91
C LEU C 668 26.83 -3.61 13.85
N SER C 669 27.56 -4.60 13.36
CA SER C 669 28.00 -5.66 14.24
C SER C 669 29.46 -5.78 13.83
N LEU C 670 30.25 -4.75 14.13
CA LEU C 670 31.67 -4.78 13.74
C LEU C 670 32.30 -6.01 14.33
N THR C 671 31.87 -6.38 15.52
CA THR C 671 32.38 -7.58 16.15
C THR C 671 32.00 -8.80 15.35
N GLY C 672 30.78 -8.81 14.81
CA GLY C 672 30.31 -10.00 14.11
C GLY C 672 29.76 -10.90 15.17
N GLY C 673 29.69 -10.39 16.40
CA GLY C 673 29.24 -11.20 17.51
C GLY C 673 27.84 -11.78 17.36
N PHE C 674 27.51 -12.75 18.21
CA PHE C 674 26.19 -13.34 18.17
C PHE C 674 25.36 -12.90 19.36
N GLU C 675 24.08 -12.65 19.16
CA GLU C 675 23.20 -12.27 20.25
C GLU C 675 22.18 -13.37 20.46
N MET C 676 22.26 -14.07 21.58
CA MET C 676 21.36 -15.18 21.83
C MET C 676 20.50 -14.93 23.05
N TYR C 677 19.19 -15.02 22.89
CA TYR C 677 18.30 -14.86 24.03
C TYR C 677 17.96 -16.21 24.66
N ALA C 678 18.53 -16.49 25.82
CA ALA C 678 18.21 -17.74 26.50
C ALA C 678 16.87 -17.65 27.21
N GLN C 679 15.79 -17.96 26.52
CA GLN C 679 14.47 -17.85 27.13
C GLN C 679 14.25 -18.88 28.20
N ASN C 680 13.52 -18.53 29.26
CA ASN C 680 13.21 -19.50 30.30
C ASN C 680 11.73 -19.77 30.28
N LYS C 681 11.36 -21.02 30.14
CA LYS C 681 9.95 -21.38 30.07
C LYS C 681 9.42 -21.99 31.35
N SER C 682 10.25 -22.03 32.39
CA SER C 682 9.83 -22.62 33.66
C SER C 682 9.25 -21.58 34.61
N GLY C 683 9.18 -20.34 34.17
CA GLY C 683 8.70 -19.27 35.04
C GLY C 683 9.57 -19.06 36.26
N LYS C 684 10.88 -19.23 36.09
CA LYS C 684 11.81 -19.00 37.19
C LYS C 684 11.99 -17.52 37.48
N ASP C 685 12.48 -17.20 38.67
CA ASP C 685 12.73 -15.82 39.03
C ASP C 685 14.02 -15.42 38.35
N TYR C 686 14.16 -14.15 38.00
CA TYR C 686 15.36 -13.69 37.32
C TYR C 686 16.65 -14.00 38.06
N ASP C 687 16.62 -13.94 39.38
CA ASP C 687 17.81 -14.27 40.14
C ASP C 687 18.19 -15.71 39.88
N ALA C 688 17.21 -16.60 39.83
CA ALA C 688 17.50 -18.00 39.50
C ALA C 688 18.03 -18.12 38.09
N ILE C 689 17.46 -17.34 37.17
CA ILE C 689 17.89 -17.40 35.78
C ILE C 689 19.35 -17.00 35.68
N GLN C 690 19.77 -16.02 36.48
CA GLN C 690 21.13 -15.54 36.37
C GLN C 690 22.07 -16.67 36.69
N GLN C 691 21.76 -17.43 37.74
CA GLN C 691 22.66 -18.48 38.16
C GLN C 691 22.77 -19.52 37.07
N ASP C 692 21.63 -19.92 36.51
CA ASP C 692 21.63 -20.92 35.48
C ASP C 692 22.43 -20.47 34.29
N VAL C 693 22.36 -19.18 33.97
CA VAL C 693 23.03 -18.70 32.79
C VAL C 693 24.52 -18.52 33.06
N ASN C 694 24.88 -18.16 34.29
CA ASN C 694 26.30 -18.08 34.64
C ASN C 694 26.99 -19.41 34.42
N LYS C 695 26.31 -20.50 34.75
CA LYS C 695 26.90 -21.82 34.52
C LYS C 695 27.12 -22.01 33.03
N MET C 696 26.13 -21.64 32.23
CA MET C 696 26.27 -21.78 30.80
C MET C 696 27.36 -20.87 30.30
N LEU C 697 27.37 -19.64 30.78
CA LEU C 697 28.35 -18.68 30.32
C LEU C 697 29.74 -19.22 30.57
N GLU C 698 29.91 -19.93 31.67
CA GLU C 698 31.21 -20.49 32.00
C GLU C 698 31.61 -21.54 31.00
N LEU C 699 30.81 -22.60 30.92
CA LEU C 699 31.13 -23.70 30.01
C LEU C 699 31.40 -23.14 28.63
N ALA C 700 30.68 -22.11 28.26
CA ALA C 700 30.88 -21.51 26.95
C ALA C 700 32.30 -21.03 26.81
N ARG C 701 32.84 -20.45 27.87
CA ARG C 701 34.20 -19.95 27.83
C ARG C 701 35.17 -21.07 27.50
N THR C 702 34.87 -22.28 27.97
CA THR C 702 35.74 -23.41 27.68
C THR C 702 35.82 -23.68 26.19
N ARG C 703 34.67 -23.64 25.52
CA ARG C 703 34.65 -23.93 24.09
C ARG C 703 35.62 -23.01 23.36
N LYS C 704 36.46 -23.59 22.52
CA LYS C 704 37.48 -22.80 21.82
C LYS C 704 36.89 -21.78 20.86
N GLU C 705 35.83 -22.15 20.15
CA GLU C 705 35.27 -21.25 19.14
C GLU C 705 34.74 -19.95 19.73
N LEU C 706 34.10 -20.03 20.89
CA LEU C 706 33.49 -18.84 21.49
C LEU C 706 34.48 -17.91 22.14
N ALA C 707 34.15 -16.63 22.23
CA ALA C 707 35.03 -15.66 22.87
C ALA C 707 34.24 -14.49 23.43
N ASN C 708 34.65 -13.99 24.60
CA ASN C 708 33.98 -12.85 25.21
C ASN C 708 32.48 -13.04 25.34
N VAL C 709 32.05 -14.20 25.82
CA VAL C 709 30.63 -14.44 26.02
C VAL C 709 30.16 -13.73 27.28
N ARG C 710 29.05 -13.03 27.20
CA ARG C 710 28.56 -12.27 28.35
C ARG C 710 27.06 -12.35 28.48
N THR C 711 26.53 -11.85 29.59
CA THR C 711 25.08 -11.83 29.76
C THR C 711 24.65 -10.49 30.30
N THR C 712 23.71 -9.84 29.63
CA THR C 712 23.27 -8.52 30.06
C THR C 712 22.66 -8.55 31.44
N LEU C 713 21.77 -9.51 31.69
CA LEU C 713 21.06 -9.56 32.97
C LEU C 713 21.97 -9.42 34.18
N ASP C 714 21.80 -8.35 34.95
CA ASP C 714 22.58 -8.25 36.18
C ASP C 714 21.52 -8.19 37.27
N THR C 715 21.62 -9.07 38.25
CA THR C 715 20.67 -9.04 39.35
C THR C 715 21.17 -8.25 40.56
N SER C 716 22.39 -7.76 40.49
CA SER C 716 22.95 -7.06 41.65
C SER C 716 22.64 -5.58 41.69
N PHE C 717 21.40 -5.21 41.98
CA PHE C 717 21.09 -3.80 42.16
C PHE C 717 20.45 -3.67 43.53
N PRO C 718 20.59 -2.50 44.17
CA PRO C 718 19.96 -2.47 45.49
C PRO C 718 18.45 -2.41 45.36
N GLN C 719 17.74 -3.24 46.11
CA GLN C 719 16.29 -3.23 46.09
C GLN C 719 15.70 -3.41 47.47
N TYR C 720 14.49 -2.93 47.69
CA TYR C 720 13.83 -3.14 48.97
C TYR C 720 12.65 -4.03 48.67
N LYS C 721 12.60 -5.19 49.29
CA LYS C 721 11.45 -6.05 49.12
C LYS C 721 10.44 -5.58 50.14
N LEU C 722 9.21 -5.34 49.71
CA LEU C 722 8.19 -4.93 50.64
C LEU C 722 7.43 -6.18 51.04
N ILE C 723 7.41 -6.47 52.33
CA ILE C 723 6.73 -7.66 52.80
C ILE C 723 5.44 -7.19 53.43
N ILE C 724 4.32 -7.74 52.97
CA ILE C 724 3.05 -7.27 53.47
C ILE C 724 2.39 -8.22 54.43
N ASP C 725 2.28 -7.87 55.70
CA ASP C 725 1.53 -8.77 56.56
C ASP C 725 0.12 -8.48 56.14
N ARG C 726 -0.49 -9.39 55.40
CA ARG C 726 -1.85 -9.18 54.97
C ARG C 726 -2.84 -9.41 56.09
N ASP C 727 -2.41 -10.16 57.10
CA ASP C 727 -3.27 -10.40 58.24
C ASP C 727 -3.49 -9.14 59.02
N LYS C 728 -2.41 -8.38 59.21
CA LYS C 728 -2.51 -7.16 59.99
C LYS C 728 -3.24 -6.12 59.21
N MET C 729 -2.92 -6.00 57.93
CA MET C 729 -3.52 -4.94 57.15
C MET C 729 -5.03 -5.05 57.19
N LYS C 730 -5.52 -6.25 56.95
CA LYS C 730 -6.95 -6.53 57.00
C LYS C 730 -7.54 -6.20 58.35
N TYR C 731 -6.80 -6.54 59.41
CA TYR C 731 -7.28 -6.29 60.77
C TYR C 731 -7.43 -4.80 60.97
N TYR C 732 -6.49 -4.02 60.46
CA TYR C 732 -6.60 -2.58 60.57
C TYR C 732 -7.62 -2.06 59.57
N ASN C 733 -8.35 -2.96 58.93
CA ASN C 733 -9.41 -2.57 57.98
C ASN C 733 -8.94 -1.67 56.85
N LEU C 734 -7.78 -1.98 56.29
CA LEU C 734 -7.25 -1.18 55.20
C LEU C 734 -7.26 -1.94 53.89
N ASN C 735 -7.79 -1.33 52.84
CA ASN C 735 -7.76 -1.95 51.53
C ASN C 735 -6.34 -1.96 51.02
N MET C 736 -5.91 -3.06 50.41
CA MET C 736 -4.55 -3.15 49.93
C MET C 736 -4.28 -2.07 48.89
N GLN C 737 -5.25 -1.80 48.02
CA GLN C 737 -5.07 -0.79 46.99
C GLN C 737 -4.86 0.56 47.63
N ASP C 738 -5.63 0.87 48.66
CA ASP C 738 -5.51 2.17 49.28
C ASP C 738 -4.13 2.37 49.91
N VAL C 739 -3.61 1.34 50.57
CA VAL C 739 -2.32 1.50 51.24
C VAL C 739 -1.24 1.77 50.21
N PHE C 740 -1.30 1.06 49.09
CA PHE C 740 -0.34 1.31 48.02
C PHE C 740 -0.48 2.67 47.35
N ASN C 741 -1.72 3.13 47.17
CA ASN C 741 -1.90 4.47 46.61
C ASN C 741 -1.22 5.48 47.52
N THR C 742 -1.24 5.25 48.82
CA THR C 742 -0.55 6.14 49.74
C THR C 742 0.96 6.09 49.51
N ILE C 743 1.51 4.89 49.31
CA ILE C 743 2.92 4.80 49.01
C ILE C 743 3.22 5.46 47.67
N SER C 744 2.38 5.20 46.68
CA SER C 744 2.61 5.75 45.36
C SER C 744 2.51 7.25 45.42
N ALA C 745 1.68 7.76 46.32
CA ALA C 745 1.62 9.21 46.50
C ALA C 745 2.81 9.79 47.22
N THR C 746 3.30 9.12 48.27
CA THR C 746 4.38 9.72 49.04
C THR C 746 5.75 9.33 48.52
N ILE C 747 6.11 8.06 48.66
CA ILE C 747 7.44 7.65 48.24
C ILE C 747 7.63 7.84 46.75
N GLY C 748 6.63 7.50 45.95
CA GLY C 748 6.72 7.70 44.50
C GLY C 748 5.93 8.88 43.98
N THR C 749 5.79 8.98 42.66
CA THR C 749 5.10 10.11 42.09
C THR C 749 3.70 9.71 41.65
N TYR C 750 2.70 10.48 42.04
CA TYR C 750 1.33 10.17 41.66
C TYR C 750 0.77 11.26 40.77
N TYR C 751 0.43 10.93 39.53
CA TYR C 751 -0.11 11.90 38.61
C TYR C 751 -1.60 12.06 38.82
N VAL C 752 -2.00 13.10 39.54
CA VAL C 752 -3.41 13.31 39.83
C VAL C 752 -4.21 13.80 38.63
N ASN C 753 -3.71 14.80 37.93
CA ASN C 753 -4.43 15.36 36.79
C ASN C 753 -3.59 16.38 36.03
N ASP C 754 -4.21 17.20 35.20
CA ASP C 754 -3.46 18.16 34.39
C ASP C 754 -3.79 19.62 34.67
N PHE C 755 -2.77 20.47 34.70
CA PHE C 755 -2.99 21.89 34.89
C PHE C 755 -2.52 22.60 33.65
N PRO C 756 -3.27 23.62 33.20
CA PRO C 756 -2.92 24.28 31.95
C PRO C 756 -1.93 25.43 32.16
N MET C 757 -0.77 25.36 31.53
CA MET C 757 0.20 26.44 31.63
C MET C 757 0.78 26.79 30.27
N LEU C 758 0.87 28.07 29.95
CA LEU C 758 1.44 28.52 28.67
C LEU C 758 0.74 27.92 27.45
N GLY C 759 -0.54 27.61 27.60
CA GLY C 759 -1.29 27.08 26.47
C GLY C 759 -1.20 25.58 26.26
N LYS C 760 -0.49 24.88 27.13
CA LYS C 760 -0.39 23.43 26.99
C LYS C 760 -0.51 22.71 28.30
N ASN C 761 -1.38 21.71 28.35
CA ASN C 761 -1.63 21.01 29.61
C ASN C 761 -0.43 20.27 30.17
N PHE C 762 0.10 20.74 31.29
CA PHE C 762 1.19 20.05 31.95
C PHE C 762 0.62 19.15 33.02
N GLN C 763 1.44 18.31 33.64
CA GLN C 763 0.94 17.36 34.62
C GLN C 763 1.00 17.86 36.06
N VAL C 764 0.09 17.40 36.90
CA VAL C 764 0.14 17.75 38.31
C VAL C 764 0.50 16.51 39.08
N ASN C 765 1.70 16.47 39.65
CA ASN C 765 2.16 15.27 40.34
C ASN C 765 2.25 15.50 41.83
N ILE C 766 2.03 14.44 42.60
CA ILE C 766 2.10 14.55 44.05
C ILE C 766 3.14 13.59 44.61
N ARG C 767 4.12 14.11 45.32
CA ARG C 767 5.12 13.26 45.95
C ARG C 767 5.48 13.86 47.28
N ALA C 768 6.23 13.14 48.10
CA ALA C 768 6.53 13.65 49.43
C ALA C 768 7.86 14.35 49.36
N LEU C 769 8.18 15.15 50.37
CA LEU C 769 9.46 15.85 50.41
C LEU C 769 10.60 14.85 50.43
N GLY C 770 11.74 15.16 49.83
CA GLY C 770 12.78 14.16 49.79
C GLY C 770 13.41 13.68 51.08
N ASP C 771 13.31 14.45 52.14
CA ASP C 771 13.82 14.00 53.43
C ASP C 771 13.01 12.85 53.94
N PHE C 772 11.70 12.93 53.76
CA PHE C 772 10.82 11.91 54.30
C PHE C 772 10.85 10.62 53.51
N ARG C 773 11.56 10.60 52.38
CA ARG C 773 11.70 9.36 51.61
C ARG C 773 13.16 8.97 51.43
N ASN C 774 14.05 9.70 52.09
CA ASN C 774 15.48 9.42 51.97
C ASN C 774 15.91 8.07 52.50
N THR C 775 15.35 7.64 53.63
CA THR C 775 15.81 6.39 54.25
C THR C 775 14.85 5.22 54.22
N GLN C 776 15.20 4.14 54.93
CA GLN C 776 14.36 2.94 54.95
C GLN C 776 13.18 3.09 55.90
N ASP C 777 13.34 3.82 57.00
CA ASP C 777 12.26 3.92 57.96
C ASP C 777 11.24 4.95 57.49
N ALA C 778 11.35 5.40 56.24
CA ALA C 778 10.37 6.30 55.65
C ALA C 778 8.96 5.84 55.97
N LEU C 779 8.75 4.53 56.01
CA LEU C 779 7.41 4.02 56.22
C LEU C 779 6.78 4.45 57.53
N LYS C 780 7.57 4.78 58.55
CA LYS C 780 6.95 5.08 59.83
C LYS C 780 6.38 6.49 59.82
N ASN C 781 6.85 7.35 58.92
CA ASN C 781 6.24 8.66 58.79
C ASN C 781 4.88 8.63 58.14
N ILE C 782 4.70 7.79 57.13
CA ILE C 782 3.43 7.76 56.40
C ILE C 782 2.27 7.17 57.21
N TYR C 783 1.09 7.79 57.16
CA TYR C 783 -0.05 7.21 57.85
C TYR C 783 -1.31 7.21 56.99
N ILE C 784 -1.99 6.07 56.95
CA ILE C 784 -3.20 5.94 56.14
C ILE C 784 -4.41 5.74 57.04
N ARG C 785 -5.54 6.35 56.70
CA ARG C 785 -6.72 6.26 57.54
C ARG C 785 -7.52 5.00 57.35
N SER C 786 -7.88 4.34 58.43
CA SER C 786 -8.70 3.15 58.35
C SER C 786 -10.16 3.47 58.11
N SER C 787 -10.98 2.44 57.89
CA SER C 787 -12.41 2.63 57.73
C SER C 787 -12.93 3.18 59.04
N ASP C 788 -12.34 2.74 60.15
CA ASP C 788 -12.74 3.20 61.48
C ASP C 788 -12.32 4.63 61.71
N ASN C 789 -11.84 5.30 60.66
CA ASN C 789 -11.34 6.68 60.80
C ASN C 789 -10.22 6.80 61.81
N LYS C 790 -9.35 5.80 61.88
CA LYS C 790 -8.21 5.90 62.78
C LYS C 790 -6.93 5.70 62.03
N MET C 791 -6.00 6.63 62.17
CA MET C 791 -4.75 6.57 61.43
C MET C 791 -3.89 5.39 61.79
N ILE C 792 -3.49 4.63 60.79
CA ILE C 792 -2.64 3.48 61.03
C ILE C 792 -1.29 3.79 60.40
N PRO C 793 -0.21 3.69 61.18
CA PRO C 793 1.10 3.90 60.59
C PRO C 793 1.41 2.81 59.59
N LEU C 794 2.01 3.16 58.46
CA LEU C 794 2.29 2.18 57.41
C LEU C 794 3.24 1.10 57.88
N ASN C 795 4.20 1.47 58.72
CA ASN C 795 5.20 0.51 59.17
C ASN C 795 4.60 -0.66 59.93
N SER C 796 3.47 -0.47 60.59
CA SER C 796 2.90 -1.53 61.40
C SER C 796 2.57 -2.75 60.55
N PHE C 797 2.02 -2.53 59.36
CA PHE C 797 1.63 -3.65 58.50
C PHE C 797 2.56 -3.90 57.32
N LEU C 798 3.52 -3.01 57.09
CA LEU C 798 4.45 -3.16 55.97
C LEU C 798 5.90 -3.11 56.40
N THR C 799 6.74 -3.96 55.82
CA THR C 799 8.17 -3.99 56.17
C THR C 799 9.08 -3.99 54.95
N LEU C 800 10.11 -3.16 54.95
CA LEU C 800 11.07 -3.15 53.84
C LEU C 800 12.31 -3.95 54.20
N VAL C 801 12.68 -4.89 53.34
CA VAL C 801 13.84 -5.74 53.60
C VAL C 801 14.83 -5.63 52.45
N ARG C 802 16.11 -5.44 52.75
CA ARG C 802 17.13 -5.33 51.70
C ARG C 802 17.24 -6.57 50.84
N SER C 803 17.17 -6.40 49.53
CA SER C 803 17.25 -7.53 48.61
C SER C 803 18.01 -7.14 47.36
N ALA C 804 18.43 -8.11 46.58
CA ALA C 804 19.09 -7.81 45.31
C ALA C 804 18.17 -8.22 44.18
N GLY C 805 17.99 -7.33 43.21
CA GLY C 805 17.11 -7.64 42.09
C GLY C 805 17.54 -6.95 40.81
N PRO C 806 17.14 -7.49 39.64
CA PRO C 806 17.61 -6.73 38.47
C PRO C 806 16.87 -5.42 38.27
N ASP C 807 17.46 -4.51 37.50
CA ASP C 807 16.75 -3.27 37.19
C ASP C 807 16.28 -3.34 35.76
N ASP C 808 16.76 -4.33 35.03
CA ASP C 808 16.27 -4.53 33.67
C ASP C 808 15.72 -5.92 33.57
N VAL C 809 14.52 -6.05 33.00
CA VAL C 809 13.93 -7.36 32.82
C VAL C 809 13.64 -7.51 31.34
N LYS C 810 14.13 -8.57 30.73
CA LYS C 810 13.96 -8.73 29.29
C LYS C 810 13.08 -9.89 28.89
N ARG C 811 12.10 -9.63 28.03
CA ARG C 811 11.28 -10.72 27.52
C ARG C 811 11.55 -10.80 26.04
N PHE C 812 11.76 -12.01 25.53
CA PHE C 812 11.96 -12.17 24.11
C PHE C 812 11.01 -13.21 23.57
N ASN C 813 10.34 -12.90 22.47
CA ASN C 813 9.33 -13.79 21.89
C ASN C 813 8.43 -14.37 22.96
N LEU C 814 7.82 -13.51 23.77
CA LEU C 814 6.83 -13.95 24.77
C LEU C 814 7.35 -14.78 25.95
N PHE C 815 8.65 -14.79 26.20
CA PHE C 815 9.18 -15.51 27.35
C PHE C 815 10.28 -14.77 28.08
N PRO C 816 10.35 -14.92 29.41
CA PRO C 816 11.43 -14.28 30.17
C PRO C 816 12.78 -14.65 29.59
N ALA C 817 13.65 -13.70 29.32
CA ALA C 817 14.90 -14.01 28.65
C ALA C 817 16.13 -13.29 29.16
N ALA C 818 17.29 -13.88 28.94
CA ALA C 818 18.54 -13.22 29.34
C ALA C 818 19.47 -13.24 28.14
N LEU C 819 19.89 -12.06 27.67
CA LEU C 819 20.70 -12.01 26.47
C LEU C 819 22.09 -12.54 26.67
N ILE C 820 22.49 -13.52 25.86
CA ILE C 820 23.83 -14.06 25.94
C ILE C 820 24.61 -13.57 24.73
N GLN C 821 25.51 -12.62 24.94
CA GLN C 821 26.23 -12.05 23.81
C GLN C 821 27.62 -12.65 23.71
N GLY C 822 27.97 -13.13 22.54
CA GLY C 822 29.28 -13.70 22.34
C GLY C 822 29.84 -13.38 20.98
N ASP C 823 31.13 -13.11 20.91
CA ASP C 823 31.75 -12.80 19.63
C ASP C 823 32.65 -13.95 19.21
N PRO C 824 32.46 -14.45 17.98
CA PRO C 824 33.27 -15.55 17.50
C PRO C 824 34.75 -15.27 17.68
N ALA C 825 35.49 -16.24 18.19
CA ALA C 825 36.92 -16.07 18.41
C ALA C 825 37.63 -15.67 17.13
N PRO C 826 38.85 -15.12 17.25
CA PRO C 826 39.56 -14.65 16.06
C PRO C 826 39.76 -15.78 15.07
N GLY C 827 40.10 -16.96 15.55
CA GLY C 827 40.33 -18.09 14.67
C GLY C 827 39.12 -18.60 13.95
N TYR C 828 37.98 -18.63 14.62
CA TYR C 828 36.78 -19.21 14.01
C TYR C 828 35.83 -18.19 13.37
N THR C 829 35.13 -18.62 12.32
CA THR C 829 34.14 -17.75 11.68
C THR C 829 32.96 -17.49 12.58
N SER C 830 32.15 -16.50 12.23
CA SER C 830 30.95 -16.19 13.02
C SER C 830 29.99 -17.36 13.05
N GLY C 831 29.80 -18.02 11.91
CA GLY C 831 28.85 -19.12 11.85
C GLY C 831 29.25 -20.26 12.75
N GLN C 832 30.54 -20.57 12.80
CA GLN C 832 31.00 -21.60 13.70
C GLN C 832 30.58 -21.23 15.10
N ALA C 833 30.75 -19.96 15.45
CA ALA C 833 30.43 -19.52 16.81
C ALA C 833 28.98 -19.75 17.15
N ILE C 834 28.08 -19.42 16.24
CA ILE C 834 26.66 -19.56 16.52
C ILE C 834 26.35 -20.98 16.91
N ASP C 835 26.78 -21.92 16.09
CA ASP C 835 26.54 -23.32 16.39
C ASP C 835 27.21 -23.66 17.69
N ALA C 836 28.42 -23.15 17.87
CA ALA C 836 29.18 -23.47 19.07
C ALA C 836 28.41 -23.10 20.32
N ILE C 837 27.98 -21.85 20.41
CA ILE C 837 27.30 -21.41 21.62
C ILE C 837 26.03 -22.20 21.81
N ALA C 838 25.32 -22.44 20.71
CA ALA C 838 24.07 -23.18 20.79
C ALA C 838 24.26 -24.49 21.53
N GLU C 839 25.31 -25.22 21.21
CA GLU C 839 25.50 -26.51 21.82
C GLU C 839 25.85 -26.35 23.29
N VAL C 840 26.66 -25.34 23.62
CA VAL C 840 26.93 -25.09 25.03
C VAL C 840 25.61 -24.85 25.71
N ALA C 841 24.74 -24.10 25.06
CA ALA C 841 23.46 -23.76 25.67
C ALA C 841 22.61 -24.97 25.94
N LYS C 842 22.63 -25.95 25.04
CA LYS C 842 21.72 -27.06 25.24
C LYS C 842 22.26 -27.99 26.30
N GLN C 843 23.58 -28.09 26.43
CA GLN C 843 24.13 -28.90 27.51
C GLN C 843 23.93 -28.21 28.85
N SER C 844 24.37 -26.97 28.98
CA SER C 844 24.25 -26.26 30.25
C SER C 844 22.82 -26.01 30.69
N LEU C 845 21.99 -25.50 29.79
CA LEU C 845 20.65 -25.12 30.18
C LEU C 845 19.71 -26.30 30.22
N GLY C 846 18.66 -26.18 31.01
CA GLY C 846 17.71 -27.25 31.14
C GLY C 846 16.77 -27.32 29.97
N ASP C 847 15.96 -28.36 29.93
CA ASP C 847 14.98 -28.49 28.86
C ASP C 847 14.06 -27.29 28.92
N GLU C 848 13.82 -26.79 30.13
CA GLU C 848 12.95 -25.63 30.29
C GLU C 848 13.49 -24.42 29.52
N TYR C 849 14.81 -24.26 29.46
CA TYR C 849 15.34 -23.15 28.69
C TYR C 849 15.15 -23.32 27.19
N SER C 850 15.40 -22.26 26.44
CA SER C 850 15.30 -22.33 24.98
C SER C 850 16.21 -21.28 24.40
N ILE C 851 16.64 -21.44 23.17
CA ILE C 851 17.48 -20.44 22.56
C ILE C 851 16.74 -19.67 21.50
N ALA C 852 17.24 -18.48 21.16
CA ALA C 852 16.62 -17.67 20.14
C ALA C 852 17.71 -16.75 19.64
N TRP C 853 17.52 -16.15 18.47
CA TRP C 853 18.59 -15.36 17.91
C TRP C 853 18.14 -13.98 17.51
N SER C 854 19.08 -13.03 17.47
CA SER C 854 18.75 -11.67 17.11
C SER C 854 19.76 -11.09 16.16
N GLY C 855 19.32 -10.14 15.33
CA GLY C 855 20.24 -9.47 14.42
C GLY C 855 20.96 -10.36 13.44
N SER C 856 22.27 -10.23 13.38
CA SER C 856 23.05 -11.01 12.42
C SER C 856 22.91 -12.49 12.68
N ALA C 857 22.84 -12.87 13.94
CA ALA C 857 22.73 -14.28 14.28
C ALA C 857 21.49 -14.85 13.62
N TYR C 858 20.37 -14.15 13.74
CA TYR C 858 19.13 -14.67 13.19
C TYR C 858 19.25 -14.82 11.69
N GLN C 859 19.86 -13.84 11.03
CA GLN C 859 19.94 -13.89 9.58
C GLN C 859 20.71 -15.12 9.14
N GLU C 860 21.81 -15.41 9.82
CA GLU C 860 22.60 -16.59 9.48
C GLU C 860 21.81 -17.87 9.71
N VAL C 861 21.09 -17.93 10.82
CA VAL C 861 20.32 -19.14 11.14
C VAL C 861 19.21 -19.33 10.12
N SER C 862 18.60 -18.23 9.68
CA SER C 862 17.48 -18.32 8.75
C SER C 862 17.86 -18.17 7.28
N SER C 863 19.15 -18.09 6.99
CA SER C 863 19.56 -17.85 5.60
C SER C 863 19.14 -18.95 4.66
N LYS C 864 18.65 -18.58 3.48
CA LYS C 864 18.22 -19.57 2.51
C LYS C 864 19.32 -19.86 1.49
N GLY C 865 20.47 -19.21 1.66
CA GLY C 865 21.58 -19.41 0.75
C GLY C 865 21.25 -18.97 -0.66
N ALA C 866 20.33 -18.01 -0.78
CA ALA C 866 19.94 -17.51 -2.08
C ALA C 866 21.15 -16.97 -2.79
N GLY C 867 21.99 -16.28 -2.04
CA GLY C 867 23.16 -15.67 -2.65
C GLY C 867 24.10 -16.67 -3.28
N ALA C 868 24.29 -17.82 -2.64
CA ALA C 868 25.17 -18.83 -3.19
C ALA C 868 24.63 -19.31 -4.53
N TYR C 869 23.33 -19.55 -4.60
CA TYR C 869 22.74 -19.99 -5.85
C TYR C 869 22.90 -18.90 -6.89
N ALA C 870 22.63 -17.67 -6.50
CA ALA C 870 22.72 -16.56 -7.43
C ALA C 870 24.10 -16.44 -8.02
N PHE C 871 25.12 -16.58 -7.19
CA PHE C 871 26.49 -16.44 -7.68
C PHE C 871 26.82 -17.51 -8.71
N VAL C 872 26.40 -18.74 -8.44
CA VAL C 872 26.57 -19.84 -9.40
C VAL C 872 26.04 -19.36 -10.72
N LEU C 873 24.80 -18.92 -10.70
CA LEU C 873 24.14 -18.50 -11.93
C LEU C 873 24.84 -17.35 -12.62
N GLY C 874 25.40 -16.42 -11.87
CA GLY C 874 25.99 -15.28 -12.52
C GLY C 874 27.33 -15.75 -13.03
N MET C 875 27.76 -16.93 -12.63
CA MET C 875 28.96 -17.51 -13.22
C MET C 875 28.64 -18.30 -14.47
N ILE C 876 27.44 -18.88 -14.52
CA ILE C 876 26.99 -19.64 -15.69
C ILE C 876 26.67 -18.67 -16.81
N PHE C 877 25.89 -17.63 -16.52
CA PHE C 877 25.50 -16.71 -17.56
C PHE C 877 26.73 -16.06 -18.17
N VAL C 878 27.71 -15.69 -17.35
CA VAL C 878 28.95 -15.16 -17.91
C VAL C 878 29.50 -16.16 -18.91
N PHE C 879 29.52 -17.44 -18.55
CA PHE C 879 30.04 -18.48 -19.43
C PHE C 879 29.36 -18.37 -20.78
N LEU C 880 28.03 -18.46 -20.75
CA LEU C 880 27.26 -18.48 -21.99
C LEU C 880 27.37 -17.25 -22.87
N ILE C 881 27.45 -16.06 -22.29
CA ILE C 881 27.45 -14.88 -23.13
C ILE C 881 28.84 -14.75 -23.70
N LEU C 882 29.83 -15.22 -22.98
CA LEU C 882 31.18 -15.22 -23.53
C LEU C 882 31.28 -16.20 -24.67
N ALA C 883 30.73 -17.39 -24.48
CA ALA C 883 30.82 -18.42 -25.51
C ALA C 883 30.11 -17.95 -26.75
N ALA C 884 28.98 -17.27 -26.56
CA ALA C 884 28.22 -16.85 -27.69
C ALA C 884 28.98 -15.87 -28.58
N GLN C 885 29.66 -14.90 -27.96
CA GLN C 885 30.46 -13.95 -28.73
C GLN C 885 31.59 -14.67 -29.44
N TYR C 886 32.40 -15.44 -28.73
CA TYR C 886 33.55 -16.08 -29.36
C TYR C 886 33.18 -17.28 -30.21
N GLU C 887 31.91 -17.68 -30.16
CA GLU C 887 31.46 -18.82 -30.94
C GLU C 887 32.27 -20.07 -30.65
N ARG C 888 32.66 -20.25 -29.39
CA ARG C 888 33.43 -21.42 -29.00
C ARG C 888 33.10 -21.74 -27.56
N TRP C 889 32.82 -22.99 -27.25
CA TRP C 889 32.56 -23.39 -25.87
C TRP C 889 33.75 -23.26 -24.94
N LEU C 890 34.93 -23.62 -25.41
CA LEU C 890 36.11 -23.62 -24.55
C LEU C 890 36.67 -22.22 -24.30
N MET C 891 36.54 -21.32 -25.26
CA MET C 891 37.14 -19.98 -25.11
C MET C 891 36.83 -19.10 -23.91
N PRO C 892 35.60 -19.13 -23.38
CA PRO C 892 35.42 -18.19 -22.27
C PRO C 892 36.24 -18.58 -21.06
N LEU C 893 36.72 -19.80 -20.97
CA LEU C 893 37.78 -20.07 -20.01
C LEU C 893 38.93 -19.07 -19.97
N ALA C 894 39.37 -18.59 -21.12
CA ALA C 894 40.51 -17.69 -21.14
C ALA C 894 40.20 -16.41 -20.37
N VAL C 895 39.00 -15.87 -20.57
CA VAL C 895 38.61 -14.69 -19.81
C VAL C 895 38.55 -15.02 -18.32
N ILE C 896 38.01 -16.18 -17.98
CA ILE C 896 37.89 -16.56 -16.59
C ILE C 896 39.26 -16.69 -15.95
N THR C 897 40.22 -17.23 -16.68
CA THR C 897 41.56 -17.42 -16.14
C THR C 897 42.23 -16.11 -15.79
N ALA C 898 41.92 -15.05 -16.52
CA ALA C 898 42.60 -13.79 -16.27
C ALA C 898 41.98 -13.07 -15.08
N VAL C 899 40.91 -13.60 -14.51
CA VAL C 899 40.35 -13.01 -13.29
C VAL C 899 41.17 -13.15 -12.00
N PRO C 900 41.69 -14.39 -11.69
CA PRO C 900 42.56 -14.54 -10.52
C PRO C 900 43.64 -13.50 -10.39
N PHE C 901 44.17 -13.04 -11.50
CA PHE C 901 45.29 -12.11 -11.45
C PHE C 901 44.92 -10.80 -10.78
N ALA C 902 43.70 -10.33 -10.98
CA ALA C 902 43.35 -9.05 -10.41
C ALA C 902 43.04 -9.26 -8.94
N VAL C 903 42.68 -10.49 -8.59
CA VAL C 903 42.39 -10.81 -7.21
C VAL C 903 43.67 -11.06 -6.43
N PHE C 904 44.69 -11.55 -7.10
CA PHE C 904 45.97 -11.83 -6.45
C PHE C 904 46.64 -10.54 -6.05
N GLY C 905 46.72 -9.59 -6.96
CA GLY C 905 47.41 -8.37 -6.66
C GLY C 905 46.77 -7.62 -5.51
N SER C 906 45.44 -7.56 -5.53
CA SER C 906 44.74 -6.85 -4.48
C SER C 906 44.96 -7.50 -3.13
N ILE C 907 44.83 -8.83 -3.07
CA ILE C 907 44.98 -9.52 -1.80
C ILE C 907 46.40 -9.37 -1.29
N LEU C 908 47.38 -9.46 -2.19
CA LEU C 908 48.76 -9.34 -1.77
C LEU C 908 49.02 -7.96 -1.18
N LEU C 909 48.53 -6.92 -1.85
CA LEU C 909 48.83 -5.58 -1.36
C LEU C 909 48.20 -5.33 0.00
N VAL C 910 46.96 -5.77 0.18
CA VAL C 910 46.30 -5.47 1.44
C VAL C 910 46.97 -6.24 2.57
N ALA C 911 47.62 -7.36 2.26
CA ALA C 911 48.18 -8.12 3.35
C ALA C 911 49.52 -7.55 3.72
N LEU C 912 50.26 -7.06 2.74
CA LEU C 912 51.53 -6.39 3.04
C LEU C 912 51.27 -5.13 3.84
N ARG C 913 50.27 -4.37 3.45
CA ARG C 913 49.91 -3.15 4.17
C ARG C 913 49.38 -3.50 5.56
N GLY C 914 48.74 -4.64 5.71
CA GLY C 914 48.11 -4.93 6.99
C GLY C 914 46.61 -4.94 6.89
N PHE C 915 46.06 -4.20 5.93
CA PHE C 915 44.61 -4.05 5.84
C PHE C 915 43.79 -5.32 5.75
N ASP C 916 42.67 -5.34 6.45
CA ASP C 916 41.81 -6.52 6.50
C ASP C 916 40.94 -6.76 5.28
N ASN C 917 40.30 -7.93 5.22
CA ASN C 917 39.42 -8.25 4.10
C ASN C 917 38.08 -7.60 4.40
N ASP C 918 38.02 -6.28 4.19
CA ASP C 918 36.81 -5.53 4.48
C ASP C 918 35.76 -5.62 3.41
N ILE C 919 34.55 -5.19 3.72
CA ILE C 919 33.51 -5.14 2.70
C ILE C 919 34.01 -4.15 1.66
N TYR C 920 34.69 -3.11 2.10
CA TYR C 920 35.23 -2.14 1.15
C TYR C 920 36.25 -2.79 0.25
N PHE C 921 37.01 -3.74 0.77
CA PHE C 921 37.96 -4.48 -0.06
C PHE C 921 37.26 -5.33 -1.10
N GLN C 922 36.14 -5.93 -0.74
CA GLN C 922 35.49 -6.86 -1.66
C GLN C 922 34.71 -6.10 -2.70
N THR C 923 34.20 -4.93 -2.35
CA THR C 923 33.56 -4.13 -3.41
C THR C 923 34.60 -3.71 -4.41
N GLY C 924 35.81 -3.42 -3.94
CA GLY C 924 36.88 -3.09 -4.87
C GLY C 924 37.14 -4.24 -5.80
N LEU C 925 36.93 -5.45 -5.30
CA LEU C 925 37.19 -6.64 -6.10
C LEU C 925 36.26 -6.67 -7.27
N LEU C 926 35.02 -6.24 -7.08
CA LEU C 926 34.06 -6.20 -8.16
C LEU C 926 34.62 -5.38 -9.31
N LEU C 927 35.22 -4.24 -9.02
CA LEU C 927 35.66 -3.40 -10.12
C LEU C 927 36.96 -3.95 -10.68
N LEU C 928 37.75 -4.62 -9.86
CA LEU C 928 38.99 -5.23 -10.33
C LEU C 928 38.71 -6.38 -11.25
N ILE C 929 37.71 -7.18 -10.89
CA ILE C 929 37.27 -8.28 -11.73
C ILE C 929 36.81 -7.75 -13.05
N GLY C 930 35.86 -6.85 -13.01
CA GLY C 930 35.28 -6.35 -14.24
C GLY C 930 36.25 -5.68 -15.17
N LEU C 931 37.15 -4.85 -14.66
CA LEU C 931 38.12 -4.26 -15.54
C LEU C 931 39.02 -5.32 -16.16
N SER C 932 39.44 -6.30 -15.36
CA SER C 932 40.27 -7.37 -15.88
C SER C 932 39.53 -8.18 -16.92
N ALA C 933 38.26 -8.46 -16.66
CA ALA C 933 37.47 -9.22 -17.61
C ALA C 933 37.30 -8.44 -18.90
N LYS C 934 37.05 -7.15 -18.81
CA LYS C 934 36.87 -6.32 -20.00
C LYS C 934 38.12 -6.37 -20.85
N ASN C 935 39.28 -6.25 -20.21
CA ASN C 935 40.53 -6.29 -20.94
C ASN C 935 40.70 -7.64 -21.60
N ALA C 936 40.41 -8.70 -20.86
CA ALA C 936 40.55 -10.04 -21.40
C ALA C 936 39.62 -10.32 -22.56
N ILE C 937 38.38 -9.85 -22.49
CA ILE C 937 37.42 -10.14 -23.53
C ILE C 937 37.92 -9.57 -24.84
N LEU C 938 38.43 -8.35 -24.81
CA LEU C 938 38.98 -7.75 -26.00
C LEU C 938 40.23 -8.45 -26.53
N ILE C 939 41.14 -8.83 -25.65
CA ILE C 939 42.36 -9.49 -26.09
C ILE C 939 41.99 -10.78 -26.78
N ILE C 940 41.14 -11.57 -26.14
CA ILE C 940 40.74 -12.84 -26.72
C ILE C 940 40.05 -12.63 -28.05
N GLU C 941 39.16 -11.65 -28.11
CA GLU C 941 38.43 -11.39 -29.34
C GLU C 941 39.34 -10.97 -30.47
N PHE C 942 40.29 -10.09 -30.18
CA PHE C 942 41.22 -9.67 -31.22
C PHE C 942 42.07 -10.83 -31.69
N ALA C 943 42.49 -11.68 -30.76
CA ALA C 943 43.30 -12.84 -31.13
C ALA C 943 42.51 -13.78 -32.01
N MET C 944 41.25 -13.99 -31.67
CA MET C 944 40.41 -14.88 -32.45
C MET C 944 40.27 -14.31 -33.84
N GLU C 945 40.10 -13.00 -33.93
CA GLU C 945 39.94 -12.36 -35.23
C GLU C 945 41.15 -12.62 -36.09
N GLU C 946 42.35 -12.46 -35.52
CA GLU C 946 43.58 -12.66 -36.29
C GLU C 946 43.71 -14.11 -36.70
N ARG C 947 43.42 -15.03 -35.79
CA ARG C 947 43.52 -16.45 -36.10
C ARG C 947 42.58 -16.83 -37.21
N LEU C 948 41.39 -16.24 -37.24
CA LEU C 948 40.40 -16.64 -38.23
C LEU C 948 40.47 -15.88 -39.54
N LYS C 949 40.39 -14.56 -39.52
CA LYS C 949 40.34 -13.82 -40.79
C LYS C 949 41.69 -13.59 -41.43
N LYS C 950 42.64 -13.08 -40.65
CA LYS C 950 43.98 -12.84 -41.17
C LYS C 950 44.69 -14.13 -41.56
N GLY C 951 44.37 -15.22 -40.90
CA GLY C 951 45.00 -16.48 -41.23
C GLY C 951 46.25 -16.66 -40.41
N LYS C 952 46.42 -15.81 -39.39
CA LYS C 952 47.61 -15.89 -38.58
C LYS C 952 47.70 -17.23 -37.87
N SER C 953 48.92 -17.69 -37.63
CA SER C 953 49.10 -18.93 -36.89
C SER C 953 48.79 -18.60 -35.44
N ILE C 954 48.47 -19.62 -34.66
CA ILE C 954 48.23 -19.42 -33.23
C ILE C 954 49.22 -18.46 -32.61
N PHE C 955 50.49 -18.79 -32.73
CA PHE C 955 51.53 -17.99 -32.10
C PHE C 955 51.52 -16.56 -32.59
N GLU C 956 51.39 -16.39 -33.90
CA GLU C 956 51.38 -15.05 -34.45
C GLU C 956 50.18 -14.30 -33.94
N ALA C 957 49.03 -14.97 -33.89
CA ALA C 957 47.83 -14.30 -33.46
C ALA C 957 47.94 -13.85 -32.03
N ALA C 958 48.43 -14.71 -31.16
CA ALA C 958 48.44 -14.34 -29.75
C ALA C 958 49.45 -13.23 -29.47
N ILE C 959 50.61 -13.29 -30.11
CA ILE C 959 51.57 -12.23 -29.91
C ILE C 959 51.05 -10.90 -30.44
N ASN C 960 50.49 -10.93 -31.64
CA ASN C 960 50.01 -9.70 -32.25
C ASN C 960 48.84 -9.09 -31.47
N ALA C 961 47.95 -9.94 -30.98
CA ALA C 961 46.80 -9.43 -30.23
C ALA C 961 47.28 -8.73 -29.00
N ALA C 962 48.29 -9.30 -28.34
CA ALA C 962 48.82 -8.68 -27.16
C ALA C 962 49.40 -7.32 -27.50
N LYS C 963 50.08 -7.25 -28.63
CA LYS C 963 50.70 -6.00 -29.10
C LYS C 963 49.63 -4.93 -29.20
N LEU C 964 48.55 -5.25 -29.92
CA LEU C 964 47.50 -4.27 -30.16
C LEU C 964 46.82 -3.80 -28.90
N ARG C 965 46.54 -4.72 -27.98
CA ARG C 965 45.80 -4.36 -26.79
C ARG C 965 46.68 -3.87 -25.65
N PHE C 966 47.99 -3.85 -25.86
CA PHE C 966 48.88 -3.38 -24.83
C PHE C 966 48.61 -1.92 -24.53
N ARG C 967 48.46 -1.11 -25.56
CA ARG C 967 48.28 0.32 -25.33
C ARG C 967 46.99 0.68 -24.60
N PRO C 968 45.85 0.07 -24.97
CA PRO C 968 44.68 0.48 -24.19
C PRO C 968 44.79 0.11 -22.72
N ILE C 969 45.29 -1.07 -22.42
CA ILE C 969 45.36 -1.50 -21.03
C ILE C 969 46.30 -0.59 -20.24
N ILE C 970 47.44 -0.26 -20.82
CA ILE C 970 48.37 0.61 -20.14
C ILE C 970 47.77 1.98 -19.90
N MET C 971 47.12 2.51 -20.93
CA MET C 971 46.49 3.81 -20.86
C MET C 971 45.54 3.88 -19.68
N THR C 972 44.55 3.00 -19.69
CA THR C 972 43.53 3.02 -18.65
C THR C 972 44.10 2.76 -17.28
N SER C 973 44.98 1.78 -17.17
CA SER C 973 45.52 1.45 -15.87
C SER C 973 46.22 2.65 -15.32
N LEU C 974 46.99 3.33 -16.17
CA LEU C 974 47.78 4.45 -15.68
C LEU C 974 46.88 5.57 -15.20
N ALA C 975 45.84 5.88 -15.97
CA ALA C 975 44.94 6.94 -15.55
C ALA C 975 44.21 6.60 -14.28
N PHE C 976 43.65 5.39 -14.21
CA PHE C 976 42.89 5.01 -13.04
C PHE C 976 43.77 4.86 -11.80
N THR C 977 44.91 4.21 -11.95
CA THR C 977 45.76 3.96 -10.79
C THR C 977 46.20 5.29 -10.21
N PHE C 978 46.62 6.20 -11.08
CA PHE C 978 47.05 7.50 -10.60
C PHE C 978 45.88 8.25 -9.97
N GLY C 979 44.70 8.10 -10.53
CA GLY C 979 43.52 8.75 -9.97
C GLY C 979 43.19 8.28 -8.57
N VAL C 980 43.34 6.98 -8.32
CA VAL C 980 43.05 6.43 -7.00
C VAL C 980 44.24 6.40 -6.05
N LEU C 981 45.39 6.88 -6.52
CA LEU C 981 46.56 6.97 -5.63
C LEU C 981 46.35 7.93 -4.46
N PRO C 982 45.66 9.07 -4.68
CA PRO C 982 45.44 9.91 -3.50
C PRO C 982 44.64 9.23 -2.41
N MET C 983 43.74 8.32 -2.74
CA MET C 983 42.90 7.70 -1.73
C MET C 983 43.74 7.00 -0.67
N ILE C 984 44.84 6.36 -1.08
CA ILE C 984 45.72 5.73 -0.11
C ILE C 984 46.30 6.76 0.84
N PHE C 985 46.66 7.93 0.32
CA PHE C 985 47.27 8.96 1.16
C PHE C 985 46.28 9.95 1.75
N ALA C 986 44.99 9.79 1.49
CA ALA C 986 44.03 10.77 1.99
C ALA C 986 43.72 10.66 3.46
N THR C 987 43.74 11.78 4.17
CA THR C 987 43.45 11.79 5.60
C THR C 987 42.33 12.77 5.88
N GLY C 988 41.43 12.41 6.77
CA GLY C 988 40.29 13.26 7.03
C GLY C 988 39.09 12.40 7.38
N ALA C 989 37.89 12.89 7.03
CA ALA C 989 36.68 12.12 7.31
C ALA C 989 36.65 10.83 6.50
N GLY C 990 36.41 9.72 7.19
CA GLY C 990 36.35 8.43 6.52
C GLY C 990 37.66 8.07 5.83
N SER C 991 38.78 8.50 6.38
CA SER C 991 40.05 8.13 5.79
C SER C 991 40.45 6.68 5.96
N ALA C 992 40.16 6.04 7.08
CA ALA C 992 40.50 4.64 7.16
C ALA C 992 39.80 3.82 6.07
N SER C 993 38.54 4.10 5.82
CA SER C 993 37.81 3.40 4.77
C SER C 993 38.40 3.67 3.39
N ARG C 994 38.76 4.91 3.13
CA ARG C 994 39.32 5.27 1.84
C ARG C 994 40.62 4.53 1.61
N HIS C 995 41.43 4.39 2.64
CA HIS C 995 42.67 3.64 2.50
C HIS C 995 42.42 2.17 2.26
N SER C 996 41.46 1.55 2.94
CA SER C 996 41.24 0.15 2.65
C SER C 996 40.83 -0.07 1.20
N LEU C 997 39.90 0.73 0.69
CA LEU C 997 39.47 0.59 -0.69
C LEU C 997 40.62 0.88 -1.63
N GLY C 998 41.34 1.97 -1.36
CA GLY C 998 42.46 2.35 -2.20
C GLY C 998 43.47 1.27 -2.43
N THR C 999 43.95 0.67 -1.35
CA THR C 999 45.01 -0.32 -1.48
C THR C 999 44.61 -1.54 -2.29
N GLY C 1000 43.41 -2.03 -2.09
CA GLY C 1000 42.96 -3.16 -2.88
C GLY C 1000 42.91 -2.78 -4.33
N LEU C 1001 42.34 -1.62 -4.62
CA LEU C 1001 42.22 -1.17 -5.99
C LEU C 1001 43.58 -1.07 -6.66
N ILE C 1002 44.52 -0.39 -6.01
CA ILE C 1002 45.81 -0.17 -6.63
C ILE C 1002 46.52 -1.49 -6.90
N GLY C 1003 46.51 -2.39 -5.93
CA GLY C 1003 47.23 -3.63 -6.11
C GLY C 1003 46.65 -4.46 -7.23
N GLY C 1004 45.33 -4.54 -7.28
CA GLY C 1004 44.69 -5.32 -8.33
C GLY C 1004 44.95 -4.73 -9.68
N MET C 1005 44.90 -3.40 -9.77
CA MET C 1005 45.06 -2.76 -11.07
C MET C 1005 46.45 -3.02 -11.62
N ILE C 1006 47.46 -2.89 -10.78
CA ILE C 1006 48.82 -3.09 -11.24
C ILE C 1006 49.01 -4.52 -11.72
N ALA C 1007 48.46 -5.48 -10.98
CA ALA C 1007 48.58 -6.87 -11.37
C ALA C 1007 47.87 -7.16 -12.69
N ALA C 1008 46.67 -6.62 -12.86
CA ALA C 1008 45.96 -6.80 -14.12
C ALA C 1008 46.71 -6.13 -15.25
N SER C 1009 47.27 -4.96 -15.03
CA SER C 1009 48.07 -4.37 -16.10
C SER C 1009 49.46 -4.96 -16.29
N THR C 1010 50.14 -5.37 -15.24
CA THR C 1010 51.43 -6.00 -15.49
C THR C 1010 51.41 -7.53 -15.66
N LEU C 1011 50.98 -8.26 -14.65
CA LEU C 1011 50.99 -9.73 -14.73
C LEU C 1011 50.02 -10.35 -15.72
N ALA C 1012 48.77 -9.87 -15.72
CA ALA C 1012 47.75 -10.48 -16.55
C ALA C 1012 47.97 -10.37 -18.04
N ILE C 1013 48.48 -9.23 -18.51
CA ILE C 1013 48.65 -9.02 -19.94
C ILE C 1013 49.39 -10.18 -20.60
N PHE C 1014 50.46 -10.69 -20.00
CA PHE C 1014 51.11 -11.82 -20.63
C PHE C 1014 50.29 -13.09 -20.57
N PHE C 1015 49.61 -13.34 -19.46
CA PHE C 1015 48.88 -14.60 -19.31
C PHE C 1015 47.69 -14.89 -20.24
N VAL C 1016 46.88 -13.89 -20.55
CA VAL C 1016 45.69 -14.17 -21.37
C VAL C 1016 46.06 -14.72 -22.75
N PRO C 1017 47.09 -14.11 -23.42
CA PRO C 1017 47.53 -14.75 -24.66
C PRO C 1017 47.86 -16.22 -24.44
N LEU C 1018 48.62 -16.54 -23.41
CA LEU C 1018 49.06 -17.92 -23.21
C LEU C 1018 47.88 -18.86 -23.07
N PHE C 1019 46.87 -18.46 -22.31
CA PHE C 1019 45.69 -19.29 -22.20
C PHE C 1019 44.98 -19.43 -23.54
N PHE C 1020 44.90 -18.35 -24.30
CA PHE C 1020 44.31 -18.44 -25.63
C PHE C 1020 45.13 -19.39 -26.46
N TYR C 1021 46.45 -19.29 -26.39
CA TYR C 1021 47.31 -20.14 -27.19
C TYR C 1021 46.95 -21.58 -26.92
N LEU C 1022 46.92 -21.96 -25.65
CA LEU C 1022 46.64 -23.34 -25.32
C LEU C 1022 45.26 -23.79 -25.74
N LEU C 1023 44.25 -22.96 -25.50
CA LEU C 1023 42.89 -23.33 -25.85
C LEU C 1023 42.70 -23.47 -27.35
N GLU C 1024 43.28 -22.56 -28.13
CA GLU C 1024 43.13 -22.63 -29.57
C GLU C 1024 43.80 -23.90 -30.07
N ASN C 1025 44.97 -24.20 -29.54
CA ASN C 1025 45.67 -25.40 -29.93
C ASN C 1025 44.86 -26.62 -29.57
N PHE C 1026 44.24 -26.59 -28.39
CA PHE C 1026 43.41 -27.71 -27.96
C PHE C 1026 42.24 -27.92 -28.90
N ASN C 1027 41.63 -26.82 -29.33
CA ASN C 1027 40.50 -26.91 -30.24
C ASN C 1027 40.92 -27.53 -31.56
N GLU C 1028 42.07 -27.12 -32.08
CA GLU C 1028 42.56 -27.68 -33.33
C GLU C 1028 42.87 -29.16 -33.16
N TRP C 1029 43.40 -29.53 -32.00
CA TRP C 1029 43.70 -30.94 -31.73
C TRP C 1029 42.42 -31.76 -31.74
N LEU C 1030 41.36 -31.21 -31.16
CA LEU C 1030 40.08 -31.91 -31.17
C LEU C 1030 39.59 -32.08 -32.59
N ASP C 1031 39.77 -31.05 -33.41
CA ASP C 1031 39.32 -31.11 -34.80
C ASP C 1031 40.40 -31.64 -35.72
#